data_1DE4
#
_entry.id   1DE4
#
_cell.length_a   110.4
_cell.length_b   144.4
_cell.length_c   327.1
_cell.angle_alpha   90.0
_cell.angle_beta   93.6
_cell.angle_gamma   90.0
#
_symmetry.space_group_name_H-M   'C 1 2 1'
#
loop_
_entity.id
_entity.type
_entity.pdbx_description
1 polymer 'HEMOCHROMATOSIS PROTEIN'
2 polymer BETA-2-MICROGLOBULIN
3 polymer 'TRANSFERRIN RECEPTOR'
4 non-polymer 2-acetamido-2-deoxy-beta-D-glucopyranose
5 non-polymer 'CALCIUM ION'
6 non-polymer GLYCEROL
7 water water
#
loop_
_entity_poly.entity_id
_entity_poly.type
_entity_poly.pdbx_seq_one_letter_code
_entity_poly.pdbx_strand_id
1 'polypeptide(L)'
;RLLRSHSLHYLFMGASEQDLGLSLFEALGYVDDQLFVFYDHESRRVEPRTPWVSSRISSQMWLQLSQSLKGWDHMFTVDF
WTIMENHNHSKESHTLQVILGCEMQEDNSTEGYWKYGYDGQDHLEFCPDTLDWRAAEPRAWPTKLEWERHKIRARQNRAY
LERDCPAQLQQLLELGRGVLDQQVPPLVKVTHHVTSSVTTLRCRALNYYPQNITMKWLKDKQPMDAKEFEPKDVLPNGDG
TYQGWITLAVPPGEEQRYTCQVEHPGLDQPLIVIW
;
A,D,G
2 'polypeptide(L)'
;IQRTPKIQVYSRHPAENGKSNFLNCYVSGFHPSDIEVDLLKNGERIEKVEHSDLSFSKDWSFYLLYYTEFTPTEKDEYAC
RVNHVTLSQPKIVKWDRDM
;
B,E,H
3 'polypeptide(L)'
;RLYWDDLKRKLSEKLDSTDFTSTIKLLNENSYVPREAGSQKDENLALYVENQFREFKLSKVWRDQHFVKIQVKDSAQNSV
IIVDKNGRLVYLVENPGGYVAYSKAATVTGKLVHANFGTKKDFEDLYTPVNGSIVIVRAGKITFAEKVANAESLNAIGVL
IYMDQTKFPIVNAELSFFGHAHLGTGDPYTPGFPSFNHTQFPPSRSSGLPNIPVQTISRAAAEKLFGNMEGDCPSDWKTD
STCRMVTSESKNVKLTVSNVLKEIKILNIFGVIKGFVEPDHYVVVGAQRDAWGPGAAKSGVGTALLLKLAQMFSDMVLKD
GFQPSRSIIFASWSAGDFGSVGATEWLEGYLSSLHLKAFTYINLDKAVLGTSNFKVSASPLLYTLIEKTMQNVKHPVTGQ
FLYQDSNWASKVEKLTLDNAAFPFLAYSGIPAVSFCFCEDTDYPYLGTTMDTYKELIERIPELNKVARAAAEVAGQFVIK
LTHDVELNLDYERYNSQLLSFVRDLNQYRADIKEMGLSLQWLYSARGDFFRATSRLTTDFGNAEKTDRFVMKKLNDRVMR
VEYHFLSPYVSPKESPFRHVFWGSGSHTLPALLENLKLRKQNNGAFNETLFRNQLALATWTIQGAANALSGDVWDIDNEF
;
C,F,I
#
# COMPACT_ATOMS: atom_id res chain seq x y z
N ARG A 4 1.46 -35.77 11.57
CA ARG A 4 0.71 -34.70 12.27
C ARG A 4 1.46 -33.37 12.26
N SER A 5 1.09 -32.51 11.31
CA SER A 5 1.73 -31.21 11.17
C SER A 5 0.80 -30.10 11.64
N HIS A 6 1.37 -29.12 12.34
CA HIS A 6 0.60 -27.99 12.86
C HIS A 6 0.87 -26.78 11.99
N SER A 7 0.04 -25.74 12.14
CA SER A 7 0.22 -24.54 11.36
C SER A 7 -0.24 -23.29 12.05
N LEU A 8 0.44 -22.20 11.71
CA LEU A 8 0.12 -20.89 12.24
C LEU A 8 0.08 -20.02 11.01
N HIS A 9 -0.98 -19.21 10.88
CA HIS A 9 -1.05 -18.32 9.74
C HIS A 9 -1.98 -17.15 10.01
N TYR A 10 -1.63 -16.00 9.46
CA TYR A 10 -2.42 -14.81 9.64
C TYR A 10 -3.06 -14.42 8.32
N LEU A 11 -4.23 -13.81 8.41
CA LEU A 11 -4.94 -13.37 7.23
C LEU A 11 -5.19 -11.89 7.36
N PHE A 12 -4.93 -11.15 6.28
CA PHE A 12 -5.13 -9.71 6.28
C PHE A 12 -6.01 -9.33 5.12
N MET A 13 -6.86 -8.34 5.33
CA MET A 13 -7.78 -7.91 4.30
C MET A 13 -8.07 -6.42 4.42
N GLY A 14 -7.88 -5.71 3.31
CA GLY A 14 -8.14 -4.28 3.32
C GLY A 14 -8.83 -3.76 2.06
N ALA A 15 -9.54 -2.66 2.22
CA ALA A 15 -10.25 -2.04 1.11
C ALA A 15 -9.78 -0.59 1.04
N SER A 16 -9.65 -0.08 -0.18
CA SER A 16 -9.19 1.29 -0.35
C SER A 16 -10.22 2.36 0.00
N GLU A 17 -11.11 2.68 -0.93
CA GLU A 17 -12.11 3.74 -0.74
C GLU A 17 -12.69 3.88 0.66
N GLN A 18 -13.07 2.76 1.28
CA GLN A 18 -13.66 2.81 2.61
C GLN A 18 -12.67 2.98 3.75
N ASP A 19 -12.93 3.98 4.60
CA ASP A 19 -12.13 4.30 5.78
C ASP A 19 -12.06 5.81 6.04
N LEU A 20 -11.27 6.20 7.03
CA LEU A 20 -11.13 7.61 7.38
C LEU A 20 -9.76 7.97 7.98
N GLY A 21 -8.89 6.97 8.17
CA GLY A 21 -7.58 7.27 8.74
C GLY A 21 -6.43 6.31 8.53
N LEU A 22 -5.93 6.21 7.30
CA LEU A 22 -4.81 5.33 6.93
C LEU A 22 -4.86 4.00 7.65
N SER A 23 -3.89 3.12 7.38
CA SER A 23 -3.90 1.81 8.03
C SER A 23 -5.23 1.19 7.60
N LEU A 24 -5.19 0.31 6.61
CA LEU A 24 -6.43 -0.26 6.08
C LEU A 24 -6.75 -1.72 6.34
N PHE A 25 -5.97 -2.41 7.15
CA PHE A 25 -6.23 -3.83 7.34
C PHE A 25 -6.76 -4.37 8.64
N GLU A 26 -7.53 -5.45 8.51
CA GLU A 26 -8.08 -6.21 9.63
C GLU A 26 -7.33 -7.53 9.52
N ALA A 27 -7.12 -8.23 10.63
CA ALA A 27 -6.39 -9.49 10.54
C ALA A 27 -6.97 -10.61 11.38
N LEU A 28 -6.63 -11.82 10.98
CA LEU A 28 -7.09 -13.02 11.65
C LEU A 28 -5.91 -13.92 11.93
N GLY A 29 -5.84 -14.43 13.16
CA GLY A 29 -4.76 -15.32 13.51
C GLY A 29 -5.30 -16.73 13.69
N TYR A 30 -4.68 -17.71 13.04
CA TYR A 30 -5.12 -19.09 13.15
C TYR A 30 -3.99 -20.04 13.51
N VAL A 31 -4.24 -20.86 14.52
CA VAL A 31 -3.28 -21.88 14.93
C VAL A 31 -4.02 -23.18 14.66
N ASP A 32 -3.45 -24.03 13.81
CA ASP A 32 -4.10 -25.28 13.45
C ASP A 32 -5.55 -25.03 13.02
N ASP A 33 -5.72 -24.06 12.13
CA ASP A 33 -7.03 -23.68 11.61
C ASP A 33 -8.03 -23.36 12.71
N GLN A 34 -7.54 -22.72 13.77
CA GLN A 34 -8.36 -22.34 14.91
C GLN A 34 -8.19 -20.85 15.17
N LEU A 35 -9.18 -20.07 14.79
CA LEU A 35 -9.12 -18.62 14.97
C LEU A 35 -8.84 -18.29 16.44
N PHE A 36 -7.73 -17.62 16.72
CA PHE A 36 -7.41 -17.27 18.10
C PHE A 36 -7.27 -15.79 18.35
N VAL A 37 -7.20 -15.00 17.29
CA VAL A 37 -7.05 -13.56 17.47
C VAL A 37 -7.64 -12.76 16.31
N PHE A 38 -8.10 -11.56 16.62
CA PHE A 38 -8.70 -10.70 15.61
C PHE A 38 -8.36 -9.20 15.79
N TYR A 39 -7.75 -8.63 14.75
CA TYR A 39 -7.36 -7.22 14.72
C TYR A 39 -8.41 -6.50 13.90
N ASP A 40 -9.23 -5.71 14.57
CA ASP A 40 -10.33 -5.02 13.90
C ASP A 40 -10.06 -3.65 13.31
N HIS A 41 -11.05 -3.14 12.58
CA HIS A 41 -11.00 -1.85 11.91
C HIS A 41 -11.27 -0.70 12.90
N GLU A 42 -12.49 -0.69 13.42
CA GLU A 42 -12.91 0.32 14.38
C GLU A 42 -12.19 0.06 15.70
N SER A 43 -11.55 1.11 16.25
CA SER A 43 -10.80 0.99 17.49
C SER A 43 -9.72 -0.05 17.33
N ARG A 44 -8.80 0.21 16.41
CA ARG A 44 -7.71 -0.70 16.10
C ARG A 44 -7.13 -1.46 17.28
N ARG A 45 -7.84 -2.49 17.76
CA ARG A 45 -7.37 -3.28 18.89
C ARG A 45 -7.42 -4.78 18.62
N VAL A 46 -6.57 -5.50 19.34
CA VAL A 46 -6.43 -6.95 19.22
C VAL A 46 -7.21 -7.77 20.24
N GLU A 47 -8.40 -8.23 19.84
CA GLU A 47 -9.24 -9.03 20.73
C GLU A 47 -9.00 -10.52 20.52
N PRO A 48 -9.19 -11.33 21.57
CA PRO A 48 -8.99 -12.78 21.44
C PRO A 48 -10.25 -13.47 20.91
N ARG A 49 -10.06 -14.70 20.44
CA ARG A 49 -11.13 -15.54 19.92
C ARG A 49 -10.82 -16.89 20.54
N THR A 50 -11.80 -17.51 21.17
CA THR A 50 -11.60 -18.81 21.81
C THR A 50 -11.02 -18.60 23.20
N PRO A 51 -11.64 -19.20 24.22
CA PRO A 51 -11.26 -19.11 25.63
C PRO A 51 -9.85 -19.55 26.02
N TRP A 52 -9.30 -20.55 25.34
CA TRP A 52 -7.96 -21.00 25.70
C TRP A 52 -6.86 -19.98 25.43
N VAL A 53 -7.17 -18.94 24.67
CA VAL A 53 -6.19 -17.92 24.38
C VAL A 53 -6.45 -16.70 25.24
N SER A 54 -7.73 -16.40 25.45
CA SER A 54 -8.11 -15.24 26.25
C SER A 54 -7.88 -15.51 27.73
N SER A 55 -7.03 -16.48 28.02
CA SER A 55 -6.71 -16.83 29.39
C SER A 55 -5.32 -17.43 29.47
N ARG A 56 -5.06 -18.47 28.68
CA ARG A 56 -3.76 -19.13 28.70
C ARG A 56 -2.62 -18.29 28.12
N ILE A 57 -2.92 -17.37 27.22
CA ILE A 57 -1.88 -16.53 26.62
C ILE A 57 -1.37 -15.49 27.61
N SER A 58 -0.07 -15.55 27.89
CA SER A 58 0.57 -14.62 28.82
C SER A 58 0.48 -13.18 28.36
N SER A 59 0.58 -12.25 29.31
CA SER A 59 0.52 -10.83 29.00
C SER A 59 1.65 -10.44 28.05
N GLN A 60 2.76 -11.16 28.19
CA GLN A 60 3.93 -10.94 27.35
C GLN A 60 3.62 -11.30 25.90
N MET A 61 3.29 -12.56 25.65
CA MET A 61 2.97 -13.04 24.31
C MET A 61 1.93 -12.20 23.62
N TRP A 62 0.96 -11.72 24.38
CA TRP A 62 -0.10 -10.94 23.77
C TRP A 62 0.44 -9.62 23.23
N LEU A 63 1.41 -9.04 23.94
CA LEU A 63 2.01 -7.77 23.51
C LEU A 63 2.69 -8.01 22.15
N GLN A 64 3.55 -9.03 22.09
CA GLN A 64 4.24 -9.39 20.87
C GLN A 64 3.23 -9.55 19.74
N LEU A 65 2.14 -10.24 20.05
CA LEU A 65 1.10 -10.49 19.06
C LEU A 65 0.46 -9.17 18.60
N SER A 66 0.11 -8.31 19.55
CA SER A 66 -0.53 -7.03 19.21
C SER A 66 0.35 -6.21 18.30
N GLN A 67 1.62 -6.13 18.65
CA GLN A 67 2.55 -5.35 17.87
C GLN A 67 2.73 -5.92 16.47
N SER A 68 2.97 -7.22 16.38
CA SER A 68 3.14 -7.84 15.07
C SER A 68 1.95 -7.54 14.17
N LEU A 69 0.75 -7.55 14.74
CA LEU A 69 -0.42 -7.28 13.94
C LEU A 69 -0.53 -5.83 13.52
N LYS A 70 -0.29 -4.92 14.45
CA LYS A 70 -0.36 -3.50 14.12
C LYS A 70 0.74 -3.20 13.10
N GLY A 71 1.89 -3.82 13.29
CA GLY A 71 3.00 -3.61 12.38
C GLY A 71 2.61 -4.05 10.97
N TRP A 72 2.16 -5.29 10.85
CA TRP A 72 1.76 -5.82 9.57
C TRP A 72 0.70 -4.92 8.92
N ASP A 73 -0.15 -4.34 9.74
CA ASP A 73 -1.19 -3.47 9.23
C ASP A 73 -0.48 -2.36 8.47
N HIS A 74 0.39 -1.64 9.17
CA HIS A 74 1.16 -0.55 8.59
C HIS A 74 1.97 -0.97 7.36
N MET A 75 2.69 -2.08 7.49
CA MET A 75 3.50 -2.57 6.39
C MET A 75 2.67 -2.89 5.16
N PHE A 76 1.53 -3.55 5.37
CA PHE A 76 0.66 -3.92 4.26
C PHE A 76 -0.06 -2.71 3.71
N THR A 77 -0.34 -1.73 4.58
CA THR A 77 -1.01 -0.52 4.10
C THR A 77 -0.14 0.18 3.06
N VAL A 78 1.17 0.18 3.30
CA VAL A 78 2.12 0.79 2.39
C VAL A 78 2.06 -0.01 1.09
N ASP A 79 2.26 -1.33 1.20
CA ASP A 79 2.23 -2.22 0.03
C ASP A 79 0.98 -2.06 -0.83
N PHE A 80 -0.15 -1.94 -0.16
CA PHE A 80 -1.42 -1.76 -0.83
C PHE A 80 -1.33 -0.47 -1.66
N TRP A 81 -0.88 0.62 -1.03
CA TRP A 81 -0.74 1.88 -1.74
C TRP A 81 0.18 1.73 -2.93
N THR A 82 1.31 1.06 -2.71
CA THR A 82 2.29 0.82 -3.75
C THR A 82 1.65 0.10 -4.93
N ILE A 83 1.03 -1.05 -4.64
CA ILE A 83 0.38 -1.84 -5.68
C ILE A 83 -0.74 -1.09 -6.43
N MET A 84 -1.58 -0.36 -5.71
CA MET A 84 -2.62 0.38 -6.42
C MET A 84 -1.99 1.33 -7.41
N GLU A 85 -0.99 2.09 -6.94
CA GLU A 85 -0.29 3.08 -7.75
C GLU A 85 0.40 2.47 -8.98
N ASN A 86 0.95 1.26 -8.85
CA ASN A 86 1.59 0.62 -9.99
C ASN A 86 0.57 0.08 -11.01
N HIS A 87 -0.71 0.34 -10.73
CA HIS A 87 -1.83 -0.07 -11.57
C HIS A 87 -2.53 1.21 -12.01
N ASN A 88 -1.99 2.34 -11.61
CA ASN A 88 -2.59 3.63 -11.92
C ASN A 88 -3.99 3.70 -11.30
N HIS A 89 -4.19 2.95 -10.22
CA HIS A 89 -5.47 2.94 -9.50
C HIS A 89 -5.48 4.00 -8.40
N SER A 90 -6.64 4.60 -8.16
CA SER A 90 -6.75 5.62 -7.11
C SER A 90 -8.19 6.00 -6.79
N LYS A 91 -8.87 6.58 -7.78
CA LYS A 91 -10.26 6.99 -7.63
C LYS A 91 -11.15 5.75 -7.68
N GLU A 92 -10.50 4.59 -7.63
CA GLU A 92 -11.18 3.30 -7.67
C GLU A 92 -11.16 2.63 -6.30
N SER A 93 -12.07 1.69 -6.09
CA SER A 93 -12.13 0.95 -4.84
C SER A 93 -11.58 -0.43 -5.14
N HIS A 94 -10.49 -0.79 -4.47
CA HIS A 94 -9.87 -2.08 -4.68
C HIS A 94 -9.68 -2.80 -3.35
N THR A 95 -9.07 -3.97 -3.39
CA THR A 95 -8.86 -4.74 -2.17
C THR A 95 -7.51 -5.42 -2.24
N LEU A 96 -6.86 -5.53 -1.09
CA LEU A 96 -5.60 -6.23 -1.00
C LEU A 96 -5.77 -7.23 0.13
N GLN A 97 -5.29 -8.45 -0.08
CA GLN A 97 -5.40 -9.48 0.93
C GLN A 97 -4.06 -10.17 1.01
N VAL A 98 -3.67 -10.56 2.22
CA VAL A 98 -2.40 -11.21 2.41
C VAL A 98 -2.59 -12.39 3.34
N ILE A 99 -1.86 -13.45 3.06
CA ILE A 99 -1.90 -14.65 3.89
C ILE A 99 -0.46 -15.04 4.08
N LEU A 100 -0.06 -15.24 5.32
CA LEU A 100 1.31 -15.63 5.60
C LEU A 100 1.31 -16.50 6.82
N GLY A 101 2.23 -17.45 6.84
CA GLY A 101 2.31 -18.34 7.98
C GLY A 101 3.34 -19.42 7.72
N CYS A 102 3.41 -20.37 8.65
CA CYS A 102 4.35 -21.46 8.54
C CYS A 102 3.64 -22.76 8.89
N GLU A 103 4.15 -23.86 8.36
CA GLU A 103 3.58 -25.17 8.60
C GLU A 103 4.71 -26.07 9.10
N MET A 104 4.53 -26.59 10.30
CA MET A 104 5.53 -27.44 10.93
C MET A 104 5.17 -28.91 10.83
N GLN A 105 6.08 -29.71 10.27
CA GLN A 105 5.87 -31.15 10.12
C GLN A 105 6.24 -31.92 11.39
N GLU A 106 5.85 -33.19 11.43
CA GLU A 106 6.14 -34.04 12.58
C GLU A 106 7.61 -33.94 13.00
N ASP A 107 8.50 -34.02 12.01
CA ASP A 107 9.94 -33.95 12.25
C ASP A 107 10.39 -32.54 12.61
N ASN A 108 9.43 -31.64 12.79
CA ASN A 108 9.69 -30.24 13.16
C ASN A 108 10.15 -29.34 12.02
N SER A 109 10.45 -29.91 10.85
CA SER A 109 10.88 -29.09 9.72
C SER A 109 9.75 -28.09 9.41
N THR A 110 10.09 -26.93 8.87
CA THR A 110 9.07 -25.94 8.58
C THR A 110 9.01 -25.46 7.14
N GLU A 111 7.81 -25.06 6.73
CA GLU A 111 7.56 -24.54 5.39
C GLU A 111 6.86 -23.20 5.60
N GLY A 112 7.33 -22.16 4.93
CA GLY A 112 6.70 -20.86 5.10
C GLY A 112 6.06 -20.32 3.85
N TYR A 113 5.11 -19.41 4.01
CA TYR A 113 4.42 -18.81 2.87
C TYR A 113 3.96 -17.38 3.13
N TRP A 114 3.86 -16.60 2.06
CA TRP A 114 3.47 -15.20 2.12
C TRP A 114 2.85 -14.89 0.75
N LYS A 115 1.57 -14.55 0.71
CA LYS A 115 0.91 -14.26 -0.57
C LYS A 115 0.08 -12.97 -0.57
N TYR A 116 0.07 -12.28 -1.71
CA TYR A 116 -0.71 -11.06 -1.87
C TYR A 116 -1.81 -11.30 -2.89
N GLY A 117 -3.01 -10.82 -2.56
CA GLY A 117 -4.14 -10.98 -3.47
C GLY A 117 -4.71 -9.62 -3.78
N TYR A 118 -4.53 -9.19 -5.02
CA TYR A 118 -5.04 -7.89 -5.42
C TYR A 118 -6.41 -8.10 -6.04
N ASP A 119 -7.38 -7.35 -5.53
CA ASP A 119 -8.76 -7.44 -6.00
C ASP A 119 -9.26 -8.88 -6.14
N GLY A 120 -8.92 -9.73 -5.17
CA GLY A 120 -9.38 -11.10 -5.21
C GLY A 120 -8.68 -12.08 -6.12
N GLN A 121 -7.48 -11.74 -6.57
CA GLN A 121 -6.76 -12.65 -7.43
C GLN A 121 -5.27 -12.71 -7.13
N ASP A 122 -4.67 -13.87 -7.36
CA ASP A 122 -3.25 -14.03 -7.11
C ASP A 122 -2.46 -12.90 -7.77
N HIS A 123 -1.57 -12.29 -6.99
CA HIS A 123 -0.75 -11.20 -7.50
C HIS A 123 0.74 -11.48 -7.33
N LEU A 124 1.17 -11.67 -6.09
CA LEU A 124 2.57 -11.94 -5.82
C LEU A 124 2.70 -13.03 -4.77
N GLU A 125 3.61 -13.95 -5.01
CA GLU A 125 3.85 -15.07 -4.10
C GLU A 125 5.31 -15.03 -3.70
N PHE A 126 5.58 -14.91 -2.41
CA PHE A 126 6.95 -14.85 -1.93
C PHE A 126 7.64 -16.19 -2.00
N CYS A 127 8.84 -16.20 -2.56
CA CYS A 127 9.62 -17.43 -2.70
C CYS A 127 10.88 -17.29 -1.84
N PRO A 128 10.84 -17.80 -0.61
CA PRO A 128 11.96 -17.77 0.35
C PRO A 128 13.30 -18.30 -0.15
N ASP A 129 13.28 -19.43 -0.82
CA ASP A 129 14.53 -20.04 -1.29
C ASP A 129 15.29 -19.26 -2.35
N THR A 130 14.67 -18.21 -2.89
CA THR A 130 15.32 -17.41 -3.91
C THR A 130 15.20 -15.91 -3.62
N LEU A 131 14.77 -15.59 -2.42
CA LEU A 131 14.61 -14.22 -1.98
C LEU A 131 13.94 -13.31 -2.99
N ASP A 132 12.95 -13.82 -3.70
CA ASP A 132 12.23 -13.02 -4.69
C ASP A 132 10.74 -13.31 -4.65
N TRP A 133 10.01 -12.71 -5.58
CA TRP A 133 8.57 -12.89 -5.68
C TRP A 133 8.23 -13.32 -7.10
N ARG A 134 7.09 -14.01 -7.27
CA ARG A 134 6.66 -14.44 -8.59
C ARG A 134 5.35 -13.73 -8.89
N ALA A 135 5.34 -12.96 -9.97
CA ALA A 135 4.13 -12.23 -10.34
C ALA A 135 3.13 -13.19 -10.97
N ALA A 136 1.92 -13.19 -10.43
CA ALA A 136 0.85 -14.07 -10.92
C ALA A 136 0.24 -13.51 -12.21
N GLU A 137 0.55 -12.27 -12.53
CA GLU A 137 0.03 -11.66 -13.74
C GLU A 137 0.91 -10.48 -14.13
N PRO A 138 0.87 -10.08 -15.41
CA PRO A 138 1.68 -8.97 -15.94
C PRO A 138 1.67 -7.69 -15.10
N ARG A 139 0.49 -7.23 -14.70
CA ARG A 139 0.38 -5.99 -13.93
C ARG A 139 1.05 -6.06 -12.55
N ALA A 140 1.56 -7.23 -12.19
CA ALA A 140 2.22 -7.40 -10.89
C ALA A 140 3.72 -7.23 -11.01
N TRP A 141 4.24 -7.34 -12.23
CA TRP A 141 5.67 -7.21 -12.47
C TRP A 141 6.33 -5.92 -11.99
N PRO A 142 5.61 -4.78 -12.09
CA PRO A 142 6.23 -3.54 -11.62
C PRO A 142 6.65 -3.71 -10.15
N THR A 143 5.67 -4.04 -9.31
CA THR A 143 5.89 -4.27 -7.89
C THR A 143 6.93 -5.37 -7.66
N LYS A 144 6.89 -6.39 -8.49
CA LYS A 144 7.85 -7.48 -8.33
C LYS A 144 9.24 -6.89 -8.33
N LEU A 145 9.56 -6.14 -9.37
CA LEU A 145 10.87 -5.53 -9.54
C LEU A 145 11.18 -4.52 -8.45
N GLU A 146 10.25 -3.61 -8.21
CA GLU A 146 10.43 -2.58 -7.19
C GLU A 146 10.85 -3.17 -5.83
N TRP A 147 10.31 -4.33 -5.49
CA TRP A 147 10.67 -4.98 -4.22
C TRP A 147 11.98 -5.71 -4.29
N GLU A 148 12.33 -6.23 -5.46
CA GLU A 148 13.55 -7.00 -5.58
C GLU A 148 14.84 -6.16 -5.67
N ARG A 149 14.69 -4.87 -5.93
CA ARG A 149 15.87 -4.01 -6.01
C ARG A 149 16.33 -3.77 -4.58
N HIS A 150 15.35 -3.48 -3.73
CA HIS A 150 15.55 -3.22 -2.31
C HIS A 150 16.44 -4.24 -1.61
N LYS A 151 16.19 -5.52 -1.87
CA LYS A 151 16.97 -6.60 -1.27
C LYS A 151 16.67 -6.87 0.21
N ILE A 152 16.48 -5.80 0.98
CA ILE A 152 16.18 -5.91 2.41
C ILE A 152 14.88 -6.65 2.67
N ARG A 153 13.80 -6.15 2.08
CA ARG A 153 12.46 -6.73 2.22
C ARG A 153 12.47 -8.26 2.21
N ALA A 154 12.99 -8.86 1.15
CA ALA A 154 13.02 -10.30 1.06
C ALA A 154 13.74 -10.96 2.23
N ARG A 155 14.92 -10.46 2.57
CA ARG A 155 15.68 -11.06 3.66
C ARG A 155 14.87 -11.02 4.96
N GLN A 156 14.15 -9.92 5.17
CA GLN A 156 13.35 -9.76 6.38
C GLN A 156 12.20 -10.77 6.38
N ASN A 157 11.43 -10.78 5.30
CA ASN A 157 10.31 -11.70 5.17
C ASN A 157 10.76 -13.13 5.43
N ARG A 158 11.91 -13.50 4.88
CA ARG A 158 12.43 -14.86 5.07
C ARG A 158 12.74 -15.09 6.55
N ALA A 159 13.41 -14.12 7.14
CA ALA A 159 13.77 -14.22 8.55
C ALA A 159 12.51 -14.51 9.37
N TYR A 160 11.42 -13.83 9.06
CA TYR A 160 10.20 -14.06 9.82
C TYR A 160 9.69 -15.48 9.67
N LEU A 161 9.52 -15.91 8.42
CA LEU A 161 9.03 -17.25 8.12
C LEU A 161 9.93 -18.35 8.65
N GLU A 162 11.24 -18.17 8.51
CA GLU A 162 12.18 -19.17 8.97
C GLU A 162 12.42 -19.22 10.47
N ARG A 163 12.56 -18.05 11.09
CA ARG A 163 12.85 -17.98 12.51
C ARG A 163 11.66 -17.73 13.42
N ASP A 164 11.13 -16.52 13.35
CA ASP A 164 10.02 -16.12 14.21
C ASP A 164 8.73 -16.94 14.15
N CYS A 165 8.08 -16.99 12.99
CA CYS A 165 6.83 -17.73 12.84
C CYS A 165 6.88 -19.10 13.53
N PRO A 166 7.82 -19.97 13.14
CA PRO A 166 7.92 -21.30 13.77
C PRO A 166 7.95 -21.18 15.28
N ALA A 167 8.77 -20.26 15.77
CA ALA A 167 8.92 -20.05 17.21
C ALA A 167 7.59 -19.71 17.89
N GLN A 168 6.84 -18.79 17.30
CA GLN A 168 5.57 -18.41 17.89
C GLN A 168 4.54 -19.52 17.79
N LEU A 169 4.69 -20.40 16.82
CA LEU A 169 3.76 -21.52 16.68
C LEU A 169 3.99 -22.46 17.84
N GLN A 170 5.25 -22.66 18.19
CA GLN A 170 5.61 -23.52 19.30
C GLN A 170 4.92 -23.03 20.57
N GLN A 171 5.16 -21.77 20.91
CA GLN A 171 4.58 -21.15 22.09
C GLN A 171 3.07 -21.37 22.15
N LEU A 172 2.42 -21.19 20.99
CA LEU A 172 0.98 -21.37 20.91
C LEU A 172 0.52 -22.80 21.12
N LEU A 173 1.34 -23.76 20.71
CA LEU A 173 0.99 -25.16 20.87
C LEU A 173 1.06 -25.58 22.34
N GLU A 174 2.21 -25.38 22.97
CA GLU A 174 2.38 -25.74 24.37
C GLU A 174 1.23 -25.11 25.14
N LEU A 175 0.96 -23.86 24.81
CA LEU A 175 -0.10 -23.08 25.45
C LEU A 175 -1.48 -23.63 25.15
N GLY A 176 -1.55 -24.51 24.15
CA GLY A 176 -2.81 -25.08 23.74
C GLY A 176 -3.13 -26.48 24.21
N ARG A 177 -2.11 -27.33 24.32
CA ARG A 177 -2.29 -28.73 24.75
C ARG A 177 -3.45 -28.85 25.72
N GLY A 178 -4.62 -29.27 25.21
CA GLY A 178 -5.77 -29.41 26.06
C GLY A 178 -7.09 -29.01 25.41
N VAL A 179 -7.16 -27.78 24.89
CA VAL A 179 -8.38 -27.29 24.24
C VAL A 179 -8.20 -27.12 22.74
N LEU A 180 -6.96 -27.22 22.26
CA LEU A 180 -6.70 -27.06 20.83
C LEU A 180 -6.73 -28.40 20.12
N ASP A 181 -6.36 -29.45 20.85
CA ASP A 181 -6.36 -30.79 20.29
C ASP A 181 -7.55 -31.58 20.83
N GLN A 182 -8.40 -30.87 21.57
CA GLN A 182 -9.60 -31.44 22.17
C GLN A 182 -10.62 -31.66 21.05
N GLN A 183 -10.66 -32.88 20.52
CA GLN A 183 -11.58 -33.22 19.44
C GLN A 183 -12.87 -33.90 19.88
N VAL A 184 -14.00 -33.33 19.46
CA VAL A 184 -15.31 -33.87 19.79
C VAL A 184 -15.95 -34.57 18.60
N PRO A 185 -16.43 -35.81 18.79
CA PRO A 185 -17.07 -36.62 17.74
C PRO A 185 -18.41 -36.06 17.28
N PRO A 186 -18.81 -36.36 16.03
CA PRO A 186 -20.06 -35.90 15.44
C PRO A 186 -21.31 -36.70 15.80
N LEU A 187 -22.45 -36.03 15.81
CA LEU A 187 -23.73 -36.67 16.08
C LEU A 187 -24.44 -36.86 14.73
N VAL A 188 -24.19 -37.99 14.09
CA VAL A 188 -24.78 -38.29 12.78
C VAL A 188 -26.26 -38.66 12.83
N LYS A 189 -27.04 -38.08 11.89
CA LYS A 189 -28.48 -38.32 11.80
C LYS A 189 -28.99 -38.36 10.36
N VAL A 190 -29.36 -39.55 9.89
CA VAL A 190 -29.90 -39.72 8.55
C VAL A 190 -31.40 -39.41 8.52
N THR A 191 -31.80 -38.42 7.74
CA THR A 191 -33.19 -38.04 7.61
C THR A 191 -33.57 -38.30 6.15
N HIS A 192 -34.75 -37.88 5.71
CA HIS A 192 -35.14 -38.09 4.31
C HIS A 192 -36.47 -37.50 3.89
N HIS A 193 -36.45 -36.74 2.79
CA HIS A 193 -37.65 -36.12 2.23
C HIS A 193 -38.18 -36.94 1.08
N VAL A 194 -39.48 -37.21 1.08
CA VAL A 194 -40.08 -38.03 0.04
C VAL A 194 -41.08 -37.32 -0.84
N THR A 195 -41.13 -37.75 -2.10
CA THR A 195 -42.06 -37.24 -3.11
C THR A 195 -42.31 -38.38 -4.10
N SER A 196 -43.31 -38.22 -4.95
CA SER A 196 -43.62 -39.23 -5.95
C SER A 196 -42.44 -39.31 -6.89
N SER A 197 -41.91 -38.14 -7.23
CA SER A 197 -40.75 -38.00 -8.12
C SER A 197 -39.65 -38.96 -7.68
N VAL A 198 -39.17 -38.75 -6.45
CA VAL A 198 -38.10 -39.55 -5.87
C VAL A 198 -37.99 -39.25 -4.37
N THR A 199 -37.19 -40.05 -3.68
CA THR A 199 -36.98 -39.85 -2.25
C THR A 199 -35.53 -39.42 -2.02
N THR A 200 -35.36 -38.28 -1.37
CA THR A 200 -34.04 -37.75 -1.09
C THR A 200 -33.60 -38.04 0.34
N LEU A 201 -32.39 -38.58 0.49
CA LEU A 201 -31.83 -38.90 1.81
C LEU A 201 -30.77 -37.87 2.24
N ARG A 202 -30.88 -37.40 3.48
CA ARG A 202 -29.93 -36.42 4.00
C ARG A 202 -29.26 -36.93 5.27
N CYS A 203 -27.94 -37.07 5.21
CA CYS A 203 -27.17 -37.54 6.34
C CYS A 203 -26.35 -36.41 6.98
N ARG A 204 -26.82 -35.83 8.08
CA ARG A 204 -26.09 -34.73 8.74
C ARG A 204 -25.18 -35.18 9.88
N ALA A 205 -23.94 -34.69 9.88
CA ALA A 205 -23.01 -34.99 10.96
C ALA A 205 -23.02 -33.70 11.79
N LEU A 206 -23.64 -33.76 12.96
CA LEU A 206 -23.78 -32.58 13.81
C LEU A 206 -22.71 -32.27 14.86
N ASN A 207 -22.68 -31.00 15.24
CA ASN A 207 -21.79 -30.40 16.24
C ASN A 207 -20.47 -31.11 16.54
N TYR A 208 -19.55 -31.10 15.58
CA TYR A 208 -18.27 -31.76 15.79
C TYR A 208 -17.10 -30.80 15.67
N TYR A 209 -15.91 -31.34 15.91
CA TYR A 209 -14.66 -30.58 15.85
C TYR A 209 -13.52 -31.59 15.92
N PRO A 210 -12.45 -31.39 15.13
CA PRO A 210 -12.22 -30.31 14.18
C PRO A 210 -13.15 -30.35 12.97
N GLN A 211 -12.68 -29.81 11.84
CA GLN A 211 -13.48 -29.76 10.63
C GLN A 211 -13.32 -30.98 9.71
N ASN A 212 -12.14 -31.58 9.72
CA ASN A 212 -11.92 -32.74 8.87
C ASN A 212 -12.84 -33.88 9.28
N ILE A 213 -13.53 -34.44 8.30
CA ILE A 213 -14.48 -35.53 8.53
C ILE A 213 -14.77 -36.24 7.20
N THR A 214 -15.23 -37.49 7.29
CA THR A 214 -15.56 -38.27 6.09
C THR A 214 -17.01 -38.73 6.09
N MET A 215 -17.73 -38.38 5.02
CA MET A 215 -19.11 -38.77 4.90
C MET A 215 -19.40 -39.38 3.53
N LYS A 216 -19.76 -40.66 3.51
CA LYS A 216 -20.09 -41.35 2.25
C LYS A 216 -21.27 -42.29 2.43
N TRP A 217 -22.05 -42.47 1.36
CA TRP A 217 -23.22 -43.34 1.41
C TRP A 217 -22.86 -44.80 1.14
N LEU A 218 -23.65 -45.72 1.71
CA LEU A 218 -23.44 -47.15 1.53
C LEU A 218 -24.70 -47.84 1.04
N LYS A 219 -24.65 -48.34 -0.18
CA LYS A 219 -25.79 -49.04 -0.77
C LYS A 219 -25.70 -50.52 -0.42
N ASP A 220 -26.74 -51.06 0.21
CA ASP A 220 -26.77 -52.45 0.64
C ASP A 220 -25.53 -52.75 1.48
N LYS A 221 -25.18 -51.79 2.32
CA LYS A 221 -24.03 -51.92 3.21
C LYS A 221 -22.73 -52.07 2.43
N GLN A 222 -22.68 -51.50 1.23
CA GLN A 222 -21.49 -51.54 0.39
C GLN A 222 -21.10 -50.14 -0.07
N PRO A 223 -19.82 -49.94 -0.42
CA PRO A 223 -19.34 -48.63 -0.88
C PRO A 223 -19.74 -48.22 -2.29
N MET A 224 -20.51 -47.14 -2.40
CA MET A 224 -20.94 -46.62 -3.70
C MET A 224 -19.79 -45.78 -4.23
N ASP A 225 -19.94 -45.24 -5.44
CA ASP A 225 -18.89 -44.42 -6.02
C ASP A 225 -19.07 -42.95 -5.65
N ALA A 226 -17.96 -42.21 -5.57
CA ALA A 226 -17.99 -40.79 -5.22
C ALA A 226 -18.85 -39.99 -6.20
N LYS A 227 -18.99 -40.52 -7.41
CA LYS A 227 -19.76 -39.88 -8.48
C LYS A 227 -21.26 -39.83 -8.16
N GLU A 228 -21.72 -40.75 -7.33
CA GLU A 228 -23.13 -40.83 -6.95
C GLU A 228 -23.66 -39.63 -6.18
N PHE A 229 -22.83 -39.08 -5.29
CA PHE A 229 -23.24 -37.95 -4.47
C PHE A 229 -22.21 -36.82 -4.56
N GLU A 230 -22.62 -35.63 -4.15
CA GLU A 230 -21.75 -34.47 -4.16
C GLU A 230 -20.85 -34.60 -2.93
N PRO A 231 -19.72 -33.90 -2.89
CA PRO A 231 -18.82 -34.01 -1.73
C PRO A 231 -19.46 -33.46 -0.46
N LYS A 232 -19.01 -33.93 0.70
CA LYS A 232 -19.55 -33.45 1.97
C LYS A 232 -19.54 -31.91 1.97
N ASP A 233 -20.62 -31.33 2.48
CA ASP A 233 -20.78 -29.88 2.53
C ASP A 233 -20.57 -29.36 3.97
N VAL A 234 -19.33 -29.06 4.33
CA VAL A 234 -19.02 -28.58 5.68
C VAL A 234 -19.47 -27.16 5.93
N LEU A 235 -20.24 -26.97 6.99
CA LEU A 235 -20.75 -25.65 7.36
C LEU A 235 -20.29 -25.32 8.76
N PRO A 236 -20.31 -24.03 9.12
CA PRO A 236 -19.88 -23.66 10.47
C PRO A 236 -21.02 -23.18 11.37
N ASN A 237 -20.86 -23.43 12.66
CA ASN A 237 -21.84 -22.98 13.65
C ASN A 237 -21.11 -21.87 14.41
N GLY A 238 -21.83 -20.83 14.82
CA GLY A 238 -21.17 -19.76 15.54
C GLY A 238 -20.66 -20.13 16.92
N ASP A 239 -19.87 -21.20 16.99
CA ASP A 239 -19.36 -21.66 18.28
C ASP A 239 -18.26 -22.69 18.11
N GLY A 240 -17.46 -22.53 17.07
CA GLY A 240 -16.36 -23.45 16.87
C GLY A 240 -16.70 -24.89 16.58
N THR A 241 -17.98 -25.17 16.34
CA THR A 241 -18.40 -26.53 16.01
C THR A 241 -18.92 -26.49 14.58
N TYR A 242 -18.77 -27.60 13.88
CA TYR A 242 -19.23 -27.64 12.50
C TYR A 242 -20.25 -28.75 12.28
N GLN A 243 -20.85 -28.74 11.09
CA GLN A 243 -21.81 -29.74 10.71
C GLN A 243 -21.71 -29.90 9.21
N GLY A 244 -21.81 -31.12 8.73
CA GLY A 244 -21.75 -31.35 7.31
C GLY A 244 -22.77 -32.39 6.90
N TRP A 245 -23.27 -32.28 5.68
CA TRP A 245 -24.24 -33.25 5.21
C TRP A 245 -24.02 -33.67 3.78
N ILE A 246 -24.52 -34.86 3.45
CA ILE A 246 -24.43 -35.40 2.11
C ILE A 246 -25.82 -35.88 1.70
N THR A 247 -26.18 -35.60 0.46
CA THR A 247 -27.48 -35.97 -0.04
C THR A 247 -27.42 -37.07 -1.08
N LEU A 248 -28.49 -37.84 -1.17
CA LEU A 248 -28.59 -38.92 -2.14
C LEU A 248 -30.04 -39.11 -2.58
N ALA A 249 -30.27 -39.06 -3.89
CA ALA A 249 -31.61 -39.25 -4.45
C ALA A 249 -31.72 -40.74 -4.80
N VAL A 250 -32.80 -41.37 -4.39
CA VAL A 250 -33.00 -42.79 -4.64
C VAL A 250 -34.44 -43.13 -5.01
N PRO A 251 -34.63 -44.16 -5.84
CA PRO A 251 -35.94 -44.62 -6.31
C PRO A 251 -36.97 -44.74 -5.18
N PRO A 252 -38.08 -43.99 -5.28
CA PRO A 252 -39.13 -44.01 -4.27
C PRO A 252 -39.40 -45.43 -3.75
N GLY A 253 -38.96 -45.70 -2.52
CA GLY A 253 -39.20 -47.03 -1.97
C GLY A 253 -37.96 -47.77 -1.50
N GLU A 254 -36.83 -47.55 -2.16
CA GLU A 254 -35.59 -48.23 -1.78
C GLU A 254 -34.86 -47.57 -0.61
N GLU A 255 -35.53 -46.63 0.06
CA GLU A 255 -34.94 -45.92 1.20
C GLU A 255 -34.00 -46.78 2.01
N GLN A 256 -34.58 -47.64 2.85
CA GLN A 256 -33.82 -48.53 3.73
C GLN A 256 -32.61 -49.23 3.11
N ARG A 257 -32.52 -49.28 1.79
CA ARG A 257 -31.39 -49.93 1.16
C ARG A 257 -30.07 -49.18 1.30
N TYR A 258 -30.14 -47.92 1.72
CA TYR A 258 -28.94 -47.11 1.86
C TYR A 258 -28.59 -46.68 3.29
N THR A 259 -27.32 -46.76 3.62
CA THR A 259 -26.81 -46.36 4.94
C THR A 259 -25.76 -45.24 4.80
N CYS A 260 -25.42 -44.59 5.91
CA CYS A 260 -24.45 -43.49 5.89
C CYS A 260 -23.22 -43.80 6.74
N GLN A 261 -22.03 -43.74 6.16
CA GLN A 261 -20.81 -44.03 6.92
C GLN A 261 -20.02 -42.76 7.21
N VAL A 262 -19.76 -42.52 8.49
CA VAL A 262 -19.04 -41.31 8.93
C VAL A 262 -17.74 -41.58 9.69
N GLU A 263 -16.62 -41.35 9.03
CA GLU A 263 -15.31 -41.51 9.65
C GLU A 263 -14.87 -40.17 10.23
N HIS A 264 -14.28 -40.20 11.42
CA HIS A 264 -13.82 -38.99 12.09
C HIS A 264 -12.83 -39.36 13.21
N PRO A 265 -11.72 -38.61 13.32
CA PRO A 265 -10.73 -38.90 14.36
C PRO A 265 -11.32 -38.92 15.78
N GLY A 266 -12.44 -38.22 15.94
CA GLY A 266 -13.10 -38.17 17.24
C GLY A 266 -13.92 -39.42 17.52
N LEU A 267 -13.79 -40.42 16.65
CA LEU A 267 -14.50 -41.69 16.81
C LEU A 267 -13.51 -42.84 16.64
N ASP A 268 -13.68 -43.89 17.42
CA ASP A 268 -12.78 -45.04 17.35
C ASP A 268 -12.91 -45.74 16.01
N GLN A 269 -14.04 -46.42 15.80
CA GLN A 269 -14.29 -47.11 14.53
C GLN A 269 -15.34 -46.34 13.74
N PRO A 270 -15.27 -46.40 12.41
CA PRO A 270 -16.23 -45.70 11.54
C PRO A 270 -17.69 -45.96 11.91
N LEU A 271 -18.42 -44.88 12.18
CA LEU A 271 -19.83 -44.95 12.55
C LEU A 271 -20.72 -45.10 11.31
N ILE A 272 -21.63 -46.06 11.34
CA ILE A 272 -22.56 -46.27 10.23
C ILE A 272 -23.98 -46.05 10.74
N VAL A 273 -24.65 -45.05 10.19
CA VAL A 273 -26.00 -44.70 10.61
C VAL A 273 -27.08 -45.13 9.62
N ILE A 274 -28.25 -45.46 10.16
CA ILE A 274 -29.40 -45.86 9.37
C ILE A 274 -30.62 -45.19 10.00
N TRP A 275 -31.53 -44.69 9.16
CA TRP A 275 -32.71 -44.03 9.70
C TRP A 275 -33.81 -45.02 10.01
N ILE B 1 -11.65 -9.46 -10.08
CA ILE B 1 -12.89 -10.13 -10.55
C ILE B 1 -13.91 -10.29 -9.43
N GLN B 2 -15.10 -9.74 -9.62
CA GLN B 2 -16.17 -9.82 -8.62
C GLN B 2 -16.80 -11.20 -8.55
N ARG B 3 -17.37 -11.52 -7.39
CA ARG B 3 -18.03 -12.82 -7.19
C ARG B 3 -19.26 -12.66 -6.33
N THR B 4 -20.35 -13.31 -6.76
CA THR B 4 -21.62 -13.25 -6.03
C THR B 4 -21.63 -14.27 -4.89
N PRO B 5 -22.24 -13.91 -3.75
CA PRO B 5 -22.30 -14.78 -2.59
C PRO B 5 -23.11 -16.05 -2.79
N LYS B 6 -22.88 -17.00 -1.89
CA LYS B 6 -23.59 -18.26 -1.90
C LYS B 6 -24.29 -18.36 -0.55
N ILE B 7 -25.60 -18.12 -0.55
CA ILE B 7 -26.40 -18.16 0.67
C ILE B 7 -26.87 -19.58 1.04
N GLN B 8 -26.66 -19.95 2.30
CA GLN B 8 -27.07 -21.25 2.81
C GLN B 8 -27.73 -21.10 4.17
N VAL B 9 -29.04 -21.32 4.23
CA VAL B 9 -29.78 -21.22 5.49
C VAL B 9 -29.93 -22.61 6.07
N TYR B 10 -29.81 -22.72 7.40
CA TYR B 10 -29.95 -24.00 8.05
C TYR B 10 -30.04 -23.85 9.56
N SER B 11 -30.14 -24.97 10.26
CA SER B 11 -30.24 -24.95 11.72
C SER B 11 -29.07 -25.68 12.35
N ARG B 12 -28.79 -25.34 13.61
CA ARG B 12 -27.69 -25.97 14.34
C ARG B 12 -28.04 -27.42 14.60
N HIS B 13 -29.27 -27.62 15.07
CA HIS B 13 -29.80 -28.94 15.38
C HIS B 13 -31.07 -29.17 14.56
N PRO B 14 -31.42 -30.43 14.26
CA PRO B 14 -32.61 -30.76 13.47
C PRO B 14 -33.86 -30.05 13.98
N ALA B 15 -34.50 -29.29 13.09
CA ALA B 15 -35.71 -28.54 13.41
C ALA B 15 -36.73 -29.38 14.17
N GLU B 16 -37.22 -28.86 15.28
CA GLU B 16 -38.20 -29.56 16.11
C GLU B 16 -39.08 -28.58 16.88
N ASN B 17 -40.12 -28.09 16.21
CA ASN B 17 -41.07 -27.14 16.79
C ASN B 17 -41.11 -27.14 18.31
N GLY B 18 -41.13 -25.94 18.88
CA GLY B 18 -41.18 -25.81 20.33
C GLY B 18 -39.83 -25.77 21.00
N LYS B 19 -38.82 -26.38 20.36
CA LYS B 19 -37.47 -26.41 20.90
C LYS B 19 -36.62 -25.27 20.37
N SER B 20 -36.13 -24.42 21.28
CA SER B 20 -35.29 -23.30 20.91
C SER B 20 -34.03 -23.84 20.24
N ASN B 21 -33.82 -23.48 18.98
CA ASN B 21 -32.69 -23.93 18.20
C ASN B 21 -31.85 -22.73 17.75
N PHE B 22 -31.28 -22.84 16.55
CA PHE B 22 -30.46 -21.77 15.97
C PHE B 22 -30.59 -21.69 14.46
N LEU B 23 -30.85 -20.48 13.96
CA LEU B 23 -31.01 -20.24 12.54
C LEU B 23 -29.75 -19.61 11.94
N ASN B 24 -29.08 -20.35 11.05
CA ASN B 24 -27.87 -19.86 10.41
C ASN B 24 -28.08 -19.45 8.98
N CYS B 25 -27.25 -18.50 8.54
CA CYS B 25 -27.24 -17.99 7.18
C CYS B 25 -25.74 -17.86 6.97
N TYR B 26 -25.19 -18.62 6.04
CA TYR B 26 -23.76 -18.60 5.79
C TYR B 26 -23.39 -18.25 4.36
N VAL B 27 -23.05 -16.98 4.14
CA VAL B 27 -22.66 -16.51 2.81
C VAL B 27 -21.19 -16.84 2.57
N SER B 28 -20.86 -17.23 1.35
CA SER B 28 -19.47 -17.57 1.03
C SER B 28 -19.16 -17.36 -0.44
N GLY B 29 -17.88 -17.43 -0.80
CA GLY B 29 -17.46 -17.27 -2.17
C GLY B 29 -17.66 -15.91 -2.82
N PHE B 30 -18.21 -14.94 -2.08
CA PHE B 30 -18.40 -13.61 -2.63
C PHE B 30 -17.10 -12.83 -2.55
N HIS B 31 -16.90 -11.84 -3.42
CA HIS B 31 -15.67 -11.11 -3.30
C HIS B 31 -15.71 -9.78 -2.56
N PRO B 32 -15.94 -8.65 -3.25
CA PRO B 32 -15.95 -7.40 -2.45
C PRO B 32 -16.56 -7.68 -1.07
N SER B 33 -15.69 -7.89 -0.07
CA SER B 33 -16.12 -8.22 1.28
C SER B 33 -17.33 -7.42 1.74
N ASP B 34 -17.48 -6.23 1.19
CA ASP B 34 -18.60 -5.38 1.57
C ASP B 34 -19.91 -6.11 1.25
N ILE B 35 -20.62 -6.54 2.29
CA ILE B 35 -21.87 -7.25 2.10
C ILE B 35 -22.78 -7.08 3.32
N GLU B 36 -24.08 -7.08 3.09
CA GLU B 36 -25.01 -6.96 4.21
C GLU B 36 -25.95 -8.15 4.27
N VAL B 37 -26.24 -8.62 5.48
CA VAL B 37 -27.10 -9.77 5.68
C VAL B 37 -28.10 -9.56 6.81
N ASP B 38 -29.33 -10.01 6.59
CA ASP B 38 -30.40 -9.90 7.59
C ASP B 38 -31.14 -11.23 7.70
N LEU B 39 -31.54 -11.59 8.92
CA LEU B 39 -32.30 -12.81 9.12
C LEU B 39 -33.75 -12.43 9.30
N LEU B 40 -34.61 -12.94 8.43
CA LEU B 40 -36.03 -12.63 8.47
C LEU B 40 -36.93 -13.68 9.10
N LYS B 41 -37.98 -13.20 9.76
CA LYS B 41 -38.97 -14.05 10.41
C LYS B 41 -40.33 -13.56 9.93
N ASN B 42 -40.96 -14.33 9.05
CA ASN B 42 -42.25 -13.98 8.48
C ASN B 42 -42.10 -12.70 7.66
N GLY B 43 -40.90 -12.46 7.16
CA GLY B 43 -40.65 -11.29 6.36
C GLY B 43 -40.13 -10.08 7.12
N GLU B 44 -39.81 -10.26 8.39
CA GLU B 44 -39.31 -9.17 9.21
C GLU B 44 -37.88 -9.40 9.67
N ARG B 45 -37.06 -8.35 9.63
CA ARG B 45 -35.67 -8.48 10.06
C ARG B 45 -35.60 -8.65 11.57
N ILE B 46 -34.90 -9.69 12.00
CA ILE B 46 -34.74 -9.99 13.42
C ILE B 46 -33.58 -9.21 14.02
N GLU B 47 -33.77 -8.73 15.24
CA GLU B 47 -32.70 -7.99 15.93
C GLU B 47 -31.98 -9.03 16.79
N LYS B 48 -31.17 -8.57 17.74
CA LYS B 48 -30.44 -9.50 18.60
C LYS B 48 -29.83 -10.64 17.78
N VAL B 49 -29.25 -10.28 16.65
CA VAL B 49 -28.62 -11.25 15.76
C VAL B 49 -27.12 -11.25 16.02
N GLU B 50 -26.46 -12.37 15.73
CA GLU B 50 -25.02 -12.47 15.93
C GLU B 50 -24.35 -12.93 14.65
N HIS B 51 -23.06 -12.68 14.53
CA HIS B 51 -22.31 -13.10 13.35
C HIS B 51 -20.86 -13.33 13.71
N SER B 52 -20.19 -14.17 12.94
CA SER B 52 -18.79 -14.48 13.19
C SER B 52 -17.90 -13.40 12.57
N ASP B 53 -16.61 -13.68 12.50
CA ASP B 53 -15.66 -12.73 11.92
C ASP B 53 -15.50 -12.97 10.43
N LEU B 54 -15.55 -11.89 9.66
CA LEU B 54 -15.37 -11.98 8.23
C LEU B 54 -14.00 -12.61 8.00
N SER B 55 -13.89 -13.47 7.00
CA SER B 55 -12.62 -14.11 6.70
C SER B 55 -12.65 -14.54 5.26
N PHE B 56 -11.61 -15.22 4.77
CA PHE B 56 -11.62 -15.65 3.37
C PHE B 56 -10.86 -16.93 3.12
N SER B 57 -11.12 -17.53 1.96
CA SER B 57 -10.50 -18.80 1.60
C SER B 57 -9.36 -18.63 0.61
N LYS B 58 -8.67 -19.72 0.33
CA LYS B 58 -7.54 -19.72 -0.60
C LYS B 58 -7.75 -18.86 -1.85
N ASP B 59 -8.95 -18.92 -2.43
CA ASP B 59 -9.23 -18.18 -3.65
C ASP B 59 -9.58 -16.73 -3.36
N TRP B 60 -9.22 -16.26 -2.17
CA TRP B 60 -9.45 -14.89 -1.74
C TRP B 60 -10.92 -14.52 -1.61
N SER B 61 -11.80 -15.51 -1.76
CA SER B 61 -13.24 -15.26 -1.63
C SER B 61 -13.62 -15.19 -0.15
N PHE B 62 -14.42 -14.20 0.19
CA PHE B 62 -14.83 -14.00 1.57
C PHE B 62 -16.01 -14.89 1.98
N TYR B 63 -16.18 -15.06 3.28
CA TYR B 63 -17.25 -15.85 3.84
C TYR B 63 -17.56 -15.35 5.23
N LEU B 64 -18.83 -15.28 5.56
CA LEU B 64 -19.25 -14.77 6.85
C LEU B 64 -20.47 -15.57 7.36
N LEU B 65 -20.57 -15.75 8.67
CA LEU B 65 -21.68 -16.50 9.23
C LEU B 65 -22.52 -15.70 10.21
N TYR B 66 -23.82 -15.69 9.98
CA TYR B 66 -24.77 -15.01 10.86
C TYR B 66 -25.61 -16.09 11.53
N TYR B 67 -26.05 -15.83 12.76
CA TYR B 67 -26.86 -16.80 13.48
C TYR B 67 -27.62 -16.20 14.65
N THR B 68 -28.86 -16.61 14.81
CA THR B 68 -29.70 -16.13 15.90
C THR B 68 -30.29 -17.31 16.63
N GLU B 69 -30.56 -17.11 17.92
CA GLU B 69 -31.17 -18.15 18.73
C GLU B 69 -32.66 -17.99 18.43
N PHE B 70 -33.35 -19.09 18.16
CA PHE B 70 -34.78 -19.02 17.85
C PHE B 70 -35.52 -20.29 18.23
N THR B 71 -36.83 -20.16 18.38
CA THR B 71 -37.67 -21.29 18.70
C THR B 71 -38.62 -21.47 17.51
N PRO B 72 -38.46 -22.56 16.75
CA PRO B 72 -39.27 -22.88 15.56
C PRO B 72 -40.71 -23.35 15.76
N THR B 73 -41.59 -22.90 14.88
CA THR B 73 -43.01 -23.28 14.90
C THR B 73 -43.38 -23.51 13.44
N GLU B 74 -44.44 -24.24 13.20
CA GLU B 74 -44.87 -24.52 11.82
C GLU B 74 -45.58 -23.33 11.19
N LYS B 75 -45.89 -22.34 12.01
CA LYS B 75 -46.57 -21.14 11.54
C LYS B 75 -45.58 -20.13 10.97
N ASP B 76 -44.49 -19.92 11.70
CA ASP B 76 -43.45 -18.96 11.32
C ASP B 76 -42.55 -19.38 10.16
N GLU B 77 -42.16 -18.41 9.35
CA GLU B 77 -41.28 -18.63 8.21
C GLU B 77 -39.95 -17.91 8.42
N TYR B 78 -38.84 -18.57 8.09
CA TYR B 78 -37.52 -17.99 8.27
C TYR B 78 -36.68 -17.96 7.00
N ALA B 79 -35.95 -16.86 6.79
CA ALA B 79 -35.09 -16.71 5.61
C ALA B 79 -34.19 -15.48 5.75
N CYS B 80 -33.07 -15.47 5.03
CA CYS B 80 -32.17 -14.32 5.09
C CYS B 80 -31.96 -13.73 3.71
N ARG B 81 -32.00 -12.40 3.63
CA ARG B 81 -31.78 -11.70 2.37
C ARG B 81 -30.36 -11.18 2.40
N VAL B 82 -29.64 -11.43 1.31
CA VAL B 82 -28.26 -11.01 1.19
C VAL B 82 -28.11 -9.96 0.10
N ASN B 83 -27.61 -8.79 0.47
CA ASN B 83 -27.41 -7.75 -0.52
C ASN B 83 -25.91 -7.58 -0.79
N HIS B 84 -25.55 -7.70 -2.07
CA HIS B 84 -24.16 -7.56 -2.49
C HIS B 84 -24.18 -6.66 -3.71
N VAL B 85 -23.00 -6.30 -4.21
CA VAL B 85 -22.93 -5.46 -5.38
C VAL B 85 -23.24 -6.27 -6.63
N THR B 86 -22.92 -7.56 -6.57
CA THR B 86 -23.16 -8.45 -7.71
C THR B 86 -24.62 -8.85 -7.88
N LEU B 87 -25.49 -8.27 -7.06
CA LEU B 87 -26.91 -8.59 -7.12
C LEU B 87 -27.77 -7.35 -7.37
N SER B 88 -28.76 -7.50 -8.25
CA SER B 88 -29.68 -6.42 -8.59
C SER B 88 -30.54 -6.13 -7.37
N GLN B 89 -31.32 -7.12 -6.96
CA GLN B 89 -32.17 -6.98 -5.80
C GLN B 89 -31.66 -7.95 -4.75
N PRO B 90 -31.86 -7.61 -3.46
CA PRO B 90 -31.40 -8.47 -2.37
C PRO B 90 -31.93 -9.90 -2.45
N LYS B 91 -31.12 -10.81 -2.98
CA LYS B 91 -31.50 -12.21 -3.13
C LYS B 91 -31.94 -12.83 -1.80
N ILE B 92 -33.10 -13.48 -1.80
CA ILE B 92 -33.62 -14.12 -0.60
C ILE B 92 -33.60 -15.64 -0.71
N VAL B 93 -33.35 -16.29 0.41
CA VAL B 93 -33.32 -17.74 0.49
C VAL B 93 -34.08 -18.13 1.75
N LYS B 94 -35.16 -18.89 1.55
CA LYS B 94 -35.98 -19.34 2.67
C LYS B 94 -35.38 -20.58 3.30
N TRP B 95 -35.77 -20.88 4.52
CA TRP B 95 -35.24 -22.04 5.22
C TRP B 95 -36.05 -23.30 4.97
N ASP B 96 -35.45 -24.25 4.25
CA ASP B 96 -36.11 -25.52 3.95
C ASP B 96 -36.10 -26.40 5.20
N ARG B 97 -37.23 -26.48 5.87
CA ARG B 97 -37.41 -27.28 7.10
C ARG B 97 -36.58 -28.57 7.15
N ASP B 98 -36.42 -29.21 6.00
CA ASP B 98 -35.67 -30.46 5.89
C ASP B 98 -34.16 -30.33 6.17
N MET B 99 -33.58 -29.18 5.85
CA MET B 99 -32.15 -28.92 6.07
C MET B 99 -31.89 -27.89 7.18
N LEU C 2 2.29 7.04 46.62
CA LEU C 2 0.82 7.00 46.87
C LEU C 2 0.04 6.27 45.79
N TYR C 3 0.52 6.31 44.55
CA TYR C 3 -0.16 5.66 43.43
C TYR C 3 -1.13 6.59 42.71
N TRP C 4 -1.17 6.46 41.39
CA TRP C 4 -2.01 7.28 40.54
C TRP C 4 -3.36 7.70 41.12
N ASP C 5 -4.21 6.72 41.44
CA ASP C 5 -5.54 7.00 41.97
C ASP C 5 -5.56 7.89 43.18
N ASP C 6 -4.58 7.73 44.07
CA ASP C 6 -4.52 8.58 45.24
C ASP C 6 -4.11 9.99 44.83
N LEU C 7 -3.08 10.09 43.99
CA LEU C 7 -2.61 11.39 43.52
C LEU C 7 -3.74 12.10 42.77
N LYS C 8 -4.39 11.35 41.87
CA LYS C 8 -5.49 11.89 41.09
C LYS C 8 -6.49 12.59 42.02
N ARG C 9 -6.86 11.91 43.11
CA ARG C 9 -7.81 12.42 44.06
C ARG C 9 -7.28 13.62 44.85
N LYS C 10 -6.07 13.49 45.39
CA LYS C 10 -5.49 14.60 46.14
C LYS C 10 -5.56 15.84 45.28
N LEU C 11 -5.08 15.73 44.04
CA LEU C 11 -5.08 16.85 43.12
C LEU C 11 -6.50 17.38 42.95
N SER C 12 -7.42 16.46 42.69
CA SER C 12 -8.80 16.84 42.48
C SER C 12 -9.34 17.69 43.62
N GLU C 13 -9.31 17.17 44.84
CA GLU C 13 -9.82 17.94 45.97
C GLU C 13 -9.08 19.29 46.08
N LYS C 14 -7.76 19.26 46.01
CA LYS C 14 -6.97 20.49 46.06
C LYS C 14 -7.57 21.53 45.12
N LEU C 15 -7.86 21.11 43.89
CA LEU C 15 -8.45 21.98 42.87
C LEU C 15 -9.80 22.55 43.29
N ASP C 16 -10.69 21.69 43.77
CA ASP C 16 -12.03 22.09 44.18
C ASP C 16 -12.06 23.27 45.15
N SER C 17 -11.02 23.37 45.97
CA SER C 17 -10.95 24.46 46.95
C SER C 17 -10.06 25.60 46.47
N THR C 18 -9.72 25.61 45.18
CA THR C 18 -8.86 26.67 44.64
C THR C 18 -9.64 27.76 43.90
N ASP C 19 -9.33 29.01 44.21
CA ASP C 19 -10.00 30.14 43.59
C ASP C 19 -9.09 30.76 42.51
N PHE C 20 -9.37 30.42 41.26
CA PHE C 20 -8.60 30.94 40.14
C PHE C 20 -9.08 32.36 39.83
N THR C 21 -10.40 32.53 39.91
CA THR C 21 -11.04 33.80 39.67
C THR C 21 -10.34 34.93 40.40
N SER C 22 -10.06 34.73 41.69
CA SER C 22 -9.39 35.73 42.51
C SER C 22 -8.05 36.13 41.91
N THR C 23 -7.26 35.13 41.52
CA THR C 23 -5.93 35.36 40.94
C THR C 23 -5.99 36.09 39.60
N ILE C 24 -6.85 35.61 38.70
CA ILE C 24 -6.97 36.24 37.40
C ILE C 24 -7.33 37.72 37.57
N LYS C 25 -8.30 37.98 38.45
CA LYS C 25 -8.77 39.33 38.72
C LYS C 25 -7.66 40.15 39.40
N LEU C 26 -6.89 39.50 40.25
CA LEU C 26 -5.79 40.15 40.96
C LEU C 26 -4.74 40.59 39.96
N LEU C 27 -4.64 39.84 38.87
CA LEU C 27 -3.67 40.15 37.83
C LEU C 27 -4.15 41.23 36.87
N ASN C 28 -5.32 41.79 37.12
CA ASN C 28 -5.85 42.85 36.27
C ASN C 28 -6.02 44.19 36.98
N GLU C 29 -5.46 44.30 38.19
CA GLU C 29 -5.56 45.53 38.96
C GLU C 29 -4.58 46.53 38.38
N ASN C 30 -4.88 47.82 38.52
CA ASN C 30 -4.02 48.87 38.00
C ASN C 30 -2.55 48.62 38.31
N SER C 31 -2.29 47.75 39.27
CA SER C 31 -0.92 47.45 39.66
C SER C 31 -0.14 46.81 38.50
N TYR C 32 -0.85 46.05 37.67
CA TYR C 32 -0.21 45.39 36.53
C TYR C 32 -1.04 45.55 35.25
N VAL C 33 -1.92 46.55 35.21
CA VAL C 33 -2.81 46.78 34.07
C VAL C 33 -2.10 46.60 32.74
N PRO C 34 -1.49 47.65 32.16
CA PRO C 34 -0.86 47.28 30.89
C PRO C 34 0.57 46.85 31.22
N ARG C 35 0.91 45.59 30.92
CA ARG C 35 2.25 45.09 31.22
C ARG C 35 3.05 44.69 29.99
N GLU C 36 3.49 45.70 29.24
CA GLU C 36 4.32 45.48 28.06
C GLU C 36 5.68 44.95 28.50
N ALA C 37 6.21 43.97 27.77
CA ALA C 37 7.50 43.40 28.12
C ALA C 37 8.53 44.51 28.40
N GLY C 38 9.23 44.38 29.51
CA GLY C 38 10.24 45.35 29.88
C GLY C 38 9.73 46.54 30.69
N SER C 39 8.41 46.70 30.81
CA SER C 39 7.82 47.80 31.55
C SER C 39 7.87 47.56 33.07
N GLN C 40 7.65 48.62 33.83
CA GLN C 40 7.67 48.50 35.29
C GLN C 40 6.60 47.50 35.72
N LYS C 41 5.38 47.69 35.21
CA LYS C 41 4.30 46.79 35.58
C LYS C 41 4.68 45.34 35.29
N ASP C 42 5.47 45.13 34.25
CA ASP C 42 5.93 43.79 33.92
C ASP C 42 6.80 43.33 35.08
N GLU C 43 7.83 44.13 35.36
CA GLU C 43 8.77 43.82 36.43
C GLU C 43 8.04 43.62 37.76
N ASN C 44 7.00 44.41 37.99
CA ASN C 44 6.24 44.29 39.22
C ASN C 44 5.60 42.91 39.32
N LEU C 45 4.89 42.51 38.27
CA LEU C 45 4.25 41.20 38.25
C LEU C 45 5.26 40.09 38.38
N ALA C 46 6.48 40.32 37.87
CA ALA C 46 7.54 39.33 37.92
C ALA C 46 7.96 39.12 39.37
N LEU C 47 8.11 40.21 40.10
CA LEU C 47 8.49 40.16 41.50
C LEU C 47 7.36 39.53 42.31
N TYR C 48 6.12 39.82 41.95
CA TYR C 48 5.00 39.24 42.66
C TYR C 48 5.06 37.71 42.55
N VAL C 49 5.27 37.23 41.34
CA VAL C 49 5.35 35.80 41.07
C VAL C 49 6.58 35.18 41.74
N GLU C 50 7.71 35.86 41.64
CA GLU C 50 8.94 35.34 42.23
C GLU C 50 8.75 35.19 43.74
N ASN C 51 7.90 36.03 44.32
CA ASN C 51 7.68 35.99 45.74
C ASN C 51 6.69 34.90 46.11
N GLN C 52 5.67 34.72 45.28
CA GLN C 52 4.69 33.67 45.50
C GLN C 52 5.41 32.34 45.47
N PHE C 53 6.42 32.22 44.61
CA PHE C 53 7.17 30.98 44.53
C PHE C 53 7.87 30.73 45.85
N ARG C 54 8.48 31.76 46.40
CA ARG C 54 9.17 31.65 47.69
C ARG C 54 8.17 31.27 48.77
N GLU C 55 7.03 31.93 48.77
CA GLU C 55 5.99 31.61 49.76
C GLU C 55 5.59 30.14 49.67
N PHE C 56 5.42 29.65 48.45
CA PHE C 56 5.04 28.26 48.24
C PHE C 56 6.16 27.36 48.72
N LYS C 57 7.30 27.95 49.05
CA LYS C 57 8.46 27.19 49.50
C LYS C 57 8.76 26.07 48.50
N LEU C 58 9.35 26.43 47.36
CA LEU C 58 9.70 25.44 46.34
C LEU C 58 11.19 25.13 46.51
N SER C 59 11.61 23.94 46.12
CA SER C 59 13.01 23.55 46.26
C SER C 59 13.95 24.73 46.03
N LYS C 60 13.64 25.52 45.00
CA LYS C 60 14.45 26.68 44.67
C LYS C 60 13.71 27.58 43.72
N VAL C 61 13.92 28.88 43.85
CA VAL C 61 13.27 29.85 42.98
C VAL C 61 14.33 30.85 42.57
N TRP C 62 14.52 30.99 41.26
CA TRP C 62 15.52 31.90 40.71
C TRP C 62 14.99 32.65 39.50
N ARG C 63 15.79 33.57 39.00
CA ARG C 63 15.39 34.35 37.84
C ARG C 63 16.52 34.56 36.86
N ASP C 64 16.15 34.69 35.59
CA ASP C 64 17.11 34.92 34.51
C ASP C 64 16.82 36.32 34.01
N GLN C 65 17.86 37.04 33.61
CA GLN C 65 17.69 38.41 33.12
C GLN C 65 18.28 38.60 31.72
N HIS C 66 17.45 39.03 30.79
CA HIS C 66 17.89 39.21 29.40
C HIS C 66 17.72 40.63 28.90
N PHE C 67 18.61 41.04 28.00
CA PHE C 67 18.52 42.34 27.38
C PHE C 67 18.25 42.07 25.91
N VAL C 68 17.01 42.30 25.49
CA VAL C 68 16.59 42.05 24.10
C VAL C 68 16.11 43.31 23.40
N LYS C 69 16.05 43.26 22.07
CA LYS C 69 15.59 44.40 21.28
C LYS C 69 14.19 44.17 20.73
N ILE C 70 13.23 44.96 21.20
CA ILE C 70 11.86 44.87 20.72
C ILE C 70 11.63 46.11 19.88
N GLN C 71 10.40 46.35 19.45
CA GLN C 71 10.11 47.53 18.65
C GLN C 71 8.85 48.20 19.16
N VAL C 72 8.91 49.52 19.33
CA VAL C 72 7.78 50.28 19.82
C VAL C 72 7.50 51.41 18.85
N LYS C 73 6.34 52.05 18.99
CA LYS C 73 6.04 53.13 18.09
C LYS C 73 6.73 54.42 18.48
N ASP C 74 7.24 55.10 17.46
CA ASP C 74 7.98 56.35 17.59
C ASP C 74 7.11 57.52 18.02
N SER C 75 7.74 58.66 18.28
CA SER C 75 7.00 59.86 18.69
C SER C 75 6.13 60.35 17.55
N ALA C 76 6.50 60.01 16.32
CA ALA C 76 5.74 60.39 15.13
C ALA C 76 4.65 59.36 14.91
N GLN C 77 3.42 59.81 14.68
CA GLN C 77 2.31 58.89 14.46
C GLN C 77 2.45 58.12 13.15
N ASN C 78 1.95 56.89 13.15
CA ASN C 78 1.98 56.05 11.97
C ASN C 78 0.67 56.44 11.31
N SER C 79 0.55 56.26 10.00
CA SER C 79 -0.70 56.65 9.37
C SER C 79 -1.01 55.95 8.07
N VAL C 80 -2.28 55.94 7.75
CA VAL C 80 -2.78 55.37 6.52
C VAL C 80 -3.57 56.52 5.87
N ILE C 81 -3.11 56.95 4.71
CA ILE C 81 -3.74 58.04 4.01
C ILE C 81 -4.05 57.70 2.56
N ILE C 82 -5.20 58.17 2.08
CA ILE C 82 -5.56 57.96 0.69
C ILE C 82 -4.98 59.15 -0.05
N VAL C 83 -4.22 58.86 -1.09
CA VAL C 83 -3.60 59.91 -1.87
C VAL C 83 -4.25 59.89 -3.22
N ASP C 84 -4.96 60.99 -3.48
CA ASP C 84 -5.71 61.12 -4.72
C ASP C 84 -4.85 61.55 -5.91
N LYS C 85 -4.55 60.58 -6.76
CA LYS C 85 -3.73 60.78 -7.94
C LYS C 85 -4.02 62.09 -8.68
N ASN C 86 -5.30 62.32 -8.97
CA ASN C 86 -5.73 63.52 -9.68
C ASN C 86 -5.75 64.74 -8.77
N GLY C 87 -4.67 65.51 -8.82
CA GLY C 87 -4.58 66.71 -8.00
C GLY C 87 -4.05 66.47 -6.60
N ARG C 88 -3.25 65.42 -6.44
CA ARG C 88 -2.65 65.03 -5.15
C ARG C 88 -3.41 65.51 -3.91
N LEU C 89 -4.71 65.20 -3.85
CA LEU C 89 -5.56 65.57 -2.72
C LEU C 89 -5.44 64.41 -1.72
N VAL C 90 -5.31 64.74 -0.44
CA VAL C 90 -5.16 63.73 0.61
C VAL C 90 -6.36 63.55 1.55
N TYR C 91 -6.71 62.29 1.80
CA TYR C 91 -7.85 61.94 2.67
C TYR C 91 -7.46 61.80 4.15
N LEU C 92 -6.74 60.73 4.47
CA LEU C 92 -6.28 60.42 5.85
C LEU C 92 -7.28 59.50 6.54
N VAL C 93 -7.10 58.19 6.33
CA VAL C 93 -7.99 57.20 6.90
C VAL C 93 -7.86 56.99 8.41
N GLU C 94 -6.63 57.00 8.91
CA GLU C 94 -6.43 56.75 10.34
C GLU C 94 -4.99 56.85 10.82
N ASN C 95 -4.86 57.27 12.06
CA ASN C 95 -3.58 57.36 12.75
C ASN C 95 -3.77 56.30 13.82
N PRO C 96 -3.56 55.02 13.45
CA PRO C 96 -3.69 53.82 14.28
C PRO C 96 -3.11 53.89 15.67
N GLY C 97 -3.89 53.39 16.63
CA GLY C 97 -3.43 53.34 18.01
C GLY C 97 -2.51 52.15 18.18
N GLY C 98 -2.79 51.05 17.49
CA GLY C 98 -1.96 49.88 17.60
C GLY C 98 -0.79 49.88 16.64
N TYR C 99 -0.04 48.78 16.60
CA TYR C 99 1.09 48.66 15.70
C TYR C 99 1.59 47.23 15.61
N VAL C 100 2.48 46.98 14.64
CA VAL C 100 3.02 45.65 14.48
C VAL C 100 4.52 45.69 14.73
N ALA C 101 4.94 45.07 15.82
CA ALA C 101 6.33 45.03 16.18
C ALA C 101 7.16 44.31 15.12
N TYR C 102 8.31 44.89 14.81
CA TYR C 102 9.27 44.34 13.86
C TYR C 102 8.90 44.59 12.41
N SER C 103 7.99 45.54 12.21
CA SER C 103 7.62 45.93 10.86
C SER C 103 8.79 46.78 10.42
N LYS C 104 8.96 46.97 9.11
CA LYS C 104 10.08 47.80 8.69
C LYS C 104 9.64 49.26 8.81
N ALA C 105 10.53 50.11 9.29
CA ALA C 105 10.19 51.52 9.43
C ALA C 105 10.33 52.10 8.05
N ALA C 106 9.21 52.57 7.50
CA ALA C 106 9.21 53.13 6.16
C ALA C 106 7.87 53.73 5.88
N THR C 107 7.78 54.37 4.72
CA THR C 107 6.54 54.97 4.28
C THR C 107 6.42 54.65 2.80
N VAL C 108 5.34 53.96 2.45
CA VAL C 108 5.12 53.57 1.07
C VAL C 108 3.73 53.92 0.61
N THR C 109 3.54 53.92 -0.71
CA THR C 109 2.25 54.24 -1.29
C THR C 109 2.08 53.55 -2.64
N GLY C 110 0.85 53.13 -2.92
CA GLY C 110 0.55 52.44 -4.16
C GLY C 110 -0.87 51.95 -4.13
N LYS C 111 -1.24 51.02 -5.03
CA LYS C 111 -2.60 50.50 -5.03
C LYS C 111 -2.76 49.53 -3.87
N LEU C 112 -3.97 49.51 -3.30
CA LEU C 112 -4.29 48.64 -2.18
C LEU C 112 -5.10 47.42 -2.66
N VAL C 113 -4.44 46.27 -2.80
CA VAL C 113 -5.11 45.06 -3.22
C VAL C 113 -5.52 44.26 -1.98
N HIS C 114 -6.66 43.57 -2.07
CA HIS C 114 -7.14 42.79 -0.94
C HIS C 114 -6.88 41.30 -1.12
N ALA C 115 -6.01 40.76 -0.27
CA ALA C 115 -5.73 39.34 -0.27
C ALA C 115 -6.67 38.86 0.83
N ASN C 116 -6.70 37.58 1.14
CA ASN C 116 -7.62 37.15 2.18
C ASN C 116 -6.83 36.41 3.24
N PHE C 117 -6.80 36.94 4.44
CA PHE C 117 -6.03 36.30 5.51
C PHE C 117 -4.55 36.29 5.14
N GLY C 118 -4.26 36.45 3.86
CA GLY C 118 -2.89 36.48 3.40
C GLY C 118 -2.30 35.10 3.25
N THR C 119 -3.14 34.08 3.29
CA THR C 119 -2.68 32.72 3.14
C THR C 119 -1.92 32.56 1.85
N LYS C 120 -0.93 31.67 1.86
CA LYS C 120 -0.15 31.42 0.65
C LYS C 120 -1.10 31.04 -0.48
N LYS C 121 -2.17 30.33 -0.14
CA LYS C 121 -3.15 29.92 -1.13
C LYS C 121 -4.00 31.09 -1.60
N ASP C 122 -4.44 31.92 -0.66
CA ASP C 122 -5.26 33.06 -1.00
C ASP C 122 -4.58 33.92 -2.06
N PHE C 123 -3.27 34.12 -1.93
CA PHE C 123 -2.52 34.91 -2.90
C PHE C 123 -2.48 34.16 -4.23
N GLU C 124 -2.34 32.85 -4.13
CA GLU C 124 -2.28 31.97 -5.29
C GLU C 124 -3.56 32.14 -6.13
N ASP C 125 -4.70 32.03 -5.47
CA ASP C 125 -5.98 32.16 -6.18
C ASP C 125 -6.44 33.59 -6.40
N LEU C 126 -5.60 34.57 -6.10
CA LEU C 126 -6.00 35.94 -6.34
C LEU C 126 -5.98 36.24 -7.82
N TYR C 127 -6.79 37.22 -8.22
CA TYR C 127 -6.90 37.61 -9.63
C TYR C 127 -5.94 38.75 -9.92
N THR C 128 -6.03 39.80 -9.10
CA THR C 128 -5.17 40.96 -9.25
C THR C 128 -3.75 40.64 -8.78
N PRO C 129 -2.75 40.95 -9.60
CA PRO C 129 -1.39 40.65 -9.16
C PRO C 129 -1.06 41.57 -7.98
N VAL C 130 -0.31 41.06 -7.02
CA VAL C 130 0.05 41.83 -5.84
C VAL C 130 1.36 42.59 -6.04
N ASN C 131 2.18 42.07 -6.96
CA ASN C 131 3.46 42.67 -7.29
C ASN C 131 3.39 44.20 -7.24
N GLY C 132 4.34 44.79 -6.53
CA GLY C 132 4.41 46.24 -6.44
C GLY C 132 3.36 47.05 -5.70
N SER C 133 2.39 46.40 -5.04
CA SER C 133 1.40 47.19 -4.31
C SER C 133 1.21 46.81 -2.84
N ILE C 134 0.44 47.62 -2.13
CA ILE C 134 0.15 47.38 -0.72
C ILE C 134 -0.98 46.37 -0.60
N VAL C 135 -0.87 45.46 0.37
CA VAL C 135 -1.91 44.46 0.55
C VAL C 135 -2.66 44.68 1.84
N ILE C 136 -3.96 44.38 1.83
CA ILE C 136 -4.76 44.50 3.04
C ILE C 136 -5.33 43.12 3.34
N VAL C 137 -5.21 42.68 4.59
CA VAL C 137 -5.70 41.36 4.97
C VAL C 137 -6.39 41.32 6.31
N ARG C 138 -7.12 40.24 6.51
CA ARG C 138 -7.85 40.00 7.74
C ARG C 138 -6.99 39.26 8.75
N ALA C 139 -7.20 39.57 10.02
CA ALA C 139 -6.48 38.88 11.07
C ALA C 139 -7.05 37.45 11.12
N GLY C 140 -6.21 36.47 11.40
CA GLY C 140 -6.71 35.11 11.49
C GLY C 140 -6.06 34.06 10.60
N LYS C 141 -6.46 32.81 10.83
CA LYS C 141 -5.97 31.64 10.11
C LYS C 141 -4.47 31.44 10.23
N ILE C 142 -3.72 32.53 10.15
CA ILE C 142 -2.28 32.49 10.26
C ILE C 142 -1.70 33.71 10.98
N THR C 143 -0.39 33.66 11.17
CA THR C 143 0.37 34.70 11.86
C THR C 143 0.53 35.95 11.02
N PHE C 144 0.72 37.09 11.68
CA PHE C 144 0.96 38.35 10.97
C PHE C 144 2.23 38.12 10.17
N ALA C 145 3.27 37.65 10.85
CA ALA C 145 4.56 37.37 10.22
C ALA C 145 4.40 36.52 8.96
N GLU C 146 3.48 35.56 9.02
CA GLU C 146 3.26 34.70 7.87
C GLU C 146 2.63 35.51 6.74
N LYS C 147 1.59 36.26 7.08
CA LYS C 147 0.91 37.11 6.12
C LYS C 147 1.94 38.01 5.46
N VAL C 148 2.63 38.80 6.27
CA VAL C 148 3.66 39.69 5.78
C VAL C 148 4.72 38.98 4.97
N ALA C 149 5.10 37.77 5.38
CA ALA C 149 6.13 37.06 4.66
C ALA C 149 5.62 36.59 3.31
N ASN C 150 4.33 36.25 3.25
CA ASN C 150 3.75 35.78 2.00
C ASN C 150 3.60 36.94 1.03
N ALA C 151 3.17 38.07 1.55
CA ALA C 151 2.99 39.24 0.71
C ALA C 151 4.35 39.67 0.15
N GLU C 152 5.35 39.75 1.02
CA GLU C 152 6.69 40.16 0.61
C GLU C 152 7.32 39.25 -0.45
N SER C 153 7.02 37.95 -0.41
CA SER C 153 7.58 37.04 -1.40
C SER C 153 6.95 37.29 -2.76
N LEU C 154 5.83 38.00 -2.77
CA LEU C 154 5.12 38.32 -4.01
C LEU C 154 5.35 39.78 -4.38
N ASN C 155 6.41 40.35 -3.81
CA ASN C 155 6.81 41.72 -4.05
C ASN C 155 5.83 42.80 -3.64
N ALA C 156 4.90 42.46 -2.77
CA ALA C 156 3.97 43.46 -2.27
C ALA C 156 4.84 44.46 -1.50
N ILE C 157 4.24 45.57 -1.12
CA ILE C 157 4.94 46.60 -0.35
C ILE C 157 3.99 46.98 0.75
N GLY C 158 4.40 46.83 1.99
CA GLY C 158 3.49 47.15 3.07
C GLY C 158 2.30 46.21 3.11
N VAL C 159 1.75 46.06 4.31
CA VAL C 159 0.60 45.21 4.56
C VAL C 159 -0.23 45.91 5.61
N LEU C 160 -1.54 45.92 5.41
CA LEU C 160 -2.45 46.51 6.38
C LEU C 160 -3.27 45.35 6.92
N ILE C 161 -3.41 45.26 8.24
CA ILE C 161 -4.16 44.17 8.85
C ILE C 161 -5.34 44.75 9.64
N TYR C 162 -6.49 44.07 9.55
CA TYR C 162 -7.70 44.51 10.24
C TYR C 162 -8.59 43.35 10.63
N MET C 163 -9.55 43.63 11.50
CA MET C 163 -10.50 42.60 11.97
C MET C 163 -11.90 42.83 11.41
N ASP C 164 -12.33 41.99 10.47
CA ASP C 164 -13.67 42.14 9.90
C ASP C 164 -14.71 41.78 10.95
N GLN C 165 -15.89 42.38 10.85
CA GLN C 165 -16.94 42.12 11.82
C GLN C 165 -17.43 40.67 11.85
N THR C 166 -17.30 39.96 10.74
CA THR C 166 -17.74 38.56 10.71
C THR C 166 -16.87 37.71 11.64
N LYS C 167 -15.58 37.54 11.31
CA LYS C 167 -14.67 36.75 12.14
C LYS C 167 -14.52 37.34 13.55
N PHE C 168 -14.51 38.67 13.63
CA PHE C 168 -14.34 39.37 14.90
C PHE C 168 -15.52 40.27 15.19
N PRO C 169 -16.63 39.70 15.66
CA PRO C 169 -17.84 40.47 15.97
C PRO C 169 -17.69 41.37 17.20
N ILE C 170 -16.95 42.46 17.05
CA ILE C 170 -16.76 43.41 18.14
C ILE C 170 -17.68 44.60 17.88
N VAL C 171 -18.14 45.25 18.94
CA VAL C 171 -19.03 46.40 18.77
C VAL C 171 -18.24 47.60 18.26
N ASN C 172 -17.27 48.02 19.04
CA ASN C 172 -16.44 49.16 18.69
C ASN C 172 -15.58 48.88 17.45
N ALA C 173 -15.88 49.58 16.35
CA ALA C 173 -15.14 49.40 15.11
C ALA C 173 -13.89 50.27 15.06
N GLU C 174 -13.74 51.13 16.07
CA GLU C 174 -12.60 52.03 16.17
C GLU C 174 -11.47 51.34 16.93
N LEU C 175 -11.75 50.13 17.41
CA LEU C 175 -10.77 49.37 18.19
C LEU C 175 -9.53 48.96 17.40
N SER C 176 -8.36 49.27 17.97
CA SER C 176 -7.09 48.92 17.34
C SER C 176 -6.45 47.73 18.05
N PHE C 177 -5.45 47.13 17.42
CA PHE C 177 -4.80 45.98 18.02
C PHE C 177 -3.30 45.89 17.78
N PHE C 178 -2.65 44.98 18.50
CA PHE C 178 -1.21 44.79 18.43
C PHE C 178 -0.78 43.38 17.99
N GLY C 179 0.41 43.28 17.43
CA GLY C 179 0.96 42.01 16.99
C GLY C 179 2.39 42.21 16.55
N HIS C 180 3.07 41.14 16.16
CA HIS C 180 4.45 41.28 15.71
C HIS C 180 4.58 40.50 14.39
N ALA C 181 5.48 40.95 13.53
CA ALA C 181 5.65 40.30 12.24
C ALA C 181 6.96 39.55 12.04
N HIS C 182 7.61 39.18 13.14
CA HIS C 182 8.86 38.45 13.05
C HIS C 182 8.58 36.98 12.74
N LEU C 183 9.04 36.51 11.59
CA LEU C 183 8.82 35.12 11.23
C LEU C 183 9.80 34.23 11.97
N GLY C 184 9.62 34.14 13.28
CA GLY C 184 10.49 33.31 14.11
C GLY C 184 10.11 33.49 15.56
N THR C 185 11.08 33.27 16.45
CA THR C 185 10.86 33.41 17.89
C THR C 185 12.12 33.97 18.49
N GLY C 186 11.99 34.48 19.71
CA GLY C 186 13.12 35.05 20.41
C GLY C 186 13.51 36.42 19.91
N ASP C 187 14.51 36.99 20.57
CA ASP C 187 15.02 38.30 20.22
C ASP C 187 15.51 38.18 18.79
N PRO C 188 14.86 38.88 17.85
CA PRO C 188 15.31 38.79 16.46
C PRO C 188 16.70 39.34 16.15
N TYR C 189 17.36 39.92 17.17
CA TYR C 189 18.71 40.45 16.95
C TYR C 189 19.81 39.59 17.57
N THR C 190 19.42 38.45 18.15
CA THR C 190 20.34 37.46 18.73
C THR C 190 19.84 36.12 18.20
N PRO C 191 19.62 36.03 16.88
CA PRO C 191 19.13 34.79 16.26
C PRO C 191 19.99 33.56 16.49
N GLY C 192 19.39 32.54 17.08
CA GLY C 192 20.11 31.30 17.32
C GLY C 192 21.11 31.33 18.46
N PHE C 193 21.08 32.36 19.30
CA PHE C 193 21.98 32.45 20.44
C PHE C 193 21.34 33.35 21.50
N PRO C 194 21.78 33.23 22.77
CA PRO C 194 21.21 34.02 23.87
C PRO C 194 21.51 35.50 24.03
N SER C 195 20.46 36.25 24.39
CA SER C 195 20.58 37.68 24.63
C SER C 195 21.20 37.88 26.02
N PHE C 196 22.51 37.69 26.12
CA PHE C 196 23.24 37.84 27.37
C PHE C 196 24.43 38.77 27.13
N ASN C 197 24.78 39.59 28.13
CA ASN C 197 25.88 40.52 27.97
C ASN C 197 27.19 39.84 27.58
N HIS C 198 27.34 38.56 27.94
CA HIS C 198 28.57 37.82 27.62
C HIS C 198 28.76 37.82 26.12
N THR C 199 27.63 37.94 25.46
CA THR C 199 27.57 37.91 24.02
C THR C 199 28.10 39.19 23.36
N GLN C 200 28.02 40.30 24.11
CA GLN C 200 28.45 41.61 23.63
C GLN C 200 27.71 41.92 22.34
N PHE C 201 26.48 41.42 22.31
CA PHE C 201 25.52 41.57 21.23
C PHE C 201 26.05 41.88 19.86
N PRO C 202 26.69 40.89 19.22
CA PRO C 202 27.25 41.09 17.88
C PRO C 202 26.16 41.45 16.87
N PRO C 203 26.53 42.09 15.75
CA PRO C 203 25.56 42.49 14.72
C PRO C 203 25.04 41.23 14.04
N SER C 204 23.81 40.87 14.38
CA SER C 204 23.21 39.67 13.82
C SER C 204 21.76 40.01 13.61
N ARG C 205 21.26 39.70 12.42
CA ARG C 205 19.88 40.02 12.09
C ARG C 205 19.09 38.79 11.65
N SER C 206 18.02 38.49 12.37
CA SER C 206 17.18 37.34 12.05
C SER C 206 16.68 37.43 10.61
N SER C 207 16.86 36.36 9.86
CA SER C 207 16.41 36.33 8.48
C SER C 207 14.90 36.28 8.46
N GLY C 208 14.28 36.29 9.62
CA GLY C 208 12.84 36.22 9.68
C GLY C 208 12.25 37.59 9.82
N LEU C 209 13.08 38.62 9.77
CA LEU C 209 12.60 39.99 9.90
C LEU C 209 12.13 40.49 8.54
N PRO C 210 10.89 40.97 8.47
CA PRO C 210 10.30 41.49 7.23
C PRO C 210 10.98 42.77 6.71
N ASN C 211 10.92 42.99 5.40
CA ASN C 211 11.54 44.18 4.84
C ASN C 211 10.55 45.18 4.29
N ILE C 212 9.30 45.09 4.73
CA ILE C 212 8.28 46.03 4.28
C ILE C 212 7.49 46.46 5.49
N PRO C 213 6.85 47.63 5.43
CA PRO C 213 6.07 48.09 6.59
C PRO C 213 4.79 47.28 6.77
N VAL C 214 4.32 47.19 8.01
CA VAL C 214 3.10 46.45 8.31
C VAL C 214 2.42 47.25 9.39
N GLN C 215 1.14 47.52 9.18
CA GLN C 215 0.38 48.29 10.14
C GLN C 215 -0.97 47.71 10.42
N THR C 216 -1.45 48.02 11.61
CA THR C 216 -2.74 47.57 12.09
C THR C 216 -3.75 48.71 11.94
N ILE C 217 -4.96 48.39 11.48
CA ILE C 217 -5.99 49.43 11.33
C ILE C 217 -7.33 48.94 11.87
N SER C 218 -8.13 49.88 12.37
CA SER C 218 -9.44 49.56 12.92
C SER C 218 -10.34 49.07 11.80
N ARG C 219 -11.47 48.48 12.16
CA ARG C 219 -12.40 47.99 11.14
C ARG C 219 -12.94 49.20 10.40
N ALA C 220 -13.23 50.25 11.16
CA ALA C 220 -13.74 51.49 10.59
C ALA C 220 -12.84 51.94 9.44
N ALA C 221 -11.55 51.99 9.73
CA ALA C 221 -10.57 52.40 8.73
C ALA C 221 -10.67 51.49 7.51
N ALA C 222 -10.75 50.18 7.75
CA ALA C 222 -10.84 49.22 6.65
C ALA C 222 -12.02 49.59 5.76
N GLU C 223 -13.17 49.86 6.39
CA GLU C 223 -14.36 50.21 5.64
C GLU C 223 -14.15 51.51 4.87
N LYS C 224 -13.45 52.47 5.47
CA LYS C 224 -13.19 53.72 4.76
C LYS C 224 -12.33 53.45 3.53
N LEU C 225 -11.39 52.51 3.62
CA LEU C 225 -10.56 52.19 2.47
C LEU C 225 -11.42 51.47 1.44
N PHE C 226 -12.39 50.69 1.93
CA PHE C 226 -13.28 49.94 1.05
C PHE C 226 -14.19 50.87 0.23
N GLY C 227 -14.36 52.09 0.75
CA GLY C 227 -15.19 53.07 0.07
C GLY C 227 -14.45 53.66 -1.10
N ASN C 228 -13.21 53.21 -1.33
CA ASN C 228 -12.42 53.71 -2.45
C ASN C 228 -11.89 52.53 -3.23
N MET C 229 -12.57 51.39 -3.09
CA MET C 229 -12.19 50.19 -3.80
C MET C 229 -13.38 49.64 -4.57
N GLU C 230 -13.11 48.78 -5.54
CA GLU C 230 -14.18 48.20 -6.35
C GLU C 230 -14.04 46.69 -6.42
N GLY C 231 -15.09 46.01 -6.89
CA GLY C 231 -15.03 44.56 -7.00
C GLY C 231 -15.54 43.88 -5.75
N ASP C 232 -16.71 43.28 -5.83
CA ASP C 232 -17.26 42.59 -4.68
C ASP C 232 -16.32 41.52 -4.17
N CYS C 233 -16.13 41.54 -2.86
CA CYS C 233 -15.30 40.59 -2.15
C CYS C 233 -15.96 39.20 -2.37
N PRO C 234 -15.18 38.18 -2.78
CA PRO C 234 -15.71 36.84 -3.02
C PRO C 234 -16.60 36.30 -1.90
N SER C 235 -17.79 35.82 -2.27
CA SER C 235 -18.72 35.27 -1.29
C SER C 235 -18.06 34.09 -0.60
N ASP C 236 -17.16 33.44 -1.33
CA ASP C 236 -16.44 32.29 -0.84
C ASP C 236 -15.72 32.60 0.48
N TRP C 237 -15.24 33.82 0.60
CA TRP C 237 -14.52 34.28 1.78
C TRP C 237 -15.39 34.39 3.02
N LYS C 238 -16.70 34.44 2.81
CA LYS C 238 -17.64 34.55 3.92
C LYS C 238 -17.16 35.67 4.85
N THR C 239 -17.13 36.89 4.33
CA THR C 239 -16.70 38.05 5.09
C THR C 239 -17.65 39.23 4.90
N ASP C 240 -17.43 40.30 5.66
CA ASP C 240 -18.24 41.51 5.60
C ASP C 240 -18.74 41.85 4.21
N SER C 241 -19.95 42.40 4.15
CA SER C 241 -20.55 42.79 2.89
C SER C 241 -19.94 44.11 2.44
N THR C 242 -18.98 44.60 3.21
CA THR C 242 -18.33 45.86 2.90
C THR C 242 -17.02 45.78 2.12
N CYS C 243 -16.24 44.73 2.32
CA CYS C 243 -14.96 44.69 1.60
C CYS C 243 -15.03 44.50 0.12
N ARG C 244 -13.95 44.95 -0.52
CA ARG C 244 -13.78 44.88 -1.96
C ARG C 244 -12.29 44.87 -2.19
N MET C 245 -11.84 44.30 -3.32
CA MET C 245 -10.41 44.24 -3.60
C MET C 245 -9.99 45.29 -4.60
N VAL C 246 -8.79 45.82 -4.42
CA VAL C 246 -8.27 46.84 -5.33
C VAL C 246 -8.96 48.20 -5.25
N THR C 247 -8.15 49.24 -5.23
CA THR C 247 -8.64 50.61 -5.17
C THR C 247 -8.96 51.12 -6.58
N SER C 248 -9.77 52.17 -6.65
CA SER C 248 -10.14 52.77 -7.93
C SER C 248 -8.87 53.31 -8.57
N GLU C 249 -8.64 52.95 -9.84
CA GLU C 249 -7.43 53.38 -10.55
C GLU C 249 -6.97 54.80 -10.24
N SER C 250 -7.92 55.69 -9.96
CA SER C 250 -7.59 57.07 -9.66
C SER C 250 -7.01 57.29 -8.26
N LYS C 251 -7.39 56.43 -7.32
CA LYS C 251 -6.93 56.55 -5.94
C LYS C 251 -5.97 55.44 -5.48
N ASN C 252 -5.08 55.79 -4.56
CA ASN C 252 -4.16 54.83 -3.98
C ASN C 252 -3.77 55.28 -2.57
N VAL C 253 -3.28 54.34 -1.75
CA VAL C 253 -2.95 54.67 -0.37
C VAL C 253 -1.48 54.82 -0.06
N LYS C 254 -1.22 55.54 1.03
CA LYS C 254 0.14 55.75 1.48
C LYS C 254 0.23 55.36 2.95
N LEU C 255 0.93 54.26 3.20
CA LEU C 255 1.13 53.75 4.55
C LEU C 255 2.44 54.32 5.05
N THR C 256 2.44 54.77 6.30
CA THR C 256 3.66 55.31 6.88
C THR C 256 3.83 54.91 8.36
N VAL C 257 4.88 54.11 8.62
CA VAL C 257 5.15 53.64 9.96
C VAL C 257 6.57 54.02 10.35
N SER C 258 6.70 54.58 11.55
CA SER C 258 8.01 55.00 12.03
C SER C 258 8.53 54.25 13.27
N ASN C 259 7.95 53.09 13.56
CA ASN C 259 8.35 52.26 14.70
C ASN C 259 9.85 52.26 14.88
N VAL C 260 10.29 52.29 16.15
CA VAL C 260 11.71 52.27 16.48
C VAL C 260 12.09 51.13 17.42
N LEU C 261 13.30 50.61 17.23
CA LEU C 261 13.80 49.56 18.09
C LEU C 261 14.06 50.12 19.49
N LYS C 262 13.90 49.26 20.49
CA LYS C 262 14.13 49.68 21.87
C LYS C 262 14.69 48.50 22.64
N GLU C 263 15.87 48.67 23.21
CA GLU C 263 16.48 47.60 23.98
C GLU C 263 15.82 47.63 25.35
N ILE C 264 15.44 46.45 25.85
CA ILE C 264 14.80 46.36 27.16
C ILE C 264 15.34 45.20 27.99
N LYS C 265 14.99 45.23 29.27
CA LYS C 265 15.41 44.19 30.20
C LYS C 265 14.22 43.29 30.47
N ILE C 266 14.38 42.01 30.16
CA ILE C 266 13.33 41.01 30.38
C ILE C 266 13.67 40.16 31.60
N LEU C 267 12.64 39.75 32.31
CA LEU C 267 12.82 38.88 33.47
C LEU C 267 12.04 37.58 33.36
N ASN C 268 12.74 36.46 33.40
CA ASN C 268 12.12 35.15 33.40
C ASN C 268 12.19 34.64 34.85
N ILE C 269 11.04 34.46 35.50
CA ILE C 269 11.01 33.97 36.87
C ILE C 269 10.78 32.46 36.89
N PHE C 270 11.67 31.72 37.55
CA PHE C 270 11.55 30.27 37.62
C PHE C 270 11.33 29.73 39.04
N GLY C 271 10.78 28.52 39.10
CA GLY C 271 10.56 27.86 40.36
C GLY C 271 10.67 26.36 40.11
N VAL C 272 11.39 25.64 40.96
CA VAL C 272 11.48 24.21 40.77
C VAL C 272 11.12 23.42 42.04
N ILE C 273 10.54 22.23 41.81
CA ILE C 273 10.17 21.30 42.87
C ILE C 273 11.05 20.10 42.57
N LYS C 274 12.19 19.99 43.25
CA LYS C 274 13.11 18.88 43.00
C LYS C 274 12.48 17.49 43.12
N GLY C 275 12.89 16.59 42.23
CA GLY C 275 12.37 15.24 42.23
C GLY C 275 13.02 14.40 43.31
N PHE C 276 12.41 13.27 43.63
CA PHE C 276 12.91 12.39 44.68
C PHE C 276 13.81 11.24 44.24
N VAL C 277 13.93 11.02 42.94
CA VAL C 277 14.76 9.92 42.47
C VAL C 277 15.77 10.34 41.42
N GLU C 278 15.28 11.07 40.42
CA GLU C 278 16.11 11.58 39.33
C GLU C 278 15.72 13.03 39.20
N PRO C 279 16.27 13.88 40.07
CA PRO C 279 15.92 15.31 40.01
C PRO C 279 16.51 15.95 38.76
N ASP C 280 17.59 15.36 38.24
CA ASP C 280 18.28 15.89 37.05
C ASP C 280 17.41 15.88 35.77
N HIS C 281 16.30 15.16 35.82
CA HIS C 281 15.38 15.10 34.69
C HIS C 281 14.17 15.89 35.14
N TYR C 282 13.52 16.59 34.21
CA TYR C 282 12.39 17.39 34.62
C TYR C 282 11.44 17.82 33.53
N VAL C 283 10.31 18.32 33.99
CA VAL C 283 9.24 18.81 33.16
C VAL C 283 9.28 20.32 33.33
N VAL C 284 8.84 21.05 32.32
CA VAL C 284 8.81 22.51 32.43
C VAL C 284 7.39 22.94 32.13
N VAL C 285 6.84 23.77 32.99
CA VAL C 285 5.49 24.28 32.80
C VAL C 285 5.60 25.78 32.80
N GLY C 286 5.06 26.43 31.78
CA GLY C 286 5.18 27.88 31.73
C GLY C 286 4.04 28.68 31.16
N ALA C 287 4.12 29.99 31.35
CA ALA C 287 3.13 30.91 30.86
C ALA C 287 3.68 32.33 30.65
N GLN C 288 3.16 32.98 29.62
CA GLN C 288 3.54 34.33 29.26
C GLN C 288 3.02 35.33 30.31
N ARG C 289 3.83 36.31 30.66
CA ARG C 289 3.44 37.29 31.67
C ARG C 289 3.14 38.67 31.06
N ASP C 290 3.88 39.02 30.00
CA ASP C 290 3.70 40.31 29.36
C ASP C 290 2.45 40.37 28.53
N ALA C 291 2.03 41.59 28.21
CA ALA C 291 0.84 41.80 27.40
C ALA C 291 0.84 43.24 26.92
N TRP C 292 0.28 43.47 25.73
CA TRP C 292 0.23 44.81 25.18
C TRP C 292 -0.78 45.66 25.94
N GLY C 293 -1.98 45.12 26.13
CA GLY C 293 -2.99 45.85 26.87
C GLY C 293 -3.13 45.24 28.26
N PRO C 294 -4.35 44.89 28.67
CA PRO C 294 -4.63 44.28 29.98
C PRO C 294 -4.19 42.81 29.92
N GLY C 295 -4.32 42.23 28.73
CA GLY C 295 -3.93 40.86 28.51
C GLY C 295 -4.51 39.84 29.46
N ALA C 296 -5.75 40.03 29.87
CA ALA C 296 -6.40 39.10 30.79
C ALA C 296 -6.32 37.67 30.27
N ALA C 297 -6.91 37.42 29.11
CA ALA C 297 -6.92 36.09 28.50
C ALA C 297 -5.56 35.68 27.91
N LYS C 298 -4.86 36.63 27.29
CA LYS C 298 -3.58 36.30 26.68
C LYS C 298 -2.47 36.06 27.69
N SER C 299 -2.56 36.72 28.83
CA SER C 299 -1.51 36.61 29.85
C SER C 299 -1.99 36.24 31.24
N GLY C 300 -3.04 36.91 31.71
CA GLY C 300 -3.58 36.64 33.03
C GLY C 300 -3.91 35.20 33.34
N VAL C 301 -4.90 34.65 32.64
CA VAL C 301 -5.31 33.27 32.87
C VAL C 301 -4.12 32.33 32.96
N GLY C 302 -3.21 32.43 32.00
CA GLY C 302 -2.04 31.58 31.99
C GLY C 302 -1.24 31.75 33.27
N THR C 303 -0.82 32.97 33.56
CA THR C 303 -0.04 33.22 34.76
C THR C 303 -0.79 32.81 36.02
N ALA C 304 -2.10 32.99 36.02
CA ALA C 304 -2.90 32.60 37.18
C ALA C 304 -2.74 31.08 37.34
N LEU C 305 -2.92 30.34 36.25
CA LEU C 305 -2.79 28.90 36.28
C LEU C 305 -1.41 28.48 36.79
N LEU C 306 -0.38 29.18 36.34
CA LEU C 306 0.98 28.85 36.74
C LEU C 306 1.13 28.99 38.24
N LEU C 307 0.65 30.11 38.77
CA LEU C 307 0.75 30.35 40.21
C LEU C 307 0.06 29.24 41.01
N LYS C 308 -1.20 28.97 40.68
CA LYS C 308 -1.95 27.93 41.38
C LYS C 308 -1.27 26.58 41.30
N LEU C 309 -1.00 26.13 40.08
CA LEU C 309 -0.35 24.84 39.91
C LEU C 309 0.90 24.71 40.80
N ALA C 310 1.73 25.75 40.79
CA ALA C 310 2.96 25.73 41.59
C ALA C 310 2.63 25.59 43.07
N GLN C 311 1.49 26.14 43.46
CA GLN C 311 1.07 26.09 44.84
C GLN C 311 0.58 24.67 45.17
N MET C 312 -0.46 24.22 44.49
CA MET C 312 -1.00 22.88 44.71
C MET C 312 0.07 21.79 44.76
N PHE C 313 1.02 21.83 43.84
CA PHE C 313 2.04 20.80 43.85
C PHE C 313 3.02 20.96 44.99
N SER C 314 3.14 22.19 45.51
CA SER C 314 4.06 22.40 46.62
C SER C 314 3.43 21.75 47.85
N ASP C 315 2.13 21.97 48.03
CA ASP C 315 1.40 21.38 49.14
C ASP C 315 1.52 19.88 49.03
N MET C 316 0.91 19.33 47.98
CA MET C 316 0.95 17.88 47.75
C MET C 316 2.29 17.29 48.13
N VAL C 317 3.37 17.99 47.85
CA VAL C 317 4.69 17.47 48.18
C VAL C 317 5.00 17.63 49.65
N LEU C 318 4.71 18.82 50.18
CA LEU C 318 4.99 19.12 51.59
C LEU C 318 3.97 18.58 52.59
N LYS C 319 2.70 18.51 52.19
CA LYS C 319 1.66 17.99 53.07
C LYS C 319 1.27 16.56 52.71
N ASP C 320 0.45 16.41 51.68
CA ASP C 320 -0.03 15.10 51.23
C ASP C 320 1.04 14.06 50.90
N GLY C 321 2.30 14.39 51.16
CA GLY C 321 3.38 13.46 50.89
C GLY C 321 3.55 12.93 49.48
N PHE C 322 3.36 13.79 48.47
CA PHE C 322 3.54 13.42 47.07
C PHE C 322 5.04 13.35 46.85
N GLN C 323 5.51 12.36 46.08
CA GLN C 323 6.93 12.22 45.84
C GLN C 323 7.34 11.94 44.40
N PRO C 324 7.29 12.99 43.55
CA PRO C 324 7.66 12.88 42.14
C PRO C 324 9.10 12.41 41.95
N SER C 325 9.30 11.42 41.09
CA SER C 325 10.65 10.90 40.85
C SER C 325 11.50 11.95 40.15
N ARG C 326 10.85 12.77 39.32
CA ARG C 326 11.54 13.80 38.57
C ARG C 326 11.10 15.20 38.97
N SER C 327 11.90 16.20 38.60
CA SER C 327 11.60 17.57 38.96
C SER C 327 10.53 18.25 38.12
N ILE C 328 10.05 19.38 38.61
CA ILE C 328 9.04 20.17 37.94
C ILE C 328 9.49 21.62 38.00
N ILE C 329 9.58 22.27 36.85
CA ILE C 329 9.98 23.66 36.79
C ILE C 329 8.78 24.51 36.42
N PHE C 330 8.60 25.62 37.13
CA PHE C 330 7.50 26.53 36.82
C PHE C 330 8.18 27.79 36.32
N ALA C 331 7.79 28.24 35.14
CA ALA C 331 8.40 29.42 34.56
C ALA C 331 7.43 30.47 34.07
N SER C 332 7.70 31.72 34.43
CA SER C 332 6.88 32.83 33.97
C SER C 332 7.78 33.62 33.01
N TRP C 333 7.49 33.56 31.71
CA TRP C 333 8.32 34.29 30.75
C TRP C 333 7.75 35.62 30.32
N SER C 334 8.62 36.47 29.78
CA SER C 334 8.22 37.78 29.29
C SER C 334 8.58 37.93 27.82
N ALA C 335 8.09 39.00 27.19
CA ALA C 335 8.33 39.28 25.77
C ALA C 335 7.74 38.20 24.88
N GLY C 336 6.61 37.66 25.31
CA GLY C 336 5.94 36.61 24.56
C GLY C 336 5.19 37.24 23.40
N ASP C 337 4.71 38.46 23.61
CA ASP C 337 3.98 39.17 22.58
C ASP C 337 4.84 39.44 21.35
N PHE C 338 6.16 39.37 21.52
CA PHE C 338 7.07 39.63 20.42
C PHE C 338 7.61 38.33 19.82
N GLY C 339 7.03 37.22 20.24
CA GLY C 339 7.42 35.93 19.70
C GLY C 339 8.10 34.96 20.63
N SER C 340 7.48 34.71 21.79
CA SER C 340 8.01 33.78 22.77
C SER C 340 9.50 34.07 22.97
N VAL C 341 9.83 35.36 23.13
CA VAL C 341 11.22 35.77 23.31
C VAL C 341 11.88 35.26 24.59
N GLY C 342 11.25 35.52 25.74
CA GLY C 342 11.81 35.05 26.98
C GLY C 342 12.11 33.57 26.93
N ALA C 343 11.10 32.80 26.52
CA ALA C 343 11.25 31.35 26.44
C ALA C 343 12.35 30.93 25.46
N THR C 344 12.40 31.56 24.28
CA THR C 344 13.42 31.18 23.31
C THR C 344 14.82 31.49 23.82
N GLU C 345 14.97 32.63 24.46
CA GLU C 345 16.27 33.02 24.99
C GLU C 345 16.74 32.04 26.05
N TRP C 346 15.80 31.49 26.80
CA TRP C 346 16.13 30.51 27.83
C TRP C 346 16.66 29.25 27.15
N LEU C 347 15.90 28.73 26.19
CA LEU C 347 16.29 27.52 25.47
C LEU C 347 17.63 27.68 24.77
N GLU C 348 17.89 28.86 24.18
CA GLU C 348 19.16 29.04 23.50
C GLU C 348 20.27 29.26 24.50
N GLY C 349 19.93 29.87 25.63
CA GLY C 349 20.90 30.11 26.67
C GLY C 349 21.33 28.83 27.37
N TYR C 350 20.37 28.04 27.83
CA TYR C 350 20.70 26.82 28.55
C TYR C 350 20.59 25.52 27.78
N LEU C 351 20.78 25.62 26.48
CA LEU C 351 20.75 24.47 25.60
C LEU C 351 21.42 23.23 26.21
N SER C 352 22.73 23.34 26.44
CA SER C 352 23.52 22.24 26.98
C SER C 352 23.02 21.64 28.30
N SER C 353 22.30 22.45 29.08
CA SER C 353 21.78 21.97 30.36
C SER C 353 20.47 21.24 30.23
N LEU C 354 19.73 21.54 29.16
CA LEU C 354 18.43 20.92 28.92
C LEU C 354 18.52 19.63 28.11
N HIS C 355 19.53 19.53 27.27
CA HIS C 355 19.69 18.38 26.41
C HIS C 355 19.48 17.02 27.11
N LEU C 356 18.40 16.34 26.73
CA LEU C 356 18.08 15.03 27.29
C LEU C 356 17.80 15.07 28.80
N LYS C 357 17.50 16.25 29.32
CA LYS C 357 17.22 16.40 30.74
C LYS C 357 15.79 16.91 30.88
N ALA C 358 15.47 17.97 30.14
CA ALA C 358 14.12 18.52 30.14
C ALA C 358 13.42 17.58 29.16
N PHE C 359 12.42 16.85 29.63
CA PHE C 359 11.77 15.86 28.77
C PHE C 359 10.34 16.14 28.30
N THR C 360 9.76 17.24 28.75
CA THR C 360 8.43 17.65 28.31
C THR C 360 8.12 19.08 28.73
N TYR C 361 7.40 19.80 27.87
CA TYR C 361 7.06 21.17 28.20
C TYR C 361 5.56 21.32 28.08
N ILE C 362 4.99 22.02 29.04
CA ILE C 362 3.55 22.24 29.04
C ILE C 362 3.32 23.73 29.07
N ASN C 363 2.60 24.22 28.07
CA ASN C 363 2.31 25.63 27.98
C ASN C 363 0.94 25.92 28.54
N LEU C 364 0.80 27.03 29.25
CA LEU C 364 -0.49 27.39 29.85
C LEU C 364 -1.15 28.63 29.25
N ASP C 365 -0.49 29.25 28.29
CA ASP C 365 -1.02 30.46 27.65
C ASP C 365 -2.35 30.23 26.94
N LYS C 366 -3.21 31.25 26.98
CA LYS C 366 -4.52 31.19 26.33
C LYS C 366 -5.22 29.85 26.54
N ALA C 367 -5.16 29.33 27.76
CA ALA C 367 -5.79 28.06 28.09
C ALA C 367 -7.32 28.12 28.18
N VAL C 368 -7.86 29.31 28.43
CA VAL C 368 -9.30 29.48 28.54
C VAL C 368 -9.77 30.63 27.68
N LEU C 369 -10.52 30.30 26.63
CA LEU C 369 -11.02 31.32 25.72
C LEU C 369 -12.50 31.09 25.40
N GLY C 370 -13.02 29.96 25.88
CA GLY C 370 -14.41 29.62 25.64
C GLY C 370 -14.86 28.42 26.44
N THR C 371 -15.88 27.72 25.93
CA THR C 371 -16.42 26.57 26.63
C THR C 371 -16.75 25.40 25.71
N SER C 372 -17.30 25.72 24.54
CA SER C 372 -17.68 24.71 23.56
C SER C 372 -16.68 23.59 23.33
N ASN C 373 -15.45 23.96 22.98
CA ASN C 373 -14.45 22.96 22.69
C ASN C 373 -13.23 22.91 23.57
N PHE C 374 -12.49 21.81 23.41
CA PHE C 374 -11.26 21.59 24.12
C PHE C 374 -10.31 21.12 23.01
N LYS C 375 -9.42 22.01 22.58
CA LYS C 375 -8.48 21.68 21.53
C LYS C 375 -7.12 21.36 22.11
N VAL C 376 -6.30 20.69 21.31
CA VAL C 376 -4.96 20.32 21.75
C VAL C 376 -3.95 20.24 20.61
N SER C 377 -2.74 20.75 20.87
CA SER C 377 -1.65 20.72 19.89
C SER C 377 -0.43 20.25 20.65
N ALA C 378 0.25 19.23 20.14
CA ALA C 378 1.42 18.73 20.85
C ALA C 378 2.14 17.65 20.08
N SER C 379 3.31 17.27 20.60
CA SER C 379 4.09 16.21 19.99
C SER C 379 3.30 14.90 20.07
N PRO C 380 3.43 14.06 19.04
CA PRO C 380 2.68 12.79 19.09
C PRO C 380 3.05 11.97 20.34
N LEU C 381 4.25 12.19 20.88
CA LEU C 381 4.71 11.46 22.06
C LEU C 381 3.81 11.68 23.27
N LEU C 382 3.01 12.74 23.25
CA LEU C 382 2.11 13.03 24.36
C LEU C 382 0.65 12.74 24.04
N TYR C 383 0.36 12.11 22.90
CA TYR C 383 -1.02 11.81 22.54
C TYR C 383 -1.72 10.89 23.53
N THR C 384 -1.12 9.72 23.78
CA THR C 384 -1.67 8.77 24.71
C THR C 384 -1.92 9.43 26.08
N LEU C 385 -0.93 10.14 26.60
CA LEU C 385 -1.10 10.82 27.88
C LEU C 385 -2.28 11.78 27.79
N ILE C 386 -2.36 12.52 26.70
CA ILE C 386 -3.46 13.48 26.50
C ILE C 386 -4.79 12.74 26.44
N GLU C 387 -4.79 11.56 25.82
CA GLU C 387 -6.02 10.77 25.68
C GLU C 387 -6.54 10.31 27.04
N LYS C 388 -5.70 9.56 27.75
CA LYS C 388 -6.05 9.06 29.07
C LYS C 388 -6.57 10.21 29.91
N THR C 389 -5.91 11.35 29.82
CA THR C 389 -6.33 12.51 30.60
C THR C 389 -7.72 12.99 30.19
N MET C 390 -8.05 12.89 28.91
CA MET C 390 -9.35 13.34 28.46
C MET C 390 -10.43 12.38 28.86
N GLN C 391 -10.03 11.13 29.09
CA GLN C 391 -10.97 10.09 29.48
C GLN C 391 -11.36 10.17 30.95
N ASN C 392 -10.53 10.82 31.76
CA ASN C 392 -10.84 10.91 33.18
C ASN C 392 -11.05 12.34 33.71
N VAL C 393 -11.00 13.34 32.83
CA VAL C 393 -11.23 14.71 33.23
C VAL C 393 -12.57 15.13 32.66
N LYS C 394 -13.35 15.86 33.44
CA LYS C 394 -14.68 16.26 32.97
C LYS C 394 -14.84 17.72 32.56
N HIS C 395 -15.55 17.92 31.45
CA HIS C 395 -15.84 19.24 30.92
C HIS C 395 -16.52 20.08 31.99
N PRO C 396 -15.98 21.28 32.27
CA PRO C 396 -16.53 22.18 33.28
C PRO C 396 -18.01 22.55 33.15
N VAL C 397 -18.60 22.32 31.99
CA VAL C 397 -20.00 22.64 31.81
C VAL C 397 -20.83 21.42 31.44
N THR C 398 -20.37 20.69 30.44
CA THR C 398 -21.04 19.49 29.97
C THR C 398 -21.06 18.40 31.04
N GLY C 399 -20.14 18.48 31.99
CA GLY C 399 -20.08 17.47 33.02
C GLY C 399 -19.59 16.15 32.45
N GLN C 400 -19.65 16.00 31.14
CA GLN C 400 -19.20 14.78 30.46
C GLN C 400 -17.68 14.73 30.39
N PHE C 401 -17.16 13.56 30.02
CA PHE C 401 -15.72 13.36 29.87
C PHE C 401 -15.22 14.11 28.63
N LEU C 402 -13.98 14.57 28.67
CA LEU C 402 -13.41 15.28 27.53
C LEU C 402 -13.30 14.34 26.33
N TYR C 403 -12.91 13.10 26.56
CA TYR C 403 -12.79 12.13 25.48
C TYR C 403 -14.16 11.84 24.89
N GLN C 404 -14.47 12.49 23.77
CA GLN C 404 -15.76 12.29 23.13
C GLN C 404 -15.61 11.81 21.70
N ASP C 405 -14.44 12.06 21.12
CA ASP C 405 -14.15 11.65 19.75
C ASP C 405 -12.94 10.73 19.80
N SER C 406 -13.09 9.51 19.32
CA SER C 406 -12.00 8.55 19.33
C SER C 406 -11.03 8.74 18.17
N ASN C 407 -11.29 9.74 17.34
CA ASN C 407 -10.40 10.02 16.22
C ASN C 407 -9.73 11.37 16.39
N TRP C 408 -9.90 11.93 17.59
CA TRP C 408 -9.32 13.23 17.91
C TRP C 408 -7.86 13.35 17.48
N ALA C 409 -7.07 12.31 17.72
CA ALA C 409 -5.65 12.32 17.39
C ALA C 409 -5.34 12.61 15.92
N SER C 410 -6.18 12.13 15.01
CA SER C 410 -5.94 12.34 13.59
C SER C 410 -6.44 13.71 13.12
N LYS C 411 -6.88 14.53 14.06
CA LYS C 411 -7.40 15.87 13.75
C LYS C 411 -6.55 16.92 14.49
N VAL C 412 -5.51 16.46 15.15
CA VAL C 412 -4.64 17.38 15.89
C VAL C 412 -3.87 18.31 14.94
N GLU C 413 -4.02 19.60 15.17
CA GLU C 413 -3.35 20.61 14.37
C GLU C 413 -1.98 20.89 15.00
N LYS C 414 -0.94 20.96 14.18
CA LYS C 414 0.39 21.19 14.74
C LYS C 414 0.66 22.57 15.35
N LEU C 415 1.66 22.59 16.22
CA LEU C 415 2.08 23.80 16.90
C LEU C 415 2.52 24.87 15.90
N THR C 416 2.13 26.12 16.17
CA THR C 416 2.48 27.24 15.30
C THR C 416 3.42 28.27 15.97
N LEU C 417 4.08 29.08 15.14
CA LEU C 417 5.01 30.10 15.61
C LEU C 417 4.56 30.97 16.77
N ASP C 418 3.27 31.27 16.84
CA ASP C 418 2.80 32.11 17.93
C ASP C 418 2.65 31.37 19.25
N ASN C 419 2.88 30.07 19.24
CA ASN C 419 2.76 29.29 20.45
C ASN C 419 4.12 29.08 21.13
N ALA C 420 4.19 29.44 22.41
CA ALA C 420 5.43 29.29 23.18
C ALA C 420 5.92 27.85 23.20
N ALA C 421 5.04 26.90 22.89
CA ALA C 421 5.43 25.49 22.89
C ALA C 421 6.20 25.16 21.61
N PHE C 422 5.96 25.96 20.57
CA PHE C 422 6.62 25.71 19.30
C PHE C 422 8.14 25.64 19.39
N PRO C 423 8.79 26.64 20.03
CA PRO C 423 10.25 26.59 20.13
C PRO C 423 10.74 25.33 20.84
N PHE C 424 10.10 24.97 21.96
CA PHE C 424 10.51 23.79 22.72
C PHE C 424 10.58 22.53 21.88
N LEU C 425 9.56 22.31 21.06
CA LEU C 425 9.52 21.12 20.23
C LEU C 425 10.37 21.21 18.96
N ALA C 426 10.18 22.28 18.19
CA ALA C 426 10.88 22.48 16.92
C ALA C 426 12.38 22.77 17.00
N TYR C 427 12.78 23.51 18.03
CA TYR C 427 14.18 23.87 18.22
C TYR C 427 14.89 22.98 19.26
N SER C 428 14.32 22.90 20.46
CA SER C 428 14.91 22.12 21.54
C SER C 428 14.80 20.63 21.46
N GLY C 429 13.75 20.11 20.82
CA GLY C 429 13.59 18.67 20.73
C GLY C 429 12.94 18.14 22.00
N ILE C 430 12.19 19.01 22.66
CA ILE C 430 11.50 18.67 23.90
C ILE C 430 10.02 18.48 23.61
N PRO C 431 9.51 17.25 23.76
CA PRO C 431 8.08 17.11 23.47
C PRO C 431 7.26 18.14 24.25
N ALA C 432 6.42 18.88 23.54
CA ALA C 432 5.63 19.92 24.17
C ALA C 432 4.15 19.80 23.86
N VAL C 433 3.34 20.55 24.62
CA VAL C 433 1.90 20.49 24.47
C VAL C 433 1.25 21.81 24.85
N SER C 434 0.14 22.11 24.18
CA SER C 434 -0.65 23.31 24.42
C SER C 434 -2.09 22.88 24.29
N PHE C 435 -2.98 23.45 25.10
CA PHE C 435 -4.40 23.08 25.05
C PHE C 435 -5.29 24.20 25.51
N CYS C 436 -6.57 24.15 25.14
CA CYS C 436 -7.51 25.16 25.60
C CYS C 436 -8.97 24.73 25.60
N PHE C 437 -9.76 25.53 26.32
CA PHE C 437 -11.19 25.36 26.36
C PHE C 437 -11.43 26.62 25.55
N CYS C 438 -11.69 26.39 24.28
CA CYS C 438 -11.86 27.49 23.34
C CYS C 438 -13.16 27.36 22.56
N GLU C 439 -13.36 28.28 21.62
CA GLU C 439 -14.56 28.27 20.79
C GLU C 439 -14.12 28.07 19.34
N ASP C 440 -15.09 28.02 18.43
CA ASP C 440 -14.74 27.84 17.03
C ASP C 440 -14.37 29.21 16.49
N THR C 441 -14.61 30.22 17.32
CA THR C 441 -14.30 31.60 17.00
C THR C 441 -13.05 32.01 17.77
N ASP C 442 -12.23 32.86 17.17
CA ASP C 442 -11.04 33.32 17.87
C ASP C 442 -11.50 34.27 18.96
N TYR C 443 -10.84 34.25 20.11
CA TYR C 443 -11.23 35.16 21.18
C TYR C 443 -10.95 36.55 20.62
N PRO C 444 -12.00 37.26 20.21
CA PRO C 444 -11.92 38.60 19.62
C PRO C 444 -10.98 39.63 20.22
N TYR C 445 -10.97 39.73 21.55
CA TYR C 445 -10.16 40.75 22.21
C TYR C 445 -8.65 40.54 22.32
N LEU C 446 -8.16 39.37 21.93
CA LEU C 446 -6.73 39.13 22.00
C LEU C 446 -5.95 40.23 21.27
N GLY C 447 -4.93 40.77 21.93
CA GLY C 447 -4.11 41.79 21.33
C GLY C 447 -4.77 43.16 21.29
N THR C 448 -5.87 43.31 22.03
CA THR C 448 -6.58 44.58 22.05
C THR C 448 -6.63 45.12 23.47
N THR C 449 -7.28 46.26 23.61
CA THR C 449 -7.42 46.90 24.91
C THR C 449 -8.59 46.31 25.68
N MET C 450 -9.44 45.57 24.98
CA MET C 450 -10.62 44.97 25.60
C MET C 450 -10.38 43.61 26.22
N ASP C 451 -9.16 43.11 26.16
CA ASP C 451 -8.87 41.82 26.76
C ASP C 451 -8.67 42.06 28.24
N THR C 452 -9.77 42.30 28.93
CA THR C 452 -9.77 42.57 30.35
C THR C 452 -10.57 41.51 31.09
N TYR C 453 -10.48 41.54 32.42
CA TYR C 453 -11.23 40.60 33.23
C TYR C 453 -12.72 40.81 32.97
N LYS C 454 -13.16 42.06 33.07
CA LYS C 454 -14.57 42.39 32.85
C LYS C 454 -15.10 41.62 31.66
N GLU C 455 -14.40 41.72 30.53
CA GLU C 455 -14.82 41.03 29.31
C GLU C 455 -14.71 39.53 29.40
N LEU C 456 -13.60 39.05 29.97
CA LEU C 456 -13.38 37.62 30.08
C LEU C 456 -14.50 36.88 30.83
N ILE C 457 -14.82 37.34 32.04
CA ILE C 457 -15.87 36.68 32.83
C ILE C 457 -17.26 36.94 32.29
N GLU C 458 -17.45 38.11 31.71
CA GLU C 458 -18.73 38.46 31.15
C GLU C 458 -19.04 37.51 29.99
N ARG C 459 -18.00 37.14 29.24
CA ARG C 459 -18.17 36.22 28.11
C ARG C 459 -18.26 34.77 28.58
N ILE C 460 -17.45 34.44 29.57
CA ILE C 460 -17.46 33.10 30.12
C ILE C 460 -17.56 33.21 31.65
N PRO C 461 -18.80 33.37 32.14
CA PRO C 461 -19.16 33.50 33.56
C PRO C 461 -18.70 32.38 34.50
N GLU C 462 -18.61 31.16 33.97
CA GLU C 462 -18.17 30.02 34.76
C GLU C 462 -16.66 29.92 34.67
N LEU C 463 -15.99 31.07 34.57
CA LEU C 463 -14.54 31.12 34.44
C LEU C 463 -13.82 30.22 35.44
N ASN C 464 -14.03 30.48 36.72
CA ASN C 464 -13.38 29.71 37.78
C ASN C 464 -13.48 28.20 37.58
N LYS C 465 -14.62 27.74 37.11
CA LYS C 465 -14.80 26.31 36.91
C LYS C 465 -14.00 25.83 35.71
N VAL C 466 -14.03 26.61 34.62
CA VAL C 466 -13.29 26.26 33.42
C VAL C 466 -11.78 26.35 33.68
N ALA C 467 -11.37 27.36 34.43
CA ALA C 467 -9.96 27.53 34.76
C ALA C 467 -9.50 26.31 35.54
N ARG C 468 -10.41 25.79 36.37
CA ARG C 468 -10.12 24.62 37.18
C ARG C 468 -9.89 23.40 36.30
N ALA C 469 -10.72 23.26 35.27
CA ALA C 469 -10.61 22.13 34.34
C ALA C 469 -9.26 22.17 33.65
N ALA C 470 -8.83 23.38 33.29
CA ALA C 470 -7.54 23.54 32.62
C ALA C 470 -6.46 23.14 33.60
N ALA C 471 -6.54 23.68 34.81
CA ALA C 471 -5.57 23.39 35.84
C ALA C 471 -5.52 21.89 36.09
N GLU C 472 -6.66 21.22 36.01
CA GLU C 472 -6.72 19.78 36.24
C GLU C 472 -6.01 18.95 35.17
N VAL C 473 -6.13 19.37 33.91
CA VAL C 473 -5.47 18.63 32.84
C VAL C 473 -3.97 18.86 32.92
N ALA C 474 -3.57 20.09 33.23
CA ALA C 474 -2.15 20.38 33.33
C ALA C 474 -1.62 19.60 34.53
N GLY C 475 -2.39 19.65 35.63
CA GLY C 475 -2.04 18.96 36.85
C GLY C 475 -1.79 17.49 36.60
N GLN C 476 -2.69 16.86 35.87
CA GLN C 476 -2.55 15.45 35.57
C GLN C 476 -1.36 15.14 34.68
N PHE C 477 -1.10 16.01 33.70
CA PHE C 477 0.05 15.81 32.82
C PHE C 477 1.27 15.75 33.72
N VAL C 478 1.39 16.74 34.61
CA VAL C 478 2.52 16.79 35.52
C VAL C 478 2.65 15.53 36.35
N ILE C 479 1.56 15.10 36.99
CA ILE C 479 1.62 13.89 37.81
C ILE C 479 2.14 12.76 36.92
N LYS C 480 1.37 12.43 35.89
CA LYS C 480 1.73 11.35 34.98
C LYS C 480 3.18 11.38 34.52
N LEU C 481 3.72 12.56 34.26
CA LEU C 481 5.11 12.68 33.79
C LEU C 481 6.19 12.54 34.85
N THR C 482 5.87 12.78 36.10
CA THR C 482 6.87 12.70 37.15
C THR C 482 6.59 11.64 38.21
N HIS C 483 5.33 11.20 38.25
CA HIS C 483 4.83 10.21 39.18
C HIS C 483 5.60 8.91 39.39
N ASP C 484 5.71 8.07 38.36
CA ASP C 484 6.44 6.81 38.57
C ASP C 484 7.46 6.43 37.52
N VAL C 485 8.09 5.27 37.75
CA VAL C 485 9.14 4.74 36.90
C VAL C 485 9.01 4.92 35.41
N GLU C 486 7.80 4.88 34.88
CA GLU C 486 7.68 5.05 33.44
C GLU C 486 7.27 6.47 33.04
N LEU C 487 7.89 6.96 31.97
CA LEU C 487 7.61 8.28 31.42
C LEU C 487 6.40 8.05 30.53
N ASN C 488 5.32 8.78 30.72
CA ASN C 488 4.18 8.52 29.84
C ASN C 488 4.34 9.07 28.42
N LEU C 489 5.53 8.88 27.84
CA LEU C 489 5.80 9.33 26.48
C LEU C 489 5.67 8.15 25.55
N ASP C 490 4.63 8.16 24.72
CA ASP C 490 4.34 7.06 23.80
C ASP C 490 4.99 7.23 22.44
N TYR C 491 6.22 6.72 22.33
CA TYR C 491 6.96 6.81 21.09
C TYR C 491 6.33 6.00 19.96
N GLU C 492 5.35 5.16 20.26
CA GLU C 492 4.72 4.36 19.21
C GLU C 492 3.91 5.28 18.31
N ARG C 493 3.43 6.38 18.88
CA ARG C 493 2.62 7.33 18.10
C ARG C 493 3.29 7.86 16.83
N TYR C 494 4.61 7.72 16.75
CA TYR C 494 5.33 8.21 15.58
C TYR C 494 5.20 7.28 14.39
N ASN C 495 4.68 6.08 14.61
CA ASN C 495 4.50 5.15 13.50
C ASN C 495 3.37 5.66 12.61
N SER C 496 2.36 6.27 13.23
CA SER C 496 1.24 6.80 12.47
C SER C 496 1.66 8.03 11.68
N GLN C 497 2.59 8.81 12.24
CA GLN C 497 3.07 10.02 11.58
C GLN C 497 3.91 9.64 10.38
N LEU C 498 4.74 8.63 10.56
CA LEU C 498 5.59 8.14 9.48
C LEU C 498 4.72 7.59 8.35
N LEU C 499 3.77 6.72 8.68
CA LEU C 499 2.88 6.14 7.68
C LEU C 499 2.16 7.26 6.91
N SER C 500 1.72 8.27 7.64
CA SER C 500 1.03 9.41 7.02
C SER C 500 1.93 10.16 6.03
N PHE C 501 3.22 10.22 6.32
CA PHE C 501 4.17 10.89 5.44
C PHE C 501 4.26 10.04 4.18
N VAL C 502 4.24 8.73 4.35
CA VAL C 502 4.31 7.82 3.22
C VAL C 502 3.05 7.99 2.36
N ARG C 503 1.92 8.26 3.00
CA ARG C 503 0.70 8.44 2.26
C ARG C 503 0.78 9.76 1.49
N ASP C 504 1.24 10.82 2.16
CA ASP C 504 1.38 12.12 1.51
C ASP C 504 2.32 12.03 0.30
N LEU C 505 3.07 10.94 0.25
CA LEU C 505 4.05 10.75 -0.79
C LEU C 505 3.71 9.88 -1.98
N ASN C 506 2.62 9.11 -1.94
CA ASN C 506 2.36 8.27 -3.11
C ASN C 506 1.87 9.04 -4.32
N GLN C 507 1.33 10.24 -4.11
CA GLN C 507 0.87 11.05 -5.24
C GLN C 507 2.09 11.51 -6.08
N TYR C 508 3.29 11.35 -5.52
CA TYR C 508 4.50 11.75 -6.22
C TYR C 508 5.36 10.55 -6.56
N ARG C 509 4.78 9.36 -6.53
CA ARG C 509 5.55 8.15 -6.86
C ARG C 509 5.97 8.20 -8.33
N ALA C 510 5.11 8.79 -9.16
CA ALA C 510 5.39 8.92 -10.59
C ALA C 510 6.63 9.78 -10.77
N ASP C 511 6.64 10.95 -10.15
CA ASP C 511 7.77 11.85 -10.23
C ASP C 511 9.02 11.13 -9.76
N ILE C 512 8.95 10.51 -8.58
CA ILE C 512 10.10 9.79 -8.04
C ILE C 512 10.61 8.79 -9.06
N LYS C 513 9.69 8.09 -9.72
CA LYS C 513 10.06 7.08 -10.71
C LYS C 513 10.76 7.75 -11.90
N GLU C 514 10.24 8.88 -12.35
CA GLU C 514 10.84 9.60 -13.46
C GLU C 514 12.29 9.99 -13.15
N MET C 515 12.55 10.46 -11.94
CA MET C 515 13.91 10.83 -11.57
C MET C 515 14.78 9.63 -11.33
N GLY C 516 14.25 8.45 -11.67
CA GLY C 516 15.00 7.22 -11.49
C GLY C 516 15.28 6.86 -10.05
N LEU C 517 14.45 7.38 -9.14
CA LEU C 517 14.58 7.14 -7.70
C LEU C 517 13.54 6.15 -7.16
N SER C 518 13.84 5.59 -5.99
CA SER C 518 12.92 4.65 -5.35
C SER C 518 12.42 5.17 -4.01
N LEU C 519 11.24 4.69 -3.60
CA LEU C 519 10.70 5.08 -2.30
C LEU C 519 10.83 3.92 -1.33
N GLN C 520 11.43 2.82 -1.80
CA GLN C 520 11.62 1.61 -1.03
C GLN C 520 12.48 1.77 0.22
N TRP C 521 13.54 2.59 0.15
CA TRP C 521 14.40 2.76 1.32
C TRP C 521 13.66 3.56 2.40
N LEU C 522 12.88 4.56 1.99
CA LEU C 522 12.11 5.34 2.96
C LEU C 522 11.07 4.42 3.57
N TYR C 523 10.48 3.58 2.71
CA TYR C 523 9.45 2.62 3.13
C TYR C 523 10.05 1.68 4.19
N SER C 524 11.22 1.11 3.91
CA SER C 524 11.84 0.21 4.85
C SER C 524 12.31 0.95 6.10
N ALA C 525 12.44 2.27 6.00
CA ALA C 525 12.87 3.05 7.15
C ALA C 525 11.73 3.11 8.16
N ARG C 526 10.52 3.47 7.71
CA ARG C 526 9.42 3.53 8.67
C ARG C 526 9.15 2.14 9.17
N GLY C 527 9.56 1.15 8.38
CA GLY C 527 9.38 -0.23 8.79
C GLY C 527 10.28 -0.48 9.98
N ASP C 528 11.56 -0.15 9.82
CA ASP C 528 12.53 -0.34 10.89
C ASP C 528 12.22 0.49 12.11
N PHE C 529 11.53 1.62 11.95
CA PHE C 529 11.24 2.40 13.12
C PHE C 529 10.20 1.61 13.91
N PHE C 530 9.18 1.13 13.21
CA PHE C 530 8.11 0.36 13.84
C PHE C 530 8.75 -0.81 14.60
N ARG C 531 9.65 -1.54 13.95
CA ARG C 531 10.29 -2.66 14.61
C ARG C 531 10.92 -2.18 15.91
N ALA C 532 11.60 -1.05 15.82
CA ALA C 532 12.29 -0.50 16.97
C ALA C 532 11.35 -0.19 18.09
N THR C 533 10.23 0.45 17.78
CA THR C 533 9.27 0.77 18.83
C THR C 533 8.82 -0.52 19.51
N SER C 534 8.54 -1.53 18.71
CA SER C 534 8.11 -2.82 19.25
C SER C 534 9.17 -3.42 20.16
N ARG C 535 10.43 -3.42 19.72
CA ARG C 535 11.51 -3.95 20.52
C ARG C 535 11.62 -3.24 21.87
N LEU C 536 11.42 -1.92 21.87
CA LEU C 536 11.51 -1.13 23.09
C LEU C 536 10.34 -1.41 24.02
N THR C 537 9.13 -1.52 23.47
CA THR C 537 7.98 -1.81 24.31
C THR C 537 8.14 -3.19 24.93
N THR C 538 8.76 -4.09 24.17
CA THR C 538 9.01 -5.42 24.67
C THR C 538 9.99 -5.34 25.83
N ASP C 539 11.11 -4.65 25.63
CA ASP C 539 12.11 -4.49 26.68
C ASP C 539 11.49 -3.96 27.98
N PHE C 540 10.55 -3.02 27.85
CA PHE C 540 9.88 -2.50 29.03
C PHE C 540 9.10 -3.65 29.65
N GLY C 541 8.31 -4.33 28.82
CA GLY C 541 7.52 -5.47 29.28
C GLY C 541 8.30 -6.46 30.12
N ASN C 542 9.44 -6.93 29.62
CA ASN C 542 10.23 -7.90 30.35
C ASN C 542 11.06 -7.30 31.48
N ALA C 543 10.85 -6.04 31.79
CA ALA C 543 11.64 -5.42 32.84
C ALA C 543 10.90 -5.31 34.17
N GLU C 544 11.67 -5.44 35.25
CA GLU C 544 11.17 -5.33 36.61
C GLU C 544 11.12 -3.84 36.89
N LYS C 545 9.90 -3.29 36.86
CA LYS C 545 9.71 -1.87 37.09
C LYS C 545 10.32 -1.43 38.41
N THR C 546 10.88 -2.36 39.17
CA THR C 546 11.47 -2.03 40.46
C THR C 546 12.98 -1.78 40.39
N ASP C 547 13.63 -2.29 39.34
CA ASP C 547 15.08 -2.10 39.17
C ASP C 547 15.31 -0.71 38.59
N ARG C 548 15.40 0.31 39.44
CA ARG C 548 15.59 1.68 38.99
C ARG C 548 16.78 1.93 38.05
N PHE C 549 17.66 0.94 37.91
CA PHE C 549 18.80 1.10 37.02
C PHE C 549 18.43 0.70 35.61
N VAL C 550 17.90 -0.50 35.43
CA VAL C 550 17.51 -0.98 34.11
C VAL C 550 16.40 -0.09 33.55
N MET C 551 15.59 0.47 34.44
CA MET C 551 14.50 1.34 34.01
C MET C 551 15.04 2.69 33.56
N LYS C 552 16.16 3.10 34.12
CA LYS C 552 16.78 4.37 33.75
C LYS C 552 17.22 4.22 32.30
N LYS C 553 17.93 3.14 32.04
CA LYS C 553 18.44 2.85 30.71
C LYS C 553 17.35 2.89 29.63
N LEU C 554 16.20 2.27 29.89
CA LEU C 554 15.12 2.25 28.91
C LEU C 554 14.52 3.64 28.74
N ASN C 555 14.32 4.36 29.83
CA ASN C 555 13.75 5.69 29.72
C ASN C 555 14.69 6.64 28.99
N ASP C 556 15.98 6.34 29.02
CA ASP C 556 16.93 7.19 28.32
C ASP C 556 16.65 7.08 26.81
N ARG C 557 16.43 5.84 26.34
CA ARG C 557 16.14 5.62 24.94
C ARG C 557 14.89 6.43 24.56
N VAL C 558 13.95 6.53 25.49
CA VAL C 558 12.72 7.26 25.23
C VAL C 558 12.96 8.76 25.09
N MET C 559 13.76 9.32 25.99
CA MET C 559 13.99 10.76 25.94
C MET C 559 14.72 11.19 24.68
N ARG C 560 15.47 10.28 24.09
CA ARG C 560 16.19 10.57 22.86
C ARG C 560 15.33 10.52 21.59
N VAL C 561 14.13 9.99 21.68
CA VAL C 561 13.28 9.89 20.49
C VAL C 561 12.95 11.22 19.86
N GLU C 562 12.44 12.16 20.65
CA GLU C 562 12.09 13.47 20.09
C GLU C 562 13.32 14.16 19.53
N TYR C 563 14.43 14.03 20.26
CA TYR C 563 15.68 14.65 19.85
C TYR C 563 16.21 14.15 18.51
N HIS C 564 16.09 12.86 18.24
CA HIS C 564 16.62 12.31 17.00
C HIS C 564 15.86 12.71 15.74
N PHE C 565 14.80 13.49 15.90
CA PHE C 565 14.03 13.95 14.77
C PHE C 565 14.44 15.39 14.42
N LEU C 566 15.42 15.91 15.17
CA LEU C 566 15.93 17.24 14.88
C LEU C 566 16.94 16.92 13.80
N SER C 567 16.94 17.68 12.71
CA SER C 567 17.88 17.41 11.65
C SER C 567 19.34 17.59 12.06
N PRO C 568 20.16 16.56 11.85
CA PRO C 568 21.57 16.72 12.23
C PRO C 568 22.37 17.28 11.05
N TYR C 569 21.68 17.74 10.00
CA TYR C 569 22.35 18.23 8.81
C TYR C 569 22.24 19.72 8.53
N VAL C 570 21.55 20.46 9.39
CA VAL C 570 21.41 21.88 9.18
C VAL C 570 21.98 22.69 10.36
N SER C 571 22.24 23.96 10.12
CA SER C 571 22.76 24.83 11.17
C SER C 571 21.65 25.30 12.10
N PRO C 572 21.80 25.05 13.40
CA PRO C 572 20.81 25.44 14.39
C PRO C 572 20.69 26.95 14.47
N LYS C 573 21.72 27.67 14.06
CA LYS C 573 21.69 29.12 14.12
C LYS C 573 20.87 29.72 13.00
N GLU C 574 21.10 29.22 11.80
CA GLU C 574 20.38 29.69 10.63
C GLU C 574 19.01 29.02 10.47
N SER C 575 18.87 27.82 11.02
CA SER C 575 17.63 27.05 10.96
C SER C 575 17.34 26.44 12.33
N PRO C 576 16.99 27.27 13.31
CA PRO C 576 16.68 26.79 14.66
C PRO C 576 15.63 25.67 14.73
N PHE C 577 14.59 25.77 13.92
CA PHE C 577 13.53 24.78 13.90
C PHE C 577 13.86 23.55 13.04
N ARG C 578 14.84 22.79 13.52
CA ARG C 578 15.37 21.59 12.91
C ARG C 578 14.53 20.33 12.93
N HIS C 579 13.46 20.32 13.72
CA HIS C 579 12.64 19.12 13.81
C HIS C 579 12.06 18.83 12.43
N VAL C 580 12.42 17.68 11.85
CA VAL C 580 11.93 17.35 10.50
C VAL C 580 10.42 17.19 10.36
N PHE C 581 9.70 17.06 11.48
CA PHE C 581 8.25 16.93 11.42
C PHE C 581 7.57 18.27 11.73
N TRP C 582 8.08 18.99 12.74
CA TRP C 582 7.42 20.23 13.14
C TRP C 582 8.18 21.54 12.95
N GLY C 583 9.38 21.45 12.37
CA GLY C 583 10.17 22.65 12.16
C GLY C 583 9.81 23.46 10.93
N SER C 584 10.77 24.25 10.43
CA SER C 584 10.60 25.08 9.23
C SER C 584 11.91 25.04 8.49
N GLY C 585 11.84 24.94 7.18
CA GLY C 585 13.07 24.86 6.42
C GLY C 585 13.12 23.64 5.50
N SER C 586 14.01 23.69 4.53
CA SER C 586 14.15 22.63 3.55
C SER C 586 14.45 21.25 4.12
N HIS C 587 14.88 21.20 5.38
CA HIS C 587 15.25 19.94 6.03
C HIS C 587 13.98 19.23 6.50
N THR C 588 12.91 20.01 6.54
CA THR C 588 11.59 19.58 6.95
C THR C 588 10.99 18.53 5.98
N LEU C 589 10.14 17.66 6.53
CA LEU C 589 9.46 16.63 5.72
C LEU C 589 8.43 17.33 4.84
N PRO C 590 7.64 18.25 5.42
CA PRO C 590 6.66 18.93 4.55
C PRO C 590 7.38 19.65 3.38
N ALA C 591 8.52 20.27 3.67
CA ALA C 591 9.30 20.99 2.68
C ALA C 591 9.69 20.07 1.52
N LEU C 592 9.91 18.80 1.83
CA LEU C 592 10.25 17.84 0.79
C LEU C 592 9.05 17.67 -0.12
N LEU C 593 7.86 17.65 0.47
CA LEU C 593 6.64 17.52 -0.31
C LEU C 593 6.37 18.81 -1.08
N GLU C 594 6.55 19.94 -0.41
CA GLU C 594 6.31 21.25 -1.02
C GLU C 594 7.13 21.41 -2.32
N ASN C 595 8.36 20.92 -2.31
CA ASN C 595 9.23 20.97 -3.47
C ASN C 595 8.65 20.06 -4.55
N LEU C 596 8.40 18.81 -4.18
CA LEU C 596 7.83 17.82 -5.08
C LEU C 596 6.54 18.30 -5.76
N LYS C 597 5.74 19.08 -5.05
CA LYS C 597 4.50 19.59 -5.61
C LYS C 597 4.78 20.52 -6.80
N LEU C 598 5.92 21.21 -6.76
CA LEU C 598 6.28 22.13 -7.84
C LEU C 598 6.57 21.40 -9.14
N ARG C 599 7.03 20.16 -9.05
CA ARG C 599 7.34 19.38 -10.24
C ARG C 599 6.12 19.17 -11.15
N LYS C 600 4.92 19.50 -10.65
CA LYS C 600 3.72 19.37 -11.46
C LYS C 600 3.82 20.33 -12.63
N GLN C 601 3.68 21.62 -12.37
CA GLN C 601 3.79 22.60 -13.44
C GLN C 601 5.25 22.72 -13.86
N ASN C 602 5.62 21.86 -14.82
CA ASN C 602 6.98 21.76 -15.38
C ASN C 602 7.71 23.06 -15.69
N ASN C 603 7.93 23.88 -14.68
CA ASN C 603 8.60 25.15 -14.86
C ASN C 603 9.47 25.54 -13.68
N GLY C 604 10.77 25.65 -13.96
CA GLY C 604 11.76 26.02 -12.96
C GLY C 604 11.53 25.60 -11.52
N ALA C 605 10.71 26.37 -10.81
CA ALA C 605 10.37 26.14 -9.40
C ALA C 605 11.03 24.91 -8.77
N PHE C 606 10.68 23.72 -9.24
CA PHE C 606 11.24 22.49 -8.74
C PHE C 606 12.76 22.45 -8.78
N ASN C 607 13.39 22.24 -7.63
CA ASN C 607 14.85 22.14 -7.58
C ASN C 607 15.18 20.66 -7.34
N GLU C 608 15.54 19.96 -8.40
CA GLU C 608 15.84 18.53 -8.31
C GLU C 608 17.02 18.15 -7.43
N THR C 609 18.17 18.79 -7.59
CA THR C 609 19.29 18.44 -6.74
C THR C 609 18.92 18.75 -5.29
N LEU C 610 18.16 19.82 -5.05
CA LEU C 610 17.74 20.12 -3.68
C LEU C 610 16.92 18.93 -3.19
N PHE C 611 16.02 18.45 -4.05
CA PHE C 611 15.16 17.33 -3.73
C PHE C 611 15.93 16.04 -3.51
N ARG C 612 16.82 15.70 -4.42
CA ARG C 612 17.55 14.45 -4.26
C ARG C 612 18.26 14.44 -2.92
N ASN C 613 18.67 15.61 -2.46
CA ASN C 613 19.35 15.71 -1.16
C ASN C 613 18.32 15.62 -0.04
N GLN C 614 17.21 16.33 -0.22
CA GLN C 614 16.13 16.33 0.76
C GLN C 614 15.74 14.89 1.08
N LEU C 615 15.60 14.09 0.04
CA LEU C 615 15.20 12.70 0.17
C LEU C 615 16.26 11.89 0.89
N ALA C 616 17.50 11.99 0.43
CA ALA C 616 18.58 11.23 1.05
C ALA C 616 18.67 11.50 2.55
N LEU C 617 18.49 12.75 2.96
CA LEU C 617 18.59 13.10 4.37
C LEU C 617 17.37 12.72 5.20
N ALA C 618 16.18 13.02 4.70
CA ALA C 618 14.98 12.65 5.46
C ALA C 618 15.02 11.13 5.64
N THR C 619 15.37 10.41 4.57
CA THR C 619 15.42 8.96 4.66
C THR C 619 16.37 8.54 5.75
N TRP C 620 17.59 9.06 5.73
CA TRP C 620 18.52 8.63 6.74
C TRP C 620 18.23 9.17 8.14
N THR C 621 17.58 10.33 8.23
CA THR C 621 17.29 10.84 9.55
C THR C 621 16.35 9.86 10.20
N ILE C 622 15.47 9.27 9.40
CA ILE C 622 14.52 8.29 9.91
C ILE C 622 15.18 6.94 10.21
N GLN C 623 15.97 6.39 9.29
CA GLN C 623 16.62 5.12 9.59
C GLN C 623 17.48 5.24 10.83
N GLY C 624 18.09 6.42 10.98
CA GLY C 624 18.96 6.65 12.11
C GLY C 624 18.16 6.67 13.39
N ALA C 625 17.01 7.35 13.37
CA ALA C 625 16.18 7.42 14.58
C ALA C 625 15.80 6.02 14.99
N ALA C 626 15.61 5.16 14.00
CA ALA C 626 15.21 3.78 14.24
C ALA C 626 16.37 2.96 14.78
N ASN C 627 17.52 3.09 14.16
CA ASN C 627 18.67 2.33 14.61
C ASN C 627 19.11 2.70 16.01
N ALA C 628 18.74 3.88 16.47
CA ALA C 628 19.12 4.32 17.80
C ALA C 628 18.08 3.82 18.77
N LEU C 629 16.82 3.94 18.36
CA LEU C 629 15.73 3.50 19.21
C LEU C 629 15.82 2.02 19.52
N SER C 630 16.32 1.24 18.57
CA SER C 630 16.44 -0.20 18.73
C SER C 630 17.51 -0.59 19.75
N GLY C 631 18.39 0.34 20.08
CA GLY C 631 19.45 0.12 21.04
C GLY C 631 20.71 -0.57 20.56
N ASP C 632 21.84 -0.17 21.15
CA ASP C 632 23.17 -0.73 20.87
C ASP C 632 23.55 -1.01 19.42
N VAL C 633 24.46 -0.20 18.87
CA VAL C 633 24.90 -0.34 17.49
C VAL C 633 25.02 -1.77 17.00
N TRP C 634 25.78 -2.60 17.73
CA TRP C 634 25.95 -3.99 17.32
C TRP C 634 24.67 -4.82 17.23
N ASP C 635 23.59 -4.35 17.85
CA ASP C 635 22.32 -5.08 17.80
C ASP C 635 21.36 -4.49 16.79
N ILE C 636 21.87 -4.10 15.62
CA ILE C 636 20.99 -3.54 14.60
C ILE C 636 20.72 -4.56 13.47
N ARG D 4 37.49 38.89 70.95
CA ARG D 4 38.31 37.82 70.31
C ARG D 4 37.82 37.49 68.90
N SER D 5 38.46 38.09 67.90
CA SER D 5 38.09 37.89 66.51
C SER D 5 39.12 37.00 65.80
N HIS D 6 38.62 36.09 64.97
CA HIS D 6 39.49 35.18 64.23
C HIS D 6 39.59 35.64 62.79
N SER D 7 40.55 35.11 62.05
CA SER D 7 40.71 35.50 60.67
C SER D 7 41.27 34.40 59.79
N LEU D 8 40.85 34.45 58.54
CA LEU D 8 41.30 33.51 57.52
C LEU D 8 41.69 34.40 56.37
N HIS D 9 42.87 34.18 55.80
CA HIS D 9 43.28 34.97 54.66
C HIS D 9 44.35 34.27 53.85
N TYR D 10 44.28 34.46 52.53
CA TYR D 10 45.24 33.84 51.65
C TYR D 10 46.12 34.90 51.03
N LEU D 11 47.36 34.53 50.75
CA LEU D 11 48.32 35.43 50.14
C LEU D 11 48.79 34.79 48.85
N PHE D 12 48.85 35.61 47.80
CA PHE D 12 49.29 35.15 46.49
C PHE D 12 50.39 36.06 46.00
N MET D 13 51.37 35.46 45.33
CA MET D 13 52.50 36.22 44.83
C MET D 13 53.02 35.63 43.54
N GLY D 14 53.10 36.46 42.50
CA GLY D 14 53.61 35.99 41.22
C GLY D 14 54.56 36.96 40.53
N ALA D 15 55.41 36.40 39.68
CA ALA D 15 56.38 37.20 38.94
C ALA D 15 56.20 36.85 37.48
N SER D 16 56.36 37.84 36.62
CA SER D 16 56.18 37.61 35.19
C SER D 16 57.33 36.85 34.51
N GLU D 17 58.38 37.56 34.12
CA GLU D 17 59.50 36.95 33.43
C GLU D 17 59.88 35.53 33.82
N GLN D 18 59.96 35.26 35.11
CA GLN D 18 60.35 33.93 35.58
C GLN D 18 59.23 32.90 35.54
N ASP D 19 59.53 31.76 34.91
CA ASP D 19 58.62 30.60 34.77
C ASP D 19 58.79 29.90 33.41
N LEU D 20 57.91 28.92 33.17
CA LEU D 20 57.98 28.17 31.92
C LEU D 20 56.62 27.63 31.47
N GLY D 21 55.57 27.84 32.26
CA GLY D 21 54.26 27.33 31.86
C GLY D 21 53.00 27.93 32.46
N LEU D 22 52.69 29.17 32.08
CA LEU D 22 51.50 29.90 32.56
C LEU D 22 51.20 29.62 34.02
N SER D 23 50.16 30.25 34.56
CA SER D 23 49.83 30.05 35.98
C SER D 23 51.08 30.54 36.71
N LEU D 24 51.04 31.74 37.26
CA LEU D 24 52.23 32.29 37.89
C LEU D 24 52.25 32.45 39.41
N PHE D 25 51.23 31.98 40.10
CA PHE D 25 51.22 32.23 41.53
C PHE D 25 51.44 31.10 42.52
N GLU D 26 51.99 31.49 43.68
CA GLU D 26 52.23 30.61 44.80
C GLU D 26 51.29 31.20 45.84
N ALA D 27 50.79 30.39 46.76
CA ALA D 27 49.88 30.94 47.76
C ALA D 27 50.13 30.44 49.17
N LEU D 28 49.64 31.23 50.12
CA LEU D 28 49.78 30.92 51.53
C LEU D 28 48.43 31.06 52.21
N GLY D 29 48.09 30.07 53.03
CA GLY D 29 46.83 30.12 53.74
C GLY D 29 47.07 30.33 55.22
N TYR D 30 46.40 31.31 55.81
CA TYR D 30 46.57 31.59 57.23
C TYR D 30 45.25 31.65 57.97
N VAL D 31 45.19 30.94 59.09
CA VAL D 31 44.01 30.96 59.94
C VAL D 31 44.56 31.54 61.23
N ASP D 32 43.98 32.66 61.66
CA ASP D 32 44.45 33.33 62.87
C ASP D 32 45.97 33.50 62.81
N ASP D 33 46.44 34.04 61.69
CA ASP D 33 47.86 34.28 61.49
C ASP D 33 48.73 33.05 61.72
N GLN D 34 48.18 31.89 61.32
CA GLN D 34 48.87 30.61 61.46
C GLN D 34 48.93 29.94 60.10
N LEU D 35 50.09 29.95 59.48
CA LEU D 35 50.25 29.33 58.16
C LEU D 35 49.81 27.87 58.21
N PHE D 36 48.79 27.50 57.43
CA PHE D 36 48.33 26.13 57.43
C PHE D 36 48.42 25.43 56.09
N VAL D 37 48.63 26.20 55.04
CA VAL D 37 48.73 25.60 53.70
C VAL D 37 49.62 26.39 52.75
N PHE D 38 50.22 25.68 51.80
CA PHE D 38 51.12 26.31 50.84
C PHE D 38 51.04 25.72 49.43
N TYR D 39 50.69 26.58 48.48
CA TYR D 39 50.57 26.20 47.06
C TYR D 39 51.86 26.64 46.39
N ASP D 40 52.70 25.69 46.01
CA ASP D 40 53.99 26.00 45.41
C ASP D 40 54.04 26.17 43.89
N HIS D 41 55.21 26.60 43.43
CA HIS D 41 55.51 26.83 42.02
C HIS D 41 55.81 25.53 41.29
N GLU D 42 56.91 24.90 41.69
CA GLU D 42 57.34 23.64 41.10
C GLU D 42 56.38 22.54 41.56
N SER D 43 55.87 21.76 40.61
CA SER D 43 54.93 20.68 40.92
C SER D 43 53.71 21.28 41.62
N ARG D 44 53.01 22.16 40.92
CA ARG D 44 51.84 22.84 41.45
C ARG D 44 50.95 22.01 42.37
N ARG D 45 51.40 21.81 43.61
CA ARG D 45 50.63 21.03 44.57
C ARG D 45 50.44 21.74 45.90
N VAL D 46 49.38 21.37 46.61
CA VAL D 46 49.02 21.95 47.88
C VAL D 46 49.47 21.16 49.11
N GLU D 47 50.60 21.55 49.69
CA GLU D 47 51.13 20.88 50.87
C GLU D 47 50.68 21.57 52.15
N PRO D 48 50.57 20.81 53.25
CA PRO D 48 50.15 21.42 54.51
C PRO D 48 51.33 22.01 55.28
N ARG D 49 50.99 22.85 56.25
CA ARG D 49 51.97 23.50 57.12
C ARG D 49 51.33 23.36 58.48
N THR D 50 52.09 22.87 59.46
CA THR D 50 51.56 22.68 60.81
C THR D 50 50.81 21.35 60.87
N PRO D 51 51.14 20.52 61.86
CA PRO D 51 50.56 19.19 62.12
C PRO D 51 49.05 19.10 62.33
N TRP D 52 48.45 20.11 62.95
CA TRP D 52 47.01 20.03 63.20
C TRP D 52 46.17 20.07 61.93
N VAL D 53 46.78 20.45 60.80
CA VAL D 53 46.04 20.51 59.54
C VAL D 53 46.37 19.29 58.68
N SER D 54 47.63 18.86 58.74
CA SER D 54 48.10 17.71 57.97
C SER D 54 47.59 16.41 58.60
N SER D 55 46.55 16.51 59.41
CA SER D 55 45.96 15.36 60.06
C SER D 55 44.49 15.61 60.35
N ARG D 56 44.18 16.70 61.05
CA ARG D 56 42.79 17.03 61.39
C ARG D 56 41.92 17.42 60.21
N ILE D 57 42.53 17.96 59.15
CA ILE D 57 41.76 18.37 57.97
C ILE D 57 41.29 17.15 57.18
N SER D 58 39.97 17.03 57.03
CA SER D 58 39.37 15.93 56.30
C SER D 58 39.78 15.92 54.84
N SER D 59 39.71 14.74 54.22
CA SER D 59 40.09 14.58 52.82
C SER D 59 39.19 15.48 51.97
N GLN D 60 37.97 15.67 52.43
CA GLN D 60 36.99 16.50 51.74
C GLN D 60 37.45 17.96 51.71
N MET D 61 37.58 18.55 52.90
CA MET D 61 38.02 19.95 53.02
C MET D 61 39.29 20.24 52.26
N TRP D 62 40.21 19.29 52.24
CA TRP D 62 41.45 19.51 51.55
C TRP D 62 41.26 19.66 50.05
N LEU D 63 40.30 18.90 49.51
CA LEU D 63 40.01 18.95 48.08
C LEU D 63 39.53 20.38 47.77
N GLN D 64 38.53 20.83 48.54
CA GLN D 64 37.97 22.16 48.37
C GLN D 64 39.10 23.18 48.41
N LEU D 65 40.00 23.01 49.36
CA LEU D 65 41.13 23.91 49.51
C LEU D 65 42.05 23.89 48.30
N SER D 66 42.40 22.69 47.85
CA SER D 66 43.28 22.56 46.70
C SER D 66 42.70 23.25 45.49
N GLN D 67 41.43 22.99 45.23
CA GLN D 67 40.78 23.59 44.08
C GLN D 67 40.72 25.11 44.18
N SER D 68 40.27 25.62 45.31
CA SER D 68 40.19 27.07 45.48
C SER D 68 41.54 27.72 45.20
N LEU D 69 42.62 27.08 45.63
CA LEU D 69 43.95 27.63 45.41
C LEU D 69 44.38 27.57 43.95
N LYS D 70 44.17 26.42 43.32
CA LYS D 70 44.53 26.29 41.91
C LYS D 70 43.67 27.25 41.10
N GLY D 71 42.41 27.38 41.50
CA GLY D 71 41.51 28.28 40.80
C GLY D 71 42.03 29.70 40.89
N TRP D 72 42.27 30.16 42.12
CA TRP D 72 42.76 31.50 42.34
C TRP D 72 44.04 31.73 41.54
N ASP D 73 44.86 30.69 41.43
CA ASP D 73 46.08 30.80 40.68
C ASP D 73 45.70 31.26 39.27
N HIS D 74 44.89 30.45 38.60
CA HIS D 74 44.41 30.74 37.25
C HIS D 74 43.74 32.11 37.13
N MET D 75 42.83 32.40 38.05
CA MET D 75 42.13 33.68 38.02
C MET D 75 43.08 34.86 38.14
N PHE D 76 44.04 34.76 39.06
CA PHE D 76 44.99 35.84 39.26
C PHE D 76 45.99 35.90 38.11
N THR D 77 46.30 34.76 37.51
CA THR D 77 47.23 34.76 36.40
C THR D 77 46.66 35.61 35.26
N VAL D 78 45.35 35.52 35.06
CA VAL D 78 44.67 36.28 34.02
C VAL D 78 44.76 37.75 34.40
N ASP D 79 44.36 38.09 35.63
CA ASP D 79 44.40 39.46 36.12
C ASP D 79 45.78 40.09 36.00
N PHE D 80 46.81 39.31 36.32
CA PHE D 80 48.18 39.77 36.25
C PHE D 80 48.45 40.15 34.79
N TRP D 81 48.10 39.28 33.85
CA TRP D 81 48.31 39.57 32.44
C TRP D 81 47.57 40.83 32.04
N THR D 82 46.33 40.94 32.51
CA THR D 82 45.49 42.10 32.22
C THR D 82 46.17 43.37 32.69
N ILE D 83 46.52 43.40 33.97
CA ILE D 83 47.16 44.57 34.55
C ILE D 83 48.48 44.92 33.86
N MET D 84 49.34 43.95 33.57
CA MET D 84 50.58 44.27 32.90
C MET D 84 50.30 44.97 31.60
N GLU D 85 49.40 44.40 30.81
CA GLU D 85 49.02 44.94 29.51
C GLU D 85 48.43 46.34 29.58
N ASN D 86 47.69 46.65 30.64
CA ASN D 86 47.11 48.00 30.76
C ASN D 86 48.17 49.02 31.19
N HIS D 87 49.41 48.56 31.32
CA HIS D 87 50.56 49.38 31.70
C HIS D 87 51.53 49.33 30.53
N ASN D 88 51.14 48.64 29.46
CA ASN D 88 52.00 48.48 28.31
C ASN D 88 53.26 47.73 28.71
N HIS D 89 53.17 46.93 29.77
CA HIS D 89 54.30 46.14 30.25
C HIS D 89 54.33 44.77 29.57
N SER D 90 55.52 44.23 29.34
CA SER D 90 55.63 42.92 28.70
C SER D 90 57.05 42.36 28.75
N LYS D 91 57.97 43.04 28.07
CA LYS D 91 59.37 42.64 28.03
C LYS D 91 60.04 42.99 29.36
N GLU D 92 59.19 43.35 30.32
CA GLU D 92 59.63 43.73 31.66
C GLU D 92 59.27 42.64 32.67
N SER D 93 59.96 42.64 33.81
CA SER D 93 59.68 41.68 34.86
C SER D 93 58.96 42.44 35.95
N HIS D 94 57.73 42.02 36.23
CA HIS D 94 56.93 42.69 37.25
C HIS D 94 56.42 41.67 38.26
N THR D 95 55.64 42.14 39.22
CA THR D 95 55.11 41.25 40.24
C THR D 95 53.70 41.66 40.58
N LEU D 96 52.87 40.67 40.89
CA LEU D 96 51.49 40.93 41.30
C LEU D 96 51.32 40.13 42.58
N GLN D 97 50.66 40.75 43.55
CA GLN D 97 50.43 40.10 44.83
C GLN D 97 48.99 40.38 45.20
N VAL D 98 48.36 39.38 45.82
CA VAL D 98 46.98 39.53 46.21
C VAL D 98 46.81 39.00 47.62
N ILE D 99 45.98 39.68 48.39
CA ILE D 99 45.67 39.26 49.73
C ILE D 99 44.17 39.35 49.83
N LEU D 100 43.56 38.27 50.31
CA LEU D 100 42.11 38.25 50.44
C LEU D 100 41.76 37.38 51.63
N GLY D 101 40.70 37.74 52.32
CA GLY D 101 40.29 36.97 53.46
C GLY D 101 39.14 37.64 54.16
N CYS D 102 38.77 37.09 55.30
CA CYS D 102 37.67 37.62 56.08
C CYS D 102 38.08 37.63 57.55
N GLU D 103 37.46 38.51 58.32
CA GLU D 103 37.75 38.62 59.74
C GLU D 103 36.43 38.54 60.49
N MET D 104 36.32 37.53 61.35
CA MET D 104 35.10 37.30 62.11
C MET D 104 35.20 37.82 63.54
N GLN D 105 34.26 38.67 63.93
CA GLN D 105 34.24 39.24 65.28
C GLN D 105 33.55 38.33 66.27
N GLU D 106 33.70 38.64 67.55
CA GLU D 106 33.10 37.84 68.62
C GLU D 106 31.63 37.57 68.33
N ASP D 107 30.90 38.61 67.93
CA ASP D 107 29.48 38.50 67.62
C ASP D 107 29.22 37.77 66.31
N ASN D 108 30.29 37.20 65.74
CA ASN D 108 30.22 36.45 64.48
C ASN D 108 30.12 37.30 63.21
N SER D 109 29.91 38.61 63.33
CA SER D 109 29.82 39.47 62.16
C SER D 109 31.13 39.35 61.40
N THR D 110 31.08 39.52 60.08
CA THR D 110 32.30 39.40 59.28
C THR D 110 32.64 40.61 58.43
N GLU D 111 33.96 40.77 58.20
CA GLU D 111 34.51 41.85 57.39
C GLU D 111 35.39 41.15 56.34
N GLY D 112 35.22 41.51 55.08
CA GLY D 112 36.04 40.88 54.06
C GLY D 112 36.95 41.83 53.33
N TYR D 113 38.01 41.31 52.74
CA TYR D 113 38.95 42.13 51.99
C TYR D 113 39.60 41.39 50.83
N TRP D 114 40.01 42.16 49.82
CA TRP D 114 40.62 41.63 48.60
C TRP D 114 41.48 42.78 48.04
N LYS D 115 42.79 42.60 48.00
CA LYS D 115 43.69 43.64 47.50
C LYS D 115 44.70 43.16 46.47
N TYR D 116 45.03 44.04 45.52
CA TYR D 116 46.01 43.73 44.50
C TYR D 116 47.21 44.65 44.65
N GLY D 117 48.41 44.08 44.56
CA GLY D 117 49.61 44.86 44.68
C GLY D 117 50.46 44.68 43.44
N TYR D 118 50.55 45.73 42.64
CA TYR D 118 51.34 45.65 41.43
C TYR D 118 52.73 46.17 41.75
N ASP D 119 53.74 45.37 41.42
CA ASP D 119 55.13 45.71 41.66
C ASP D 119 55.39 46.25 43.08
N GLY D 120 54.77 45.62 44.07
CA GLY D 120 54.99 46.05 45.45
C GLY D 120 54.27 47.29 45.94
N GLN D 121 53.22 47.70 45.24
CA GLN D 121 52.50 48.89 45.69
C GLN D 121 51.00 48.75 45.51
N ASP D 122 50.24 49.39 46.40
CA ASP D 122 48.80 49.35 46.31
C ASP D 122 48.33 49.68 44.90
N HIS D 123 47.45 48.86 44.36
CA HIS D 123 46.93 49.08 43.02
C HIS D 123 45.42 49.16 43.02
N LEU D 124 44.77 48.08 43.46
CA LEU D 124 43.31 48.04 43.50
C LEU D 124 42.84 47.40 44.80
N GLU D 125 41.84 48.03 45.41
CA GLU D 125 41.26 47.53 46.64
C GLU D 125 39.77 47.27 46.41
N PHE D 126 39.34 46.03 46.60
CA PHE D 126 37.95 45.69 46.39
C PHE D 126 37.06 46.25 47.47
N CYS D 127 35.96 46.89 47.06
CA CYS D 127 35.01 47.47 48.00
C CYS D 127 33.67 46.74 47.84
N PRO D 128 33.42 45.74 48.69
CA PRO D 128 32.21 44.92 48.69
C PRO D 128 30.89 45.68 48.76
N ASP D 129 30.81 46.68 49.63
CA ASP D 129 29.57 47.44 49.79
C ASP D 129 29.12 48.27 48.60
N THR D 130 29.99 48.40 47.60
CA THR D 130 29.66 49.16 46.41
C THR D 130 29.99 48.42 45.12
N LEU D 131 30.29 47.13 45.26
CA LEU D 131 30.62 46.27 44.14
C LEU D 131 31.58 46.90 43.14
N ASP D 132 32.56 47.63 43.64
CA ASP D 132 33.55 48.24 42.76
C ASP D 132 34.95 48.16 43.36
N TRP D 133 35.91 48.78 42.69
CA TRP D 133 37.29 48.79 43.15
C TRP D 133 37.77 50.25 43.22
N ARG D 134 38.77 50.50 44.06
CA ARG D 134 39.33 51.85 44.17
C ARG D 134 40.78 51.78 43.71
N ALA D 135 41.09 52.54 42.66
CA ALA D 135 42.44 52.55 42.14
C ALA D 135 43.35 53.34 43.06
N ALA D 136 44.44 52.72 43.48
CA ALA D 136 45.40 53.36 44.38
C ALA D 136 46.28 54.36 43.63
N GLU D 137 46.26 54.29 42.31
CA GLU D 137 47.07 55.20 41.52
C GLU D 137 46.46 55.30 40.11
N PRO D 138 46.78 56.38 39.39
CA PRO D 138 46.27 56.59 38.02
C PRO D 138 46.39 55.41 37.05
N ARG D 139 47.55 54.78 37.01
CA ARG D 139 47.75 53.67 36.09
C ARG D 139 46.87 52.45 36.38
N ALA D 140 46.11 52.50 37.48
CA ALA D 140 45.23 51.41 37.88
C ALA D 140 43.82 51.61 37.36
N TRP D 141 43.48 52.84 37.02
CA TRP D 141 42.14 53.15 36.52
C TRP D 141 41.67 52.35 35.30
N PRO D 142 42.58 52.04 34.36
CA PRO D 142 42.11 51.26 33.21
C PRO D 142 41.45 49.98 33.70
N THR D 143 42.22 49.19 34.46
CA THR D 143 41.75 47.93 35.02
C THR D 143 40.52 48.16 35.89
N LYS D 144 40.50 49.26 36.63
CA LYS D 144 39.35 49.54 37.48
C LYS D 144 38.10 49.49 36.63
N LEU D 145 38.10 50.29 35.57
CA LEU D 145 36.95 50.37 34.67
C LEU D 145 36.66 49.05 33.98
N GLU D 146 37.70 48.45 33.40
CA GLU D 146 37.53 47.18 32.69
C GLU D 146 36.79 46.14 33.53
N TRP D 147 37.05 46.13 34.83
CA TRP D 147 36.40 45.16 35.71
C TRP D 147 35.00 45.58 36.10
N GLU D 148 34.77 46.87 36.19
CA GLU D 148 33.45 47.33 36.61
C GLU D 148 32.37 47.29 35.53
N ARG D 149 32.77 47.11 34.27
CA ARG D 149 31.79 47.04 33.18
C ARG D 149 31.16 45.66 33.27
N HIS D 150 32.03 44.67 33.46
CA HIS D 150 31.67 43.26 33.57
C HIS D 150 30.51 43.01 34.53
N LYS D 151 30.57 43.63 35.71
CA LYS D 151 29.53 43.48 36.73
C LYS D 151 29.55 42.12 37.46
N ILE D 152 29.82 41.05 36.72
CA ILE D 152 29.86 39.70 37.28
C ILE D 152 30.96 39.56 38.33
N ARG D 153 32.19 39.85 37.92
CA ARG D 153 33.35 39.78 38.80
C ARG D 153 33.10 40.25 40.23
N ALA D 154 32.65 41.49 40.38
CA ALA D 154 32.36 42.05 41.70
C ALA D 154 31.37 41.20 42.49
N ARG D 155 30.24 40.86 41.88
CA ARG D 155 29.25 40.07 42.58
C ARG D 155 29.84 38.75 43.06
N GLN D 156 30.69 38.14 42.25
CA GLN D 156 31.31 36.87 42.63
C GLN D 156 32.25 37.08 43.80
N ASN D 157 33.15 38.05 43.68
CA ASN D 157 34.11 38.34 44.75
C ASN D 157 33.39 38.58 46.07
N ARG D 158 32.29 39.32 46.02
CA ARG D 158 31.52 39.61 47.23
C ARG D 158 30.95 38.32 47.79
N ALA D 159 30.36 37.52 46.91
CA ALA D 159 29.78 36.25 47.33
C ALA D 159 30.81 35.44 48.10
N TYR D 160 32.05 35.41 47.61
CA TYR D 160 33.08 34.65 48.30
C TYR D 160 33.36 35.20 49.70
N LEU D 161 33.63 36.49 49.76
CA LEU D 161 33.93 37.12 51.04
C LEU D 161 32.76 37.04 52.02
N GLU D 162 31.55 37.26 51.54
CA GLU D 162 30.38 37.24 52.41
C GLU D 162 29.91 35.85 52.83
N ARG D 163 29.89 34.92 51.89
CA ARG D 163 29.40 33.57 52.17
C ARG D 163 30.46 32.52 52.43
N ASP D 164 31.19 32.16 51.40
CA ASP D 164 32.20 31.12 51.50
C ASP D 164 33.31 31.29 52.53
N CYS D 165 34.13 32.35 52.38
CA CYS D 165 35.25 32.61 53.30
C CYS D 165 34.85 32.38 54.78
N PRO D 166 33.85 33.10 55.29
CA PRO D 166 33.41 32.93 56.67
C PRO D 166 33.17 31.47 57.00
N ALA D 167 32.44 30.79 56.11
CA ALA D 167 32.11 29.39 56.28
C ALA D 167 33.35 28.52 56.44
N GLN D 168 34.35 28.72 55.57
CA GLN D 168 35.56 27.92 55.64
C GLN D 168 36.39 28.25 56.87
N LEU D 169 36.23 29.47 57.38
CA LEU D 169 36.96 29.86 58.59
C LEU D 169 36.40 29.06 59.76
N GLN D 170 35.08 28.93 59.79
CA GLN D 170 34.39 28.17 60.83
C GLN D 170 34.96 26.75 60.87
N GLN D 171 34.89 26.06 59.74
CA GLN D 171 35.39 24.69 59.62
C GLN D 171 36.80 24.57 60.17
N LEU D 172 37.65 25.54 59.83
CA LEU D 172 39.04 25.54 60.26
C LEU D 172 39.20 25.74 61.76
N LEU D 173 38.29 26.51 62.36
CA LEU D 173 38.36 26.75 63.79
C LEU D 173 37.99 25.50 64.58
N GLU D 174 36.80 24.96 64.34
CA GLU D 174 36.35 23.75 65.04
C GLU D 174 37.46 22.71 64.91
N LEU D 175 38.01 22.61 63.70
CA LEU D 175 39.06 21.67 63.37
C LEU D 175 40.36 22.01 64.09
N GLY D 176 40.43 23.22 64.65
CA GLY D 176 41.62 23.66 65.34
C GLY D 176 41.60 23.62 66.86
N ARG D 177 40.45 23.88 67.45
CA ARG D 177 40.32 23.89 68.91
C ARG D 177 41.27 22.89 69.56
N GLY D 178 42.41 23.39 70.04
CA GLY D 178 43.38 22.52 70.67
C GLY D 178 44.82 22.88 70.40
N VAL D 179 45.18 22.99 69.11
CA VAL D 179 46.56 23.32 68.74
C VAL D 179 46.66 24.71 68.11
N LEU D 180 45.52 25.31 67.81
CA LEU D 180 45.51 26.63 67.20
C LEU D 180 45.42 27.72 68.25
N ASP D 181 44.77 27.40 69.36
CA ASP D 181 44.61 28.35 70.46
C ASP D 181 45.55 27.96 71.61
N GLN D 182 46.37 26.95 71.34
CA GLN D 182 47.35 26.45 72.30
C GLN D 182 48.48 27.47 72.41
N GLN D 183 48.38 28.36 73.40
CA GLN D 183 49.38 29.40 73.61
C GLN D 183 50.45 29.08 74.65
N VAL D 184 51.72 29.17 74.24
CA VAL D 184 52.85 28.91 75.12
C VAL D 184 53.53 30.21 75.57
N PRO D 185 53.75 30.36 76.89
CA PRO D 185 54.38 31.55 77.46
C PRO D 185 55.86 31.68 77.08
N PRO D 186 56.39 32.90 77.11
CA PRO D 186 57.79 33.22 76.79
C PRO D 186 58.81 33.02 77.90
N LEU D 187 60.04 32.67 77.50
CA LEU D 187 61.13 32.49 78.46
C LEU D 187 61.98 33.76 78.40
N VAL D 188 61.64 34.74 79.23
CA VAL D 188 62.36 36.01 79.27
C VAL D 188 63.76 35.94 79.93
N LYS D 189 64.74 36.57 79.29
CA LYS D 189 66.11 36.59 79.79
C LYS D 189 66.84 37.92 79.53
N VAL D 190 67.06 38.68 80.60
CA VAL D 190 67.76 39.97 80.50
C VAL D 190 69.29 39.74 80.52
N THR D 191 69.95 40.14 79.45
CA THR D 191 71.41 40.02 79.35
C THR D 191 71.95 41.44 79.25
N HIS D 192 73.25 41.61 78.98
CA HIS D 192 73.80 42.96 78.87
C HIS D 192 75.28 43.04 78.49
N HIS D 193 75.57 43.85 77.49
CA HIS D 193 76.92 44.07 76.98
C HIS D 193 77.46 45.37 77.55
N VAL D 194 78.67 45.32 78.08
CA VAL D 194 79.28 46.50 78.68
C VAL D 194 80.53 47.02 77.98
N THR D 195 80.71 48.34 78.03
CA THR D 195 81.86 49.03 77.46
C THR D 195 82.05 50.31 78.30
N SER D 196 83.19 50.96 78.12
CA SER D 196 83.47 52.19 78.86
C SER D 196 82.45 53.23 78.40
N SER D 197 82.19 53.23 77.09
CA SER D 197 81.23 54.13 76.47
C SER D 197 79.93 54.12 77.27
N VAL D 198 79.30 52.95 77.31
CA VAL D 198 78.04 52.75 78.00
C VAL D 198 77.74 51.27 78.13
N THR D 199 76.71 50.92 78.89
CA THR D 199 76.31 49.54 79.06
C THR D 199 74.93 49.31 78.41
N THR D 200 74.88 48.36 77.49
CA THR D 200 73.64 48.07 76.79
C THR D 200 72.94 46.85 77.38
N LEU D 201 71.64 46.99 77.65
CA LEU D 201 70.83 45.91 78.21
C LEU D 201 69.93 45.27 77.14
N ARG D 202 69.92 43.94 77.07
CA ARG D 202 69.10 43.22 76.10
C ARG D 202 68.14 42.26 76.80
N CYS D 203 66.85 42.49 76.64
CA CYS D 203 65.83 41.64 77.24
C CYS D 203 65.13 40.77 76.19
N ARG D 204 65.52 39.50 76.07
CA ARG D 204 64.92 38.60 75.08
C ARG D 204 63.77 37.74 75.62
N ALA D 205 62.65 37.70 74.90
CA ALA D 205 61.50 36.87 75.28
C ALA D 205 61.62 35.69 74.32
N LEU D 206 62.02 34.54 74.84
CA LEU D 206 62.23 33.36 74.00
C LEU D 206 61.07 32.37 73.78
N ASN D 207 61.22 31.62 72.70
CA ASN D 207 60.31 30.57 72.25
C ASN D 207 58.86 30.64 72.73
N TYR D 208 58.12 31.63 72.24
CA TYR D 208 56.72 31.77 72.64
C TYR D 208 55.77 31.70 71.45
N TYR D 209 54.47 31.76 71.75
CA TYR D 209 53.41 31.70 70.76
C TYR D 209 52.11 32.05 71.49
N PRO D 210 51.22 32.83 70.86
CA PRO D 210 51.34 33.41 69.51
C PRO D 210 52.42 34.48 69.41
N GLN D 211 52.25 35.42 68.49
CA GLN D 211 53.23 36.48 68.27
C GLN D 211 53.00 37.73 69.11
N ASN D 212 51.74 38.03 69.41
CA ASN D 212 51.45 39.22 70.21
C ASN D 212 52.09 39.09 71.58
N ILE D 213 52.82 40.13 71.98
CA ILE D 213 53.50 40.16 73.26
C ILE D 213 53.88 41.60 73.61
N THR D 214 54.10 41.87 74.90
CA THR D 214 54.46 43.20 75.36
C THR D 214 55.79 43.22 76.10
N MET D 215 56.72 44.05 75.62
CA MET D 215 58.02 44.16 76.26
C MET D 215 58.40 45.61 76.49
N LYS D 216 58.54 46.00 77.76
CA LYS D 216 58.93 47.36 78.11
C LYS D 216 59.87 47.38 79.30
N TRP D 217 60.79 48.36 79.32
CA TRP D 217 61.76 48.48 80.41
C TRP D 217 61.19 49.22 81.62
N LEU D 218 61.71 48.88 82.80
CA LEU D 218 61.28 49.51 84.04
C LEU D 218 62.47 50.07 84.83
N LYS D 219 62.54 51.39 84.93
CA LYS D 219 63.61 52.06 85.66
C LYS D 219 63.20 52.21 87.13
N ASP D 220 64.02 51.66 88.03
CA ASP D 220 63.73 51.70 89.46
C ASP D 220 62.35 51.10 89.72
N LYS D 221 62.04 50.04 88.98
CA LYS D 221 60.75 49.35 89.11
C LYS D 221 59.58 50.26 88.74
N GLN D 222 59.83 51.23 87.85
CA GLN D 222 58.80 52.16 87.41
C GLN D 222 58.74 52.19 85.88
N PRO D 223 57.59 52.59 85.33
CA PRO D 223 57.41 52.65 83.87
C PRO D 223 58.10 53.83 83.17
N MET D 224 59.05 53.52 82.29
CA MET D 224 59.76 54.54 81.53
C MET D 224 58.87 54.92 80.35
N ASP D 225 59.31 55.85 79.52
CA ASP D 225 58.52 56.26 78.36
C ASP D 225 58.90 55.43 77.13
N ALA D 226 57.93 55.23 76.23
CA ALA D 226 58.16 54.45 75.02
C ALA D 226 59.27 55.04 74.17
N LYS D 227 59.52 56.35 74.36
CA LYS D 227 60.55 57.08 73.63
C LYS D 227 61.96 56.63 73.98
N GLU D 228 62.13 56.09 75.19
CA GLU D 228 63.43 55.61 75.67
C GLU D 228 64.03 54.45 74.88
N PHE D 229 63.18 53.53 74.44
CA PHE D 229 63.63 52.37 73.69
C PHE D 229 62.85 52.21 72.40
N GLU D 230 63.40 51.40 71.49
CA GLU D 230 62.74 51.12 70.21
C GLU D 230 61.66 50.09 70.50
N PRO D 231 60.66 49.96 69.60
CA PRO D 231 59.60 48.97 69.84
C PRO D 231 60.12 47.53 69.84
N LYS D 232 59.40 46.63 70.50
CA LYS D 232 59.82 45.24 70.53
C LYS D 232 60.09 44.76 69.10
N ASP D 233 61.16 43.98 68.93
CA ASP D 233 61.56 43.47 67.62
C ASP D 233 61.23 41.97 67.50
N VAL D 234 60.01 41.66 67.06
CA VAL D 234 59.58 40.28 66.94
C VAL D 234 60.24 39.55 65.78
N LEU D 235 60.85 38.40 66.07
CA LEU D 235 61.52 37.60 65.06
C LEU D 235 60.90 36.22 65.04
N PRO D 236 61.10 35.47 63.95
CA PRO D 236 60.54 34.13 63.88
C PRO D 236 61.58 33.01 63.93
N ASN D 237 61.19 31.88 64.50
CA ASN D 237 62.05 30.71 64.58
C ASN D 237 61.42 29.72 63.61
N GLY D 238 62.24 28.94 62.90
CA GLY D 238 61.69 27.99 61.95
C GLY D 238 60.91 26.85 62.59
N ASP D 239 59.95 27.19 63.45
CA ASP D 239 59.16 26.16 64.13
C ASP D 239 57.93 26.75 64.81
N GLY D 240 57.33 27.76 64.19
CA GLY D 240 56.14 28.35 64.75
C GLY D 240 56.27 29.03 66.11
N THR D 241 57.50 29.23 66.57
CA THR D 241 57.72 29.91 67.83
C THR D 241 58.45 31.20 67.49
N TYR D 242 58.23 32.22 68.30
CA TYR D 242 58.87 33.50 68.06
C TYR D 242 59.71 33.96 69.24
N GLN D 243 60.47 35.03 69.03
CA GLN D 243 61.31 35.59 70.06
C GLN D 243 61.44 37.07 69.75
N GLY D 244 61.37 37.89 70.78
CA GLY D 244 61.49 39.32 70.58
C GLY D 244 62.37 39.94 71.66
N TRP D 245 63.08 41.00 71.31
CA TRP D 245 63.92 41.64 72.30
C TRP D 245 63.86 43.15 72.23
N ILE D 246 64.17 43.79 73.36
CA ILE D 246 64.20 45.24 73.44
C ILE D 246 65.52 45.65 74.08
N THR D 247 66.14 46.69 73.52
CA THR D 247 67.42 47.16 74.00
C THR D 247 67.32 48.50 74.71
N LEU D 248 68.24 48.71 75.65
CA LEU D 248 68.30 49.96 76.41
C LEU D 248 69.75 50.29 76.78
N ALA D 249 70.20 51.49 76.41
CA ALA D 249 71.55 51.94 76.73
C ALA D 249 71.43 52.72 78.02
N VAL D 250 72.32 52.41 78.97
CA VAL D 250 72.30 53.07 80.28
C VAL D 250 73.71 53.40 80.79
N PRO D 251 73.84 54.49 81.56
CA PRO D 251 75.11 54.96 82.14
C PRO D 251 75.91 53.82 82.79
N PRO D 252 77.14 53.58 82.28
CA PRO D 252 78.00 52.52 82.82
C PRO D 252 77.93 52.44 84.35
N GLY D 253 77.28 51.42 84.86
CA GLY D 253 77.18 51.26 86.30
C GLY D 253 75.77 51.17 86.87
N GLU D 254 74.82 51.85 86.25
CA GLU D 254 73.44 51.82 86.72
C GLU D 254 72.65 50.58 86.29
N GLU D 255 73.36 49.59 85.74
CA GLU D 255 72.74 48.34 85.28
C GLU D 255 71.53 47.92 86.11
N GLN D 256 71.81 47.34 87.27
CA GLN D 256 70.78 46.86 88.19
C GLN D 256 69.58 47.78 88.40
N ARG D 257 69.70 49.06 88.06
CA ARG D 257 68.58 49.98 88.25
C ARG D 257 67.41 49.74 87.30
N TYR D 258 67.63 48.94 86.26
CA TYR D 258 66.59 48.67 85.27
C TYR D 258 66.10 47.21 85.22
N THR D 259 64.78 47.05 85.11
CA THR D 259 64.16 45.73 85.01
C THR D 259 63.36 45.62 83.69
N CYS D 260 62.96 44.40 83.33
CA CYS D 260 62.22 44.18 82.10
C CYS D 260 60.84 43.57 82.36
N GLN D 261 59.78 44.22 81.90
CA GLN D 261 58.42 43.71 82.11
C GLN D 261 57.83 43.11 80.83
N VAL D 262 57.43 41.85 80.91
CA VAL D 262 56.88 41.14 79.76
C VAL D 262 55.45 40.63 79.94
N GLU D 263 54.50 41.29 79.29
CA GLU D 263 53.09 40.88 79.35
C GLU D 263 52.82 39.95 78.16
N HIS D 264 52.05 38.89 78.41
CA HIS D 264 51.71 37.93 77.37
C HIS D 264 50.51 37.09 77.82
N PRO D 265 49.55 36.84 76.91
CA PRO D 265 48.37 36.05 77.27
C PRO D 265 48.72 34.66 77.82
N GLY D 266 49.91 34.18 77.47
CA GLY D 266 50.36 32.88 77.93
C GLY D 266 50.90 32.91 79.35
N LEU D 267 50.72 34.05 80.02
CA LEU D 267 51.17 34.24 81.39
C LEU D 267 50.03 34.86 82.20
N ASP D 268 49.88 34.41 83.45
CA ASP D 268 48.83 34.93 84.31
C ASP D 268 49.04 36.40 84.60
N GLN D 269 50.05 36.71 85.42
CA GLN D 269 50.36 38.09 85.76
C GLN D 269 51.64 38.50 85.04
N PRO D 270 51.77 39.79 84.70
CA PRO D 270 52.96 40.29 84.01
C PRO D 270 54.29 39.90 84.66
N LEU D 271 55.14 39.22 83.90
CA LEU D 271 56.44 38.78 84.38
C LEU D 271 57.47 39.89 84.34
N ILE D 272 58.18 40.08 85.45
CA ILE D 272 59.22 41.10 85.52
C ILE D 272 60.55 40.41 85.77
N VAL D 273 61.48 40.56 84.82
CA VAL D 273 62.79 39.93 84.91
C VAL D 273 63.92 40.90 85.25
N ILE D 274 64.91 40.37 85.96
CA ILE D 274 66.09 41.14 86.35
C ILE D 274 67.28 40.22 86.17
N TRP D 275 68.38 40.76 85.67
CA TRP D 275 69.57 39.93 85.45
C TRP D 275 70.43 39.87 86.71
N ILE E 1 58.36 49.76 42.65
CA ILE E 1 59.50 50.33 43.40
C ILE E 1 60.28 49.23 44.12
N GLN E 2 61.58 49.14 43.83
CA GLN E 2 62.44 48.13 44.45
C GLN E 2 62.78 48.45 45.90
N ARG E 3 63.10 47.42 46.68
CA ARG E 3 63.45 47.60 48.07
C ARG E 3 64.54 46.63 48.49
N THR E 4 65.54 47.14 49.21
CA THR E 4 66.66 46.33 49.67
C THR E 4 66.31 45.57 50.96
N PRO E 5 66.80 44.33 51.08
CA PRO E 5 66.52 43.51 52.27
C PRO E 5 67.08 44.05 53.57
N LYS E 6 66.56 43.53 54.66
CA LYS E 6 67.00 43.89 55.99
C LYS E 6 67.45 42.60 56.65
N ILE E 7 68.77 42.40 56.71
CA ILE E 7 69.34 41.20 57.31
C ILE E 7 69.46 41.27 58.84
N GLN E 8 69.01 40.22 59.50
CA GLN E 8 69.07 40.12 60.95
C GLN E 8 69.53 38.74 61.38
N VAL E 9 70.75 38.64 61.88
CA VAL E 9 71.29 37.36 62.34
C VAL E 9 71.08 37.24 63.85
N TYR E 10 70.75 36.04 64.31
CA TYR E 10 70.54 35.82 65.73
C TYR E 10 70.41 34.34 66.06
N SER E 11 70.17 34.04 67.33
CA SER E 11 70.06 32.67 67.77
C SER E 11 68.67 32.38 68.37
N ARG E 12 68.27 31.12 68.35
CA ARG E 12 66.99 30.73 68.90
C ARG E 12 67.01 30.93 70.40
N HIS E 13 68.09 30.45 71.01
CA HIS E 13 68.31 30.53 72.46
C HIS E 13 69.62 31.28 72.70
N PRO E 14 69.76 31.93 73.87
CA PRO E 14 70.97 32.68 74.21
C PRO E 14 72.25 31.87 73.99
N ALA E 15 73.15 32.41 73.17
CA ALA E 15 74.42 31.75 72.84
C ALA E 15 75.13 31.22 74.09
N GLU E 16 75.54 29.97 74.04
CA GLU E 16 76.22 29.34 75.18
C GLU E 16 77.14 28.23 74.69
N ASN E 17 78.35 28.61 74.28
CA ASN E 17 79.36 27.67 73.78
C ASN E 17 79.17 26.22 74.23
N GLY E 18 79.33 25.29 73.31
CA GLY E 18 79.18 23.88 73.63
C GLY E 18 77.76 23.35 73.50
N LYS E 19 76.78 24.24 73.64
CA LYS E 19 75.38 23.85 73.52
C LYS E 19 74.84 24.07 72.11
N SER E 20 74.40 22.97 71.48
CA SER E 20 73.86 23.04 70.13
C SER E 20 72.62 23.94 70.14
N ASN E 21 72.71 25.03 69.39
CA ASN E 21 71.64 26.01 69.30
C ASN E 21 71.12 26.12 67.86
N PHE E 22 70.74 27.34 67.48
CA PHE E 22 70.23 27.59 66.13
C PHE E 22 70.60 28.99 65.64
N LEU E 23 71.17 29.03 64.43
CA LEU E 23 71.58 30.29 63.82
C LEU E 23 70.57 30.76 62.77
N ASN E 24 69.93 31.90 63.04
CA ASN E 24 68.94 32.44 62.13
C ASN E 24 69.45 33.65 61.35
N CYS E 25 68.89 33.83 60.16
CA CYS E 25 69.18 34.95 59.27
C CYS E 25 67.78 35.22 58.74
N TYR E 26 67.25 36.41 59.05
CA TYR E 26 65.90 36.74 58.64
C TYR E 26 65.82 38.01 57.79
N VAL E 27 65.80 37.82 56.46
CA VAL E 27 65.71 38.96 55.54
C VAL E 27 64.25 39.42 55.42
N SER E 28 64.03 40.72 55.35
CA SER E 28 62.67 41.24 55.26
C SER E 28 62.62 42.60 54.55
N GLY E 29 61.41 43.07 54.23
CA GLY E 29 61.26 44.35 53.58
C GLY E 29 61.81 44.49 52.16
N PHE E 30 62.42 43.44 51.62
CA PHE E 30 62.95 43.51 50.26
C PHE E 30 61.84 43.29 49.26
N HIS E 31 61.97 43.80 48.04
CA HIS E 31 60.89 43.55 47.12
C HIS E 31 61.07 42.43 46.12
N PRO E 32 61.62 42.70 44.92
CA PRO E 32 61.75 41.55 44.02
C PRO E 32 62.08 40.28 44.82
N SER E 33 61.04 39.49 45.12
CA SER E 33 61.19 38.28 45.92
C SER E 33 62.44 37.48 45.59
N ASP E 34 62.90 37.60 44.35
CA ASP E 34 64.08 36.88 43.94
C ASP E 34 65.26 37.31 44.81
N ILE E 35 65.70 36.41 45.69
CA ILE E 35 66.81 36.70 46.58
C ILE E 35 67.53 35.41 47.00
N GLU E 36 68.83 35.50 47.23
CA GLU E 36 69.58 34.33 47.65
C GLU E 36 70.26 34.59 48.99
N VAL E 37 70.27 33.58 49.84
CA VAL E 37 70.85 33.69 51.18
C VAL E 37 71.69 32.47 51.56
N ASP E 38 72.84 32.72 52.19
CA ASP E 38 73.73 31.65 52.63
C ASP E 38 74.18 31.92 54.05
N LEU E 39 74.30 30.86 54.85
CA LEU E 39 74.77 30.99 56.23
C LEU E 39 76.23 30.58 56.25
N LEU E 40 77.10 31.50 56.67
CA LEU E 40 78.54 31.23 56.71
C LEU E 40 79.10 30.91 58.09
N LYS E 41 80.11 30.03 58.08
CA LYS E 41 80.81 29.62 59.29
C LYS E 41 82.30 29.80 58.99
N ASN E 42 82.89 30.82 59.60
CA ASN E 42 84.31 31.11 59.40
C ASN E 42 84.53 31.49 57.93
N GLY E 43 83.49 32.00 57.29
CA GLY E 43 83.58 32.40 55.90
C GLY E 43 83.21 31.34 54.89
N GLU E 44 82.65 30.23 55.37
CA GLU E 44 82.26 29.14 54.48
C GLU E 44 80.75 28.90 54.51
N ARG E 45 80.17 28.66 53.33
CA ARG E 45 78.73 28.42 53.26
C ARG E 45 78.40 27.06 53.86
N ILE E 46 77.45 27.06 54.79
CA ILE E 46 77.04 25.82 55.46
C ILE E 46 75.98 25.10 54.64
N GLU E 47 76.05 23.77 54.60
CA GLU E 47 75.05 22.98 53.88
C GLU E 47 74.03 22.56 54.94
N LYS E 48 73.17 21.60 54.60
CA LYS E 48 72.16 21.14 55.55
C LYS E 48 71.48 22.34 56.22
N VAL E 49 71.15 23.34 55.40
CA VAL E 49 70.48 24.55 55.90
C VAL E 49 68.99 24.44 55.63
N GLU E 50 68.19 25.13 56.43
CA GLU E 50 66.74 25.09 56.26
C GLU E 50 66.21 26.51 56.16
N HIS E 51 65.02 26.65 55.59
CA HIS E 51 64.40 27.97 55.46
C HIS E 51 62.88 27.82 55.45
N SER E 52 62.19 28.89 55.85
CA SER E 52 60.73 28.86 55.87
C SER E 52 60.18 29.17 54.49
N ASP E 53 58.89 29.44 54.42
CA ASP E 53 58.24 29.75 53.15
C ASP E 53 58.26 31.24 52.90
N LEU E 54 58.64 31.62 51.68
CA LEU E 54 58.66 33.01 51.29
C LEU E 54 57.24 33.55 51.47
N SER E 55 57.13 34.78 51.96
CA SER E 55 55.81 35.38 52.16
C SER E 55 56.01 36.89 52.15
N PHE E 56 54.95 37.65 52.40
CA PHE E 56 55.09 39.09 52.38
C PHE E 56 54.14 39.81 53.31
N SER E 57 54.45 41.07 53.61
CA SER E 57 53.66 41.89 54.53
C SER E 57 52.74 42.87 53.80
N LYS E 58 51.91 43.56 54.58
CA LYS E 58 50.96 44.52 54.04
C LYS E 58 51.50 45.41 52.93
N ASP E 59 52.74 45.86 53.07
CA ASP E 59 53.35 46.74 52.08
C ASP E 59 53.93 45.97 50.90
N TRP E 60 53.48 44.73 50.73
CA TRP E 60 53.91 43.86 49.64
C TRP E 60 55.38 43.50 49.69
N SER E 61 56.06 43.86 50.78
CA SER E 61 57.47 43.53 50.91
C SER E 61 57.62 42.09 51.37
N PHE E 62 58.52 41.36 50.71
CA PHE E 62 58.76 39.98 51.05
C PHE E 62 59.67 39.78 52.26
N TYR E 63 59.60 38.59 52.84
CA TYR E 63 60.42 38.24 53.99
C TYR E 63 60.59 36.74 54.02
N LEU E 64 61.80 36.30 54.34
CA LEU E 64 62.11 34.88 54.36
C LEU E 64 63.05 34.57 55.52
N LEU E 65 62.91 33.38 56.10
CA LEU E 65 63.76 32.99 57.22
C LEU E 65 64.57 31.73 56.97
N TYR E 66 65.88 31.84 57.18
CA TYR E 66 66.80 30.72 57.03
C TYR E 66 67.31 30.36 58.44
N TYR E 67 67.58 29.08 58.67
CA TYR E 67 68.07 28.64 59.97
C TYR E 67 68.74 27.28 59.92
N THR E 68 69.85 27.15 60.64
CA THR E 68 70.58 25.90 60.71
C THR E 68 70.82 25.54 62.16
N GLU E 69 70.92 24.25 62.43
CA GLU E 69 71.19 23.78 63.77
C GLU E 69 72.70 23.86 63.88
N PHE E 70 73.21 24.43 64.98
CA PHE E 70 74.65 24.56 65.14
C PHE E 70 75.07 24.55 66.60
N THR E 71 76.34 24.27 66.83
CA THR E 71 76.89 24.25 68.17
C THR E 71 77.97 25.35 68.20
N PRO E 72 77.71 26.44 68.95
CA PRO E 72 78.63 27.58 69.08
C PRO E 72 79.89 27.42 69.92
N THR E 73 80.97 28.03 69.43
CA THR E 73 82.27 28.01 70.09
C THR E 73 82.81 29.44 69.96
N GLU E 74 83.75 29.82 70.83
CA GLU E 74 84.31 31.16 70.76
C GLU E 74 85.32 31.32 69.63
N LYS E 75 85.70 30.19 69.03
CA LYS E 75 86.65 30.19 67.94
C LYS E 75 85.98 30.48 66.60
N ASP E 76 84.85 29.82 66.37
CA ASP E 76 84.08 29.96 65.13
C ASP E 76 83.30 31.27 64.97
N GLU E 77 83.23 31.75 63.73
CA GLU E 77 82.52 32.98 63.41
C GLU E 77 81.33 32.65 62.49
N TYR E 78 80.19 33.27 62.75
CA TYR E 78 78.98 33.03 61.96
C TYR E 78 78.36 34.29 61.37
N ALA E 79 77.91 34.19 60.13
CA ALA E 79 77.29 35.32 59.42
C ALA E 79 76.64 34.86 58.12
N CYS E 80 75.66 35.63 57.63
CA CYS E 80 74.99 35.30 56.37
C CYS E 80 75.12 36.43 55.38
N ARG E 81 75.42 36.07 54.13
CA ARG E 81 75.55 37.05 53.07
C ARG E 81 74.25 36.97 52.26
N VAL E 82 73.66 38.13 52.00
CA VAL E 82 72.42 38.21 51.26
C VAL E 82 72.64 38.92 49.93
N ASN E 83 72.34 38.24 48.84
CA ASN E 83 72.49 38.85 47.52
C ASN E 83 71.12 39.19 46.95
N HIS E 84 70.94 40.45 46.60
CA HIS E 84 69.68 40.93 46.02
C HIS E 84 70.06 41.79 44.82
N VAL E 85 69.07 42.24 44.08
CA VAL E 85 69.34 43.08 42.93
C VAL E 85 69.68 44.49 43.38
N THR E 86 69.10 44.90 44.52
CA THR E 86 69.33 46.23 45.05
C THR E 86 70.71 46.39 45.71
N LEU E 87 71.54 45.35 45.62
CA LEU E 87 72.86 45.38 46.23
C LEU E 87 73.97 45.15 45.21
N SER E 88 75.04 45.95 45.32
CA SER E 88 76.17 45.83 44.42
C SER E 88 76.89 44.51 44.70
N GLN E 89 77.40 44.39 45.93
CA GLN E 89 78.08 43.18 46.35
C GLN E 89 77.24 42.54 47.45
N PRO E 90 77.29 41.21 47.57
CA PRO E 90 76.52 40.50 48.59
C PRO E 90 76.77 40.99 50.00
N LYS E 91 75.89 41.86 50.49
CA LYS E 91 76.01 42.42 51.83
C LYS E 91 76.11 41.33 52.90
N ILE E 92 77.10 41.44 53.77
CA ILE E 92 77.29 40.46 54.84
C ILE E 92 77.00 41.05 56.20
N VAL E 93 76.46 40.23 57.09
CA VAL E 93 76.15 40.64 58.46
C VAL E 93 76.62 39.52 59.37
N LYS E 94 77.56 39.85 60.26
CA LYS E 94 78.09 38.87 61.19
C LYS E 94 77.17 38.73 62.39
N TRP E 95 77.30 37.65 63.13
CA TRP E 95 76.47 37.41 64.29
C TRP E 95 77.05 37.98 65.58
N ASP E 96 76.41 39.02 66.10
CA ASP E 96 76.84 39.66 67.33
C ASP E 96 76.46 38.77 68.52
N ARG E 97 77.45 38.07 69.06
CA ARG E 97 77.27 37.17 70.20
C ARG E 97 76.22 37.60 71.20
N ASP E 98 76.12 38.91 71.42
CA ASP E 98 75.16 39.48 72.38
C ASP E 98 73.68 39.28 72.01
N MET E 99 73.39 39.27 70.70
CA MET E 99 72.03 39.10 70.21
C MET E 99 71.79 37.74 69.53
N LEU F 2 38.89 -7.89 39.79
CA LEU F 2 40.29 -8.27 40.13
C LEU F 2 41.14 -7.12 40.65
N TYR F 3 40.84 -5.90 40.23
CA TYR F 3 41.60 -4.71 40.65
C TYR F 3 42.78 -4.40 39.72
N TRP F 4 42.99 -3.10 39.50
CA TRP F 4 44.04 -2.62 38.60
C TRP F 4 45.34 -3.44 38.58
N ASP F 5 46.01 -3.55 39.72
CA ASP F 5 47.26 -4.28 39.79
C ASP F 5 47.20 -5.70 39.25
N ASP F 6 46.09 -6.39 39.49
CA ASP F 6 45.97 -7.75 39.00
C ASP F 6 45.77 -7.73 37.49
N LEU F 7 44.90 -6.85 37.01
CA LEU F 7 44.66 -6.73 35.58
C LEU F 7 45.97 -6.33 34.89
N LYS F 8 46.64 -5.34 35.45
CA LYS F 8 47.91 -4.87 34.90
C LYS F 8 48.83 -6.05 34.65
N ARG F 9 48.96 -6.92 35.64
CA ARG F 9 49.81 -8.09 35.54
C ARG F 9 49.31 -9.11 34.53
N LYS F 10 48.03 -9.45 34.60
CA LYS F 10 47.47 -10.43 33.67
C LYS F 10 47.82 -9.98 32.27
N LEU F 11 47.50 -8.71 31.98
CA LEU F 11 47.78 -8.16 30.67
C LEU F 11 49.25 -8.30 30.33
N SER F 12 50.09 -7.89 31.28
CA SER F 12 51.52 -7.94 31.06
C SER F 12 51.97 -9.33 30.63
N GLU F 13 51.72 -10.34 31.46
CA GLU F 13 52.14 -11.69 31.11
C GLU F 13 51.57 -12.11 29.75
N LYS F 14 50.27 -11.88 29.55
CA LYS F 14 49.63 -12.20 28.28
C LYS F 14 50.50 -11.68 27.13
N LEU F 15 50.91 -10.42 27.25
CA LEU F 15 51.73 -9.76 26.24
C LEU F 15 53.07 -10.46 26.01
N ASP F 16 53.77 -10.76 27.10
CA ASP F 16 55.07 -11.42 27.02
C ASP F 16 55.08 -12.68 26.18
N SER F 17 53.95 -13.38 26.13
CA SER F 17 53.87 -14.61 25.34
C SER F 17 53.19 -14.39 23.99
N THR F 18 53.06 -13.14 23.57
CA THR F 18 52.42 -12.83 22.29
C THR F 18 53.43 -12.52 21.19
N ASP F 19 53.22 -13.14 20.03
CA ASP F 19 54.09 -12.93 18.89
C ASP F 19 53.45 -11.99 17.87
N PHE F 20 53.85 -10.72 17.91
CA PHE F 20 53.32 -9.73 16.99
C PHE F 20 54.01 -9.89 15.66
N THR F 21 55.31 -10.13 15.72
CA THR F 21 56.12 -10.35 14.53
C THR F 21 55.44 -11.30 13.53
N SER F 22 54.97 -12.43 14.03
CA SER F 22 54.31 -13.43 13.19
C SER F 22 53.12 -12.84 12.44
N THR F 23 52.29 -12.09 13.17
CA THR F 23 51.11 -11.48 12.59
C THR F 23 51.43 -10.42 11.54
N ILE F 24 52.35 -9.52 11.88
CA ILE F 24 52.74 -8.46 10.96
C ILE F 24 53.25 -9.10 9.67
N LYS F 25 54.10 -10.10 9.81
CA LYS F 25 54.68 -10.81 8.67
C LYS F 25 53.59 -11.56 7.91
N LEU F 26 52.63 -12.11 8.64
CA LEU F 26 51.53 -12.85 8.03
C LEU F 26 50.69 -11.90 7.19
N LEU F 27 50.67 -10.63 7.60
CA LEU F 27 49.91 -9.64 6.88
C LEU F 27 50.62 -9.08 5.66
N ASN F 28 51.80 -9.61 5.36
CA ASN F 28 52.57 -9.15 4.20
C ASN F 28 52.78 -10.24 3.15
N GLU F 29 52.06 -11.35 3.29
CA GLU F 29 52.21 -12.45 2.34
C GLU F 29 51.43 -12.09 1.07
N ASN F 30 51.87 -12.63 -0.06
CA ASN F 30 51.22 -12.34 -1.34
C ASN F 30 49.71 -12.42 -1.24
N SER F 31 49.21 -13.05 -0.18
CA SER F 31 47.77 -13.18 -0.01
C SER F 31 47.12 -11.81 0.17
N TYR F 32 47.85 -10.87 0.78
CA TYR F 32 47.31 -9.54 1.00
C TYR F 32 48.33 -8.46 0.65
N VAL F 33 49.30 -8.80 -0.20
CA VAL F 33 50.36 -7.86 -0.60
C VAL F 33 49.84 -6.46 -0.89
N PRO F 34 49.46 -6.15 -2.14
CA PRO F 34 48.97 -4.77 -2.21
C PRO F 34 47.47 -4.80 -1.93
N ARG F 35 47.04 -4.12 -0.86
CA ARG F 35 45.63 -4.12 -0.50
C ARG F 35 44.95 -2.75 -0.59
N GLU F 36 44.74 -2.29 -1.82
CA GLU F 36 44.08 -1.02 -2.06
C GLU F 36 42.62 -1.14 -1.62
N ALA F 37 42.10 -0.10 -0.98
CA ALA F 37 40.72 -0.13 -0.53
C ALA F 37 39.80 -0.61 -1.66
N GLY F 38 38.93 -1.57 -1.35
CA GLY F 38 38.01 -2.07 -2.36
C GLY F 38 38.53 -3.24 -3.18
N SER F 39 39.82 -3.54 -3.08
CA SER F 39 40.41 -4.62 -3.85
C SER F 39 40.11 -5.98 -3.22
N GLN F 40 40.33 -7.04 -4.00
CA GLN F 40 40.09 -8.39 -3.48
C GLN F 40 40.97 -8.64 -2.26
N LYS F 41 42.26 -8.33 -2.39
CA LYS F 41 43.16 -8.54 -1.27
C LYS F 41 42.65 -7.81 -0.03
N ASP F 42 42.00 -6.67 -0.23
CA ASP F 42 41.45 -5.92 0.89
C ASP F 42 40.36 -6.80 1.49
N GLU F 43 39.40 -7.16 0.66
CA GLU F 43 38.30 -8.00 1.10
C GLU F 43 38.80 -9.30 1.75
N ASN F 44 39.89 -9.85 1.23
CA ASN F 44 40.43 -11.08 1.79
C ASN F 44 40.88 -10.84 3.22
N LEU F 45 41.67 -9.80 3.43
CA LEU F 45 42.16 -9.49 4.77
C LEU F 45 41.01 -9.17 5.72
N ALA F 46 39.92 -8.63 5.17
CA ALA F 46 38.76 -8.27 5.97
C ALA F 46 38.12 -9.55 6.50
N LEU F 47 37.99 -10.54 5.61
CA LEU F 47 37.40 -11.82 5.98
C LEU F 47 38.33 -12.54 6.96
N TYR F 48 39.63 -12.41 6.78
CA TYR F 48 40.55 -13.04 7.70
C TYR F 48 40.32 -12.51 9.11
N VAL F 49 40.25 -11.18 9.21
CA VAL F 49 40.04 -10.50 10.49
C VAL F 49 38.67 -10.83 11.07
N GLU F 50 37.64 -10.80 10.23
CA GLU F 50 36.30 -11.09 10.69
C GLU F 50 36.24 -12.49 11.28
N ASN F 51 37.06 -13.38 10.74
CA ASN F 51 37.10 -14.76 11.21
C ASN F 51 37.89 -14.88 12.50
N GLN F 52 39.00 -14.16 12.60
CA GLN F 52 39.80 -14.18 13.82
C GLN F 52 38.94 -13.69 14.98
N PHE F 53 38.06 -12.74 14.69
CA PHE F 53 37.19 -12.21 15.73
C PHE F 53 36.28 -13.32 16.22
N ARG F 54 35.72 -14.08 15.28
CA ARG F 54 34.84 -15.20 15.63
C ARG F 54 35.63 -16.24 16.44
N GLU F 55 36.84 -16.55 15.99
CA GLU F 55 37.66 -17.51 16.71
C GLU F 55 37.89 -17.05 18.14
N PHE F 56 38.17 -15.77 18.29
CA PHE F 56 38.42 -15.20 19.62
C PHE F 56 37.14 -15.28 20.44
N LYS F 57 36.03 -15.63 19.78
CA LYS F 57 34.75 -15.72 20.47
C LYS F 57 34.47 -14.43 21.23
N LEU F 58 34.09 -13.38 20.50
CA LEU F 58 33.78 -12.11 21.11
C LEU F 58 32.26 -12.03 21.21
N SER F 59 31.76 -11.27 22.18
CA SER F 59 30.32 -11.15 22.36
C SER F 59 29.58 -11.15 21.03
N LYS F 60 30.14 -10.43 20.06
CA LYS F 60 29.52 -10.35 18.74
C LYS F 60 30.50 -9.78 17.74
N VAL F 61 30.41 -10.25 16.51
CA VAL F 61 31.28 -9.77 15.46
C VAL F 61 30.41 -9.55 14.23
N TRP F 62 30.45 -8.33 13.71
CA TRP F 62 29.66 -7.97 12.55
C TRP F 62 30.45 -7.10 11.59
N ARG F 63 29.84 -6.77 10.45
CA ARG F 63 30.50 -5.94 9.46
C ARG F 63 29.56 -4.94 8.82
N ASP F 64 30.12 -3.80 8.43
CA ASP F 64 29.35 -2.75 7.78
C ASP F 64 29.87 -2.71 6.34
N GLN F 65 28.99 -2.42 5.40
CA GLN F 65 29.40 -2.35 3.99
C GLN F 65 29.02 -1.02 3.34
N HIS F 66 30.03 -0.32 2.83
CA HIS F 66 29.83 0.98 2.19
C HIS F 66 30.24 1.03 0.74
N PHE F 67 29.53 1.86 -0.03
CA PHE F 67 29.86 2.08 -1.44
C PHE F 67 30.31 3.54 -1.54
N VAL F 68 31.62 3.73 -1.65
CA VAL F 68 32.20 5.07 -1.73
C VAL F 68 32.93 5.31 -3.05
N LYS F 69 33.17 6.59 -3.35
CA LYS F 69 33.88 6.97 -4.56
C LYS F 69 35.32 7.40 -4.27
N ILE F 70 36.28 6.62 -4.75
CA ILE F 70 37.69 6.97 -4.60
C ILE F 70 38.17 7.39 -5.98
N GLN F 71 39.47 7.62 -6.12
CA GLN F 71 40.01 8.00 -7.42
C GLN F 71 41.25 7.18 -7.73
N VAL F 72 41.32 6.67 -8.95
CA VAL F 72 42.46 5.86 -9.37
C VAL F 72 43.01 6.44 -10.65
N LYS F 73 44.19 5.99 -11.05
CA LYS F 73 44.75 6.51 -12.28
C LYS F 73 44.17 5.83 -13.50
N ASP F 74 43.89 6.67 -14.50
CA ASP F 74 43.29 6.28 -15.77
C ASP F 74 44.23 5.44 -16.63
N SER F 75 43.70 4.91 -17.73
CA SER F 75 44.49 4.10 -18.66
C SER F 75 45.60 4.95 -19.30
N ALA F 76 45.37 6.27 -19.36
CA ALA F 76 46.33 7.21 -19.92
C ALA F 76 47.31 7.60 -18.84
N GLN F 77 48.61 7.54 -19.13
CA GLN F 77 49.61 7.90 -18.15
C GLN F 77 49.56 9.37 -17.79
N ASN F 78 49.91 9.68 -16.55
CA ASN F 78 49.96 11.06 -16.08
C ASN F 78 51.39 11.42 -16.42
N SER F 79 51.67 12.71 -16.59
CA SER F 79 53.04 13.08 -16.94
C SER F 79 53.44 14.48 -16.59
N VAL F 80 54.75 14.65 -16.44
CA VAL F 80 55.37 15.93 -16.16
C VAL F 80 56.37 16.13 -17.29
N ILE F 81 56.14 17.17 -18.09
CA ILE F 81 56.99 17.45 -19.23
C ILE F 81 57.45 18.89 -19.25
N ILE F 82 58.71 19.09 -19.65
CA ILE F 82 59.24 20.43 -19.75
C ILE F 82 58.91 20.85 -21.17
N VAL F 83 58.32 22.03 -21.31
CA VAL F 83 57.90 22.54 -22.59
C VAL F 83 58.51 23.88 -22.98
N ASP F 84 58.53 24.11 -24.30
CA ASP F 84 59.05 25.34 -24.91
C ASP F 84 57.88 26.28 -25.18
N LYS F 85 58.12 27.58 -24.99
CA LYS F 85 57.14 28.66 -25.15
C LYS F 85 55.95 28.49 -26.11
N ASN F 86 55.97 27.49 -26.97
CA ASN F 86 54.86 27.27 -27.88
C ASN F 86 54.05 26.04 -27.49
N GLY F 87 54.51 25.34 -26.46
CA GLY F 87 53.83 24.14 -26.01
C GLY F 87 54.59 22.96 -26.56
N ARG F 88 55.68 23.26 -27.26
CA ARG F 88 56.54 22.26 -27.88
C ARG F 88 57.16 21.26 -26.91
N LEU F 89 57.21 20.00 -27.33
CA LEU F 89 57.81 18.97 -26.51
C LEU F 89 59.28 19.29 -26.35
N VAL F 90 59.87 18.92 -25.21
CA VAL F 90 61.28 19.23 -25.00
C VAL F 90 62.05 18.26 -24.12
N TYR F 91 61.45 17.83 -23.02
CA TYR F 91 62.18 16.95 -22.11
C TYR F 91 61.46 15.72 -21.61
N LEU F 92 60.22 15.88 -21.14
CA LEU F 92 59.49 14.73 -20.60
C LEU F 92 60.26 14.24 -19.37
N VAL F 93 59.96 14.83 -18.23
CA VAL F 93 60.65 14.49 -16.99
C VAL F 93 60.26 13.13 -16.42
N GLU F 94 58.98 12.78 -16.47
CA GLU F 94 58.55 11.52 -15.88
C GLU F 94 57.08 11.18 -16.07
N ASN F 95 56.81 9.88 -16.16
CA ASN F 95 55.47 9.33 -16.25
C ASN F 95 55.37 8.59 -14.91
N PRO F 96 55.07 9.33 -13.83
CA PRO F 96 54.95 8.87 -12.45
C PRO F 96 54.16 7.60 -12.22
N GLY F 97 54.73 6.74 -11.37
CA GLY F 97 54.09 5.50 -11.04
C GLY F 97 53.01 5.76 -10.00
N GLY F 98 53.27 6.71 -9.11
CA GLY F 98 52.30 7.05 -8.08
C GLY F 98 51.29 8.09 -8.52
N TYR F 99 50.44 8.52 -7.60
CA TYR F 99 49.45 9.54 -7.91
C TYR F 99 48.81 10.07 -6.65
N VAL F 100 48.03 11.14 -6.81
CA VAL F 100 47.37 11.73 -5.66
C VAL F 100 45.88 11.65 -5.86
N ALA F 101 45.24 10.86 -5.03
CA ALA F 101 43.80 10.67 -5.12
C ALA F 101 43.07 11.96 -4.84
N TYR F 102 42.03 12.19 -5.64
CA TYR F 102 41.18 13.37 -5.54
C TYR F 102 41.78 14.64 -6.09
N SER F 103 42.81 14.48 -6.92
CA SER F 103 43.42 15.60 -7.59
C SER F 103 42.40 15.91 -8.69
N LYS F 104 42.45 17.12 -9.26
CA LYS F 104 41.52 17.41 -10.34
C LYS F 104 42.11 16.80 -11.60
N ALA F 105 41.26 16.21 -12.43
CA ALA F 105 41.74 15.63 -13.69
C ALA F 105 41.87 16.80 -14.63
N ALA F 106 43.10 17.08 -15.04
CA ALA F 106 43.37 18.19 -15.94
C ALA F 106 44.81 18.16 -16.38
N THR F 107 45.13 19.05 -17.29
CA THR F 107 46.49 19.17 -17.79
C THR F 107 46.78 20.66 -17.87
N VAL F 108 47.81 21.07 -17.13
CA VAL F 108 48.20 22.48 -17.10
C VAL F 108 49.68 22.67 -17.35
N THR F 109 50.05 23.90 -17.67
CA THR F 109 51.45 24.22 -17.94
C THR F 109 51.72 25.69 -17.60
N GLY F 110 52.90 25.94 -17.08
CA GLY F 110 53.29 27.29 -16.72
C GLY F 110 54.65 27.26 -16.03
N LYS F 111 55.02 28.33 -15.35
CA LYS F 111 56.31 28.33 -14.66
C LYS F 111 56.20 27.51 -13.39
N LEU F 112 57.28 26.84 -13.03
CA LEU F 112 57.34 26.00 -11.85
C LEU F 112 58.07 26.69 -10.71
N VAL F 113 57.30 27.22 -9.77
CA VAL F 113 57.89 27.90 -8.60
C VAL F 113 58.00 26.90 -7.45
N HIS F 114 59.04 27.06 -6.64
CA HIS F 114 59.26 26.15 -5.52
C HIS F 114 58.85 26.77 -4.18
N ALA F 115 57.82 26.21 -3.58
CA ALA F 115 57.38 26.66 -2.27
C ALA F 115 58.07 25.65 -1.39
N ASN F 116 57.91 25.72 -0.08
CA ASN F 116 58.61 24.75 0.75
C ASN F 116 57.59 24.03 1.62
N PHE F 117 57.45 22.72 1.43
CA PHE F 117 56.47 21.98 2.21
C PHE F 117 55.06 22.49 1.91
N GLY F 118 54.98 23.69 1.35
CA GLY F 118 53.71 24.27 1.00
C GLY F 118 52.99 24.89 2.18
N THR F 119 53.69 25.03 3.29
CA THR F 119 53.12 25.63 4.48
C THR F 119 52.54 26.99 4.16
N LYS F 120 51.48 27.36 4.85
CA LYS F 120 50.85 28.64 4.65
C LYS F 120 51.90 29.72 4.85
N LYS F 121 52.81 29.46 5.78
CA LYS F 121 53.87 30.43 6.07
C LYS F 121 54.91 30.45 4.96
N ASP F 122 55.29 29.27 4.48
CA ASP F 122 56.28 29.18 3.43
C ASP F 122 55.86 30.03 2.22
N PHE F 123 54.58 29.99 1.87
CA PHE F 123 54.08 30.78 0.74
C PHE F 123 54.15 32.26 1.09
N GLU F 124 53.86 32.55 2.34
CA GLU F 124 53.87 33.90 2.86
C GLU F 124 55.26 34.53 2.68
N ASP F 125 56.29 33.80 3.11
CA ASP F 125 57.65 34.30 3.00
C ASP F 125 58.31 34.07 1.65
N LEU F 126 57.56 33.58 0.67
CA LEU F 126 58.15 33.36 -0.65
C LEU F 126 58.39 34.71 -1.32
N TYR F 127 59.34 34.72 -2.25
CA TYR F 127 59.70 35.93 -2.97
C TYR F 127 58.93 35.98 -4.29
N THR F 128 59.02 34.89 -5.04
CA THR F 128 58.33 34.80 -6.32
C THR F 128 56.84 34.60 -6.10
N PRO F 129 56.01 35.39 -6.77
CA PRO F 129 54.57 35.20 -6.58
C PRO F 129 54.18 33.85 -7.20
N VAL F 130 53.23 33.17 -6.57
CA VAL F 130 52.79 31.86 -7.03
C VAL F 130 51.62 31.97 -8.01
N ASN F 131 50.90 33.08 -7.88
CA ASN F 131 49.76 33.37 -8.74
C ASN F 131 49.99 32.88 -10.17
N GLY F 132 49.04 32.13 -10.69
CA GLY F 132 49.12 31.64 -12.06
C GLY F 132 50.15 30.58 -12.46
N SER F 133 50.93 30.04 -11.52
CA SER F 133 51.89 29.02 -11.91
C SER F 133 51.81 27.72 -11.13
N ILE F 134 52.57 26.74 -11.58
CA ILE F 134 52.62 25.42 -10.94
C ILE F 134 53.59 25.48 -9.78
N VAL F 135 53.25 24.81 -8.68
CA VAL F 135 54.11 24.82 -7.52
C VAL F 135 54.68 23.45 -7.27
N ILE F 136 55.91 23.39 -6.79
CA ILE F 136 56.54 22.13 -6.44
C ILE F 136 56.89 22.18 -4.96
N VAL F 137 56.55 21.13 -4.23
CA VAL F 137 56.82 21.08 -2.81
C VAL F 137 57.30 19.74 -2.31
N ARG F 138 57.86 19.79 -1.11
CA ARG F 138 58.37 18.62 -0.44
C ARG F 138 57.30 17.97 0.41
N ALA F 139 57.35 16.65 0.49
CA ALA F 139 56.41 15.92 1.31
C ALA F 139 56.80 16.22 2.77
N GLY F 140 55.82 16.31 3.67
CA GLY F 140 56.14 16.57 5.05
C GLY F 140 55.51 17.78 5.70
N LYS F 141 55.73 17.90 7.01
CA LYS F 141 55.21 18.98 7.86
C LYS F 141 53.68 19.08 7.84
N ILE F 142 53.09 18.91 6.67
CA ILE F 142 51.65 18.98 6.53
C ILE F 142 51.13 18.00 5.49
N THR F 143 49.81 17.98 5.36
CA THR F 143 49.08 17.11 4.45
C THR F 143 49.19 17.55 3.00
N PHE F 144 49.07 16.61 2.08
CA PHE F 144 49.08 16.96 0.66
C PHE F 144 47.91 17.93 0.49
N ALA F 145 46.73 17.52 0.94
CA ALA F 145 45.52 18.34 0.84
C ALA F 145 45.75 19.75 1.34
N GLU F 146 46.55 19.89 2.40
CA GLU F 146 46.81 21.21 2.95
C GLU F 146 47.70 21.98 1.97
N LYS F 147 48.75 21.33 1.50
CA LYS F 147 49.68 21.91 0.55
C LYS F 147 48.87 22.38 -0.65
N VAL F 148 48.15 21.46 -1.27
CA VAL F 148 47.32 21.78 -2.42
C VAL F 148 46.29 22.88 -2.14
N ALA F 149 45.75 22.89 -0.93
CA ALA F 149 44.75 23.89 -0.59
C ALA F 149 45.39 25.25 -0.42
N ASN F 150 46.61 25.26 0.08
CA ASN F 150 47.32 26.52 0.29
C ASN F 150 47.75 27.10 -1.06
N ALA F 151 48.23 26.24 -1.95
CA ALA F 151 48.66 26.68 -3.25
C ALA F 151 47.45 27.24 -4.00
N GLU F 152 46.36 26.50 -4.00
CA GLU F 152 45.15 26.91 -4.70
C GLU F 152 44.58 28.25 -4.22
N SER F 153 44.73 28.55 -2.95
CA SER F 153 44.21 29.80 -2.42
C SER F 153 45.06 30.97 -2.91
N LEU F 154 46.24 30.66 -3.45
CA LEU F 154 47.15 31.68 -3.97
C LEU F 154 47.14 31.64 -5.49
N ASN F 155 46.09 31.04 -6.04
CA ASN F 155 45.89 30.90 -7.47
C ASN F 155 46.91 30.10 -8.24
N ALA F 156 47.67 29.28 -7.54
CA ALA F 156 48.63 28.42 -8.20
C ALA F 156 47.78 27.49 -9.08
N ILE F 157 48.44 26.75 -9.94
CA ILE F 157 47.74 25.80 -10.82
C ILE F 157 48.57 24.54 -10.73
N GLY F 158 47.96 23.45 -10.35
CA GLY F 158 48.76 22.24 -10.24
C GLY F 158 49.81 22.32 -9.14
N VAL F 159 50.14 21.16 -8.58
CA VAL F 159 51.12 21.05 -7.52
C VAL F 159 51.89 19.76 -7.77
N LEU F 160 53.20 19.81 -7.64
CA LEU F 160 54.02 18.62 -7.81
C LEU F 160 54.60 18.35 -6.43
N ILE F 161 54.55 17.10 -5.99
CA ILE F 161 55.08 16.76 -4.67
C ILE F 161 56.19 15.74 -4.81
N TYR F 162 57.25 15.87 -4.01
CA TYR F 162 58.38 14.95 -4.08
C TYR F 162 59.06 14.82 -2.73
N MET F 163 59.92 13.81 -2.60
CA MET F 163 60.66 13.56 -1.37
C MET F 163 62.15 13.88 -1.52
N ASP F 164 62.60 14.97 -0.92
CA ASP F 164 64.01 15.33 -1.00
C ASP F 164 64.85 14.32 -0.21
N GLN F 165 66.09 14.11 -0.62
CA GLN F 165 66.96 13.14 0.04
C GLN F 165 67.26 13.48 1.50
N THR F 166 67.21 14.75 1.87
CA THR F 166 67.48 15.13 3.25
C THR F 166 66.38 14.58 4.17
N LYS F 167 65.15 15.09 4.05
CA LYS F 167 64.03 14.61 4.88
C LYS F 167 63.76 13.12 4.67
N PHE F 168 63.88 12.67 3.42
CA PHE F 168 63.63 11.28 3.08
C PHE F 168 64.85 10.62 2.48
N PRO F 169 65.81 10.21 3.32
CA PRO F 169 67.03 9.56 2.86
C PRO F 169 66.81 8.15 2.31
N ILE F 170 66.25 8.05 1.12
CA ILE F 170 66.01 6.77 0.47
C ILE F 170 67.09 6.58 -0.58
N VAL F 171 67.46 5.33 -0.85
CA VAL F 171 68.49 5.07 -1.85
C VAL F 171 67.93 5.31 -3.24
N ASN F 172 66.91 4.54 -3.59
CA ASN F 172 66.28 4.66 -4.90
C ASN F 172 65.60 5.99 -5.09
N ALA F 173 66.13 6.81 -6.00
CA ALA F 173 65.55 8.13 -6.27
C ALA F 173 64.45 8.05 -7.32
N GLU F 174 64.26 6.86 -7.88
CA GLU F 174 63.22 6.63 -8.88
C GLU F 174 61.91 6.23 -8.19
N LEU F 175 61.96 6.08 -6.87
CA LEU F 175 60.81 5.68 -6.08
C LEU F 175 59.65 6.67 -6.12
N SER F 176 58.47 6.16 -6.43
CA SER F 176 57.27 7.00 -6.46
C SER F 176 56.40 6.73 -5.24
N PHE F 177 55.44 7.61 -4.99
CA PHE F 177 54.59 7.46 -3.83
C PHE F 177 53.13 7.86 -4.04
N PHE F 178 52.28 7.49 -3.07
CA PHE F 178 50.85 7.77 -3.12
C PHE F 178 50.34 8.64 -1.97
N GLY F 179 49.23 9.32 -2.21
CA GLY F 179 48.61 10.17 -1.21
C GLY F 179 47.27 10.67 -1.73
N HIS F 180 46.53 11.43 -0.93
CA HIS F 180 45.26 11.97 -1.39
C HIS F 180 45.24 13.45 -1.02
N ALA F 181 44.51 14.25 -1.79
CA ALA F 181 44.48 15.68 -1.56
C ALA F 181 43.14 16.22 -1.11
N HIS F 182 42.30 15.36 -0.58
CA HIS F 182 41.00 15.78 -0.09
C HIS F 182 41.15 16.45 1.26
N LEU F 183 40.82 17.74 1.32
CA LEU F 183 40.93 18.47 2.58
C LEU F 183 39.74 18.12 3.49
N GLY F 184 39.70 16.88 3.95
CA GLY F 184 38.64 16.42 4.80
C GLY F 184 38.82 14.95 5.12
N THR F 185 37.71 14.28 5.40
CA THR F 185 37.73 12.85 5.72
C THR F 185 36.46 12.24 5.13
N GLY F 186 36.49 10.92 5.01
CA GLY F 186 35.34 10.22 4.47
C GLY F 186 35.20 10.36 2.98
N ASP F 187 34.20 9.65 2.44
CA ASP F 187 33.88 9.66 1.03
C ASP F 187 33.59 11.12 0.69
N PRO F 188 34.44 11.74 -0.16
CA PRO F 188 34.20 13.14 -0.51
C PRO F 188 32.94 13.41 -1.32
N TYR F 189 32.23 12.34 -1.69
CA TYR F 189 31.01 12.53 -2.44
C TYR F 189 29.71 12.30 -1.63
N THR F 190 29.90 12.03 -0.33
CA THR F 190 28.80 11.89 0.62
C THR F 190 29.22 12.72 1.83
N PRO F 191 29.61 13.98 1.60
CA PRO F 191 30.03 14.87 2.68
C PRO F 191 28.99 15.09 3.78
N GLY F 192 29.37 14.78 5.02
CA GLY F 192 28.49 14.98 6.15
C GLY F 192 27.34 14.00 6.29
N PHE F 193 27.38 12.90 5.54
CA PHE F 193 26.33 11.88 5.62
C PHE F 193 26.92 10.55 5.15
N PRO F 194 26.28 9.41 5.49
CA PRO F 194 26.78 8.08 5.13
C PRO F 194 26.62 7.56 3.72
N SER F 195 27.65 6.85 3.29
CA SER F 195 27.68 6.24 1.96
C SER F 195 26.92 4.91 2.06
N PHE F 196 25.59 5.02 2.04
CA PHE F 196 24.70 3.86 2.13
C PHE F 196 23.68 3.95 1.00
N ASN F 197 23.31 2.81 0.42
CA ASN F 197 22.34 2.83 -0.66
C ASN F 197 21.03 3.54 -0.31
N HIS F 198 20.68 3.56 0.98
CA HIS F 198 19.44 4.20 1.40
C HIS F 198 19.45 5.65 0.97
N THR F 199 20.68 6.14 0.87
CA THR F 199 20.93 7.53 0.51
C THR F 199 20.65 7.83 -0.96
N GLN F 200 20.77 6.80 -1.79
CA GLN F 200 20.56 6.92 -3.24
C GLN F 200 21.53 7.98 -3.78
N PHE F 201 22.68 8.02 -3.12
CA PHE F 201 23.80 8.90 -3.41
C PHE F 201 23.49 10.18 -4.15
N PRO F 202 22.87 11.14 -3.46
CA PRO F 202 22.53 12.41 -4.11
C PRO F 202 23.79 13.15 -4.55
N PRO F 203 23.67 14.06 -5.53
CA PRO F 203 24.82 14.83 -6.02
C PRO F 203 25.30 15.79 -4.92
N SER F 204 26.39 15.43 -4.28
CA SER F 204 26.93 16.25 -3.23
C SER F 204 28.44 16.19 -3.36
N ARG F 205 29.07 17.36 -3.34
CA ARG F 205 30.50 17.42 -3.52
C ARG F 205 31.19 18.11 -2.33
N SER F 206 32.08 17.38 -1.66
CA SER F 206 32.82 17.95 -0.53
C SER F 206 33.53 19.23 -0.95
N SER F 207 33.35 20.28 -0.16
CA SER F 207 33.99 21.56 -0.45
C SER F 207 35.49 21.44 -0.16
N GLY F 208 35.93 20.26 0.24
CA GLY F 208 37.34 20.08 0.53
C GLY F 208 38.06 19.47 -0.65
N LEU F 209 37.36 19.31 -1.76
CA LEU F 209 37.97 18.75 -2.97
C LEU F 209 38.69 19.86 -3.73
N PRO F 210 39.97 19.65 -4.05
CA PRO F 210 40.78 20.62 -4.78
C PRO F 210 40.34 20.82 -6.22
N ASN F 211 40.61 21.99 -6.78
CA ASN F 211 40.22 22.25 -8.16
C ASN F 211 41.39 22.39 -9.11
N ILE F 212 42.54 21.85 -8.73
CA ILE F 212 43.72 21.90 -9.57
C ILE F 212 44.37 20.54 -9.53
N PRO F 213 45.15 20.19 -10.56
CA PRO F 213 45.80 18.88 -10.56
C PRO F 213 46.93 18.81 -9.55
N VAL F 214 47.22 17.61 -9.07
CA VAL F 214 48.28 17.40 -8.10
C VAL F 214 48.90 16.08 -8.45
N GLN F 215 50.22 16.08 -8.59
CA GLN F 215 50.92 14.86 -8.95
C GLN F 215 52.14 14.59 -8.09
N THR F 216 52.47 13.32 -8.02
CA THR F 216 53.60 12.85 -7.26
C THR F 216 54.75 12.56 -8.23
N ILE F 217 55.97 12.96 -7.87
CA ILE F 217 57.12 12.71 -8.74
C ILE F 217 58.30 12.20 -7.91
N SER F 218 59.13 11.35 -8.54
CA SER F 218 60.29 10.78 -7.88
C SER F 218 61.28 11.89 -7.59
N ARG F 219 62.28 11.60 -6.76
CA ARG F 219 63.29 12.60 -6.43
C ARG F 219 64.06 12.90 -7.70
N ALA F 220 64.37 11.84 -8.44
CA ALA F 220 65.08 11.97 -9.70
C ALA F 220 64.41 13.04 -10.56
N ALA F 221 63.11 12.89 -10.74
CA ALA F 221 62.36 13.83 -11.53
C ALA F 221 62.51 15.23 -10.98
N ALA F 222 62.41 15.37 -9.66
CA ALA F 222 62.55 16.68 -9.04
C ALA F 222 63.89 17.30 -9.44
N GLU F 223 64.95 16.50 -9.35
CA GLU F 223 66.26 17.00 -9.71
C GLU F 223 66.32 17.38 -11.19
N LYS F 224 65.66 16.61 -12.05
CA LYS F 224 65.64 16.95 -13.47
C LYS F 224 64.96 18.30 -13.69
N LEU F 225 63.91 18.56 -12.92
CA LEU F 225 63.22 19.85 -13.03
C LEU F 225 64.14 20.94 -12.48
N PHE F 226 64.94 20.60 -11.47
CA PHE F 226 65.84 21.55 -10.85
C PHE F 226 66.95 21.96 -11.82
N GLY F 227 67.20 21.10 -12.80
CA GLY F 227 68.21 21.39 -13.80
C GLY F 227 67.73 22.43 -14.78
N ASN F 228 66.49 22.88 -14.61
CA ASN F 228 65.93 23.87 -15.50
C ASN F 228 65.40 25.03 -14.67
N MET F 229 65.92 25.16 -13.45
CA MET F 229 65.51 26.22 -12.56
C MET F 229 66.72 26.99 -12.05
N GLU F 230 66.49 28.19 -11.54
CA GLU F 230 67.60 29.02 -11.06
C GLU F 230 67.31 29.53 -9.65
N GLY F 231 68.32 30.05 -8.98
CA GLY F 231 68.13 30.57 -7.65
C GLY F 231 68.35 29.52 -6.58
N ASP F 232 69.44 29.65 -5.84
CA ASP F 232 69.73 28.69 -4.79
C ASP F 232 68.60 28.61 -3.78
N CYS F 233 68.24 27.38 -3.46
CA CYS F 233 67.19 27.05 -2.50
C CYS F 233 67.71 27.58 -1.16
N PRO F 234 66.89 28.35 -0.42
CA PRO F 234 67.30 28.90 0.88
C PRO F 234 67.96 27.89 1.82
N SER F 235 69.11 28.26 2.37
CA SER F 235 69.83 27.38 3.29
C SER F 235 68.93 27.12 4.50
N ASP F 236 68.09 28.11 4.79
CA ASP F 236 67.16 28.06 5.90
C ASP F 236 66.30 26.78 5.86
N TRP F 237 65.95 26.37 4.65
CA TRP F 237 65.12 25.19 4.42
C TRP F 237 65.81 23.89 4.78
N LYS F 238 67.14 23.94 4.89
CA LYS F 238 67.91 22.75 5.22
C LYS F 238 67.43 21.59 4.33
N THR F 239 67.62 21.75 3.02
CA THR F 239 67.21 20.74 2.05
C THR F 239 68.32 20.48 1.02
N ASP F 240 68.11 19.47 0.19
CA ASP F 240 69.06 19.10 -0.87
C ASP F 240 69.80 20.28 -1.49
N SER F 241 71.06 20.05 -1.85
CA SER F 241 71.88 21.07 -2.46
C SER F 241 71.50 21.19 -3.92
N THR F 242 70.51 20.41 -4.33
CA THR F 242 70.06 20.41 -5.71
C THR F 242 68.88 21.33 -6.04
N CYS F 243 67.95 21.51 -5.11
CA CYS F 243 66.81 22.34 -5.46
C CYS F 243 67.07 23.81 -5.67
N ARG F 244 66.16 24.41 -6.43
CA ARG F 244 66.19 25.81 -6.78
C ARG F 244 64.75 26.20 -7.05
N MET F 245 64.41 27.47 -6.88
CA MET F 245 63.04 27.93 -7.11
C MET F 245 62.89 28.62 -8.45
N VAL F 246 61.75 28.42 -9.10
CA VAL F 246 61.48 29.05 -10.38
C VAL F 246 62.31 28.51 -11.55
N THR F 247 61.63 28.28 -12.66
CA THR F 247 62.27 27.79 -13.86
C THR F 247 62.85 28.95 -14.67
N SER F 248 63.78 28.63 -15.57
CA SER F 248 64.39 29.63 -16.43
C SER F 248 63.30 30.21 -17.31
N GLU F 249 63.21 31.55 -17.34
CA GLU F 249 62.18 32.23 -18.13
C GLU F 249 61.84 31.58 -19.47
N SER F 250 62.84 30.97 -20.10
CA SER F 250 62.62 30.32 -21.39
C SER F 250 61.88 29.00 -21.30
N LYS F 251 62.02 28.30 -20.17
CA LYS F 251 61.38 27.01 -20.00
C LYS F 251 60.26 26.98 -18.98
N ASN F 252 59.29 26.11 -19.20
CA ASN F 252 58.18 25.94 -18.26
C ASN F 252 57.65 24.49 -18.37
N VAL F 253 56.95 24.04 -17.32
CA VAL F 253 56.45 22.66 -17.30
C VAL F 253 54.97 22.49 -17.59
N LYS F 254 54.63 21.29 -18.03
CA LYS F 254 53.26 20.93 -18.33
C LYS F 254 52.91 19.65 -17.58
N LEU F 255 52.07 19.80 -16.56
CA LEU F 255 51.61 18.69 -15.75
C LEU F 255 50.32 18.18 -16.34
N THR F 256 50.20 16.86 -16.43
CA THR F 256 48.99 16.29 -16.97
C THR F 256 48.56 15.02 -16.20
N VAL F 257 47.39 15.12 -15.55
CA VAL F 257 46.86 13.99 -14.78
C VAL F 257 45.45 13.66 -15.24
N SER F 258 45.21 12.37 -15.49
CA SER F 258 43.91 11.94 -15.96
C SER F 258 43.14 11.03 -15.00
N ASN F 259 43.54 11.04 -13.73
CA ASN F 259 42.88 10.24 -12.70
C ASN F 259 41.35 10.21 -12.86
N VAL F 260 40.76 9.04 -12.62
CA VAL F 260 39.32 8.89 -12.74
C VAL F 260 38.67 8.35 -11.46
N LEU F 261 37.46 8.80 -11.21
CA LEU F 261 36.70 8.35 -10.06
C LEU F 261 36.32 6.87 -10.26
N LYS F 262 36.23 6.14 -9.16
CA LYS F 262 35.86 4.74 -9.21
C LYS F 262 35.06 4.39 -7.96
N GLU F 263 33.82 3.93 -8.17
CA GLU F 263 32.97 3.55 -7.05
C GLU F 263 33.42 2.18 -6.58
N ILE F 264 33.60 2.01 -5.27
CA ILE F 264 34.02 0.73 -4.74
C ILE F 264 33.23 0.32 -3.50
N LYS F 265 33.42 -0.93 -3.10
CA LYS F 265 32.75 -1.47 -1.94
C LYS F 265 33.77 -1.61 -0.83
N ILE F 266 33.51 -0.94 0.29
CA ILE F 266 34.38 -0.97 1.45
C ILE F 266 33.77 -1.84 2.54
N LEU F 267 34.63 -2.51 3.30
CA LEU F 267 34.15 -3.35 4.39
C LEU F 267 34.79 -2.98 5.69
N ASN F 268 33.95 -2.63 6.66
CA ASN F 268 34.44 -2.30 8.02
C ASN F 268 34.10 -3.54 8.88
N ILE F 269 35.11 -4.21 9.40
CA ILE F 269 34.88 -5.38 10.23
C ILE F 269 34.92 -4.98 11.72
N PHE F 270 33.86 -5.31 12.46
CA PHE F 270 33.80 -4.98 13.88
C PHE F 270 33.75 -6.19 14.81
N GLY F 271 34.14 -5.96 16.06
CA GLY F 271 34.09 -7.01 17.06
C GLY F 271 33.86 -6.34 18.41
N VAL F 272 32.94 -6.85 19.20
CA VAL F 272 32.71 -6.24 20.51
C VAL F 272 32.78 -7.25 21.66
N ILE F 273 33.25 -6.77 22.80
CA ILE F 273 33.36 -7.56 24.03
C ILE F 273 32.41 -6.82 24.97
N LYS F 274 31.17 -7.31 25.08
CA LYS F 274 30.16 -6.67 25.92
C LYS F 274 30.60 -6.45 27.37
N GLY F 275 30.23 -5.30 27.91
CA GLY F 275 30.57 -4.95 29.28
C GLY F 275 29.67 -5.66 30.28
N PHE F 276 30.12 -5.75 31.53
CA PHE F 276 29.36 -6.44 32.58
C PHE F 276 28.41 -5.59 33.40
N VAL F 277 28.44 -4.27 33.26
CA VAL F 277 27.57 -3.43 34.05
C VAL F 277 26.78 -2.44 33.22
N GLU F 278 27.50 -1.73 32.33
CA GLU F 278 26.91 -0.75 31.43
C GLU F 278 27.47 -1.11 30.05
N PRO F 279 26.90 -2.11 29.40
CA PRO F 279 27.40 -2.50 28.09
C PRO F 279 27.09 -1.43 27.04
N ASP F 280 26.05 -0.64 27.31
CA ASP F 280 25.62 0.40 26.39
C ASP F 280 26.63 1.52 26.18
N HIS F 281 27.64 1.58 27.04
CA HIS F 281 28.71 2.56 26.93
C HIS F 281 29.94 1.78 26.49
N TYR F 282 30.78 2.39 25.68
CA TYR F 282 31.93 1.65 25.20
C TYR F 282 33.08 2.45 24.62
N VAL F 283 34.19 1.74 24.47
CA VAL F 283 35.41 2.27 23.93
C VAL F 283 35.54 1.70 22.53
N VAL F 284 36.17 2.43 21.62
CA VAL F 284 36.36 1.91 20.27
C VAL F 284 37.83 1.92 20.01
N VAL F 285 38.35 0.80 19.52
CA VAL F 285 39.78 0.69 19.21
C VAL F 285 39.83 0.26 17.75
N GLY F 286 40.58 1.00 16.93
CA GLY F 286 40.63 0.66 15.53
C GLY F 286 41.94 0.83 14.81
N ALA F 287 41.97 0.29 13.59
CA ALA F 287 43.15 0.37 12.73
C ALA F 287 42.78 0.23 11.26
N GLN F 288 43.54 0.95 10.43
CA GLN F 288 43.37 0.96 8.98
C GLN F 288 43.85 -0.36 8.40
N ARG F 289 43.09 -0.91 7.46
CA ARG F 289 43.46 -2.18 6.85
C ARG F 289 44.01 -2.03 5.43
N ASP F 290 43.48 -1.07 4.68
CA ASP F 290 43.90 -0.83 3.31
C ASP F 290 45.26 -0.17 3.23
N ALA F 291 45.86 -0.25 2.04
CA ALA F 291 47.17 0.32 1.80
C ALA F 291 47.41 0.36 0.30
N TRP F 292 48.16 1.37 -0.15
CA TRP F 292 48.45 1.50 -1.57
C TRP F 292 49.44 0.42 -2.00
N GLY F 293 50.52 0.27 -1.25
CA GLY F 293 51.48 -0.76 -1.59
C GLY F 293 51.35 -1.92 -0.63
N PRO F 294 52.45 -2.33 0.01
CA PRO F 294 52.45 -3.43 0.97
C PRO F 294 51.86 -2.91 2.28
N GLY F 295 52.10 -1.62 2.53
CA GLY F 295 51.58 -0.98 3.73
C GLY F 295 51.89 -1.65 5.05
N ALA F 296 53.08 -2.23 5.16
CA ALA F 296 53.48 -2.90 6.39
C ALA F 296 53.30 -2.00 7.60
N ALA F 297 54.03 -0.89 7.61
CA ALA F 297 53.98 0.07 8.71
C ALA F 297 52.69 0.88 8.75
N LYS F 298 52.20 1.29 7.59
CA LYS F 298 50.99 2.11 7.53
C LYS F 298 49.73 1.32 7.84
N SER F 299 49.73 0.03 7.52
CA SER F 299 48.53 -0.78 7.74
C SER F 299 48.76 -2.06 8.56
N GLY F 300 49.80 -2.80 8.21
CA GLY F 300 50.10 -4.04 8.90
C GLY F 300 50.21 -3.97 10.41
N VAL F 301 51.22 -3.26 10.90
CA VAL F 301 51.41 -3.14 12.34
C VAL F 301 50.10 -2.82 13.06
N GLY F 302 49.40 -1.81 12.56
CA GLY F 302 48.14 -1.45 13.19
C GLY F 302 47.19 -2.62 13.25
N THR F 303 46.86 -3.19 12.10
CA THR F 303 45.95 -4.33 12.07
C THR F 303 46.46 -5.50 12.92
N ALA F 304 47.79 -5.68 12.95
CA ALA F 304 48.34 -6.76 13.76
C ALA F 304 47.98 -6.46 15.21
N LEU F 305 48.25 -5.23 15.64
CA LEU F 305 47.94 -4.85 17.02
C LEU F 305 46.46 -5.06 17.34
N LEU F 306 45.59 -4.71 16.40
CA LEU F 306 44.16 -4.86 16.61
C LEU F 306 43.81 -6.32 16.85
N LEU F 307 44.31 -7.20 16.00
CA LEU F 307 44.06 -8.62 16.14
C LEU F 307 44.50 -9.13 17.52
N LYS F 308 45.76 -8.89 17.86
CA LYS F 308 46.26 -9.34 19.16
C LYS F 308 45.44 -8.81 20.32
N LEU F 309 45.28 -7.49 20.39
CA LEU F 309 44.52 -6.88 21.46
C LEU F 309 43.16 -7.53 21.62
N ALA F 310 42.46 -7.74 20.52
CA ALA F 310 41.13 -8.36 20.57
C ALA F 310 41.23 -9.78 21.15
N GLN F 311 42.36 -10.43 20.91
CA GLN F 311 42.57 -11.77 21.40
C GLN F 311 42.82 -11.72 22.91
N MET F 312 43.90 -11.09 23.31
CA MET F 312 44.24 -10.96 24.73
C MET F 312 43.06 -10.58 25.62
N PHE F 313 42.26 -9.61 25.19
CA PHE F 313 41.14 -9.21 26.01
C PHE F 313 40.02 -10.24 26.01
N SER F 314 39.99 -11.08 24.98
CA SER F 314 38.95 -12.11 24.92
C SER F 314 39.30 -13.17 25.96
N ASP F 315 40.58 -13.52 26.00
CA ASP F 315 41.06 -14.49 26.97
C ASP F 315 40.79 -13.93 28.36
N MET F 316 41.48 -12.84 28.68
CA MET F 316 41.31 -12.21 29.97
C MET F 316 39.86 -12.26 30.46
N VAL F 317 38.93 -12.06 29.55
CA VAL F 317 37.52 -12.10 29.91
C VAL F 317 37.01 -13.52 30.11
N LEU F 318 37.35 -14.40 29.17
CA LEU F 318 36.90 -15.79 29.24
C LEU F 318 37.71 -16.69 30.17
N LYS F 319 39.00 -16.40 30.32
CA LYS F 319 39.84 -17.21 31.21
C LYS F 319 40.10 -16.51 32.54
N ASP F 320 41.04 -15.58 32.53
CA ASP F 320 41.44 -14.83 33.72
C ASP F 320 40.30 -14.11 34.46
N GLY F 321 39.06 -14.30 34.01
CA GLY F 321 37.93 -13.68 34.65
C GLY F 321 37.91 -12.15 34.76
N PHE F 322 38.35 -11.47 33.71
CA PHE F 322 38.34 -10.02 33.67
C PHE F 322 36.89 -9.62 33.44
N GLN F 323 36.43 -8.56 34.10
CA GLN F 323 35.04 -8.13 33.95
C GLN F 323 34.84 -6.64 33.77
N PRO F 324 35.10 -6.14 32.55
CA PRO F 324 34.94 -4.73 32.21
C PRO F 324 33.50 -4.27 32.39
N SER F 325 33.31 -3.14 33.08
CA SER F 325 31.98 -2.61 33.31
C SER F 325 31.37 -2.16 31.99
N ARG F 326 32.22 -1.66 31.10
CA ARG F 326 31.78 -1.16 29.79
C ARG F 326 32.33 -1.98 28.65
N SER F 327 31.69 -1.85 27.48
CA SER F 327 32.09 -2.62 26.32
C SER F 327 33.34 -2.12 25.59
N ILE F 328 33.88 -2.98 24.74
CA ILE F 328 35.06 -2.67 23.96
C ILE F 328 34.77 -3.08 22.51
N ILE F 329 34.93 -2.16 21.58
CA ILE F 329 34.71 -2.44 20.17
C ILE F 329 36.04 -2.45 19.43
N PHE F 330 36.26 -3.48 18.61
CA PHE F 330 37.48 -3.59 17.83
C PHE F 330 37.03 -3.39 16.40
N ALA F 331 37.65 -2.43 15.71
CA ALA F 331 37.24 -2.15 14.34
C ALA F 331 38.40 -2.09 13.36
N SER F 332 38.22 -2.74 12.22
CA SER F 332 39.23 -2.72 11.17
C SER F 332 38.59 -1.95 10.03
N TRP F 333 39.04 -0.71 9.79
CA TRP F 333 38.46 0.08 8.70
C TRP F 333 39.25 0.04 7.39
N SER F 334 38.57 0.41 6.31
CA SER F 334 39.18 0.44 4.99
C SER F 334 39.05 1.84 4.40
N ALA F 335 39.77 2.09 3.30
CA ALA F 335 39.76 3.38 2.61
C ALA F 335 40.34 4.48 3.50
N GLY F 336 41.32 4.10 4.32
CA GLY F 336 41.97 5.06 5.19
C GLY F 336 42.94 5.90 4.41
N ASP F 337 43.54 5.29 3.39
CA ASP F 337 44.50 6.00 2.53
C ASP F 337 43.85 7.17 1.82
N PHE F 338 42.52 7.17 1.73
CA PHE F 338 41.81 8.24 1.06
C PHE F 338 41.22 9.24 2.03
N GLY F 339 41.63 9.13 3.29
CA GLY F 339 41.14 10.04 4.31
C GLY F 339 40.23 9.49 5.40
N SER F 340 40.65 8.39 6.03
CA SER F 340 39.87 7.77 7.10
C SER F 340 38.41 7.64 6.65
N VAL F 341 38.21 7.17 5.43
CA VAL F 341 36.87 7.04 4.86
C VAL F 341 35.98 6.03 5.59
N GLY F 342 36.46 4.80 5.75
CA GLY F 342 35.66 3.80 6.43
C GLY F 342 35.22 4.32 7.79
N ALA F 343 36.17 4.82 8.56
CA ALA F 343 35.87 5.35 9.89
C ALA F 343 34.88 6.52 9.87
N THR F 344 35.07 7.44 8.95
CA THR F 344 34.18 8.59 8.90
C THR F 344 32.78 8.16 8.54
N GLU F 345 32.67 7.23 7.59
CA GLU F 345 31.35 6.77 7.15
C GLU F 345 30.61 6.10 8.31
N TRP F 346 31.38 5.42 9.17
CA TRP F 346 30.79 4.78 10.32
C TRP F 346 30.22 5.86 11.25
N LEU F 347 31.05 6.84 11.60
CA LEU F 347 30.62 7.89 12.49
C LEU F 347 29.41 8.65 11.97
N GLU F 348 29.37 8.89 10.66
CA GLU F 348 28.25 9.63 10.09
C GLU F 348 27.04 8.73 9.97
N GLY F 349 27.29 7.45 9.77
CA GLY F 349 26.21 6.49 9.65
C GLY F 349 25.52 6.25 10.98
N TYR F 350 26.29 5.93 12.03
CA TYR F 350 25.71 5.63 13.32
C TYR F 350 25.79 6.73 14.37
N LEU F 351 25.78 7.95 13.89
CA LEU F 351 25.85 9.11 14.76
C LEU F 351 24.95 8.96 16.00
N SER F 352 23.65 8.85 15.76
CA SER F 352 22.67 8.73 16.84
C SER F 352 22.90 7.60 17.83
N SER F 353 23.60 6.56 17.39
CA SER F 353 23.87 5.42 18.26
C SER F 353 25.09 5.60 19.12
N LEU F 354 26.00 6.45 18.67
CA LEU F 354 27.25 6.70 19.39
C LEU F 354 27.13 7.86 20.38
N HIS F 355 26.23 8.80 20.09
CA HIS F 355 26.06 9.98 20.95
C HIS F 355 26.03 9.68 22.46
N LEU F 356 27.07 10.11 23.17
CA LEU F 356 27.14 9.91 24.61
C LEU F 356 27.21 8.44 25.02
N LYS F 357 27.50 7.56 24.07
CA LYS F 357 27.63 6.14 24.35
C LYS F 357 29.07 5.70 24.12
N ALA F 358 29.63 6.08 22.97
CA ALA F 358 31.03 5.77 22.66
C ALA F 358 31.73 6.90 23.39
N PHE F 359 32.58 6.57 24.36
CA PHE F 359 33.22 7.61 25.16
C PHE F 359 34.72 7.82 24.99
N THR F 360 35.36 6.99 24.16
CA THR F 360 36.78 7.16 23.86
C THR F 360 37.18 6.31 22.67
N TYR F 361 38.09 6.85 21.85
CA TYR F 361 38.55 6.12 20.69
C TYR F 361 40.05 6.03 20.75
N ILE F 362 40.56 4.85 20.41
CA ILE F 362 41.99 4.62 20.43
C ILE F 362 42.39 4.14 19.05
N ASN F 363 43.31 4.88 18.43
CA ASN F 363 43.76 4.52 17.10
C ASN F 363 45.09 3.77 17.19
N LEU F 364 45.25 2.76 16.35
CA LEU F 364 46.46 1.95 16.36
C LEU F 364 47.33 2.09 15.13
N ASP F 365 46.89 2.91 14.17
CA ASP F 365 47.64 3.11 12.94
C ASP F 365 49.02 3.73 13.16
N LYS F 366 49.99 3.28 12.36
CA LYS F 366 51.37 3.77 12.44
C LYS F 366 51.87 3.88 13.87
N ALA F 367 51.58 2.87 14.68
CA ALA F 367 52.00 2.88 16.09
C ALA F 367 53.49 2.61 16.27
N VAL F 368 54.10 1.95 15.30
CA VAL F 368 55.54 1.65 15.38
C VAL F 368 56.26 2.09 14.11
N LEU F 369 57.10 3.11 14.26
CA LEU F 369 57.85 3.65 13.13
C LEU F 369 59.32 3.86 13.50
N GLY F 370 59.63 3.67 14.78
CA GLY F 370 60.99 3.84 15.25
C GLY F 370 61.18 3.37 16.68
N THR F 371 62.18 3.94 17.36
CA THR F 371 62.47 3.55 18.73
C THR F 371 62.79 4.72 19.64
N SER F 372 63.54 5.69 19.11
CA SER F 372 63.95 6.86 19.87
C SER F 372 62.86 7.51 20.70
N ASN F 373 61.75 7.87 20.07
CA ASN F 373 60.70 8.54 20.81
C ASN F 373 59.37 7.84 20.92
N PHE F 374 58.53 8.40 21.79
CA PHE F 374 57.18 7.92 22.02
C PHE F 374 56.37 9.21 22.01
N LYS F 375 55.65 9.45 20.92
CA LYS F 375 54.83 10.66 20.80
C LYS F 375 53.37 10.33 21.03
N VAL F 376 52.60 11.36 21.32
CA VAL F 376 51.19 11.19 21.59
C VAL F 376 50.37 12.42 21.21
N SER F 377 49.20 12.16 20.63
CA SER F 377 48.27 13.21 20.22
C SER F 377 46.89 12.76 20.69
N ALA F 378 46.20 13.59 21.45
CA ALA F 378 44.88 13.21 21.92
C ALA F 378 44.16 14.31 22.66
N SER F 379 42.89 14.07 22.96
CA SER F 379 42.08 15.04 23.68
C SER F 379 42.69 15.26 25.04
N PRO F 380 42.61 16.49 25.56
CA PRO F 380 43.19 16.73 26.87
C PRO F 380 42.56 15.81 27.94
N LEU F 381 41.32 15.37 27.72
CA LEU F 381 40.63 14.49 28.66
C LEU F 381 41.37 13.17 28.91
N LEU F 382 42.29 12.80 28.03
CA LEU F 382 43.03 11.55 28.18
C LEU F 382 44.47 11.81 28.59
N TYR F 383 44.80 13.04 28.93
CA TYR F 383 46.20 13.32 29.31
C TYR F 383 46.63 12.54 30.55
N THR F 384 45.87 12.71 31.62
CA THR F 384 46.17 12.03 32.88
C THR F 384 46.29 10.51 32.67
N LEU F 385 45.33 9.93 31.97
CA LEU F 385 45.39 8.50 31.71
C LEU F 385 46.68 8.17 30.95
N ILE F 386 47.02 8.99 29.94
CA ILE F 386 48.23 8.79 29.15
C ILE F 386 49.46 8.92 30.04
N GLU F 387 49.42 9.85 30.99
CA GLU F 387 50.54 10.08 31.89
C GLU F 387 50.80 8.87 32.78
N LYS F 388 49.78 8.49 33.54
CA LYS F 388 49.87 7.34 34.44
C LYS F 388 50.40 6.16 33.65
N THR F 389 49.88 5.99 32.44
CA THR F 389 50.33 4.89 31.61
C THR F 389 51.81 4.97 31.26
N MET F 390 52.30 6.19 31.04
CA MET F 390 53.70 6.35 30.69
C MET F 390 54.61 6.12 31.90
N GLN F 391 54.03 6.31 33.09
CA GLN F 391 54.79 6.14 34.32
C GLN F 391 54.97 4.67 34.71
N ASN F 392 54.11 3.80 34.19
CA ASN F 392 54.22 2.38 34.53
C ASN F 392 54.52 1.45 33.35
N VAL F 393 54.70 2.01 32.16
CA VAL F 393 55.02 1.21 30.98
C VAL F 393 56.47 1.49 30.63
N LYS F 394 57.21 0.45 30.26
CA LYS F 394 58.63 0.64 29.96
C LYS F 394 59.02 0.60 28.48
N HIS F 395 59.91 1.51 28.11
CA HIS F 395 60.42 1.62 26.74
C HIS F 395 61.03 0.27 26.33
N PRO F 396 60.59 -0.27 25.19
CA PRO F 396 61.09 -1.56 24.69
C PRO F 396 62.61 -1.70 24.53
N VAL F 397 63.33 -0.60 24.54
CA VAL F 397 64.78 -0.67 24.40
C VAL F 397 65.49 -0.05 25.59
N THR F 398 65.11 1.18 25.92
CA THR F 398 65.70 1.89 27.05
C THR F 398 65.43 1.18 28.38
N GLY F 399 64.38 0.36 28.42
CA GLY F 399 64.07 -0.33 29.65
C GLY F 399 63.51 0.65 30.67
N GLN F 400 63.75 1.93 30.47
CA GLN F 400 63.26 2.97 31.37
C GLN F 400 61.77 3.22 31.19
N PHE F 401 61.18 3.98 32.11
CA PHE F 401 59.77 4.30 32.04
C PHE F 401 59.54 5.33 30.93
N LEU F 402 58.37 5.29 30.32
CA LEU F 402 58.07 6.24 29.25
C LEU F 402 58.03 7.66 29.80
N TYR F 403 57.46 7.83 30.99
CA TYR F 403 57.39 9.15 31.59
C TYR F 403 58.78 9.65 31.91
N GLN F 404 59.33 10.50 31.05
CA GLN F 404 60.67 11.03 31.27
C GLN F 404 60.68 12.55 31.32
N ASP F 405 59.64 13.16 30.75
CA ASP F 405 59.52 14.60 30.73
C ASP F 405 58.21 14.95 31.42
N SER F 406 58.29 15.74 32.48
CA SER F 406 57.10 16.12 33.22
C SER F 406 56.34 17.28 32.59
N ASN F 407 56.83 17.75 31.44
CA ASN F 407 56.16 18.84 30.74
C ASN F 407 55.63 18.34 29.40
N TRP F 408 55.66 17.03 29.21
CA TRP F 408 55.21 16.42 27.98
C TRP F 408 53.85 16.97 27.53
N ALA F 409 52.93 17.11 28.47
CA ALA F 409 51.58 17.58 28.15
C ALA F 409 51.51 18.92 27.44
N SER F 410 52.42 19.83 27.78
CA SER F 410 52.43 21.15 27.16
C SER F 410 53.15 21.16 25.81
N LYS F 411 53.55 19.98 25.34
CA LYS F 411 54.25 19.84 24.08
C LYS F 411 53.44 18.92 23.13
N VAL F 412 52.24 18.53 23.58
CA VAL F 412 51.39 17.67 22.77
C VAL F 412 50.90 18.39 21.53
N GLU F 413 51.13 17.76 20.39
CA GLU F 413 50.72 18.30 19.11
C GLU F 413 49.31 17.78 18.79
N LYS F 414 48.42 18.66 18.35
CA LYS F 414 47.06 18.20 18.07
C LYS F 414 46.87 17.25 16.91
N LEU F 415 45.75 16.54 16.95
CA LEU F 415 45.39 15.59 15.92
C LEU F 415 45.24 16.27 14.56
N THR F 416 45.72 15.61 13.50
CA THR F 416 45.64 16.16 12.15
C THR F 416 44.74 15.34 11.21
N LEU F 417 44.29 15.97 10.14
CA LEU F 417 43.43 15.33 9.15
C LEU F 417 43.81 13.93 8.70
N ASP F 418 45.11 13.62 8.65
CA ASP F 418 45.50 12.31 8.19
C ASP F 418 45.37 11.23 9.26
N ASN F 419 45.01 11.65 10.47
CA ASN F 419 44.85 10.69 11.56
C ASN F 419 43.39 10.26 11.73
N ALA F 420 43.16 8.95 11.70
CA ALA F 420 41.83 8.38 11.86
C ALA F 420 41.16 8.84 13.16
N ALA F 421 41.95 9.28 14.14
CA ALA F 421 41.41 9.76 15.40
C ALA F 421 40.82 11.14 15.25
N PHE F 422 41.28 11.87 14.25
CA PHE F 422 40.80 13.23 14.03
C PHE F 422 39.28 13.32 13.90
N PRO F 423 38.67 12.50 13.03
CA PRO F 423 37.22 12.58 12.89
C PRO F 423 36.48 12.32 14.18
N PHE F 424 36.91 11.29 14.92
CA PHE F 424 36.27 10.95 16.20
C PHE F 424 36.17 12.12 17.17
N LEU F 425 37.25 12.86 17.31
CA LEU F 425 37.28 13.99 18.22
C LEU F 425 36.65 15.27 17.67
N ALA F 426 37.05 15.66 16.46
CA ALA F 426 36.57 16.89 15.84
C ALA F 426 35.13 16.87 15.33
N TYR F 427 34.68 15.71 14.86
CA TYR F 427 33.32 15.58 14.34
C TYR F 427 32.36 14.94 15.36
N SER F 428 32.73 13.77 15.85
CA SER F 428 31.90 13.02 16.80
C SER F 428 31.86 13.50 18.23
N GLY F 429 32.91 14.15 18.71
CA GLY F 429 32.88 14.63 20.09
C GLY F 429 33.30 13.53 21.03
N ILE F 430 34.00 12.54 20.48
CA ILE F 430 34.49 11.40 21.24
C ILE F 430 35.98 11.59 21.58
N PRO F 431 36.32 11.72 22.86
CA PRO F 431 37.75 11.90 23.13
C PRO F 431 38.55 10.78 22.47
N ALA F 432 39.56 11.17 21.69
CA ALA F 432 40.38 10.19 20.99
C ALA F 432 41.86 10.32 21.27
N VAL F 433 42.63 9.30 20.89
CA VAL F 433 44.07 9.31 21.12
C VAL F 433 44.82 8.50 20.06
N SER F 434 46.04 8.94 19.78
CA SER F 434 46.92 8.29 18.81
C SER F 434 48.32 8.39 19.40
N PHE F 435 49.14 7.36 19.20
CA PHE F 435 50.50 7.35 19.78
C PHE F 435 51.42 6.47 18.96
N CYS F 436 52.72 6.70 19.11
CA CYS F 436 53.70 5.87 18.42
C CYS F 436 55.08 5.83 19.06
N PHE F 437 55.85 4.84 18.61
CA PHE F 437 57.23 4.69 18.99
C PHE F 437 57.73 5.08 17.62
N CYS F 438 58.15 6.32 17.52
CA CYS F 438 58.58 6.90 16.27
C CYS F 438 59.95 7.55 16.37
N GLU F 439 60.39 8.16 15.28
CA GLU F 439 61.69 8.82 15.25
C GLU F 439 61.45 10.30 15.00
N ASP F 440 62.52 11.08 14.95
CA ASP F 440 62.37 12.50 14.67
C ASP F 440 62.25 12.65 13.17
N THR F 441 62.48 11.56 12.47
CA THR F 441 62.39 11.49 11.02
C THR F 441 61.10 10.78 10.64
N ASP F 442 60.47 11.19 9.55
CA ASP F 442 59.24 10.53 9.13
C ASP F 442 59.66 9.17 8.59
N TYR F 443 58.83 8.15 8.80
CA TYR F 443 59.17 6.83 8.30
C TYR F 443 59.13 7.00 6.78
N PRO F 444 60.31 7.08 6.15
CA PRO F 444 60.48 7.27 4.71
C PRO F 444 59.59 6.49 3.74
N TYR F 445 59.40 5.21 4.00
CA TYR F 445 58.62 4.38 3.08
C TYR F 445 57.10 4.48 3.10
N LEU F 446 56.53 5.25 4.01
CA LEU F 446 55.08 5.40 4.04
C LEU F 446 54.54 5.87 2.70
N GLY F 447 53.51 5.19 2.21
CA GLY F 447 52.93 5.57 0.93
C GLY F 447 53.74 5.15 -0.27
N THR F 448 54.73 4.30 -0.06
CA THR F 448 55.58 3.82 -1.15
C THR F 448 55.47 2.31 -1.28
N THR F 449 56.23 1.77 -2.22
CA THR F 449 56.25 0.33 -2.46
C THR F 449 57.22 -0.35 -1.51
N MET F 450 58.07 0.44 -0.86
CA MET F 450 59.06 -0.11 0.05
C MET F 450 58.60 -0.29 1.47
N ASP F 451 57.33 0.03 1.75
CA ASP F 451 56.81 -0.14 3.10
C ASP F 451 56.42 -1.60 3.23
N THR F 452 57.44 -2.44 3.38
CA THR F 452 57.25 -3.87 3.49
C THR F 452 57.81 -4.36 4.80
N TYR F 453 57.55 -5.62 5.11
CA TYR F 453 58.04 -6.21 6.34
C TYR F 453 59.56 -6.18 6.31
N LYS F 454 60.13 -6.67 5.22
CA LYS F 454 61.58 -6.70 5.05
C LYS F 454 62.20 -5.40 5.56
N GLU F 455 61.68 -4.29 5.05
CA GLU F 455 62.18 -2.97 5.44
C GLU F 455 61.88 -2.61 6.89
N LEU F 456 60.66 -2.89 7.32
CA LEU F 456 60.26 -2.58 8.69
C LEU F 456 61.17 -3.20 9.74
N ILE F 457 61.34 -4.52 9.69
CA ILE F 457 62.18 -5.20 10.69
C ILE F 457 63.67 -4.92 10.51
N GLU F 458 64.07 -4.70 9.27
CA GLU F 458 65.46 -4.40 8.98
C GLU F 458 65.81 -3.07 9.62
N ARG F 459 64.86 -2.13 9.62
CA ARG F 459 65.08 -0.81 10.21
C ARG F 459 64.95 -0.86 11.73
N ILE F 460 63.96 -1.62 12.19
CA ILE F 460 63.74 -1.76 13.61
C ILE F 460 63.64 -3.26 13.93
N PRO F 461 64.79 -3.90 14.12
CA PRO F 461 64.96 -5.33 14.42
C PRO F 461 64.24 -5.85 15.66
N GLU F 462 64.08 -4.99 16.67
CA GLU F 462 63.40 -5.37 17.90
C GLU F 462 61.90 -5.09 17.74
N LEU F 463 61.41 -5.26 16.52
CA LEU F 463 60.01 -5.00 16.20
C LEU F 463 59.07 -5.60 17.23
N ASN F 464 59.10 -6.93 17.34
CA ASN F 464 58.22 -7.65 18.25
C ASN F 464 58.17 -7.04 19.64
N LYS F 465 59.31 -6.58 20.15
CA LYS F 465 59.36 -6.00 21.49
C LYS F 465 58.69 -4.62 21.49
N VAL F 466 58.96 -3.83 20.46
CA VAL F 466 58.37 -2.50 20.35
C VAL F 466 56.87 -2.61 20.12
N ALA F 467 56.46 -3.56 19.28
CA ALA F 467 55.05 -3.78 19.00
C ALA F 467 54.32 -4.13 20.31
N ARG F 468 55.03 -4.87 21.16
CA ARG F 468 54.49 -5.28 22.44
C ARG F 468 54.25 -4.05 23.32
N ALA F 469 55.21 -3.14 23.33
CA ALA F 469 55.10 -1.92 24.12
C ALA F 469 53.87 -1.13 23.70
N ALA F 470 53.65 -1.07 22.39
CA ALA F 470 52.51 -0.35 21.85
C ALA F 470 51.26 -1.05 22.34
N ALA F 471 51.22 -2.36 22.14
CA ALA F 471 50.09 -3.16 22.56
C ALA F 471 49.82 -2.96 24.06
N GLU F 472 50.89 -2.80 24.84
CA GLU F 472 50.75 -2.62 26.28
C GLU F 472 50.10 -1.28 26.66
N VAL F 473 50.47 -0.21 25.96
CA VAL F 473 49.88 1.08 26.28
C VAL F 473 48.41 1.09 25.83
N ALA F 474 48.13 0.50 24.67
CA ALA F 474 46.75 0.45 24.21
C ALA F 474 45.97 -0.40 25.19
N GLY F 475 46.56 -1.54 25.56
CA GLY F 475 45.94 -2.45 26.50
C GLY F 475 45.58 -1.76 27.80
N GLN F 476 46.51 -0.99 28.35
CA GLN F 476 46.25 -0.29 29.59
C GLN F 476 45.17 0.78 29.45
N PHE F 477 45.15 1.48 28.33
CA PHE F 477 44.13 2.50 28.11
C PHE F 477 42.80 1.78 28.24
N VAL F 478 42.67 0.66 27.50
CA VAL F 478 41.43 -0.10 27.52
C VAL F 478 41.03 -0.52 28.93
N ILE F 479 41.94 -1.13 29.67
CA ILE F 479 41.63 -1.55 31.04
C ILE F 479 41.12 -0.32 31.79
N LYS F 480 42.00 0.67 31.96
CA LYS F 480 41.65 1.90 32.66
C LYS F 480 40.28 2.47 32.28
N LEU F 481 39.93 2.44 31.01
CA LEU F 481 38.66 3.01 30.55
C LEU F 481 37.41 2.17 30.80
N THR F 482 37.59 0.87 30.97
CA THR F 482 36.43 -0.01 31.18
C THR F 482 36.44 -0.73 32.53
N HIS F 483 37.61 -0.78 33.13
CA HIS F 483 37.85 -1.45 34.41
C HIS F 483 36.90 -1.18 35.58
N ASP F 484 36.84 0.03 36.09
CA ASP F 484 35.95 0.28 37.22
C ASP F 484 35.04 1.50 37.14
N VAL F 485 34.26 1.68 38.20
CA VAL F 485 33.29 2.76 38.33
C VAL F 485 33.67 4.11 37.78
N GLU F 486 34.93 4.49 37.87
CA GLU F 486 35.29 5.80 37.34
C GLU F 486 35.92 5.74 35.94
N LEU F 487 35.53 6.69 35.08
CA LEU F 487 36.05 6.79 33.73
C LEU F 487 37.33 7.57 33.90
N ASN F 488 38.45 7.08 33.41
CA ASN F 488 39.67 7.87 33.61
C ASN F 488 39.78 9.08 32.67
N LEU F 489 38.68 9.82 32.52
CA LEU F 489 38.66 11.00 31.68
C LEU F 489 38.80 12.22 32.58
N ASP F 490 39.95 12.88 32.51
CA ASP F 490 40.23 14.04 33.35
C ASP F 490 39.79 15.36 32.74
N TYR F 491 38.55 15.73 32.98
CA TYR F 491 38.02 16.98 32.45
C TYR F 491 38.71 18.22 33.02
N GLU F 492 39.55 18.05 34.04
CA GLU F 492 40.22 19.22 34.61
C GLU F 492 41.26 19.75 33.64
N ARG F 493 41.79 18.85 32.81
CA ARG F 493 42.79 19.23 31.84
C ARG F 493 42.35 20.37 30.90
N TYR F 494 41.04 20.58 30.77
CA TYR F 494 40.57 21.64 29.90
C TYR F 494 40.76 23.04 30.46
N ASN F 495 41.10 23.12 31.75
CA ASN F 495 41.33 24.43 32.36
C ASN F 495 42.64 24.99 31.81
N SER F 496 43.62 24.12 31.55
CA SER F 496 44.89 24.58 31.02
C SER F 496 44.76 25.02 29.56
N GLN F 497 43.87 24.37 28.83
CA GLN F 497 43.63 24.71 27.44
C GLN F 497 42.93 26.06 27.36
N LEU F 498 41.95 26.27 28.24
CA LEU F 498 41.22 27.52 28.28
C LEU F 498 42.17 28.66 28.63
N LEU F 499 42.95 28.47 29.69
CA LEU F 499 43.91 29.50 30.11
C LEU F 499 44.86 29.84 28.96
N SER F 500 45.33 28.82 28.25
CA SER F 500 46.21 29.01 27.12
C SER F 500 45.54 29.84 26.00
N PHE F 501 44.23 29.67 25.83
CA PHE F 501 43.51 30.41 24.81
C PHE F 501 43.50 31.87 25.25
N VAL F 502 43.36 32.08 26.54
CA VAL F 502 43.35 33.43 27.09
C VAL F 502 44.73 34.07 26.89
N ARG F 503 45.78 33.25 26.99
CA ARG F 503 47.11 33.77 26.80
C ARG F 503 47.28 34.15 25.33
N ASP F 504 46.87 33.26 24.42
CA ASP F 504 46.99 33.52 23.00
C ASP F 504 46.21 34.78 22.63
N LEU F 505 45.38 35.22 23.56
CA LEU F 505 44.53 36.36 23.29
C LEU F 505 44.94 37.72 23.85
N ASN F 506 45.91 37.80 24.76
CA ASN F 506 46.24 39.13 25.27
C ASN F 506 47.00 40.01 24.29
N GLN F 507 47.62 39.40 23.29
CA GLN F 507 48.34 40.18 22.29
C GLN F 507 47.33 40.97 21.45
N TYR F 508 46.05 40.61 21.56
CA TYR F 508 45.00 41.30 20.81
C TYR F 508 44.05 42.09 21.72
N ARG F 509 44.46 42.32 22.96
CA ARG F 509 43.62 43.06 23.88
C ARG F 509 43.43 44.49 23.38
N ALA F 510 44.46 45.02 22.72
CA ALA F 510 44.42 46.37 22.17
C ALA F 510 43.32 46.45 21.11
N ASP F 511 43.37 45.51 20.17
CA ASP F 511 42.37 45.46 19.12
C ASP F 511 40.99 45.33 19.74
N ILE F 512 40.83 44.40 20.66
CA ILE F 512 39.53 44.20 21.31
C ILE F 512 39.05 45.53 21.89
N LYS F 513 39.97 46.24 22.55
CA LYS F 513 39.65 47.52 23.18
C LYS F 513 39.21 48.53 22.13
N GLU F 514 39.93 48.57 21.00
CA GLU F 514 39.58 49.49 19.93
C GLU F 514 38.16 49.25 19.41
N MET F 515 37.76 48.00 19.27
CA MET F 515 36.42 47.69 18.79
C MET F 515 35.38 47.90 19.87
N GLY F 516 35.81 48.49 20.97
CA GLY F 516 34.90 48.75 22.08
C GLY F 516 34.39 47.50 22.76
N LEU F 517 35.15 46.42 22.64
CA LEU F 517 34.78 45.14 23.25
C LEU F 517 35.59 44.81 24.49
N SER F 518 35.11 43.85 25.27
CA SER F 518 35.79 43.43 26.48
C SER F 518 36.15 41.96 26.41
N LEU F 519 37.15 41.55 27.18
CA LEU F 519 37.53 40.15 27.22
C LEU F 519 37.13 39.58 28.59
N GLN F 520 36.50 40.42 29.39
CA GLN F 520 36.07 40.04 30.72
C GLN F 520 35.06 38.90 30.79
N TRP F 521 34.12 38.84 29.84
CA TRP F 521 33.12 37.77 29.86
C TRP F 521 33.77 36.44 29.48
N LEU F 522 34.72 36.45 28.55
CA LEU F 522 35.41 35.23 28.18
C LEU F 522 36.24 34.80 29.37
N TYR F 523 36.84 35.80 30.04
CA TYR F 523 37.67 35.56 31.21
C TYR F 523 36.83 34.89 32.30
N SER F 524 35.66 35.44 32.57
CA SER F 524 34.80 34.88 33.60
C SER F 524 34.25 33.51 33.18
N ALA F 525 34.29 33.23 31.88
CA ALA F 525 33.80 31.96 31.39
C ALA F 525 34.78 30.86 31.76
N ARG F 526 36.07 31.06 31.49
CA ARG F 526 37.02 30.02 31.84
C ARG F 526 37.04 29.91 33.35
N GLY F 527 36.62 30.98 34.01
CA GLY F 527 36.59 30.97 35.45
C GLY F 527 35.51 30.00 35.89
N ASP F 528 34.32 30.21 35.34
CA ASP F 528 33.19 29.36 35.65
C ASP F 528 33.42 27.92 35.24
N PHE F 529 34.25 27.69 34.24
CA PHE F 529 34.47 26.30 33.86
C PHE F 529 35.29 25.66 34.98
N PHE F 530 36.32 26.37 35.40
CA PHE F 530 37.19 25.89 36.47
C PHE F 530 36.32 25.55 37.68
N ARG F 531 35.44 26.46 38.07
CA ARG F 531 34.57 26.23 39.21
C ARG F 531 33.81 24.92 39.02
N ALA F 532 33.28 24.76 37.82
CA ALA F 532 32.50 23.58 37.49
C ALA F 532 33.32 22.33 37.64
N THR F 533 34.54 22.32 37.12
CA THR F 533 35.36 21.13 37.24
C THR F 533 35.54 20.80 38.72
N SER F 534 35.79 21.83 39.52
CA SER F 534 36.00 21.63 40.94
C SER F 534 34.76 21.04 41.60
N ARG F 535 33.61 21.59 41.26
CA ARG F 535 32.35 21.10 41.83
C ARG F 535 32.14 19.62 41.48
N LEU F 536 32.47 19.23 40.26
CA LEU F 536 32.30 17.84 39.84
C LEU F 536 33.30 16.92 40.54
N THR F 537 34.54 17.36 40.70
CA THR F 537 35.52 16.52 41.35
C THR F 537 35.10 16.32 42.81
N THR F 538 34.49 17.37 43.36
CA THR F 538 34.01 17.32 44.72
C THR F 538 32.89 16.28 44.81
N ASP F 539 31.91 16.39 43.92
CA ASP F 539 30.79 15.45 43.91
C ASP F 539 31.28 13.99 43.85
N PHE F 540 32.33 13.75 43.07
CA PHE F 540 32.89 12.40 43.00
C PHE F 540 33.44 12.06 44.39
N GLY F 541 34.24 12.98 44.93
CA GLY F 541 34.82 12.77 46.25
C GLY F 541 33.83 12.34 47.30
N ASN F 542 32.73 13.07 47.43
CA ASN F 542 31.72 12.74 48.42
C ASN F 542 30.81 11.59 48.03
N ALA F 543 31.12 10.90 46.95
CA ALA F 543 30.27 9.80 46.52
C ALA F 543 30.80 8.42 46.88
N GLU F 544 29.87 7.52 47.17
CA GLU F 544 30.19 6.15 47.53
C GLU F 544 30.39 5.44 46.20
N LYS F 545 31.64 5.18 45.87
CA LYS F 545 31.96 4.53 44.60
C LYS F 545 31.21 3.21 44.43
N THR F 546 30.45 2.81 45.45
CA THR F 546 29.71 1.56 45.39
C THR F 546 28.27 1.72 44.90
N ASP F 547 27.72 2.93 45.00
CA ASP F 547 26.35 3.19 44.53
C ASP F 547 26.37 3.39 43.01
N ARG F 548 26.30 2.29 42.27
CA ARG F 548 26.34 2.34 40.81
C ARG F 548 25.33 3.29 40.16
N PHE F 549 24.37 3.82 40.92
CA PHE F 549 23.40 4.73 40.35
C PHE F 549 23.91 6.15 40.40
N VAL F 550 24.32 6.60 41.58
CA VAL F 550 24.84 7.95 41.74
C VAL F 550 26.11 8.12 40.92
N MET F 551 26.84 7.03 40.75
CA MET F 551 28.08 7.05 39.97
C MET F 551 27.77 7.14 38.48
N LYS F 552 26.63 6.61 38.06
CA LYS F 552 26.24 6.67 36.67
C LYS F 552 25.99 8.15 36.37
N LYS F 553 25.20 8.79 37.22
CA LYS F 553 24.87 10.19 37.05
C LYS F 553 26.09 11.09 36.89
N LEU F 554 27.11 10.88 37.72
CA LEU F 554 28.31 11.71 37.63
C LEU F 554 29.09 11.44 36.35
N ASN F 555 29.23 10.17 35.99
CA ASN F 555 29.96 9.84 34.78
C ASN F 555 29.25 10.37 33.53
N ASP F 556 27.94 10.54 33.63
CA ASP F 556 27.19 11.07 32.50
C ASP F 556 27.68 12.50 32.25
N ARG F 557 27.83 13.27 33.34
CA ARG F 557 28.30 14.64 33.24
C ARG F 557 29.68 14.65 32.54
N VAL F 558 30.48 13.63 32.83
CA VAL F 558 31.81 13.53 32.26
C VAL F 558 31.78 13.25 30.77
N MET F 559 30.92 12.33 30.36
CA MET F 559 30.84 12.00 28.95
C MET F 559 30.36 13.15 28.09
N ARG F 560 29.61 14.07 28.69
CA ARG F 560 29.12 15.21 27.95
C ARG F 560 30.13 16.35 27.78
N VAL F 561 31.25 16.28 28.49
CA VAL F 561 32.25 17.34 28.40
C VAL F 561 32.82 17.53 27.00
N GLU F 562 33.32 16.46 26.39
CA GLU F 562 33.88 16.57 25.06
C GLU F 562 32.84 17.05 24.07
N TYR F 563 31.63 16.53 24.21
CA TYR F 563 30.54 16.87 23.33
C TYR F 563 30.14 18.34 23.36
N HIS F 564 30.14 18.93 24.55
CA HIS F 564 29.74 20.32 24.65
C HIS F 564 30.71 21.32 24.02
N PHE F 565 31.85 20.82 23.53
CA PHE F 565 32.82 21.67 22.88
C PHE F 565 32.64 21.65 21.35
N LEU F 566 31.64 20.91 20.90
CA LEU F 566 31.32 20.88 19.48
C LEU F 566 30.45 22.12 19.35
N SER F 567 30.69 22.93 18.34
CA SER F 567 29.90 24.12 18.18
C SER F 567 28.43 23.83 17.89
N PRO F 568 27.53 24.43 18.65
CA PRO F 568 26.12 24.18 18.38
C PRO F 568 25.58 25.21 17.40
N TYR F 569 26.47 26.01 16.84
CA TYR F 569 26.03 27.07 15.93
C TYR F 569 26.39 26.90 14.46
N VAL F 570 27.00 25.79 14.10
CA VAL F 570 27.33 25.58 12.70
C VAL F 570 26.70 24.29 12.17
N SER F 571 26.62 24.16 10.86
CA SER F 571 26.04 22.98 10.25
C SER F 571 27.05 21.84 10.21
N PRO F 572 26.68 20.69 10.79
CA PRO F 572 27.56 19.52 10.82
C PRO F 572 27.84 19.00 9.43
N LYS F 573 26.95 19.29 8.48
CA LYS F 573 27.16 18.80 7.13
C LYS F 573 28.22 19.62 6.40
N GLU F 574 28.10 20.94 6.49
CA GLU F 574 29.04 21.84 5.84
C GLU F 574 30.31 22.04 6.63
N SER F 575 30.26 21.83 7.95
CA SER F 575 31.43 21.98 8.83
C SER F 575 31.43 20.84 9.83
N PRO F 576 31.74 19.64 9.37
CA PRO F 576 31.77 18.45 10.23
C PRO F 576 32.64 18.58 11.47
N PHE F 577 33.79 19.22 11.31
CA PHE F 577 34.71 19.38 12.44
C PHE F 577 34.37 20.57 13.33
N ARG F 578 33.23 20.45 14.02
CA ARG F 578 32.67 21.46 14.91
C ARG F 578 33.35 21.70 16.24
N HIS F 579 34.28 20.82 16.62
CA HIS F 579 34.95 21.00 17.90
C HIS F 579 35.68 22.34 17.92
N VAL F 580 35.27 23.26 18.80
CA VAL F 580 35.90 24.58 18.83
C VAL F 580 37.38 24.59 19.20
N PHE F 581 37.90 23.49 19.71
CA PHE F 581 39.33 23.43 20.03
C PHE F 581 40.10 22.68 18.96
N TRP F 582 39.56 21.58 18.46
CA TRP F 582 40.30 20.77 17.49
C TRP F 582 39.72 20.64 16.08
N GLY F 583 38.60 21.31 15.80
CA GLY F 583 38.00 21.23 14.49
C GLY F 583 38.64 22.17 13.46
N SER F 584 37.87 22.53 12.44
CA SER F 584 38.31 23.44 11.38
C SER F 584 37.14 24.30 11.02
N GLY F 585 37.39 25.59 10.80
CA GLY F 585 36.30 26.48 10.43
C GLY F 585 36.23 27.69 11.31
N SER F 586 35.51 28.70 10.85
CA SER F 586 35.38 29.94 11.58
C SER F 586 34.84 29.82 13.01
N HIS F 587 34.21 28.69 13.32
CA HIS F 587 33.61 28.45 14.64
C HIS F 587 34.70 28.05 15.63
N THR F 588 35.84 27.71 15.07
CA THR F 588 37.01 27.29 15.82
C THR F 588 37.62 28.44 16.64
N LEU F 589 38.29 28.08 17.74
CA LEU F 589 38.96 29.07 18.60
C LEU F 589 40.18 29.61 17.86
N PRO F 590 40.98 28.72 17.26
CA PRO F 590 42.14 29.23 16.52
C PRO F 590 41.69 30.22 15.43
N ALA F 591 40.61 29.87 14.74
CA ALA F 591 40.07 30.71 13.68
C ALA F 591 39.76 32.11 14.17
N LEU F 592 39.37 32.20 15.43
CA LEU F 592 39.04 33.49 16.01
C LEU F 592 40.33 34.28 16.10
N LEU F 593 41.41 33.59 16.47
CA LEU F 593 42.71 34.23 16.57
C LEU F 593 43.25 34.58 15.18
N GLU F 594 43.13 33.64 14.25
CA GLU F 594 43.59 33.84 12.90
C GLU F 594 42.99 35.11 12.27
N ASN F 595 41.71 35.36 12.54
CA ASN F 595 41.03 36.55 12.03
C ASN F 595 41.64 37.79 12.71
N LEU F 596 41.72 37.74 14.03
CA LEU F 596 42.28 38.83 14.83
C LEU F 596 43.69 39.21 14.38
N LYS F 597 44.48 38.23 13.96
CA LYS F 597 45.84 38.50 13.51
C LYS F 597 45.83 39.40 12.27
N LEU F 598 44.81 39.25 11.43
CA LEU F 598 44.73 40.06 10.21
C LEU F 598 44.54 41.55 10.53
N ARG F 599 43.93 41.86 11.67
CA ARG F 599 43.70 43.25 12.05
C ARG F 599 44.99 44.05 12.18
N LYS F 600 46.13 43.35 12.19
CA LYS F 600 47.43 44.03 12.27
C LYS F 600 47.61 44.88 11.02
N GLN F 601 47.85 44.24 9.87
CA GLN F 601 48.01 45.00 8.64
C GLN F 601 46.66 45.53 8.19
N ASN F 602 46.33 46.72 8.69
CA ASN F 602 45.07 47.44 8.44
C ASN F 602 44.55 47.44 7.01
N ASN F 603 44.28 46.25 6.46
CA ASN F 603 43.79 46.14 5.10
C ASN F 603 42.80 45.00 4.92
N GLY F 604 41.58 45.37 4.55
CA GLY F 604 40.51 44.42 4.31
C GLY F 604 40.48 43.14 5.12
N ALA F 605 41.28 42.16 4.71
CA ALA F 605 41.39 40.85 5.37
C ALA F 605 40.50 40.68 6.61
N PHE F 606 40.80 41.42 7.66
CA PHE F 606 40.02 41.34 8.88
C PHE F 606 38.51 41.55 8.67
N ASN F 607 37.70 40.58 9.07
CA ASN F 607 36.24 40.72 8.97
C ASN F 607 35.72 40.97 10.39
N GLU F 608 35.43 42.23 10.71
CA GLU F 608 34.96 42.59 12.04
C GLU F 608 33.62 41.97 12.46
N THR F 609 32.59 42.07 11.63
CA THR F 609 31.33 41.48 12.02
C THR F 609 31.53 39.98 12.19
N LEU F 610 32.35 39.37 11.33
CA LEU F 610 32.61 37.95 11.49
C LEU F 610 33.20 37.74 12.88
N PHE F 611 34.15 38.59 13.25
CA PHE F 611 34.81 38.50 14.54
C PHE F 611 33.88 38.74 15.71
N ARG F 612 33.09 39.81 15.65
CA ARG F 612 32.20 40.09 16.76
C ARG F 612 31.31 38.87 17.02
N ASN F 613 30.97 38.14 15.96
CA ASN F 613 30.14 36.95 16.10
C ASN F 613 30.98 35.80 16.63
N GLN F 614 32.18 35.66 16.11
CA GLN F 614 33.08 34.60 16.55
C GLN F 614 33.26 34.66 18.07
N LEU F 615 33.47 35.87 18.56
CA LEU F 615 33.67 36.09 19.98
C LEU F 615 32.43 35.75 20.78
N ALA F 616 31.30 36.31 20.37
CA ALA F 616 30.04 36.06 21.07
C ALA F 616 29.77 34.56 21.21
N LEU F 617 30.00 33.79 20.16
CA LEU F 617 29.75 32.36 20.20
C LEU F 617 30.78 31.54 20.95
N ALA F 618 32.07 31.83 20.75
CA ALA F 618 33.08 31.07 21.49
C ALA F 618 32.85 31.33 22.97
N THR F 619 32.56 32.59 23.30
CA THR F 619 32.34 32.92 24.69
C THR F 619 31.20 32.09 25.24
N TRP F 620 30.07 32.12 24.56
CA TRP F 620 28.95 31.36 25.09
C TRP F 620 29.08 29.86 25.00
N THR F 621 29.81 29.36 24.02
CA THR F 621 30.00 27.93 23.94
C THR F 621 30.73 27.49 25.20
N ILE F 622 31.62 28.34 25.68
CA ILE F 622 32.38 28.02 26.88
C ILE F 622 31.54 28.19 28.13
N GLN F 623 30.81 29.30 28.28
CA GLN F 623 29.98 29.44 29.48
C GLN F 623 28.99 28.31 29.56
N GLY F 624 28.47 27.92 28.40
CA GLY F 624 27.50 26.86 28.31
C GLY F 624 28.11 25.55 28.78
N ALA F 625 29.31 25.24 28.29
CA ALA F 625 29.96 24.00 28.69
C ALA F 625 30.12 23.97 30.21
N ALA F 626 30.34 25.15 30.79
CA ALA F 626 30.55 25.26 32.21
C ALA F 626 29.25 25.09 32.96
N ASN F 627 28.21 25.77 32.49
CA ASN F 627 26.92 25.70 33.15
C ASN F 627 26.33 24.30 33.13
N ALA F 628 26.75 23.50 32.16
CA ALA F 628 26.27 22.14 32.04
C ALA F 628 27.09 21.24 32.95
N LEU F 629 28.39 21.47 32.94
CA LEU F 629 29.30 20.68 33.75
C LEU F 629 29.00 20.81 35.23
N SER F 630 28.52 22.00 35.63
CA SER F 630 28.21 22.26 37.02
C SER F 630 26.96 21.52 37.51
N GLY F 631 26.17 21.01 36.57
CA GLY F 631 24.96 20.27 36.89
C GLY F 631 23.71 21.06 37.22
N ASP F 632 22.57 20.53 36.81
CA ASP F 632 21.23 21.11 37.07
C ASP F 632 21.05 22.61 36.88
N VAL F 633 20.32 22.99 35.83
CA VAL F 633 20.08 24.40 35.55
C VAL F 633 19.87 25.28 36.77
N TRP F 634 18.93 24.89 37.64
CA TRP F 634 18.64 25.71 38.81
C TRP F 634 19.80 25.88 39.77
N ASP F 635 20.84 25.06 39.66
CA ASP F 635 22.00 25.17 40.53
C ASP F 635 23.17 25.87 39.85
N ILE F 636 22.89 26.92 39.08
CA ILE F 636 23.96 27.66 38.40
C ILE F 636 24.27 28.98 39.11
N ARG G 4 -4.19 -47.75 -28.71
CA ARG G 4 -4.82 -46.93 -29.78
C ARG G 4 -6.30 -47.27 -29.94
N SER G 5 -7.15 -46.47 -29.32
CA SER G 5 -8.60 -46.67 -29.38
C SER G 5 -9.27 -45.63 -30.28
N HIS G 6 -10.22 -46.09 -31.08
CA HIS G 6 -10.94 -45.20 -31.99
C HIS G 6 -12.32 -44.90 -31.41
N SER G 7 -12.98 -43.89 -31.95
CA SER G 7 -14.30 -43.55 -31.45
C SER G 7 -15.21 -42.96 -32.51
N LEU G 8 -16.49 -43.20 -32.32
CA LEU G 8 -17.53 -42.71 -33.21
C LEU G 8 -18.55 -42.12 -32.25
N HIS G 9 -18.99 -40.89 -32.52
CA HIS G 9 -19.99 -40.30 -31.67
C HIS G 9 -20.75 -39.20 -32.38
N TYR G 10 -22.04 -39.08 -32.06
CA TYR G 10 -22.86 -38.06 -32.67
C TYR G 10 -23.26 -37.05 -31.64
N LEU G 11 -23.44 -35.81 -32.07
CA LEU G 11 -23.84 -34.74 -31.19
C LEU G 11 -25.13 -34.15 -31.72
N PHE G 12 -26.08 -33.91 -30.82
CA PHE G 12 -27.35 -33.34 -31.20
C PHE G 12 -27.63 -32.13 -30.36
N MET G 13 -28.25 -31.12 -30.96
CA MET G 13 -28.54 -29.89 -30.24
C MET G 13 -29.80 -29.26 -30.77
N GLY G 14 -30.74 -28.97 -29.87
CA GLY G 14 -31.99 -28.35 -30.27
C GLY G 14 -32.46 -27.24 -29.34
N ALA G 15 -33.26 -26.34 -29.88
CA ALA G 15 -33.80 -25.25 -29.10
C ALA G 15 -35.31 -25.27 -29.29
N SER G 16 -36.05 -24.94 -28.24
CA SER G 16 -37.49 -24.96 -28.32
C SER G 16 -38.12 -23.81 -29.10
N GLU G 17 -38.30 -22.66 -28.45
CA GLU G 17 -38.93 -21.50 -29.09
C GLU G 17 -38.63 -21.26 -30.57
N GLN G 18 -37.37 -21.37 -30.95
CA GLN G 18 -37.00 -21.14 -32.35
C GLN G 18 -37.27 -22.31 -33.29
N ASP G 19 -37.96 -22.01 -34.39
CA ASP G 19 -38.32 -22.97 -35.45
C ASP G 19 -39.70 -22.69 -36.05
N LEU G 20 -40.14 -23.59 -36.92
CA LEU G 20 -41.44 -23.43 -37.57
C LEU G 20 -42.10 -24.76 -37.96
N GLY G 21 -41.42 -25.88 -37.75
CA GLY G 21 -42.02 -27.16 -38.12
C GLY G 21 -41.51 -28.44 -37.47
N LEU G 22 -41.79 -28.62 -36.18
CA LEU G 22 -41.38 -29.79 -35.41
C LEU G 22 -40.00 -30.29 -35.77
N SER G 23 -39.53 -31.35 -35.12
CA SER G 23 -38.19 -31.85 -35.43
C SER G 23 -37.27 -30.66 -35.11
N LEU G 24 -36.63 -30.70 -33.95
CA LEU G 24 -35.80 -29.57 -33.53
C LEU G 24 -34.29 -29.72 -33.51
N PHE G 25 -33.75 -30.84 -33.96
CA PHE G 25 -32.32 -31.02 -33.85
C PHE G 25 -31.43 -30.99 -35.07
N GLU G 26 -30.20 -30.55 -34.82
CA GLU G 26 -29.11 -30.50 -35.80
C GLU G 26 -28.12 -31.53 -35.24
N ALA G 27 -27.37 -32.20 -36.09
CA ALA G 27 -26.43 -33.18 -35.56
C ALA G 27 -25.05 -33.15 -36.19
N LEU G 28 -24.09 -33.69 -35.45
CA LEU G 28 -22.72 -33.74 -35.90
C LEU G 28 -22.21 -35.17 -35.71
N GLY G 29 -21.52 -35.66 -36.74
CA GLY G 29 -20.97 -37.01 -36.66
C GLY G 29 -19.45 -36.93 -36.59
N TYR G 30 -18.86 -37.60 -35.62
CA TYR G 30 -17.41 -37.59 -35.48
C TYR G 30 -16.82 -38.97 -35.39
N VAL G 31 -15.79 -39.21 -36.19
CA VAL G 31 -15.07 -40.48 -36.15
C VAL G 31 -13.67 -40.06 -35.74
N ASP G 32 -13.19 -40.60 -34.61
CA ASP G 32 -11.89 -40.24 -34.09
C ASP G 32 -11.76 -38.72 -34.01
N ASP G 33 -12.76 -38.08 -33.44
CA ASP G 33 -12.78 -36.63 -33.29
C ASP G 33 -12.58 -35.90 -34.60
N GLN G 34 -13.13 -36.46 -35.66
CA GLN G 34 -13.04 -35.88 -37.00
C GLN G 34 -14.44 -35.70 -37.57
N LEU G 35 -14.93 -34.47 -37.59
CA LEU G 35 -16.27 -34.19 -38.10
C LEU G 35 -16.41 -34.73 -39.52
N PHE G 36 -17.33 -35.66 -39.74
CA PHE G 36 -17.52 -36.23 -41.08
C PHE G 36 -18.91 -36.03 -41.64
N VAL G 37 -19.86 -35.59 -40.81
CA VAL G 37 -21.22 -35.40 -41.29
C VAL G 37 -21.98 -34.35 -40.50
N PHE G 38 -22.92 -33.68 -41.17
CA PHE G 38 -23.69 -32.65 -40.52
C PHE G 38 -25.15 -32.59 -40.99
N TYR G 39 -26.07 -32.75 -40.04
CA TYR G 39 -27.51 -32.73 -40.27
C TYR G 39 -27.99 -31.36 -39.86
N ASP G 40 -28.37 -30.54 -40.84
CA ASP G 40 -28.78 -29.17 -40.57
C ASP G 40 -30.25 -28.91 -40.28
N HIS G 41 -30.53 -27.67 -39.89
CA HIS G 41 -31.87 -27.21 -39.57
C HIS G 41 -32.67 -26.89 -40.83
N GLU G 42 -32.21 -25.89 -41.57
CA GLU G 42 -32.86 -25.48 -42.81
C GLU G 42 -32.61 -26.55 -43.86
N SER G 43 -33.69 -26.99 -44.51
CA SER G 43 -33.60 -28.04 -45.53
C SER G 43 -33.00 -29.29 -44.91
N ARG G 44 -33.69 -29.85 -43.93
CA ARG G 44 -33.24 -31.03 -43.21
C ARG G 44 -32.51 -32.08 -44.05
N ARG G 45 -31.25 -31.79 -44.39
CA ARG G 45 -30.46 -32.73 -45.17
C ARG G 45 -29.09 -33.02 -44.57
N VAL G 46 -28.55 -34.18 -44.93
CA VAL G 46 -27.27 -34.66 -44.42
C VAL G 46 -26.08 -34.41 -45.35
N GLU G 47 -25.35 -33.34 -45.09
CA GLU G 47 -24.19 -32.98 -45.92
C GLU G 47 -22.90 -33.55 -45.30
N PRO G 48 -21.90 -33.84 -46.14
CA PRO G 48 -20.64 -34.38 -45.62
C PRO G 48 -19.70 -33.27 -45.19
N ARG G 49 -18.69 -33.65 -44.42
CA ARG G 49 -17.65 -32.75 -43.93
C ARG G 49 -16.39 -33.55 -44.13
N THR G 50 -15.38 -32.95 -44.75
CA THR G 50 -14.12 -33.64 -45.01
C THR G 50 -14.26 -34.48 -46.27
N PRO G 51 -13.33 -34.33 -47.22
CA PRO G 51 -13.29 -35.02 -48.51
C PRO G 51 -13.25 -36.54 -48.50
N TRP G 52 -12.60 -37.15 -47.52
CA TRP G 52 -12.53 -38.61 -47.50
C TRP G 52 -13.89 -39.29 -47.29
N VAL G 53 -14.89 -38.53 -46.86
CA VAL G 53 -16.20 -39.10 -46.65
C VAL G 53 -17.12 -38.74 -47.81
N SER G 54 -16.97 -37.53 -48.33
CA SER G 54 -17.79 -37.06 -49.44
C SER G 54 -17.35 -37.72 -50.74
N SER G 55 -16.66 -38.84 -50.61
CA SER G 55 -16.19 -39.57 -51.78
C SER G 55 -16.05 -41.06 -51.45
N ARG G 56 -15.31 -41.37 -50.38
CA ARG G 56 -15.10 -42.75 -49.99
C ARG G 56 -16.32 -43.46 -49.42
N ILE G 57 -17.25 -42.71 -48.85
CA ILE G 57 -18.48 -43.30 -48.29
C ILE G 57 -19.44 -43.75 -49.38
N SER G 58 -19.73 -45.04 -49.40
CA SER G 58 -20.64 -45.62 -50.39
C SER G 58 -22.04 -45.03 -50.31
N SER G 59 -22.76 -45.10 -51.43
CA SER G 59 -24.11 -44.59 -51.49
C SER G 59 -25.00 -45.32 -50.47
N GLN G 60 -24.66 -46.57 -50.21
CA GLN G 60 -25.38 -47.40 -49.26
C GLN G 60 -25.21 -46.85 -47.84
N MET G 61 -23.96 -46.81 -47.38
CA MET G 61 -23.64 -46.31 -46.04
C MET G 61 -24.24 -44.93 -45.78
N TRP G 62 -24.23 -44.08 -46.79
CA TRP G 62 -24.75 -42.74 -46.60
C TRP G 62 -26.25 -42.75 -46.30
N LEU G 63 -26.98 -43.69 -46.93
CA LEU G 63 -28.41 -43.80 -46.71
C LEU G 63 -28.64 -44.17 -45.24
N GLN G 64 -27.95 -45.21 -44.80
CA GLN G 64 -28.05 -45.65 -43.41
C GLN G 64 -27.77 -44.45 -42.50
N LEU G 65 -26.74 -43.69 -42.82
CA LEU G 65 -26.37 -42.55 -42.02
C LEU G 65 -27.47 -41.51 -42.01
N SER G 66 -28.00 -41.18 -43.19
CA SER G 66 -29.05 -40.18 -43.29
C SER G 66 -30.26 -40.55 -42.45
N GLN G 67 -30.67 -41.80 -42.57
CA GLN G 67 -31.83 -42.28 -41.83
C GLN G 67 -31.61 -42.24 -40.32
N SER G 68 -30.49 -42.79 -39.87
CA SER G 68 -30.19 -42.77 -38.45
C SER G 68 -30.24 -41.34 -37.89
N LEU G 69 -29.75 -40.37 -38.65
CA LEU G 69 -29.77 -39.00 -38.17
C LEU G 69 -31.17 -38.42 -38.15
N LYS G 70 -31.91 -38.62 -39.23
CA LYS G 70 -33.27 -38.10 -39.27
C LYS G 70 -34.07 -38.78 -38.16
N GLY G 71 -33.82 -40.07 -37.98
CA GLY G 71 -34.52 -40.82 -36.95
C GLY G 71 -34.24 -40.24 -35.58
N TRP G 72 -32.96 -40.11 -35.24
CA TRP G 72 -32.57 -39.55 -33.97
C TRP G 72 -33.19 -38.17 -33.78
N ASP G 73 -33.29 -37.42 -34.85
CA ASP G 73 -33.89 -36.10 -34.77
C ASP G 73 -35.29 -36.27 -34.18
N HIS G 74 -36.11 -37.07 -34.87
CA HIS G 74 -37.47 -37.33 -34.43
C HIS G 74 -37.55 -37.88 -33.00
N MET G 75 -36.72 -38.88 -32.72
CA MET G 75 -36.71 -39.48 -31.39
C MET G 75 -36.35 -38.47 -30.30
N PHE G 76 -35.34 -37.66 -30.55
CA PHE G 76 -34.93 -36.66 -29.57
C PHE G 76 -35.92 -35.52 -29.50
N THR G 77 -36.62 -35.24 -30.59
CA THR G 77 -37.61 -34.17 -30.56
C THR G 77 -38.73 -34.54 -29.58
N VAL G 78 -39.09 -35.82 -29.57
CA VAL G 78 -40.13 -36.31 -28.67
C VAL G 78 -39.59 -36.16 -27.25
N ASP G 79 -38.41 -36.71 -26.98
CA ASP G 79 -37.76 -36.63 -25.67
C ASP G 79 -37.65 -35.20 -25.14
N PHE G 80 -37.33 -34.28 -26.02
CA PHE G 80 -37.19 -32.88 -25.66
C PHE G 80 -38.55 -32.40 -25.18
N TRP G 81 -39.60 -32.72 -25.93
CA TRP G 81 -40.94 -32.31 -25.55
C TRP G 81 -41.27 -32.90 -24.19
N THR G 82 -40.97 -34.19 -24.03
CA THR G 82 -41.23 -34.90 -22.79
C THR G 82 -40.58 -34.19 -21.62
N ILE G 83 -39.27 -34.01 -21.73
CA ILE G 83 -38.51 -33.37 -20.67
C ILE G 83 -39.00 -31.95 -20.37
N MET G 84 -39.25 -31.14 -21.39
CA MET G 84 -39.76 -29.79 -21.10
C MET G 84 -41.03 -29.89 -20.26
N GLU G 85 -41.96 -30.74 -20.69
CA GLU G 85 -43.24 -30.90 -20.01
C GLU G 85 -43.09 -31.38 -18.57
N ASN G 86 -42.11 -32.24 -18.30
CA ASN G 86 -41.93 -32.73 -16.94
C ASN G 86 -41.29 -31.67 -16.03
N HIS G 87 -41.08 -30.48 -16.58
CA HIS G 87 -40.49 -29.34 -15.89
C HIS G 87 -41.54 -28.23 -15.93
N ASN G 88 -42.70 -28.54 -16.48
CA ASN G 88 -43.76 -27.55 -16.61
C ASN G 88 -43.27 -26.39 -17.48
N HIS G 89 -42.33 -26.67 -18.36
CA HIS G 89 -41.80 -25.66 -19.29
C HIS G 89 -42.60 -25.65 -20.59
N SER G 90 -42.75 -24.48 -21.20
CA SER G 90 -43.49 -24.39 -22.46
C SER G 90 -43.34 -23.03 -23.12
N LYS G 91 -43.83 -21.99 -22.45
CA LYS G 91 -43.75 -20.62 -22.97
C LYS G 91 -42.32 -20.11 -22.78
N GLU G 92 -41.44 -21.03 -22.44
CA GLU G 92 -40.03 -20.73 -22.22
C GLU G 92 -39.17 -21.27 -23.36
N SER G 93 -37.97 -20.73 -23.49
CA SER G 93 -37.05 -21.19 -24.52
C SER G 93 -35.98 -21.99 -23.80
N HIS G 94 -35.87 -23.26 -24.13
CA HIS G 94 -34.89 -24.14 -23.51
C HIS G 94 -34.06 -24.84 -24.57
N THR G 95 -33.15 -25.69 -24.13
CA THR G 95 -32.28 -26.41 -25.05
C THR G 95 -32.07 -27.84 -24.57
N LEU G 96 -31.98 -28.76 -25.52
CA LEU G 96 -31.70 -30.14 -25.19
C LEU G 96 -30.52 -30.52 -26.07
N GLN G 97 -29.58 -31.26 -25.49
CA GLN G 97 -28.40 -31.68 -26.24
C GLN G 97 -28.17 -33.14 -25.89
N VAL G 98 -27.73 -33.90 -26.87
CA VAL G 98 -27.50 -35.30 -26.65
C VAL G 98 -26.17 -35.68 -27.28
N ILE G 99 -25.46 -36.57 -26.62
CA ILE G 99 -24.18 -37.06 -27.13
C ILE G 99 -24.24 -38.56 -26.94
N LEU G 100 -23.96 -39.30 -28.01
CA LEU G 100 -24.00 -40.74 -27.92
C LEU G 100 -22.97 -41.29 -28.88
N GLY G 101 -22.38 -42.42 -28.51
CA GLY G 101 -21.37 -43.01 -29.36
C GLY G 101 -20.72 -44.17 -28.66
N CYS G 102 -19.69 -44.71 -29.29
CA CYS G 102 -18.97 -45.85 -28.74
C CYS G 102 -17.48 -45.63 -28.89
N GLU G 103 -16.71 -46.27 -28.02
CA GLU G 103 -15.26 -46.15 -28.05
C GLU G 103 -14.69 -47.55 -28.09
N MET G 104 -13.94 -47.83 -29.14
CA MET G 104 -13.34 -49.14 -29.34
C MET G 104 -11.87 -49.18 -28.97
N GLN G 105 -11.52 -50.10 -28.08
CA GLN G 105 -10.13 -50.25 -27.63
C GLN G 105 -9.31 -51.11 -28.58
N GLU G 106 -8.00 -51.10 -28.39
CA GLU G 106 -7.09 -51.88 -29.21
C GLU G 106 -7.56 -53.33 -29.36
N ASP G 107 -7.95 -53.92 -28.23
CA ASP G 107 -8.42 -55.31 -28.19
C ASP G 107 -9.82 -55.46 -28.79
N ASN G 108 -10.31 -54.37 -29.38
CA ASN G 108 -11.64 -54.32 -30.01
C ASN G 108 -12.83 -54.22 -29.05
N SER G 109 -12.60 -54.36 -27.74
CA SER G 109 -13.70 -54.24 -26.78
C SER G 109 -14.31 -52.85 -26.94
N THR G 110 -15.60 -52.73 -26.66
CA THR G 110 -16.28 -51.44 -26.81
C THR G 110 -16.97 -50.91 -25.56
N GLU G 111 -17.02 -49.58 -25.49
CA GLU G 111 -17.66 -48.86 -24.39
C GLU G 111 -18.66 -47.93 -25.05
N GLY G 112 -19.89 -47.91 -24.58
CA GLY G 112 -20.88 -47.02 -25.18
C GLY G 112 -21.41 -45.97 -24.23
N TYR G 113 -21.92 -44.87 -24.79
CA TYR G 113 -22.47 -43.80 -23.98
C TYR G 113 -23.62 -43.07 -24.67
N TRP G 114 -24.49 -42.47 -23.85
CA TRP G 114 -25.67 -41.75 -24.31
C TRP G 114 -26.02 -40.76 -23.19
N LYS G 115 -25.93 -39.45 -23.47
CA LYS G 115 -26.21 -38.44 -22.45
C LYS G 115 -27.15 -37.34 -22.91
N TYR G 116 -27.96 -36.85 -21.98
CA TYR G 116 -28.90 -35.77 -22.28
C TYR G 116 -28.50 -34.54 -21.47
N GLY G 117 -28.53 -33.39 -22.11
CA GLY G 117 -28.19 -32.16 -21.43
C GLY G 117 -29.32 -31.17 -21.58
N TYR G 118 -30.01 -30.91 -20.47
CA TYR G 118 -31.12 -29.99 -20.50
C TYR G 118 -30.60 -28.63 -20.13
N ASP G 119 -30.91 -27.64 -20.96
CA ASP G 119 -30.47 -26.26 -20.76
C ASP G 119 -28.99 -26.15 -20.37
N GLY G 120 -28.14 -26.93 -21.02
CA GLY G 120 -26.72 -26.86 -20.73
C GLY G 120 -26.18 -27.56 -19.50
N GLN G 121 -26.95 -28.47 -18.93
CA GLN G 121 -26.46 -29.15 -17.76
C GLN G 121 -26.82 -30.63 -17.78
N ASP G 122 -25.98 -31.45 -17.15
CA ASP G 122 -26.24 -32.87 -17.08
C ASP G 122 -27.67 -33.14 -16.59
N HIS G 123 -28.38 -34.01 -17.28
CA HIS G 123 -29.74 -34.33 -16.91
C HIS G 123 -29.91 -35.83 -16.72
N LEU G 124 -29.65 -36.59 -17.77
CA LEU G 124 -29.79 -38.05 -17.71
C LEU G 124 -28.63 -38.72 -18.42
N GLU G 125 -28.09 -39.76 -17.78
CA GLU G 125 -26.97 -40.50 -18.35
C GLU G 125 -27.41 -41.95 -18.45
N PHE G 126 -27.39 -42.50 -19.66
CA PHE G 126 -27.80 -43.88 -19.87
C PHE G 126 -26.78 -44.86 -19.35
N CYS G 127 -27.25 -45.84 -18.59
CA CYS G 127 -26.38 -46.85 -18.03
C CYS G 127 -26.75 -48.20 -18.64
N PRO G 128 -26.03 -48.61 -19.69
CA PRO G 128 -26.24 -49.88 -20.40
C PRO G 128 -26.25 -51.15 -19.55
N ASP G 129 -25.29 -51.27 -18.63
CA ASP G 129 -25.20 -52.47 -17.79
C ASP G 129 -26.37 -52.72 -16.84
N THR G 130 -27.24 -51.73 -16.69
CA THR G 130 -28.38 -51.87 -15.79
C THR G 130 -29.69 -51.44 -16.45
N LEU G 131 -29.63 -51.23 -17.76
CA LEU G 131 -30.80 -50.83 -18.54
C LEU G 131 -31.61 -49.70 -17.91
N ASP G 132 -30.93 -48.75 -17.31
CA ASP G 132 -31.63 -47.62 -16.69
C ASP G 132 -30.88 -46.31 -16.94
N TRP G 133 -31.38 -45.23 -16.34
CA TRP G 133 -30.76 -43.92 -16.47
C TRP G 133 -30.49 -43.36 -15.07
N ARG G 134 -29.53 -42.45 -14.97
CA ARG G 134 -29.23 -41.83 -13.69
C ARG G 134 -29.54 -40.36 -13.81
N ALA G 135 -30.45 -39.87 -12.98
CA ALA G 135 -30.81 -38.46 -13.03
C ALA G 135 -29.72 -37.61 -12.40
N ALA G 136 -29.24 -36.63 -13.14
CA ALA G 136 -28.19 -35.73 -12.67
C ALA G 136 -28.73 -34.70 -11.68
N GLU G 137 -30.04 -34.56 -11.64
CA GLU G 137 -30.65 -33.61 -10.73
C GLU G 137 -32.10 -34.01 -10.46
N PRO G 138 -32.67 -33.55 -9.35
CA PRO G 138 -34.05 -33.89 -8.97
C PRO G 138 -35.09 -33.75 -10.07
N ARG G 139 -35.08 -32.63 -10.79
CA ARG G 139 -36.06 -32.39 -11.83
C ARG G 139 -35.97 -33.37 -12.99
N ALA G 140 -34.97 -34.24 -12.97
CA ALA G 140 -34.79 -35.23 -14.01
C ALA G 140 -35.45 -36.56 -13.66
N TRP G 141 -35.72 -36.76 -12.38
CA TRP G 141 -36.35 -38.01 -11.93
C TRP G 141 -37.69 -38.38 -12.57
N PRO G 142 -38.53 -37.39 -12.88
CA PRO G 142 -39.81 -37.76 -13.52
C PRO G 142 -39.51 -38.56 -14.79
N THR G 143 -38.76 -37.95 -15.70
CA THR G 143 -38.36 -38.57 -16.96
C THR G 143 -37.62 -39.88 -16.70
N LYS G 144 -36.79 -39.92 -15.68
CA LYS G 144 -36.05 -41.14 -15.39
C LYS G 144 -37.05 -42.28 -15.27
N LEU G 145 -38.03 -42.09 -14.40
CA LEU G 145 -39.03 -43.12 -14.14
C LEU G 145 -39.89 -43.43 -15.36
N GLU G 146 -40.41 -42.39 -15.99
CA GLU G 146 -41.24 -42.53 -17.17
C GLU G 146 -40.58 -43.42 -18.24
N TRP G 147 -39.25 -43.31 -18.39
CA TRP G 147 -38.56 -44.13 -19.36
C TRP G 147 -38.29 -45.55 -18.87
N GLU G 148 -38.11 -45.71 -17.56
CA GLU G 148 -37.81 -47.02 -17.04
C GLU G 148 -39.00 -47.95 -16.90
N ARG G 149 -40.22 -47.42 -17.00
CA ARG G 149 -41.42 -48.26 -16.92
C ARG G 149 -41.54 -49.00 -18.25
N HIS G 150 -41.37 -48.23 -19.32
CA HIS G 150 -41.43 -48.70 -20.70
C HIS G 150 -40.63 -49.99 -20.94
N LYS G 151 -39.39 -50.01 -20.46
CA LYS G 151 -38.50 -51.18 -20.60
C LYS G 151 -37.91 -51.34 -22.01
N ILE G 152 -38.70 -51.04 -23.03
CA ILE G 152 -38.28 -51.16 -24.41
C ILE G 152 -37.13 -50.22 -24.73
N ARG G 153 -37.36 -48.93 -24.48
CA ARG G 153 -36.37 -47.89 -24.74
C ARG G 153 -34.94 -48.29 -24.37
N ALA G 154 -34.74 -48.69 -23.12
CA ALA G 154 -33.41 -49.09 -22.66
C ALA G 154 -32.82 -50.22 -23.48
N ARG G 155 -33.60 -51.26 -23.71
CA ARG G 155 -33.10 -52.40 -24.47
C ARG G 155 -32.67 -51.96 -25.87
N GLN G 156 -33.43 -51.06 -26.47
CA GLN G 156 -33.10 -50.58 -27.81
C GLN G 156 -31.81 -49.77 -27.78
N ASN G 157 -31.74 -48.79 -26.88
CA ASN G 157 -30.55 -47.96 -26.76
C ASN G 157 -29.30 -48.81 -26.58
N ARG G 158 -29.41 -49.86 -25.76
CA ARG G 158 -28.28 -50.75 -25.52
C ARG G 158 -27.90 -51.46 -26.79
N ALA G 159 -28.91 -51.96 -27.47
CA ALA G 159 -28.68 -52.68 -28.72
C ALA G 159 -27.88 -51.80 -29.68
N TYR G 160 -28.23 -50.52 -29.76
CA TYR G 160 -27.49 -49.65 -30.65
C TYR G 160 -26.04 -49.51 -30.25
N LEU G 161 -25.81 -49.17 -28.97
CA LEU G 161 -24.46 -48.99 -28.47
C LEU G 161 -23.62 -50.27 -28.54
N GLU G 162 -24.22 -51.40 -28.21
CA GLU G 162 -23.49 -52.65 -28.22
C GLU G 162 -23.26 -53.26 -29.59
N ARG G 163 -24.29 -53.24 -30.43
CA ARG G 163 -24.19 -53.85 -31.75
C ARG G 163 -23.90 -52.90 -32.90
N ASP G 164 -24.87 -52.06 -33.22
CA ASP G 164 -24.76 -51.14 -34.35
C ASP G 164 -23.60 -50.14 -34.33
N CYS G 165 -23.56 -49.26 -33.35
CA CYS G 165 -22.49 -48.26 -33.25
C CYS G 165 -21.11 -48.84 -33.59
N PRO G 166 -20.66 -49.86 -32.84
CA PRO G 166 -19.35 -50.47 -33.09
C PRO G 166 -19.19 -50.85 -34.56
N ALA G 167 -20.22 -51.50 -35.09
CA ALA G 167 -20.22 -51.93 -36.47
C ALA G 167 -19.99 -50.77 -37.45
N GLN G 168 -20.73 -49.67 -37.25
CA GLN G 168 -20.58 -48.54 -38.14
C GLN G 168 -19.24 -47.87 -37.98
N LEU G 169 -18.63 -48.00 -36.81
CA LEU G 169 -17.32 -47.39 -36.57
C LEU G 169 -16.31 -48.13 -37.41
N GLN G 170 -16.46 -49.45 -37.46
CA GLN G 170 -15.58 -50.30 -38.26
C GLN G 170 -15.61 -49.84 -39.71
N GLN G 171 -16.80 -49.83 -40.30
CA GLN G 171 -16.97 -49.42 -41.68
C GLN G 171 -16.28 -48.09 -41.96
N LEU G 172 -16.44 -47.14 -41.03
CA LEU G 172 -15.85 -45.82 -41.17
C LEU G 172 -14.32 -45.82 -41.10
N LEU G 173 -13.76 -46.75 -40.35
CA LEU G 173 -12.32 -46.84 -40.22
C LEU G 173 -11.70 -47.38 -41.50
N GLU G 174 -12.12 -48.56 -41.92
CA GLU G 174 -11.60 -49.15 -43.16
C GLU G 174 -11.69 -48.11 -44.27
N LEU G 175 -12.83 -47.45 -44.30
CA LEU G 175 -13.12 -46.42 -45.29
C LEU G 175 -12.21 -45.21 -45.11
N GLY G 176 -11.55 -45.13 -43.97
CA GLY G 176 -10.69 -43.99 -43.68
C GLY G 176 -9.20 -44.18 -43.85
N ARG G 177 -8.72 -45.38 -43.56
CA ARG G 177 -7.29 -45.70 -43.67
C ARG G 177 -6.62 -44.89 -44.79
N GLY G 178 -5.98 -43.79 -44.42
CA GLY G 178 -5.32 -42.96 -45.41
C GLY G 178 -5.39 -41.47 -45.13
N VAL G 179 -6.61 -40.94 -44.95
CA VAL G 179 -6.80 -39.52 -44.69
C VAL G 179 -7.28 -39.25 -43.26
N LEU G 180 -7.66 -40.30 -42.55
CA LEU G 180 -8.14 -40.16 -41.18
C LEU G 180 -7.00 -40.31 -40.18
N ASP G 181 -6.00 -41.12 -40.54
CA ASP G 181 -4.85 -41.33 -39.68
C ASP G 181 -3.64 -40.58 -40.24
N GLN G 182 -3.90 -39.79 -41.29
CA GLN G 182 -2.90 -38.97 -41.95
C GLN G 182 -2.57 -37.80 -41.02
N GLN G 183 -1.51 -37.94 -40.23
CA GLN G 183 -1.09 -36.91 -39.30
C GLN G 183 0.04 -36.00 -39.80
N VAL G 184 -0.22 -34.69 -39.75
CA VAL G 184 0.76 -33.69 -40.18
C VAL G 184 1.41 -32.98 -38.98
N PRO G 185 2.75 -32.93 -38.95
CA PRO G 185 3.51 -32.29 -37.87
C PRO G 185 3.32 -30.77 -37.84
N PRO G 186 3.53 -30.17 -36.65
CA PRO G 186 3.40 -28.72 -36.42
C PRO G 186 4.59 -27.86 -36.79
N LEU G 187 4.31 -26.62 -37.20
CA LEU G 187 5.36 -25.66 -37.55
C LEU G 187 5.52 -24.71 -36.36
N VAL G 188 6.39 -25.09 -35.42
CA VAL G 188 6.64 -24.30 -34.21
C VAL G 188 7.44 -23.02 -34.44
N LYS G 189 6.98 -21.91 -33.84
CA LYS G 189 7.64 -20.61 -33.96
C LYS G 189 7.58 -19.77 -32.69
N VAL G 190 8.74 -19.63 -32.02
CA VAL G 190 8.84 -18.84 -30.80
C VAL G 190 9.01 -17.35 -31.13
N THR G 191 8.07 -16.53 -30.70
CA THR G 191 8.13 -15.08 -30.93
C THR G 191 8.23 -14.45 -29.55
N HIS G 192 8.13 -13.12 -29.45
CA HIS G 192 8.21 -12.46 -28.14
C HIS G 192 8.01 -10.95 -28.15
N HIS G 193 7.11 -10.49 -27.28
CA HIS G 193 6.79 -9.08 -27.14
C HIS G 193 7.54 -8.52 -25.93
N VAL G 194 8.20 -7.38 -26.11
CA VAL G 194 8.97 -6.78 -25.03
C VAL G 194 8.47 -5.42 -24.56
N THR G 195 8.66 -5.18 -23.26
CA THR G 195 8.30 -3.92 -22.61
C THR G 195 9.26 -3.75 -21.43
N SER G 196 9.28 -2.56 -20.84
CA SER G 196 10.15 -2.28 -19.71
C SER G 196 9.69 -3.17 -18.56
N SER G 197 8.36 -3.27 -18.43
CA SER G 197 7.72 -4.08 -17.40
C SER G 197 8.35 -5.47 -17.37
N VAL G 198 8.21 -6.18 -18.50
CA VAL G 198 8.73 -7.54 -18.67
C VAL G 198 8.68 -7.94 -20.14
N THR G 199 9.29 -9.07 -20.47
CA THR G 199 9.30 -9.57 -21.83
C THR G 199 8.47 -10.86 -21.88
N THR G 200 7.47 -10.88 -22.75
CA THR G 200 6.60 -12.05 -22.88
C THR G 200 6.99 -12.89 -24.09
N LEU G 201 7.12 -14.20 -23.87
CA LEU G 201 7.47 -15.12 -24.94
C LEU G 201 6.26 -15.93 -25.41
N ARG G 202 6.06 -16.02 -26.72
CA ARG G 202 4.94 -16.77 -27.28
C ARG G 202 5.43 -17.87 -28.23
N CYS G 203 5.13 -19.11 -27.90
CA CYS G 203 5.54 -20.24 -28.71
C CYS G 203 4.34 -20.86 -29.43
N ARG G 204 4.15 -20.56 -30.71
CA ARG G 204 3.02 -21.10 -31.48
C ARG G 204 3.35 -22.35 -32.29
N ALA G 205 2.50 -23.37 -32.17
CA ALA G 205 2.67 -24.60 -32.94
C ALA G 205 1.63 -24.47 -34.05
N LEU G 206 2.08 -24.19 -35.27
CA LEU G 206 1.16 -23.97 -36.39
C LEU G 206 0.72 -25.16 -37.26
N ASN G 207 -0.41 -24.93 -37.93
CA ASN G 207 -1.06 -25.84 -38.85
C ASN G 207 -0.75 -27.35 -38.72
N TYR G 208 -1.22 -27.96 -37.63
CA TYR G 208 -0.97 -29.38 -37.43
C TYR G 208 -2.27 -30.18 -37.33
N TYR G 209 -2.11 -31.49 -37.17
CA TYR G 209 -3.22 -32.44 -37.08
C TYR G 209 -2.62 -33.78 -36.69
N PRO G 210 -3.28 -34.53 -35.79
CA PRO G 210 -4.53 -34.21 -35.10
C PRO G 210 -4.41 -33.05 -34.12
N GLN G 211 -5.26 -33.05 -33.08
CA GLN G 211 -5.26 -31.99 -32.09
C GLN G 211 -4.33 -32.23 -30.90
N ASN G 212 -4.14 -33.50 -30.54
CA ASN G 212 -3.27 -33.81 -29.41
C ASN G 212 -1.84 -33.36 -29.71
N ILE G 213 -1.27 -32.63 -28.76
CA ILE G 213 0.07 -32.09 -28.90
C ILE G 213 0.60 -31.67 -27.52
N THR G 214 1.92 -31.59 -27.38
CA THR G 214 2.54 -31.19 -26.12
C THR G 214 3.41 -29.95 -26.27
N MET G 215 3.13 -28.93 -25.47
CA MET G 215 3.91 -27.70 -25.52
C MET G 215 4.33 -27.25 -24.13
N LYS G 216 5.64 -27.25 -23.87
CA LYS G 216 6.17 -26.82 -22.57
C LYS G 216 7.46 -26.00 -22.74
N TRP G 217 7.68 -25.05 -21.84
CA TRP G 217 8.87 -24.22 -21.89
C TRP G 217 10.07 -24.87 -21.21
N LEU G 218 11.26 -24.53 -21.69
CA LEU G 218 12.51 -25.06 -21.14
C LEU G 218 13.47 -23.94 -20.74
N LYS G 219 13.71 -23.81 -19.44
CA LYS G 219 14.62 -22.79 -18.91
C LYS G 219 16.04 -23.36 -18.87
N ASP G 220 16.96 -22.69 -19.56
CA ASP G 220 18.34 -23.15 -19.62
C ASP G 220 18.39 -24.59 -20.12
N LYS G 221 17.53 -24.89 -21.09
CA LYS G 221 17.44 -26.22 -21.68
C LYS G 221 17.03 -27.28 -20.66
N GLN G 222 16.27 -26.84 -19.65
CA GLN G 222 15.80 -27.75 -18.60
C GLN G 222 14.28 -27.62 -18.43
N PRO G 223 13.64 -28.68 -17.90
CA PRO G 223 12.18 -28.68 -17.70
C PRO G 223 11.67 -27.82 -16.52
N MET G 224 10.89 -26.79 -16.82
CA MET G 224 10.32 -25.93 -15.80
C MET G 224 9.09 -26.65 -15.27
N ASP G 225 8.42 -26.06 -14.28
CA ASP G 225 7.21 -26.67 -13.72
C ASP G 225 5.96 -26.21 -14.47
N ALA G 226 4.94 -27.06 -14.51
CA ALA G 226 3.68 -26.74 -15.20
C ALA G 226 3.04 -25.49 -14.62
N LYS G 227 3.36 -25.19 -13.36
CA LYS G 227 2.83 -24.04 -12.66
C LYS G 227 3.31 -22.70 -13.26
N GLU G 228 4.46 -22.72 -13.91
CA GLU G 228 5.04 -21.53 -14.51
C GLU G 228 4.23 -20.91 -15.64
N PHE G 229 3.61 -21.77 -16.46
CA PHE G 229 2.82 -21.30 -17.57
C PHE G 229 1.42 -21.92 -17.58
N GLU G 230 0.52 -21.33 -18.33
CA GLU G 230 -0.85 -21.84 -18.45
C GLU G 230 -0.79 -23.02 -19.42
N PRO G 231 -1.80 -23.89 -19.39
CA PRO G 231 -1.78 -25.05 -20.30
C PRO G 231 -1.86 -24.62 -21.77
N LYS G 232 -1.38 -25.47 -22.67
CA LYS G 232 -1.43 -25.16 -24.10
C LYS G 232 -2.85 -24.75 -24.47
N ASP G 233 -2.97 -23.72 -25.31
CA ASP G 233 -4.26 -23.19 -25.74
C ASP G 233 -4.55 -23.61 -27.18
N VAL G 234 -5.16 -24.78 -27.36
CA VAL G 234 -5.46 -25.28 -28.70
C VAL G 234 -6.61 -24.54 -29.38
N LEU G 235 -6.35 -24.03 -30.58
CA LEU G 235 -7.36 -23.31 -31.34
C LEU G 235 -7.57 -24.00 -32.67
N PRO G 236 -8.71 -23.72 -33.33
CA PRO G 236 -8.96 -24.36 -34.62
C PRO G 236 -8.90 -23.42 -35.81
N ASN G 237 -8.48 -23.95 -36.95
CA ASN G 237 -8.44 -23.17 -38.18
C ASN G 237 -9.56 -23.76 -39.03
N GLY G 238 -10.23 -22.91 -39.81
CA GLY G 238 -11.33 -23.40 -40.64
C GLY G 238 -10.90 -24.33 -41.77
N ASP G 239 -10.13 -25.37 -41.43
CA ASP G 239 -9.65 -26.30 -42.43
C ASP G 239 -9.06 -27.56 -41.81
N GLY G 240 -9.64 -28.00 -40.71
CA GLY G 240 -9.17 -29.22 -40.08
C GLY G 240 -7.76 -29.21 -39.54
N THR G 241 -7.14 -28.03 -39.49
CA THR G 241 -5.79 -27.90 -38.92
C THR G 241 -5.91 -27.05 -37.68
N TYR G 242 -5.05 -27.30 -36.71
CA TYR G 242 -5.10 -26.55 -35.47
C TYR G 242 -3.79 -25.85 -35.20
N GLN G 243 -3.82 -24.99 -34.18
CA GLN G 243 -2.64 -24.26 -33.75
C GLN G 243 -2.79 -24.00 -32.26
N GLY G 244 -1.70 -24.14 -31.54
CA GLY G 244 -1.74 -23.90 -30.10
C GLY G 244 -0.53 -23.11 -29.66
N TRP G 245 -0.70 -22.30 -28.62
CA TRP G 245 0.43 -21.54 -28.14
C TRP G 245 0.51 -21.49 -26.63
N ILE G 246 1.72 -21.27 -26.12
CA ILE G 246 1.95 -21.16 -24.69
C ILE G 246 2.77 -19.90 -24.43
N THR G 247 2.41 -19.17 -23.40
CA THR G 247 3.07 -17.93 -23.06
C THR G 247 3.88 -18.01 -21.79
N LEU G 248 4.92 -17.19 -21.72
CA LEU G 248 5.79 -17.14 -20.56
C LEU G 248 6.35 -15.73 -20.38
N ALA G 249 6.15 -15.17 -19.19
CA ALA G 249 6.66 -13.85 -18.88
C ALA G 249 8.01 -14.06 -18.21
N VAL G 250 9.02 -13.31 -18.64
CA VAL G 250 10.37 -13.44 -18.10
C VAL G 250 11.07 -12.09 -17.94
N PRO G 251 11.94 -11.98 -16.91
CA PRO G 251 12.71 -10.77 -16.60
C PRO G 251 13.33 -10.13 -17.85
N PRO G 252 12.98 -8.87 -18.14
CA PRO G 252 13.51 -8.15 -19.30
C PRO G 252 15.00 -8.40 -19.51
N GLY G 253 15.33 -9.19 -20.53
CA GLY G 253 16.72 -9.49 -20.79
C GLY G 253 17.11 -10.95 -20.84
N GLU G 254 16.46 -11.78 -20.03
CA GLU G 254 16.76 -13.21 -19.99
C GLU G 254 16.12 -14.01 -21.13
N GLU G 255 15.56 -13.31 -22.12
CA GLU G 255 14.91 -13.95 -23.27
C GLU G 255 15.56 -15.27 -23.66
N GLN G 256 16.69 -15.17 -24.36
CA GLN G 256 17.44 -16.32 -24.84
C GLN G 256 17.60 -17.49 -23.86
N ARG G 257 17.39 -17.24 -22.56
CA ARG G 257 17.55 -18.32 -21.59
C ARG G 257 16.45 -19.38 -21.66
N TYR G 258 15.36 -19.08 -22.37
CA TYR G 258 14.25 -20.02 -22.48
C TYR G 258 13.98 -20.58 -23.88
N THR G 259 13.71 -21.89 -23.93
CA THR G 259 13.43 -22.59 -25.18
C THR G 259 12.02 -23.21 -25.12
N CYS G 260 11.51 -23.65 -26.26
CA CYS G 260 10.17 -24.25 -26.32
C CYS G 260 10.23 -25.68 -26.85
N GLN G 261 9.71 -26.63 -26.08
CA GLN G 261 9.72 -28.03 -26.51
C GLN G 261 8.33 -28.51 -26.95
N VAL G 262 8.24 -29.00 -28.18
CA VAL G 262 6.98 -29.46 -28.75
C VAL G 262 6.95 -30.93 -29.15
N GLU G 263 6.26 -31.76 -28.37
CA GLU G 263 6.12 -33.17 -28.68
C GLU G 263 4.83 -33.36 -29.47
N HIS G 264 4.88 -34.23 -30.48
CA HIS G 264 3.72 -34.50 -31.33
C HIS G 264 3.95 -35.80 -32.11
N PRO G 265 2.90 -36.66 -32.19
CA PRO G 265 3.06 -37.93 -32.92
C PRO G 265 3.50 -37.74 -34.37
N GLY G 266 3.24 -36.55 -34.91
CA GLY G 266 3.62 -36.23 -36.27
C GLY G 266 5.09 -35.87 -36.40
N LEU G 267 5.83 -36.05 -35.33
CA LEU G 267 7.27 -35.77 -35.28
C LEU G 267 7.99 -36.97 -34.67
N ASP G 268 9.18 -37.28 -35.19
CA ASP G 268 9.96 -38.41 -34.68
C ASP G 268 10.42 -38.14 -33.24
N GLN G 269 11.36 -37.22 -33.09
CA GLN G 269 11.88 -36.84 -31.77
C GLN G 269 11.35 -35.46 -31.41
N PRO G 270 11.15 -35.21 -30.10
CA PRO G 270 10.64 -33.92 -29.64
C PRO G 270 11.41 -32.71 -30.19
N LEU G 271 10.68 -31.83 -30.87
CA LEU G 271 11.27 -30.62 -31.45
C LEU G 271 11.44 -29.51 -30.41
N ILE G 272 12.63 -28.92 -30.37
CA ILE G 272 12.93 -27.83 -29.44
C ILE G 272 13.26 -26.59 -30.25
N VAL G 273 12.44 -25.56 -30.10
CA VAL G 273 12.61 -24.31 -30.84
C VAL G 273 13.18 -23.17 -29.99
N ILE G 274 13.94 -22.30 -30.64
CA ILE G 274 14.55 -21.14 -30.00
C ILE G 274 14.42 -19.99 -30.99
N TRP G 275 14.09 -18.80 -30.50
CA TRP G 275 13.94 -17.67 -31.39
C TRP G 275 15.27 -16.98 -31.65
N ILE H 1 -28.28 -23.36 -16.94
CA ILE H 1 -27.37 -22.26 -16.52
C ILE H 1 -26.70 -21.62 -17.73
N GLN H 2 -26.88 -20.31 -17.88
CA GLN H 2 -26.31 -19.58 -19.00
C GLN H 2 -24.81 -19.36 -18.86
N ARG H 3 -24.12 -19.18 -19.99
CA ARG H 3 -22.68 -18.96 -19.99
C ARG H 3 -22.29 -17.95 -21.07
N THR H 4 -21.44 -17.00 -20.69
CA THR H 4 -20.98 -15.97 -21.62
C THR H 4 -19.82 -16.50 -22.47
N PRO H 5 -19.77 -16.10 -23.75
CA PRO H 5 -18.72 -16.55 -24.67
C PRO H 5 -17.33 -16.08 -24.32
N LYS H 6 -16.34 -16.75 -24.89
CA LYS H 6 -14.94 -16.41 -24.71
C LYS H 6 -14.39 -16.10 -26.10
N ILE H 7 -14.24 -14.81 -26.39
CA ILE H 7 -13.72 -14.36 -27.69
C ILE H 7 -12.20 -14.40 -27.78
N GLN H 8 -11.69 -14.96 -28.87
CA GLN H 8 -10.26 -15.05 -29.12
C GLN H 8 -9.96 -14.71 -30.58
N VAL H 9 -9.34 -13.55 -30.80
CA VAL H 9 -8.99 -13.13 -32.16
C VAL H 9 -7.53 -13.49 -32.41
N TYR H 10 -7.23 -13.93 -33.63
CA TYR H 10 -5.88 -14.29 -33.99
C TYR H 10 -5.74 -14.53 -35.48
N SER H 11 -4.54 -14.90 -35.91
CA SER H 11 -4.25 -15.14 -37.31
C SER H 11 -3.82 -16.58 -37.56
N ARG H 12 -4.01 -17.05 -38.79
CA ARG H 12 -3.63 -18.41 -39.14
C ARG H 12 -2.12 -18.54 -39.11
N HIS H 13 -1.46 -17.54 -39.72
CA HIS H 13 -0.01 -17.46 -39.80
C HIS H 13 0.44 -16.14 -39.16
N PRO H 14 1.68 -16.08 -38.66
CA PRO H 14 2.22 -14.86 -38.02
C PRO H 14 2.04 -13.61 -38.89
N ALA H 15 1.35 -12.62 -38.33
CA ALA H 15 1.08 -11.36 -39.03
C ALA H 15 2.32 -10.81 -39.72
N GLU H 16 2.16 -10.47 -41.00
CA GLU H 16 3.27 -9.93 -41.79
C GLU H 16 2.76 -9.03 -42.90
N ASN H 17 2.50 -7.77 -42.56
CA ASN H 17 2.00 -6.77 -43.50
C ASN H 17 2.27 -7.09 -44.97
N GLY H 18 1.26 -6.89 -45.81
CA GLY H 18 1.40 -7.14 -47.23
C GLY H 18 1.07 -8.57 -47.65
N LYS H 19 1.22 -9.51 -46.72
CA LYS H 19 0.93 -10.92 -47.00
C LYS H 19 -0.48 -11.29 -46.61
N SER H 20 -1.27 -11.73 -47.59
CA SER H 20 -2.64 -12.13 -47.34
C SER H 20 -2.63 -13.30 -46.38
N ASN H 21 -3.27 -13.10 -45.22
CA ASN H 21 -3.33 -14.10 -44.17
C ASN H 21 -4.78 -14.46 -43.88
N PHE H 22 -5.06 -14.74 -42.61
CA PHE H 22 -6.41 -15.10 -42.16
C PHE H 22 -6.72 -14.60 -40.76
N LEU H 23 -7.86 -13.92 -40.63
CA LEU H 23 -8.30 -13.38 -39.35
C LEU H 23 -9.37 -14.25 -38.70
N ASN H 24 -9.04 -14.87 -37.57
CA ASN H 24 -9.97 -15.72 -36.85
C ASN H 24 -10.55 -15.07 -35.60
N CYS H 25 -11.76 -15.50 -35.27
CA CYS H 25 -12.49 -15.06 -34.09
C CYS H 25 -13.11 -16.38 -33.66
N TYR H 26 -12.71 -16.88 -32.49
CA TYR H 26 -13.22 -18.16 -32.02
C TYR H 26 -13.93 -18.08 -30.68
N VAL H 27 -15.26 -17.99 -30.71
CA VAL H 27 -16.05 -17.93 -29.47
C VAL H 27 -16.24 -19.34 -28.91
N SER H 28 -16.20 -19.48 -27.59
CA SER H 28 -16.36 -20.79 -26.98
C SER H 28 -16.91 -20.68 -25.56
N GLY H 29 -17.30 -21.82 -25.00
CA GLY H 29 -17.82 -21.86 -23.64
C GLY H 29 -19.15 -21.16 -23.39
N PHE H 30 -19.74 -20.56 -24.41
CA PHE H 30 -21.03 -19.88 -24.23
C PHE H 30 -22.14 -20.92 -24.28
N HIS H 31 -23.28 -20.64 -23.64
CA HIS H 31 -24.31 -21.63 -23.72
C HIS H 31 -25.42 -21.41 -24.74
N PRO H 32 -26.53 -20.74 -24.39
CA PRO H 32 -27.54 -20.59 -25.45
C PRO H 32 -26.84 -20.41 -26.81
N SER H 33 -26.73 -21.50 -27.55
CA SER H 33 -26.05 -21.51 -28.85
C SER H 33 -26.36 -20.28 -29.69
N ASP H 34 -27.52 -19.69 -29.47
CA ASP H 34 -27.92 -18.52 -30.23
C ASP H 34 -26.90 -17.41 -29.96
N ILE H 35 -26.09 -17.10 -30.98
CA ILE H 35 -25.07 -16.06 -30.85
C ILE H 35 -24.74 -15.47 -32.21
N GLU H 36 -24.38 -14.19 -32.24
CA GLU H 36 -24.02 -13.56 -33.50
C GLU H 36 -22.61 -13.00 -33.42
N VAL H 37 -21.86 -13.14 -34.52
CA VAL H 37 -20.48 -12.68 -34.58
C VAL H 37 -20.17 -11.96 -35.89
N ASP H 38 -19.42 -10.86 -35.79
CA ASP H 38 -19.02 -10.08 -36.95
C ASP H 38 -17.53 -9.75 -36.87
N LEU H 39 -16.85 -9.76 -38.01
CA LEU H 39 -15.44 -9.43 -38.06
C LEU H 39 -15.32 -8.00 -38.58
N LEU H 40 -14.73 -7.13 -37.76
CA LEU H 40 -14.58 -5.72 -38.11
C LEU H 40 -13.21 -5.30 -38.62
N LYS H 41 -13.22 -4.36 -39.55
CA LYS H 41 -12.00 -3.80 -40.13
C LYS H 41 -12.13 -2.28 -40.03
N ASN H 42 -11.36 -1.70 -39.12
CA ASN H 42 -11.40 -0.26 -38.90
C ASN H 42 -12.79 0.13 -38.38
N GLY H 43 -13.47 -0.83 -37.74
CA GLY H 43 -14.79 -0.57 -37.21
C GLY H 43 -15.94 -0.89 -38.13
N GLU H 44 -15.64 -1.55 -39.24
CA GLU H 44 -16.67 -1.91 -40.21
C GLU H 44 -16.81 -3.43 -40.35
N ARG H 45 -18.05 -3.91 -40.43
CA ARG H 45 -18.29 -5.34 -40.57
C ARG H 45 -17.88 -5.81 -41.96
N ILE H 46 -17.04 -6.83 -42.00
CA ILE H 46 -16.56 -7.38 -43.26
C ILE H 46 -17.55 -8.40 -43.81
N GLU H 47 -17.74 -8.39 -45.13
CA GLU H 47 -18.62 -9.36 -45.78
C GLU H 47 -17.72 -10.51 -46.23
N LYS H 48 -18.23 -11.37 -47.10
CA LYS H 48 -17.43 -12.50 -47.59
C LYS H 48 -16.69 -13.17 -46.42
N VAL H 49 -17.41 -13.37 -45.33
CA VAL H 49 -16.85 -14.01 -44.14
C VAL H 49 -17.28 -15.48 -44.12
N GLU H 50 -16.47 -16.32 -43.47
CA GLU H 50 -16.77 -17.74 -43.39
C GLU H 50 -16.77 -18.19 -41.93
N HIS H 51 -17.44 -19.31 -41.66
CA HIS H 51 -17.48 -19.84 -40.30
C HIS H 51 -17.65 -21.34 -40.35
N SER H 52 -17.21 -22.02 -39.29
CA SER H 52 -17.31 -23.47 -39.23
C SER H 52 -18.69 -23.86 -38.74
N ASP H 53 -18.85 -25.14 -38.39
CA ASP H 53 -20.12 -25.64 -37.88
C ASP H 53 -20.20 -25.50 -36.38
N LEU H 54 -21.34 -25.00 -35.90
CA LEU H 54 -21.56 -24.86 -34.48
C LEU H 54 -21.44 -26.24 -33.87
N SER H 55 -20.84 -26.33 -32.70
CA SER H 55 -20.69 -27.62 -32.03
C SER H 55 -20.52 -27.37 -30.54
N PHE H 56 -20.30 -28.40 -29.75
CA PHE H 56 -20.14 -28.18 -28.32
C PHE H 56 -19.23 -29.18 -27.63
N SER H 57 -18.77 -28.81 -26.44
CA SER H 57 -17.84 -29.64 -25.68
C SER H 57 -18.52 -30.43 -24.58
N LYS H 58 -17.75 -31.28 -23.92
CA LYS H 58 -18.27 -32.12 -22.84
C LYS H 58 -19.23 -31.42 -21.89
N ASP H 59 -18.91 -30.19 -21.51
CA ASP H 59 -19.74 -29.43 -20.58
C ASP H 59 -20.94 -28.78 -21.25
N TRP H 60 -21.29 -29.28 -22.44
CA TRP H 60 -22.43 -28.79 -23.23
C TRP H 60 -22.29 -27.35 -23.69
N SER H 61 -21.11 -26.76 -23.48
CA SER H 61 -20.89 -25.38 -23.91
C SER H 61 -20.57 -25.36 -25.41
N PHE H 62 -21.21 -24.44 -26.11
CA PHE H 62 -21.02 -24.32 -27.55
C PHE H 62 -19.76 -23.54 -27.93
N TYR H 63 -19.31 -23.76 -29.16
CA TYR H 63 -18.14 -23.08 -29.68
C TYR H 63 -18.26 -22.98 -31.20
N LEU H 64 -17.88 -21.83 -31.74
CA LEU H 64 -17.98 -21.61 -33.17
C LEU H 64 -16.78 -20.80 -33.66
N LEU H 65 -16.35 -21.07 -34.90
CA LEU H 65 -15.21 -20.36 -35.45
C LEU H 65 -15.53 -19.59 -36.72
N TYR H 66 -15.19 -18.31 -36.73
CA TYR H 66 -15.39 -17.45 -37.90
C TYR H 66 -14.01 -17.10 -38.43
N TYR H 67 -13.90 -16.91 -39.74
CA TYR H 67 -12.62 -16.58 -40.34
C TYR H 67 -12.75 -15.99 -41.74
N THR H 68 -11.94 -14.96 -42.01
CA THR H 68 -11.94 -14.31 -43.31
C THR H 68 -10.52 -14.23 -43.83
N GLU H 69 -10.39 -14.24 -45.15
CA GLU H 69 -9.09 -14.12 -45.78
C GLU H 69 -8.84 -12.62 -45.80
N PHE H 70 -7.65 -12.20 -45.39
CA PHE H 70 -7.33 -10.78 -45.37
C PHE H 70 -5.84 -10.51 -45.56
N THR H 71 -5.54 -9.28 -45.96
CA THR H 71 -4.16 -8.86 -46.15
C THR H 71 -3.92 -7.74 -45.12
N PRO H 72 -3.08 -8.00 -44.11
CA PRO H 72 -2.75 -7.05 -43.05
C PRO H 72 -1.82 -5.88 -43.38
N THR H 73 -2.13 -4.73 -42.78
CA THR H 73 -1.35 -3.50 -42.96
C THR H 73 -1.28 -2.87 -41.57
N GLU H 74 -0.29 -2.01 -41.34
CA GLU H 74 -0.16 -1.37 -40.04
C GLU H 74 -1.16 -0.25 -39.83
N LYS H 75 -1.85 0.13 -40.91
CA LYS H 75 -2.85 1.19 -40.86
C LYS H 75 -4.20 0.66 -40.38
N ASP H 76 -4.61 -0.48 -40.95
CA ASP H 76 -5.89 -1.11 -40.64
C ASP H 76 -5.97 -1.78 -39.27
N GLU H 77 -7.15 -1.71 -38.65
CA GLU H 77 -7.40 -2.32 -37.35
C GLU H 77 -8.45 -3.42 -37.51
N TYR H 78 -8.22 -4.56 -36.84
CA TYR H 78 -9.14 -5.69 -36.92
C TYR H 78 -9.65 -6.18 -35.56
N ALA H 79 -10.93 -6.52 -35.50
CA ALA H 79 -11.56 -7.00 -34.27
C ALA H 79 -12.96 -7.55 -34.54
N CYS H 80 -13.44 -8.42 -33.65
CA CYS H 80 -14.79 -8.97 -33.81
C CYS H 80 -15.63 -8.69 -32.60
N ARG H 81 -16.88 -8.30 -32.85
CA ARG H 81 -17.81 -8.03 -31.77
C ARG H 81 -18.73 -9.24 -31.68
N VAL H 82 -18.91 -9.71 -30.45
CA VAL H 82 -19.75 -10.87 -30.21
C VAL H 82 -20.98 -10.48 -29.39
N ASN H 83 -22.17 -10.73 -29.93
CA ASN H 83 -23.37 -10.41 -29.19
C ASN H 83 -24.03 -11.70 -28.72
N HIS H 84 -24.26 -11.77 -27.41
CA HIS H 84 -24.89 -12.93 -26.79
C HIS H 84 -25.94 -12.39 -25.83
N VAL H 85 -26.73 -13.28 -25.23
CA VAL H 85 -27.75 -12.85 -24.31
C VAL H 85 -27.10 -12.48 -22.98
N THR H 86 -26.00 -13.14 -22.67
CA THR H 86 -25.30 -12.88 -21.41
C THR H 86 -24.51 -11.58 -21.41
N LEU H 87 -24.63 -10.82 -22.49
CA LEU H 87 -23.90 -9.55 -22.60
C LEU H 87 -24.84 -8.36 -22.78
N SER H 88 -24.54 -7.27 -22.09
CA SER H 88 -25.34 -6.05 -22.18
C SER H 88 -25.14 -5.45 -23.56
N GLN H 89 -23.90 -5.06 -23.86
CA GLN H 89 -23.55 -4.50 -25.15
C GLN H 89 -22.61 -5.47 -25.83
N PRO H 90 -22.64 -5.51 -27.17
CA PRO H 90 -21.79 -6.41 -27.94
C PRO H 90 -20.30 -6.27 -27.61
N LYS H 91 -19.80 -7.15 -26.74
CA LYS H 91 -18.40 -7.13 -26.34
C LYS H 91 -17.46 -7.20 -27.55
N ILE H 92 -16.49 -6.28 -27.59
CA ILE H 92 -15.52 -6.25 -28.69
C ILE H 92 -14.13 -6.63 -28.21
N VAL H 93 -13.39 -7.31 -29.09
CA VAL H 93 -12.03 -7.73 -28.81
C VAL H 93 -11.21 -7.42 -30.04
N LYS H 94 -10.21 -6.56 -29.88
CA LYS H 94 -9.35 -6.17 -30.98
C LYS H 94 -8.26 -7.23 -31.18
N TRP H 95 -7.64 -7.22 -32.35
CA TRP H 95 -6.60 -8.18 -32.66
C TRP H 95 -5.20 -7.70 -32.25
N ASP H 96 -4.63 -8.34 -31.23
CA ASP H 96 -3.29 -7.99 -30.76
C ASP H 96 -2.25 -8.53 -31.74
N ARG H 97 -1.70 -7.63 -32.56
CA ARG H 97 -0.69 -7.97 -33.57
C ARG H 97 0.26 -9.09 -33.18
N ASP H 98 0.61 -9.15 -31.89
CA ASP H 98 1.54 -10.16 -31.36
C ASP H 98 1.01 -11.59 -31.42
N MET H 99 -0.31 -11.75 -31.28
CA MET H 99 -0.95 -13.07 -31.30
C MET H 99 -1.79 -13.31 -32.56
N LEU I 2 -38.72 -46.16 -72.32
CA LEU I 2 -38.17 -44.87 -72.83
C LEU I 2 -37.41 -44.06 -71.78
N TYR I 3 -37.79 -44.19 -70.51
CA TYR I 3 -37.15 -43.45 -69.42
C TYR I 3 -37.80 -42.10 -69.14
N TRP I 4 -37.88 -41.76 -67.85
CA TRP I 4 -38.52 -40.53 -67.42
C TRP I 4 -38.36 -39.32 -68.32
N ASP I 5 -37.13 -38.90 -68.57
CA ASP I 5 -36.88 -37.72 -69.39
C ASP I 5 -37.51 -37.76 -70.76
N ASP I 6 -37.55 -38.93 -71.37
CA ASP I 6 -38.17 -39.04 -72.67
C ASP I 6 -39.67 -38.93 -72.53
N LEU I 7 -40.24 -39.64 -71.54
CA LEU I 7 -41.67 -39.59 -71.31
C LEU I 7 -42.09 -38.16 -70.97
N LYS I 8 -41.33 -37.53 -70.07
CA LYS I 8 -41.61 -36.17 -69.67
C LYS I 8 -41.76 -35.29 -70.91
N ARG I 9 -40.84 -35.44 -71.85
CA ARG I 9 -40.86 -34.64 -73.08
C ARG I 9 -42.02 -35.00 -74.00
N LYS I 10 -42.22 -36.30 -74.25
CA LYS I 10 -43.31 -36.72 -75.11
C LYS I 10 -44.59 -36.09 -74.59
N LEU I 11 -44.84 -36.25 -73.29
CA LEU I 11 -46.03 -35.69 -72.66
C LEU I 11 -46.10 -34.20 -72.89
N SER I 12 -44.98 -33.53 -72.62
CA SER I 12 -44.93 -32.09 -72.78
C SER I 12 -45.37 -31.65 -74.17
N GLU I 13 -44.69 -32.14 -75.20
CA GLU I 13 -45.06 -31.74 -76.56
C GLU I 13 -46.54 -32.06 -76.84
N LYS I 14 -46.96 -33.29 -76.50
CA LYS I 14 -48.36 -33.69 -76.68
C LYS I 14 -49.28 -32.60 -76.14
N LEU I 15 -48.98 -32.13 -74.94
CA LEU I 15 -49.75 -31.08 -74.28
C LEU I 15 -49.78 -29.78 -75.08
N ASP I 16 -48.61 -29.32 -75.50
CA ASP I 16 -48.49 -28.07 -76.25
C ASP I 16 -49.41 -27.97 -77.44
N SER I 17 -49.73 -29.11 -78.05
CA SER I 17 -50.62 -29.12 -79.21
C SER I 17 -52.05 -29.51 -78.86
N THR I 18 -52.38 -29.48 -77.57
CA THR I 18 -53.73 -29.84 -77.14
C THR I 18 -54.59 -28.62 -76.83
N ASP I 19 -55.82 -28.65 -77.36
CA ASP I 19 -56.75 -27.55 -77.15
C ASP I 19 -57.80 -27.93 -76.09
N PHE I 20 -57.59 -27.44 -74.87
CA PHE I 20 -58.50 -27.73 -73.78
C PHE I 20 -59.70 -26.82 -73.91
N THR I 21 -59.43 -25.57 -74.26
CA THR I 21 -60.46 -24.57 -74.45
C THR I 21 -61.62 -25.09 -75.29
N SER I 22 -61.31 -25.74 -76.41
CA SER I 22 -62.33 -26.29 -77.29
C SER I 22 -63.24 -27.26 -76.55
N THR I 23 -62.63 -28.15 -75.79
CA THR I 23 -63.37 -29.18 -75.04
C THR I 23 -64.23 -28.59 -73.94
N ILE I 24 -63.66 -27.68 -73.15
CA ILE I 24 -64.42 -27.06 -72.07
C ILE I 24 -65.64 -26.36 -72.65
N LYS I 25 -65.42 -25.62 -73.73
CA LYS I 25 -66.49 -24.89 -74.40
C LYS I 25 -67.50 -25.85 -75.01
N LEU I 26 -67.01 -26.97 -75.54
CA LEU I 26 -67.87 -27.98 -76.15
C LEU I 26 -68.78 -28.57 -75.07
N LEU I 27 -68.28 -28.58 -73.85
CA LEU I 27 -69.04 -29.14 -72.75
C LEU I 27 -70.05 -28.16 -72.16
N ASN I 28 -70.15 -26.97 -72.76
CA ASN I 28 -71.12 -25.98 -72.29
C ASN I 28 -72.19 -25.64 -73.33
N GLU I 29 -72.28 -26.44 -74.39
CA GLU I 29 -73.28 -26.20 -75.43
C GLU I 29 -74.63 -26.69 -74.92
N ASN I 30 -75.70 -26.07 -75.42
CA ASN I 30 -77.05 -26.44 -75.00
C ASN I 30 -77.24 -27.95 -74.95
N SER I 31 -76.35 -28.68 -75.63
CA SER I 31 -76.46 -30.12 -75.66
C SER I 31 -76.31 -30.73 -74.26
N TYR I 32 -75.50 -30.08 -73.42
CA TYR I 32 -75.29 -30.55 -72.06
C TYR I 32 -75.35 -29.42 -71.05
N VAL I 33 -76.02 -28.31 -71.41
CA VAL I 33 -76.14 -27.15 -70.53
C VAL I 33 -76.41 -27.50 -69.09
N PRO I 34 -77.68 -27.62 -68.67
CA PRO I 34 -77.73 -27.99 -67.25
C PRO I 34 -77.72 -29.52 -67.18
N ARG I 35 -76.72 -30.10 -66.53
CA ARG I 35 -76.64 -31.56 -66.45
C ARG I 35 -76.74 -32.12 -65.03
N GLU I 36 -77.94 -32.06 -64.48
CA GLU I 36 -78.19 -32.57 -63.14
C GLU I 36 -78.05 -34.08 -63.18
N ALA I 37 -77.45 -34.66 -62.14
CA ALA I 37 -77.27 -36.10 -62.09
C ALA I 37 -78.59 -36.81 -62.42
N GLY I 38 -78.53 -37.77 -63.33
CA GLY I 38 -79.72 -38.53 -63.69
C GLY I 38 -80.52 -37.94 -64.85
N SER I 39 -80.21 -36.71 -65.23
CA SER I 39 -80.93 -36.06 -66.32
C SER I 39 -80.48 -36.58 -67.68
N GLN I 40 -81.26 -36.29 -68.71
CA GLN I 40 -80.91 -36.69 -70.07
C GLN I 40 -79.59 -36.06 -70.47
N LYS I 41 -79.45 -34.76 -70.24
CA LYS I 41 -78.20 -34.10 -70.60
C LYS I 41 -77.02 -34.80 -69.92
N ASP I 42 -77.24 -35.32 -68.72
CA ASP I 42 -76.20 -36.04 -68.01
C ASP I 42 -75.87 -37.27 -68.84
N GLU I 43 -76.89 -38.09 -69.07
CA GLU I 43 -76.74 -39.31 -69.86
C GLU I 43 -76.12 -39.02 -71.24
N ASN I 44 -76.46 -37.88 -71.82
CA ASN I 44 -75.91 -37.55 -73.13
C ASN I 44 -74.41 -37.36 -73.02
N LEU I 45 -73.97 -36.55 -72.05
CA LEU I 45 -72.55 -36.30 -71.87
C LEU I 45 -71.81 -37.59 -71.52
N ALA I 46 -72.51 -38.51 -70.85
CA ALA I 46 -71.92 -39.78 -70.48
C ALA I 46 -71.62 -40.58 -71.73
N LEU I 47 -72.59 -40.61 -72.65
CA LEU I 47 -72.43 -41.34 -73.90
C LEU I 47 -71.36 -40.68 -74.76
N TYR I 48 -71.27 -39.36 -74.71
CA TYR I 48 -70.24 -38.67 -75.48
C TYR I 48 -68.86 -39.12 -75.01
N VAL I 49 -68.67 -39.14 -73.69
CA VAL I 49 -67.41 -39.55 -73.09
C VAL I 49 -67.14 -41.03 -73.35
N GLU I 50 -68.16 -41.86 -73.17
CA GLU I 50 -67.97 -43.28 -73.39
C GLU I 50 -67.52 -43.53 -74.82
N ASN I 51 -67.95 -42.66 -75.74
CA ASN I 51 -67.60 -42.82 -77.13
C ASN I 51 -66.19 -42.31 -77.41
N GLN I 52 -65.83 -41.20 -76.77
CA GLN I 52 -64.50 -40.65 -76.94
C GLN I 52 -63.48 -41.69 -76.46
N PHE I 53 -63.84 -42.44 -75.44
CA PHE I 53 -62.96 -43.45 -74.91
C PHE I 53 -62.74 -44.52 -75.98
N ARG I 54 -63.82 -44.94 -76.64
CA ARG I 54 -63.73 -45.94 -77.70
C ARG I 54 -62.88 -45.39 -78.84
N GLU I 55 -63.11 -44.14 -79.21
CA GLU I 55 -62.33 -43.53 -80.28
C GLU I 55 -60.85 -43.53 -79.93
N PHE I 56 -60.53 -43.21 -78.68
CA PHE I 56 -59.15 -43.19 -78.24
C PHE I 56 -58.58 -44.61 -78.27
N LYS I 57 -59.46 -45.58 -78.49
CA LYS I 57 -59.05 -46.99 -78.52
C LYS I 57 -58.26 -47.31 -77.26
N LEU I 58 -58.97 -47.48 -76.14
CA LEU I 58 -58.32 -47.81 -74.88
C LEU I 58 -58.50 -49.31 -74.70
N SER I 59 -57.59 -49.94 -73.95
CA SER I 59 -57.67 -51.38 -73.74
C SER I 59 -59.11 -51.85 -73.59
N LYS I 60 -59.90 -51.09 -72.86
CA LYS I 60 -61.30 -51.43 -72.63
C LYS I 60 -62.05 -50.24 -72.07
N VAL I 61 -63.31 -50.14 -72.48
CA VAL I 61 -64.14 -49.05 -71.99
C VAL I 61 -65.48 -49.65 -71.62
N TRP I 62 -65.89 -49.42 -70.39
CA TRP I 62 -67.15 -49.95 -69.88
C TRP I 62 -67.89 -48.94 -69.01
N ARG I 63 -69.08 -49.31 -68.57
CA ARG I 63 -69.86 -48.42 -67.73
C ARG I 63 -70.57 -49.16 -66.63
N ASP I 64 -70.78 -48.46 -65.51
CA ASP I 64 -71.48 -49.01 -64.36
C ASP I 64 -72.77 -48.23 -64.28
N GLN I 65 -73.84 -48.88 -63.84
CA GLN I 65 -75.12 -48.19 -63.73
C GLN I 65 -75.72 -48.34 -62.34
N HIS I 66 -76.00 -47.21 -61.70
CA HIS I 66 -76.54 -47.22 -60.34
C HIS I 66 -77.89 -46.54 -60.23
N PHE I 67 -78.70 -47.02 -59.29
CA PHE I 67 -80.00 -46.42 -59.01
C PHE I 67 -79.90 -45.86 -57.60
N VAL I 68 -79.77 -44.55 -57.48
CA VAL I 68 -79.62 -43.89 -56.18
C VAL I 68 -80.74 -42.89 -55.90
N LYS I 69 -80.89 -42.53 -54.63
CA LYS I 69 -81.91 -41.58 -54.21
C LYS I 69 -81.34 -40.19 -53.93
N ILE I 70 -81.69 -39.21 -54.76
CA ILE I 70 -81.26 -37.84 -54.53
C ILE I 70 -82.48 -37.06 -54.06
N GLN I 71 -82.36 -35.75 -53.93
CA GLN I 71 -83.50 -34.95 -53.51
C GLN I 71 -83.62 -33.74 -54.40
N VAL I 72 -84.84 -33.46 -54.85
CA VAL I 72 -85.11 -32.32 -55.70
C VAL I 72 -86.21 -31.48 -55.08
N LYS I 73 -86.43 -30.28 -55.60
CA LYS I 73 -87.49 -29.46 -55.03
C LYS I 73 -88.83 -29.85 -55.59
N ASP I 74 -89.81 -29.87 -54.68
CA ASP I 74 -91.20 -30.24 -54.93
C ASP I 74 -91.94 -29.21 -55.77
N SER I 75 -93.16 -29.55 -56.19
CA SER I 75 -93.97 -28.64 -56.99
C SER I 75 -94.34 -27.39 -56.20
N ALA I 76 -94.32 -27.52 -54.87
CA ALA I 76 -94.63 -26.40 -53.97
C ALA I 76 -93.33 -25.63 -53.72
N GLN I 77 -93.39 -24.31 -53.84
CA GLN I 77 -92.22 -23.48 -53.64
C GLN I 77 -91.76 -23.52 -52.19
N ASN I 78 -90.45 -23.39 -51.99
CA ASN I 78 -89.87 -23.34 -50.66
C ASN I 78 -89.91 -21.86 -50.39
N SER I 79 -89.90 -21.45 -49.12
CA SER I 79 -89.96 -20.02 -48.83
C SER I 79 -89.43 -19.61 -47.49
N VAL I 80 -89.05 -18.34 -47.45
CA VAL I 80 -88.56 -17.72 -46.23
C VAL I 80 -89.46 -16.51 -46.03
N ILE I 81 -90.20 -16.51 -44.93
CA ILE I 81 -91.12 -15.45 -44.64
C ILE I 81 -90.94 -14.90 -43.23
N ILE I 82 -91.08 -13.58 -43.11
CA ILE I 82 -90.98 -12.95 -41.79
C ILE I 82 -92.40 -12.97 -41.26
N VAL I 83 -92.54 -13.46 -40.04
CA VAL I 83 -93.84 -13.60 -39.42
C VAL I 83 -93.96 -12.87 -38.09
N ASP I 84 -95.20 -12.62 -37.68
CA ASP I 84 -95.50 -11.96 -36.44
C ASP I 84 -96.01 -12.92 -35.39
N LYS I 85 -95.22 -13.08 -34.32
CA LYS I 85 -95.50 -13.93 -33.16
C LYS I 85 -96.69 -14.90 -33.13
N ASN I 86 -97.63 -14.76 -34.03
CA ASN I 86 -98.78 -15.65 -34.09
C ASN I 86 -98.75 -16.44 -35.40
N GLY I 87 -97.73 -16.19 -36.22
CA GLY I 87 -97.62 -16.88 -37.48
C GLY I 87 -98.13 -16.00 -38.61
N ARG I 88 -98.54 -14.80 -38.24
CA ARG I 88 -99.08 -13.84 -39.20
C ARG I 88 -98.06 -13.31 -40.22
N LEU I 89 -98.40 -13.44 -41.50
CA LEU I 89 -97.51 -12.95 -42.53
C LEU I 89 -97.08 -11.53 -42.19
N VAL I 90 -95.99 -11.07 -42.80
CA VAL I 90 -95.50 -9.72 -42.58
C VAL I 90 -94.64 -9.30 -43.76
N TYR I 91 -93.68 -10.14 -44.12
CA TYR I 91 -92.74 -9.83 -45.19
C TYR I 91 -92.62 -10.70 -46.45
N LEU I 92 -92.48 -12.02 -46.30
CA LEU I 92 -92.24 -12.92 -47.44
C LEU I 92 -90.93 -12.42 -48.06
N VAL I 93 -89.81 -12.90 -47.53
CA VAL I 93 -88.49 -12.49 -48.01
C VAL I 93 -88.10 -13.07 -49.37
N GLU I 94 -88.42 -14.34 -49.62
CA GLU I 94 -88.04 -14.95 -50.88
C GLU I 94 -88.54 -16.36 -51.09
N ASN I 95 -88.75 -16.69 -52.36
CA ASN I 95 -89.14 -18.02 -52.79
C ASN I 95 -87.92 -18.42 -53.60
N PRO I 96 -86.85 -18.87 -52.92
CA PRO I 96 -85.56 -19.29 -53.45
C PRO I 96 -85.59 -20.18 -54.66
N GLY I 97 -84.72 -19.85 -55.62
CA GLY I 97 -84.61 -20.64 -56.83
C GLY I 97 -83.78 -21.88 -56.55
N GLY I 98 -82.79 -21.74 -55.68
CA GLY I 98 -81.93 -22.86 -55.37
C GLY I 98 -82.46 -23.68 -54.22
N TYR I 99 -81.68 -24.67 -53.78
CA TYR I 99 -82.07 -25.52 -52.67
C TYR I 99 -80.91 -26.35 -52.16
N VAL I 100 -81.12 -27.02 -51.04
CA VAL I 100 -80.09 -27.85 -50.46
C VAL I 100 -80.58 -29.28 -50.41
N ALA I 101 -79.97 -30.13 -51.24
CA ALA I 101 -80.33 -31.53 -51.31
C ALA I 101 -80.08 -32.20 -49.98
N TYR I 102 -81.04 -33.04 -49.59
CA TYR I 102 -81.00 -33.83 -48.36
C TYR I 102 -81.34 -33.04 -47.11
N SER I 103 -81.96 -31.88 -47.31
CA SER I 103 -82.42 -31.10 -46.18
C SER I 103 -83.67 -31.85 -45.72
N LYS I 104 -84.12 -31.62 -44.48
CA LYS I 104 -85.33 -32.29 -44.05
C LYS I 104 -86.51 -31.52 -44.61
N ALA I 105 -87.52 -32.23 -45.08
CA ALA I 105 -88.72 -31.56 -45.62
C ALA I 105 -89.53 -31.17 -44.40
N ALA I 106 -89.68 -29.88 -44.20
CA ALA I 106 -90.40 -29.38 -43.06
C ALA I 106 -90.56 -27.89 -43.17
N THR I 107 -91.33 -27.33 -42.24
CA THR I 107 -91.56 -25.91 -42.20
C THR I 107 -91.46 -25.50 -40.74
N VAL I 108 -90.52 -24.62 -40.46
CA VAL I 108 -90.29 -24.17 -39.10
C VAL I 108 -90.26 -22.66 -39.00
N THR I 109 -90.41 -22.16 -37.78
CA THR I 109 -90.38 -20.72 -37.54
C THR I 109 -89.89 -20.43 -36.12
N GLY I 110 -89.13 -19.34 -36.00
CA GLY I 110 -88.57 -18.96 -34.71
C GLY I 110 -87.66 -17.76 -34.92
N LYS I 111 -86.84 -17.44 -33.92
CA LYS I 111 -85.92 -16.31 -34.06
C LYS I 111 -84.76 -16.72 -34.96
N LEU I 112 -84.27 -15.75 -35.74
CA LEU I 112 -83.17 -15.99 -36.66
C LEU I 112 -81.86 -15.46 -36.10
N VAL I 113 -81.03 -16.34 -35.57
CA VAL I 113 -79.73 -15.96 -35.01
C VAL I 113 -78.66 -16.13 -36.08
N HIS I 114 -77.66 -15.25 -36.06
CA HIS I 114 -76.59 -15.29 -37.05
C HIS I 114 -75.32 -15.91 -36.49
N ALA I 115 -74.96 -17.09 -37.01
CA ALA I 115 -73.72 -17.75 -36.61
C ALA I 115 -72.81 -17.30 -37.75
N ASN I 116 -71.55 -17.71 -37.74
CA ASN I 116 -70.69 -17.23 -38.81
C ASN I 116 -70.09 -18.44 -39.51
N PHE I 117 -70.39 -18.63 -40.79
CA PHE I 117 -69.87 -19.79 -41.51
C PHE I 117 -70.39 -21.08 -40.88
N GLY I 118 -70.85 -20.99 -39.63
CA GLY I 118 -71.39 -22.13 -38.94
C GLY I 118 -70.32 -23.02 -38.35
N THR I 119 -69.10 -22.53 -38.33
CA THR I 119 -68.01 -23.30 -37.77
C THR I 119 -68.34 -23.71 -36.34
N LYS I 120 -67.82 -24.87 -35.94
CA LYS I 120 -68.03 -25.35 -34.60
C LYS I 120 -67.54 -24.29 -33.60
N LYS I 121 -66.48 -23.59 -33.98
CA LYS I 121 -65.93 -22.54 -33.14
C LYS I 121 -66.81 -21.30 -33.13
N ASP I 122 -67.31 -20.92 -34.29
CA ASP I 122 -68.17 -19.76 -34.40
C ASP I 122 -69.36 -19.87 -33.45
N PHE I 123 -69.94 -21.07 -33.36
CA PHE I 123 -71.07 -21.30 -32.47
C PHE I 123 -70.62 -21.21 -31.03
N GLU I 124 -69.41 -21.71 -30.79
CA GLU I 124 -68.80 -21.71 -29.47
C GLU I 124 -68.68 -20.28 -28.95
N ASP I 125 -68.10 -19.40 -29.75
CA ASP I 125 -67.91 -18.01 -29.37
C ASP I 125 -69.14 -17.13 -29.57
N LEU I 126 -70.27 -17.70 -29.92
CA LEU I 126 -71.46 -16.89 -30.10
C LEU I 126 -71.98 -16.46 -28.75
N TYR I 127 -72.69 -15.33 -28.75
CA TYR I 127 -73.25 -14.76 -27.52
C TYR I 127 -74.66 -15.26 -27.34
N THR I 128 -75.49 -15.09 -28.37
CA THR I 128 -76.87 -15.53 -28.32
C THR I 128 -76.96 -17.03 -28.42
N PRO I 129 -77.70 -17.67 -27.52
CA PRO I 129 -77.80 -19.13 -27.61
C PRO I 129 -78.57 -19.47 -28.89
N VAL I 130 -78.19 -20.57 -29.53
CA VAL I 130 -78.82 -21.00 -30.77
C VAL I 130 -79.99 -21.94 -30.51
N ASN I 131 -79.93 -22.60 -29.36
CA ASN I 131 -80.96 -23.53 -28.92
C ASN I 131 -82.36 -23.06 -29.32
N GLY I 132 -83.10 -23.95 -29.96
CA GLY I 132 -84.47 -23.63 -30.36
C GLY I 132 -84.74 -22.63 -31.47
N SER I 133 -83.72 -22.08 -32.13
CA SER I 133 -84.00 -21.13 -33.21
C SER I 133 -83.34 -21.43 -34.56
N ILE I 134 -83.73 -20.66 -35.58
CA ILE I 134 -83.21 -20.82 -36.92
C ILE I 134 -81.86 -20.11 -37.01
N VAL I 135 -80.91 -20.71 -37.70
CA VAL I 135 -79.61 -20.07 -37.84
C VAL I 135 -79.36 -19.63 -39.28
N ILE I 136 -78.65 -18.53 -39.44
CA ILE I 136 -78.31 -18.07 -40.78
C ILE I 136 -76.80 -18.02 -40.84
N VAL I 137 -76.24 -18.55 -41.92
CA VAL I 137 -74.80 -18.56 -42.08
C VAL I 137 -74.32 -18.26 -43.49
N ARG I 138 -73.03 -17.94 -43.55
CA ARG I 138 -72.37 -17.64 -44.80
C ARG I 138 -71.78 -18.89 -45.44
N ALA I 139 -71.81 -18.94 -46.76
CA ALA I 139 -71.25 -20.07 -47.48
C ALA I 139 -69.74 -19.94 -47.29
N GLY I 140 -69.03 -21.07 -47.20
CA GLY I 140 -67.59 -21.01 -47.05
C GLY I 140 -66.96 -21.67 -45.84
N LYS I 141 -65.63 -21.71 -45.84
CA LYS I 141 -64.81 -22.31 -44.77
C LYS I 141 -65.10 -23.79 -44.55
N ILE I 142 -66.37 -24.17 -44.60
CA ILE I 142 -66.78 -25.56 -44.41
C ILE I 142 -67.98 -25.91 -45.27
N THR I 143 -68.34 -27.19 -45.19
CA THR I 143 -69.45 -27.77 -45.93
C THR I 143 -70.81 -27.36 -45.40
N PHE I 144 -71.83 -27.37 -46.26
CA PHE I 144 -73.19 -27.07 -45.82
C PHE I 144 -73.50 -28.11 -44.76
N ALA I 145 -73.30 -29.38 -45.10
CA ALA I 145 -73.56 -30.49 -44.19
C ALA I 145 -72.91 -30.28 -42.83
N GLU I 146 -71.72 -29.71 -42.82
CA GLU I 146 -71.04 -29.46 -41.58
C GLU I 146 -71.77 -28.35 -40.82
N LYS I 147 -72.08 -27.27 -41.53
CA LYS I 147 -72.80 -26.14 -40.95
C LYS I 147 -74.08 -26.68 -40.31
N VAL I 148 -74.90 -27.31 -41.14
CA VAL I 148 -76.15 -27.88 -40.67
C VAL I 148 -75.97 -28.85 -39.52
N ALA I 149 -74.89 -29.63 -39.55
CA ALA I 149 -74.66 -30.62 -38.50
C ALA I 149 -74.26 -29.96 -37.21
N ASN I 150 -73.55 -28.85 -37.32
CA ASN I 150 -73.11 -28.10 -36.14
C ASN I 150 -74.30 -27.39 -35.52
N ALA I 151 -75.15 -26.81 -36.35
CA ALA I 151 -76.32 -26.12 -35.86
C ALA I 151 -77.22 -27.11 -35.15
N GLU I 152 -77.49 -28.23 -35.82
CA GLU I 152 -78.37 -29.25 -35.27
C GLU I 152 -77.92 -29.80 -33.92
N SER I 153 -76.61 -29.88 -33.72
CA SER I 153 -76.10 -30.41 -32.46
C SER I 153 -76.32 -29.41 -31.34
N LEU I 154 -76.65 -28.18 -31.70
CA LEU I 154 -76.91 -27.12 -30.74
C LEU I 154 -78.41 -26.83 -30.67
N ASN I 155 -79.19 -27.81 -31.13
CA ASN I 155 -80.64 -27.70 -31.15
C ASN I 155 -81.26 -26.61 -31.98
N ALA I 156 -80.50 -26.06 -32.91
CA ALA I 156 -81.03 -25.07 -33.80
C ALA I 156 -82.11 -25.79 -34.60
N ILE I 157 -82.91 -25.03 -35.34
CA ILE I 157 -83.97 -25.61 -36.16
C ILE I 157 -83.83 -24.89 -37.48
N GLY I 158 -83.65 -25.63 -38.56
CA GLY I 158 -83.49 -24.94 -39.82
C GLY I 158 -82.22 -24.12 -39.88
N VAL I 159 -81.71 -23.95 -41.10
CA VAL I 159 -80.48 -23.21 -41.36
C VAL I 159 -80.69 -22.51 -42.68
N LEU I 160 -80.30 -21.24 -42.76
CA LEU I 160 -80.41 -20.49 -43.99
C LEU I 160 -78.97 -20.20 -44.41
N ILE I 161 -78.65 -20.41 -45.68
CA ILE I 161 -77.29 -20.16 -46.14
C ILE I 161 -77.30 -19.11 -47.22
N TYR I 162 -76.33 -18.21 -47.20
CA TYR I 162 -76.25 -17.15 -48.21
C TYR I 162 -74.81 -16.75 -48.49
N MET I 163 -74.61 -16.02 -49.59
CA MET I 163 -73.27 -15.54 -49.97
C MET I 163 -73.12 -14.04 -49.76
N ASP I 164 -72.35 -13.64 -48.75
CA ASP I 164 -72.14 -12.22 -48.49
C ASP I 164 -71.29 -11.62 -49.61
N GLN I 165 -71.48 -10.33 -49.88
CA GLN I 165 -70.74 -9.66 -50.95
C GLN I 165 -69.23 -9.63 -50.75
N THR I 166 -68.78 -9.67 -49.50
CA THR I 166 -67.34 -9.64 -49.25
C THR I 166 -66.68 -10.93 -49.76
N LYS I 167 -67.00 -12.08 -49.17
CA LYS I 167 -66.43 -13.37 -49.61
C LYS I 167 -66.81 -13.70 -51.05
N PHE I 168 -68.04 -13.36 -51.42
CA PHE I 168 -68.52 -13.63 -52.76
C PHE I 168 -68.96 -12.36 -53.47
N PRO I 169 -67.98 -11.61 -54.02
CA PRO I 169 -68.26 -10.37 -54.72
C PRO I 169 -68.95 -10.56 -56.06
N ILE I 170 -70.23 -10.91 -56.04
CA ILE I 170 -71.00 -11.10 -57.26
C ILE I 170 -71.85 -9.85 -57.47
N VAL I 171 -72.14 -9.50 -58.71
CA VAL I 171 -72.95 -8.32 -58.99
C VAL I 171 -74.40 -8.57 -58.62
N ASN I 172 -74.99 -9.56 -59.27
CA ASN I 172 -76.38 -9.92 -59.04
C ASN I 172 -76.60 -10.47 -57.63
N ALA I 173 -77.32 -9.72 -56.80
CA ALA I 173 -77.59 -10.14 -55.43
C ALA I 173 -78.81 -11.04 -55.35
N GLU I 174 -79.50 -11.20 -56.48
CA GLU I 174 -80.69 -12.03 -56.57
C GLU I 174 -80.29 -13.46 -56.88
N LEU I 175 -79.00 -13.67 -57.12
CA LEU I 175 -78.47 -14.98 -57.49
C LEU I 175 -78.65 -16.05 -56.42
N SER I 176 -79.22 -17.19 -56.81
CA SER I 176 -79.41 -18.29 -55.88
C SER I 176 -78.40 -19.40 -56.16
N PHE I 177 -78.26 -20.34 -55.23
CA PHE I 177 -77.30 -21.41 -55.41
C PHE I 177 -77.73 -22.77 -54.87
N PHE I 178 -76.98 -23.81 -55.25
CA PHE I 178 -77.28 -25.17 -54.85
C PHE I 178 -76.18 -25.85 -54.02
N GLY I 179 -76.57 -26.86 -53.23
CA GLY I 179 -75.64 -27.59 -52.41
C GLY I 179 -76.36 -28.76 -51.76
N HIS I 180 -75.64 -29.60 -51.03
CA HIS I 180 -76.29 -30.72 -50.35
C HIS I 180 -75.82 -30.71 -48.90
N ALA I 181 -76.65 -31.22 -48.01
CA ALA I 181 -76.30 -31.20 -46.59
C ALA I 181 -76.07 -32.56 -45.97
N HIS I 182 -75.78 -33.55 -46.81
CA HIS I 182 -75.53 -34.90 -46.32
C HIS I 182 -74.12 -35.00 -45.75
N LEU I 183 -74.01 -35.23 -44.43
CA LEU I 183 -72.71 -35.32 -43.82
C LEU I 183 -72.07 -36.68 -44.13
N GLY I 184 -71.71 -36.87 -45.38
CA GLY I 184 -71.09 -38.11 -45.81
C GLY I 184 -70.89 -38.09 -47.31
N THR I 185 -70.89 -39.27 -47.93
CA THR I 185 -70.70 -39.39 -49.37
C THR I 185 -71.53 -40.56 -49.82
N GLY I 186 -71.75 -40.62 -51.13
CA GLY I 186 -72.55 -41.68 -51.72
C GLY I 186 -74.04 -41.52 -51.48
N ASP I 187 -74.79 -42.44 -52.06
CA ASP I 187 -76.23 -42.47 -51.93
C ASP I 187 -76.51 -42.60 -50.43
N PRO I 188 -77.12 -41.56 -49.83
CA PRO I 188 -77.41 -41.64 -48.40
C PRO I 188 -78.44 -42.70 -47.98
N TYR I 189 -78.99 -43.41 -48.94
CA TYR I 189 -79.96 -44.45 -48.61
C TYR I 189 -79.43 -45.87 -48.78
N THR I 190 -78.15 -45.98 -49.15
CA THR I 190 -77.42 -47.25 -49.28
C THR I 190 -76.09 -47.01 -48.56
N PRO I 191 -76.14 -46.50 -47.33
CA PRO I 191 -74.93 -46.23 -46.56
C PRO I 191 -74.04 -47.45 -46.34
N GLY I 192 -72.78 -47.33 -46.75
CA GLY I 192 -71.81 -48.39 -46.59
C GLY I 192 -71.98 -49.61 -47.47
N PHE I 193 -72.80 -49.49 -48.50
CA PHE I 193 -73.00 -50.60 -49.44
C PHE I 193 -73.46 -50.03 -50.78
N PRO I 194 -73.31 -50.80 -51.87
CA PRO I 194 -73.68 -50.32 -53.20
C PRO I 194 -75.14 -50.23 -53.63
N SER I 195 -75.44 -49.17 -54.38
CA SER I 195 -76.77 -48.94 -54.91
C SER I 195 -76.92 -49.79 -56.18
N PHE I 196 -77.17 -51.09 -55.97
CA PHE I 196 -77.35 -52.05 -57.06
C PHE I 196 -78.63 -52.82 -56.82
N ASN I 197 -79.33 -53.16 -57.89
CA ASN I 197 -80.59 -53.90 -57.74
C ASN I 197 -80.43 -55.20 -56.95
N HIS I 198 -79.25 -55.79 -56.98
CA HIS I 198 -79.01 -57.05 -56.26
C HIS I 198 -79.32 -56.84 -54.80
N THR I 199 -79.15 -55.59 -54.39
CA THR I 199 -79.34 -55.18 -53.03
C THR I 199 -80.80 -55.16 -52.59
N GLN I 200 -81.69 -54.94 -53.56
CA GLN I 200 -83.14 -54.86 -53.36
C GLN I 200 -83.41 -53.75 -52.36
N PHE I 201 -82.54 -52.75 -52.44
CA PHE I 201 -82.54 -51.55 -51.62
C PHE I 201 -83.22 -51.61 -50.27
N PRO I 202 -82.62 -52.32 -49.31
CA PRO I 202 -83.20 -52.43 -47.97
C PRO I 202 -83.33 -51.05 -47.31
N PRO I 203 -84.23 -50.92 -46.32
CA PRO I 203 -84.44 -49.66 -45.60
C PRO I 203 -83.21 -49.33 -44.77
N SER I 204 -82.41 -48.41 -45.26
CA SER I 204 -81.19 -48.03 -44.55
C SER I 204 -81.07 -46.55 -44.72
N ARG I 205 -80.82 -45.86 -43.62
CA ARG I 205 -80.71 -44.42 -43.65
C ARG I 205 -79.38 -43.94 -43.10
N SER I 206 -78.62 -43.23 -43.91
CA SER I 206 -77.34 -42.69 -43.49
C SER I 206 -77.50 -41.83 -42.23
N SER I 207 -76.67 -42.08 -41.23
CA SER I 207 -76.73 -41.31 -40.00
C SER I 207 -76.19 -39.92 -40.25
N GLY I 208 -75.80 -39.65 -41.48
CA GLY I 208 -75.27 -38.35 -41.80
C GLY I 208 -76.33 -37.44 -42.37
N LEU I 209 -77.57 -37.93 -42.42
CA LEU I 209 -78.67 -37.13 -42.94
C LEU I 209 -79.19 -36.22 -41.85
N PRO I 210 -79.28 -34.92 -42.13
CA PRO I 210 -79.76 -33.90 -41.19
C PRO I 210 -81.25 -34.05 -40.85
N ASN I 211 -81.64 -33.59 -39.68
CA ASN I 211 -83.05 -33.69 -39.28
C ASN I 211 -83.75 -32.35 -39.17
N ILE I 212 -83.18 -31.33 -39.81
CA ILE I 212 -83.78 -30.01 -39.81
C ILE I 212 -83.74 -29.47 -41.23
N PRO I 213 -84.63 -28.53 -41.56
CA PRO I 213 -84.63 -27.99 -42.93
C PRO I 213 -83.45 -27.07 -43.15
N VAL I 214 -83.00 -26.97 -44.40
CA VAL I 214 -81.87 -26.11 -44.74
C VAL I 214 -82.21 -25.55 -46.08
N GLN I 215 -82.09 -24.22 -46.19
CA GLN I 215 -82.40 -23.55 -47.43
C GLN I 215 -81.35 -22.53 -47.84
N THR I 216 -81.32 -22.30 -49.15
CA THR I 216 -80.39 -21.37 -49.74
C THR I 216 -81.16 -20.07 -50.04
N ILE I 217 -80.55 -18.93 -49.77
CA ILE I 217 -81.19 -17.64 -50.06
C ILE I 217 -80.22 -16.68 -50.71
N SER I 218 -80.74 -15.82 -51.58
CA SER I 218 -79.92 -14.83 -52.29
C SER I 218 -79.37 -13.85 -51.28
N ARG I 219 -78.39 -13.05 -51.69
CA ARG I 219 -77.80 -12.07 -50.79
C ARG I 219 -78.87 -11.04 -50.47
N ALA I 220 -79.63 -10.65 -51.49
CA ALA I 220 -80.71 -9.70 -51.35
C ALA I 220 -81.60 -10.12 -50.18
N ALA I 221 -82.04 -11.37 -50.20
CA ALA I 221 -82.89 -11.91 -49.15
C ALA I 221 -82.20 -11.78 -47.80
N ALA I 222 -80.92 -12.11 -47.77
CA ALA I 222 -80.18 -12.02 -46.52
C ALA I 222 -80.27 -10.60 -45.97
N GLU I 223 -80.06 -9.62 -46.84
CA GLU I 223 -80.11 -8.23 -46.43
C GLU I 223 -81.52 -7.87 -45.96
N LYS I 224 -82.55 -8.39 -46.63
CA LYS I 224 -83.92 -8.10 -46.19
C LYS I 224 -84.13 -8.66 -44.77
N LEU I 225 -83.56 -9.81 -44.48
CA LEU I 225 -83.71 -10.39 -43.14
C LEU I 225 -82.91 -9.52 -42.16
N PHE I 226 -81.81 -8.95 -42.63
CA PHE I 226 -80.96 -8.13 -41.79
C PHE I 226 -81.66 -6.83 -41.42
N GLY I 227 -82.65 -6.46 -42.23
CA GLY I 227 -83.42 -5.27 -41.96
C GLY I 227 -84.40 -5.48 -40.83
N ASN I 228 -84.41 -6.69 -40.28
CA ASN I 228 -85.31 -7.00 -39.17
C ASN I 228 -84.50 -7.60 -38.04
N MET I 229 -83.20 -7.33 -38.06
CA MET I 229 -82.32 -7.84 -37.02
C MET I 229 -81.53 -6.70 -36.39
N GLU I 230 -80.96 -6.94 -35.21
CA GLU I 230 -80.22 -5.90 -34.50
C GLU I 230 -78.88 -6.43 -34.06
N GLY I 231 -77.98 -5.55 -33.66
CA GLY I 231 -76.67 -5.97 -33.21
C GLY I 231 -75.66 -6.02 -34.34
N ASP I 232 -74.73 -5.08 -34.36
CA ASP I 232 -73.73 -5.05 -35.40
C ASP I 232 -72.95 -6.35 -35.45
N CYS I 233 -72.82 -6.84 -36.68
CA CYS I 233 -72.09 -8.08 -36.97
C CYS I 233 -70.63 -7.80 -36.58
N PRO I 234 -69.99 -8.70 -35.80
CA PRO I 234 -68.60 -8.51 -35.38
C PRO I 234 -67.64 -8.11 -36.48
N SER I 235 -66.87 -7.05 -36.24
CA SER I 235 -65.90 -6.58 -37.23
C SER I 235 -64.90 -7.70 -37.49
N ASP I 236 -64.69 -8.52 -36.48
CA ASP I 236 -63.78 -9.66 -36.52
C ASP I 236 -64.09 -10.58 -37.71
N TRP I 237 -65.37 -10.72 -38.02
CA TRP I 237 -65.84 -11.55 -39.13
C TRP I 237 -65.47 -11.02 -40.50
N LYS I 238 -65.10 -9.75 -40.57
CA LYS I 238 -64.74 -9.14 -41.83
C LYS I 238 -65.78 -9.51 -42.88
N THR I 239 -67.01 -9.05 -42.66
CA THR I 239 -68.13 -9.32 -43.57
C THR I 239 -68.94 -8.07 -43.83
N ASP I 240 -69.90 -8.16 -44.77
CA ASP I 240 -70.77 -7.06 -45.14
C ASP I 240 -71.14 -6.15 -43.99
N SER I 241 -71.27 -4.87 -44.28
CA SER I 241 -71.64 -3.87 -43.28
C SER I 241 -73.14 -3.95 -43.04
N THR I 242 -73.79 -4.89 -43.70
CA THR I 242 -75.22 -5.07 -43.58
C THR I 242 -75.69 -6.09 -42.56
N CYS I 243 -74.93 -7.16 -42.37
CA CYS I 243 -75.43 -8.17 -41.43
C CYS I 243 -75.46 -7.78 -39.98
N ARG I 244 -76.33 -8.49 -39.26
CA ARG I 244 -76.55 -8.30 -37.84
C ARG I 244 -77.06 -9.64 -37.32
N MET I 245 -76.85 -9.92 -36.04
CA MET I 245 -77.32 -11.18 -35.47
C MET I 245 -78.60 -11.02 -34.69
N VAL I 246 -79.46 -12.03 -34.76
CA VAL I 246 -80.71 -12.00 -34.02
C VAL I 246 -81.74 -11.01 -34.55
N THR I 247 -82.98 -11.48 -34.64
CA THR I 247 -84.08 -10.67 -35.11
C THR I 247 -84.66 -9.87 -33.96
N SER I 248 -85.40 -8.81 -34.30
CA SER I 248 -86.05 -7.97 -33.29
C SER I 248 -87.07 -8.84 -32.56
N GLU I 249 -87.01 -8.83 -31.22
CA GLU I 249 -87.91 -9.65 -30.41
C GLU I 249 -89.34 -9.76 -30.95
N SER I 250 -89.82 -8.70 -31.59
CA SER I 250 -91.17 -8.69 -32.14
C SER I 250 -91.34 -9.53 -33.41
N LYS I 251 -90.27 -9.65 -34.18
CA LYS I 251 -90.32 -10.39 -35.44
C LYS I 251 -89.53 -11.70 -35.42
N ASN I 252 -89.98 -12.67 -36.21
CA ASN I 252 -89.29 -13.94 -36.36
C ASN I 252 -89.60 -14.53 -37.75
N VAL I 253 -88.75 -15.45 -38.21
CA VAL I 253 -88.94 -16.02 -39.53
C VAL I 253 -89.51 -17.43 -39.57
N LYS I 254 -90.10 -17.75 -40.72
CA LYS I 254 -90.67 -19.06 -40.94
C LYS I 254 -90.12 -19.65 -42.25
N LEU I 255 -89.24 -20.63 -42.09
CA LEU I 255 -88.63 -21.30 -43.22
C LEU I 255 -89.49 -22.49 -43.58
N THR I 256 -89.71 -22.68 -44.87
CA THR I 256 -90.51 -23.80 -45.31
C THR I 256 -89.94 -24.45 -46.57
N VAL I 257 -89.51 -25.71 -46.44
CA VAL I 257 -88.94 -26.46 -47.57
C VAL I 257 -89.68 -27.77 -47.77
N SER I 258 -90.08 -28.03 -49.00
CA SER I 258 -90.83 -29.24 -49.31
C SER I 258 -90.10 -30.24 -50.21
N ASN I 259 -88.78 -30.10 -50.33
CA ASN I 259 -87.95 -30.99 -51.15
C ASN I 259 -88.39 -32.45 -51.05
N VAL I 260 -88.38 -33.14 -52.18
CA VAL I 260 -88.77 -34.55 -52.23
C VAL I 260 -87.67 -35.46 -52.80
N LEU I 261 -87.62 -36.68 -52.26
CA LEU I 261 -86.66 -37.67 -52.74
C LEU I 261 -87.06 -38.12 -54.15
N LYS I 262 -86.06 -38.45 -54.95
CA LYS I 262 -86.28 -38.89 -56.32
C LYS I 262 -85.24 -39.94 -56.68
N GLU I 263 -85.71 -41.13 -57.02
CA GLU I 263 -84.80 -42.20 -57.39
C GLU I 263 -84.38 -41.95 -58.82
N ILE I 264 -83.08 -42.03 -59.09
CA ILE I 264 -82.56 -41.80 -60.44
C ILE I 264 -81.53 -42.84 -60.88
N LYS I 265 -81.20 -42.80 -62.17
CA LYS I 265 -80.25 -43.72 -62.72
C LYS I 265 -78.99 -42.95 -63.01
N ILE I 266 -77.90 -43.38 -62.38
CA ILE I 266 -76.59 -42.75 -62.55
C ILE I 266 -75.71 -43.62 -63.47
N LEU I 267 -74.86 -42.96 -64.24
CA LEU I 267 -73.93 -43.68 -65.12
C LEU I 267 -72.48 -43.27 -64.89
N ASN I 268 -71.66 -44.25 -64.53
CA ASN I 268 -70.23 -44.01 -64.34
C ASN I 268 -69.57 -44.59 -65.60
N ILE I 269 -68.91 -43.75 -66.37
CA ILE I 269 -68.22 -44.22 -67.58
C ILE I 269 -66.73 -44.43 -67.29
N PHE I 270 -66.23 -45.63 -67.59
CA PHE I 270 -64.83 -45.94 -67.34
C PHE I 270 -64.03 -46.27 -68.60
N GLY I 271 -62.72 -46.12 -68.48
CA GLY I 271 -61.82 -46.43 -69.58
C GLY I 271 -60.50 -46.86 -68.98
N VAL I 272 -59.95 -47.97 -69.46
CA VAL I 272 -58.65 -48.40 -68.94
C VAL I 272 -57.59 -48.60 -70.02
N ILE I 273 -56.34 -48.31 -69.65
CA ILE I 273 -55.18 -48.50 -70.52
C ILE I 273 -54.40 -49.58 -69.78
N LYS I 274 -54.56 -50.84 -70.16
CA LYS I 274 -53.86 -51.95 -69.50
C LYS I 274 -52.36 -51.79 -69.44
N GLY I 275 -51.79 -52.18 -68.29
CA GLY I 275 -50.35 -52.08 -68.07
C GLY I 275 -49.60 -53.20 -68.76
N PHE I 276 -48.29 -53.01 -68.96
CA PHE I 276 -47.48 -53.99 -69.65
C PHE I 276 -46.77 -55.01 -68.80
N VAL I 277 -46.81 -54.86 -67.48
CA VAL I 277 -46.13 -55.83 -66.62
C VAL I 277 -47.02 -56.39 -65.52
N GLU I 278 -47.68 -55.47 -64.81
CA GLU I 278 -48.60 -55.80 -63.74
C GLU I 278 -49.86 -55.01 -64.04
N PRO I 279 -50.69 -55.51 -64.96
CA PRO I 279 -51.92 -54.77 -65.29
C PRO I 279 -52.91 -54.83 -64.15
N ASP I 280 -52.80 -55.84 -63.30
CA ASP I 280 -53.70 -56.04 -62.16
C ASP I 280 -53.61 -54.92 -61.11
N HIS I 281 -52.58 -54.09 -61.20
CA HIS I 281 -52.41 -52.97 -60.30
C HIS I 281 -52.68 -51.74 -61.14
N TYR I 282 -53.27 -50.71 -60.53
CA TYR I 282 -53.58 -49.54 -61.33
C TYR I 282 -53.86 -48.26 -60.57
N VAL I 283 -53.85 -47.19 -61.34
CA VAL I 283 -54.12 -45.85 -60.89
C VAL I 283 -55.52 -45.50 -61.38
N VAL I 284 -56.22 -44.65 -60.65
CA VAL I 284 -57.55 -44.24 -61.09
C VAL I 284 -57.54 -42.75 -61.18
N VAL I 285 -57.97 -42.22 -62.31
CA VAL I 285 -58.04 -40.78 -62.53
C VAL I 285 -59.49 -40.46 -62.84
N GLY I 286 -60.07 -39.50 -62.14
CA GLY I 286 -61.46 -39.21 -62.39
C GLY I 286 -61.91 -37.79 -62.27
N ALA I 287 -63.15 -37.55 -62.70
CA ALA I 287 -63.77 -36.25 -62.66
C ALA I 287 -65.30 -36.33 -62.67
N GLN I 288 -65.90 -35.37 -61.97
CA GLN I 288 -67.35 -35.26 -61.85
C GLN I 288 -67.95 -34.76 -63.17
N ARG I 289 -69.06 -35.35 -63.59
CA ARG I 289 -69.71 -34.98 -64.84
C ARG I 289 -70.98 -34.15 -64.64
N ASP I 290 -71.72 -34.47 -63.58
CA ASP I 290 -72.97 -33.77 -63.30
C ASP I 290 -72.74 -32.38 -62.76
N ALA I 291 -73.78 -31.57 -62.80
CA ALA I 291 -73.73 -30.21 -62.31
C ALA I 291 -75.16 -29.68 -62.19
N TRP I 292 -75.38 -28.81 -61.21
CA TRP I 292 -76.71 -28.23 -61.00
C TRP I 292 -77.04 -27.25 -62.13
N GLY I 293 -76.12 -26.34 -62.41
CA GLY I 293 -76.36 -25.40 -63.49
C GLY I 293 -75.52 -25.79 -64.70
N PRO I 294 -74.74 -24.86 -65.25
CA PRO I 294 -73.87 -25.11 -66.40
C PRO I 294 -72.64 -25.91 -65.91
N GLY I 295 -72.25 -25.64 -64.67
CA GLY I 295 -71.13 -26.33 -64.07
C GLY I 295 -69.83 -26.31 -64.84
N ALA I 296 -69.54 -25.22 -65.52
CA ALA I 296 -68.31 -25.12 -66.29
C ALA I 296 -67.09 -25.47 -65.46
N ALA I 297 -66.87 -24.68 -64.41
CA ALA I 297 -65.72 -24.88 -63.52
C ALA I 297 -65.86 -26.10 -62.63
N LYS I 298 -67.06 -26.32 -62.09
CA LYS I 298 -67.29 -27.46 -61.20
C LYS I 298 -67.28 -28.81 -61.91
N SER I 299 -67.67 -28.83 -63.17
CA SER I 299 -67.74 -30.09 -63.88
C SER I 299 -67.02 -30.11 -65.23
N GLY I 300 -67.22 -29.06 -66.03
CA GLY I 300 -66.60 -28.98 -67.33
C GLY I 300 -65.09 -29.16 -67.37
N VAL I 301 -64.36 -28.23 -66.76
CA VAL I 301 -62.91 -28.30 -66.75
C VAL I 301 -62.42 -29.69 -66.39
N GLY I 302 -62.95 -30.24 -65.31
CA GLY I 302 -62.54 -31.57 -64.90
C GLY I 302 -62.76 -32.58 -66.00
N THR I 303 -63.99 -32.72 -66.45
CA THR I 303 -64.29 -33.66 -67.51
C THR I 303 -63.46 -33.40 -68.77
N ALA I 304 -63.19 -32.13 -69.06
CA ALA I 304 -62.37 -31.81 -70.23
C ALA I 304 -60.99 -32.42 -70.00
N LEU I 305 -60.42 -32.18 -68.83
CA LEU I 305 -59.10 -32.70 -68.50
C LEU I 305 -59.07 -34.23 -68.62
N LEU I 306 -60.13 -34.88 -68.13
CA LEU I 306 -60.20 -36.33 -68.18
C LEU I 306 -60.15 -36.83 -69.63
N LEU I 307 -60.96 -36.22 -70.50
CA LEU I 307 -60.98 -36.61 -71.89
C LEU I 307 -59.60 -36.46 -72.54
N LYS I 308 -58.98 -35.29 -72.41
CA LYS I 308 -57.67 -35.06 -72.99
C LYS I 308 -56.63 -36.05 -72.46
N LEU I 309 -56.48 -36.11 -71.14
CA LEU I 309 -55.53 -37.02 -70.55
C LEU I 309 -55.69 -38.43 -71.12
N ALA I 310 -56.92 -38.93 -71.19
CA ALA I 310 -57.15 -40.28 -71.71
C ALA I 310 -56.69 -40.38 -73.15
N GLN I 311 -56.76 -39.27 -73.87
CA GLN I 311 -56.35 -39.24 -75.27
C GLN I 311 -54.82 -39.27 -75.35
N MET I 312 -54.17 -38.26 -74.79
CA MET I 312 -52.72 -38.20 -74.79
C MET I 312 -52.05 -39.50 -74.38
N PHE I 313 -52.54 -40.14 -73.33
CA PHE I 313 -51.91 -41.38 -72.91
C PHE I 313 -52.21 -42.53 -73.83
N SER I 314 -53.29 -42.45 -74.59
CA SER I 314 -53.62 -43.51 -75.52
C SER I 314 -52.62 -43.41 -76.68
N ASP I 315 -52.37 -42.19 -77.14
CA ASP I 315 -51.40 -41.96 -78.20
C ASP I 315 -50.05 -42.46 -77.72
N MET I 316 -49.52 -41.79 -76.71
CA MET I 316 -48.23 -42.16 -76.16
C MET I 316 -48.04 -43.67 -76.13
N VAL I 317 -49.09 -44.39 -75.80
CA VAL I 317 -48.99 -45.84 -75.75
C VAL I 317 -49.02 -46.47 -77.13
N LEU I 318 -49.92 -46.00 -77.98
CA LEU I 318 -50.06 -46.56 -79.33
C LEU I 318 -49.08 -46.00 -80.35
N LYS I 319 -48.65 -44.75 -80.18
CA LYS I 319 -47.69 -44.15 -81.11
C LYS I 319 -46.30 -44.10 -80.51
N ASP I 320 -46.06 -43.12 -79.66
CA ASP I 320 -44.75 -42.92 -79.02
C ASP I 320 -44.19 -44.12 -78.26
N GLY I 321 -44.87 -45.26 -78.34
CA GLY I 321 -44.40 -46.46 -77.66
C GLY I 321 -44.18 -46.40 -76.15
N PHE I 322 -45.07 -45.72 -75.43
CA PHE I 322 -44.99 -45.63 -73.98
C PHE I 322 -45.45 -46.99 -73.46
N GLN I 323 -44.81 -47.49 -72.41
CA GLN I 323 -45.20 -48.80 -71.88
C GLN I 323 -45.30 -48.88 -70.37
N PRO I 324 -46.39 -48.34 -69.81
CA PRO I 324 -46.63 -48.35 -68.37
C PRO I 324 -46.69 -49.76 -67.80
N SER I 325 -45.97 -49.99 -66.70
CA SER I 325 -45.97 -51.32 -66.08
C SER I 325 -47.32 -51.63 -65.51
N ARG I 326 -48.00 -50.60 -65.01
CA ARG I 326 -49.32 -50.75 -64.41
C ARG I 326 -50.41 -50.07 -65.19
N SER I 327 -51.66 -50.43 -64.90
CA SER I 327 -52.79 -49.87 -65.64
C SER I 327 -53.22 -48.48 -65.21
N ILE I 328 -54.03 -47.85 -66.04
CA ILE I 328 -54.55 -46.51 -65.77
C ILE I 328 -56.04 -46.55 -66.07
N ILE I 329 -56.86 -46.15 -65.10
CA ILE I 329 -58.30 -46.12 -65.29
C ILE I 329 -58.77 -44.67 -65.37
N PHE I 330 -59.62 -44.38 -66.33
CA PHE I 330 -60.17 -43.03 -66.47
C PHE I 330 -61.62 -43.18 -66.16
N ALA I 331 -62.11 -42.37 -65.21
CA ALA I 331 -63.51 -42.49 -64.82
C ALA I 331 -64.24 -41.17 -64.78
N SER I 332 -65.44 -41.17 -65.36
CA SER I 332 -66.28 -39.99 -65.35
C SER I 332 -67.47 -40.34 -64.44
N TRP I 333 -67.53 -39.76 -63.24
CA TRP I 333 -68.64 -40.07 -62.32
C TRP I 333 -69.76 -39.07 -62.33
N SER I 334 -70.92 -39.49 -61.84
CA SER I 334 -72.09 -38.63 -61.77
C SER I 334 -72.58 -38.56 -60.33
N ALA I 335 -73.51 -37.64 -60.07
CA ALA I 335 -74.09 -37.42 -58.74
C ALA I 335 -73.03 -36.94 -57.74
N GLY I 336 -72.07 -36.17 -58.25
CA GLY I 336 -71.00 -35.64 -57.42
C GLY I 336 -71.54 -34.49 -56.61
N ASP I 337 -72.48 -33.76 -57.19
CA ASP I 337 -73.08 -32.62 -56.51
C ASP I 337 -73.81 -33.04 -55.22
N PHE I 338 -74.16 -34.31 -55.12
CA PHE I 338 -74.87 -34.81 -53.94
C PHE I 338 -73.93 -35.51 -52.97
N GLY I 339 -72.63 -35.40 -53.23
CA GLY I 339 -71.64 -35.98 -52.35
C GLY I 339 -70.79 -37.11 -52.89
N SER I 340 -70.18 -36.88 -54.04
CA SER I 340 -69.32 -37.89 -54.67
C SER I 340 -70.03 -39.26 -54.66
N VAL I 341 -71.31 -39.26 -55.01
CA VAL I 341 -72.13 -40.47 -55.01
C VAL I 341 -71.65 -41.54 -55.99
N GLY I 342 -71.51 -41.17 -57.26
CA GLY I 342 -71.06 -42.13 -58.26
C GLY I 342 -69.79 -42.82 -57.82
N ALA I 343 -68.80 -42.02 -57.48
CA ALA I 343 -67.53 -42.52 -57.00
C ALA I 343 -67.66 -43.39 -55.73
N THR I 344 -68.46 -42.97 -54.75
CA THR I 344 -68.57 -43.75 -53.53
C THR I 344 -69.23 -45.09 -53.79
N GLU I 345 -70.24 -45.09 -54.66
CA GLU I 345 -70.95 -46.33 -55.01
C GLU I 345 -70.02 -47.31 -55.70
N TRP I 346 -69.07 -46.78 -56.46
CA TRP I 346 -68.11 -47.62 -57.15
C TRP I 346 -67.23 -48.28 -56.10
N LEU I 347 -66.64 -47.47 -55.22
CA LEU I 347 -65.77 -48.00 -54.18
C LEU I 347 -66.47 -49.01 -53.30
N GLU I 348 -67.74 -48.79 -52.99
CA GLU I 348 -68.44 -49.73 -52.13
C GLU I 348 -68.83 -50.95 -52.92
N GLY I 349 -69.08 -50.74 -54.20
CA GLY I 349 -69.47 -51.84 -55.08
C GLY I 349 -68.33 -52.79 -55.38
N TYR I 350 -67.19 -52.24 -55.80
CA TYR I 350 -66.04 -53.07 -56.12
C TYR I 350 -64.93 -53.13 -55.11
N LEU I 351 -65.29 -52.98 -53.85
CA LEU I 351 -64.34 -53.02 -52.76
C LEU I 351 -63.32 -54.14 -52.93
N SER I 352 -63.79 -55.38 -52.90
CA SER I 352 -62.94 -56.56 -53.00
C SER I 352 -62.01 -56.60 -54.22
N SER I 353 -62.36 -55.89 -55.28
CA SER I 353 -61.55 -55.88 -56.49
C SER I 353 -60.48 -54.84 -56.45
N LEU I 354 -60.68 -53.80 -55.66
CA LEU I 354 -59.74 -52.70 -55.56
C LEU I 354 -58.70 -52.91 -54.46
N HIS I 355 -59.06 -53.69 -53.45
CA HIS I 355 -58.18 -53.93 -52.32
C HIS I 355 -56.72 -54.28 -52.69
N LEU I 356 -55.80 -53.38 -52.40
CA LEU I 356 -54.40 -53.60 -52.68
C LEU I 356 -54.09 -53.71 -54.19
N LYS I 357 -55.02 -53.26 -55.02
CA LYS I 357 -54.85 -53.29 -56.46
C LYS I 357 -54.85 -51.86 -56.98
N ALA I 358 -55.85 -51.08 -56.58
CA ALA I 358 -55.92 -49.67 -56.97
C ALA I 358 -54.97 -49.04 -55.97
N PHE I 359 -53.90 -48.42 -56.44
CA PHE I 359 -52.92 -47.87 -55.51
C PHE I 359 -52.78 -46.36 -55.41
N THR I 360 -53.55 -45.63 -56.22
CA THR I 360 -53.55 -44.18 -56.14
C THR I 360 -54.70 -43.62 -56.93
N TYR I 361 -55.29 -42.53 -56.41
CA TYR I 361 -56.40 -41.90 -57.10
C TYR I 361 -56.07 -40.43 -57.32
N ILE I 362 -56.40 -39.95 -58.50
CA ILE I 362 -56.13 -38.58 -58.84
C ILE I 362 -57.44 -37.96 -59.26
N ASN I 363 -57.82 -36.90 -58.56
CA ASN I 363 -59.06 -36.23 -58.87
C ASN I 363 -58.80 -34.99 -59.71
N LEU I 364 -59.67 -34.75 -60.69
CA LEU I 364 -59.49 -33.62 -61.58
C LEU I 364 -60.53 -32.50 -61.42
N ASP I 365 -61.49 -32.70 -60.53
CA ASP I 365 -62.52 -31.71 -60.30
C ASP I 365 -62.00 -30.37 -59.82
N LYS I 366 -62.64 -29.29 -60.25
CA LYS I 366 -62.28 -27.93 -59.88
C LYS I 366 -60.78 -27.70 -59.92
N ALA I 367 -60.11 -28.23 -60.94
CA ALA I 367 -58.65 -28.07 -61.08
C ALA I 367 -58.20 -26.66 -61.48
N VAL I 368 -59.09 -25.89 -62.10
CA VAL I 368 -58.77 -24.53 -62.52
C VAL I 368 -59.83 -23.56 -62.06
N LEU I 369 -59.46 -22.68 -61.14
CA LEU I 369 -60.38 -21.70 -60.58
C LEU I 369 -59.73 -20.32 -60.51
N GLY I 370 -58.45 -20.28 -60.83
CA GLY I 370 -57.72 -19.03 -60.77
C GLY I 370 -56.32 -19.14 -61.34
N THR I 371 -55.41 -18.28 -60.89
CA THR I 371 -54.05 -18.29 -61.38
C THR I 371 -53.01 -18.06 -60.30
N SER I 372 -53.30 -17.17 -59.36
CA SER I 372 -52.38 -16.84 -58.28
C SER I 372 -51.73 -18.01 -57.60
N ASN I 373 -52.52 -18.96 -57.12
CA ASN I 373 -51.94 -20.09 -56.41
C ASN I 373 -52.13 -21.46 -57.02
N PHE I 374 -51.40 -22.41 -56.47
CA PHE I 374 -51.48 -23.80 -56.86
C PHE I 374 -51.53 -24.51 -55.50
N LYS I 375 -52.71 -25.01 -55.14
CA LYS I 375 -52.89 -25.70 -53.87
C LYS I 375 -52.94 -27.19 -54.09
N VAL I 376 -52.72 -27.93 -53.01
CA VAL I 376 -52.73 -29.37 -53.08
C VAL I 376 -53.19 -30.03 -51.78
N SER I 377 -53.99 -31.09 -51.89
CA SER I 377 -54.47 -31.87 -50.75
C SER I 377 -54.32 -33.33 -51.13
N ALA I 378 -53.66 -34.10 -50.29
CA ALA I 378 -53.45 -35.50 -50.62
C ALA I 378 -52.80 -36.29 -49.51
N SER I 379 -52.75 -37.60 -49.69
CA SER I 379 -52.11 -38.45 -48.71
C SER I 379 -50.64 -38.11 -48.62
N PRO I 380 -50.06 -38.17 -47.43
CA PRO I 380 -48.64 -37.84 -47.32
C PRO I 380 -47.79 -38.75 -48.24
N LEU I 381 -48.28 -39.94 -48.57
CA LEU I 381 -47.55 -40.86 -49.43
C LEU I 381 -47.27 -40.27 -50.83
N LEU I 382 -48.02 -39.25 -51.21
CA LEU I 382 -47.82 -38.61 -52.51
C LEU I 382 -47.12 -37.26 -52.42
N TYR I 383 -46.61 -36.91 -51.25
CA TYR I 383 -45.96 -35.61 -51.10
C TYR I 383 -44.72 -35.47 -51.96
N THR I 384 -43.81 -36.42 -51.82
CA THR I 384 -42.58 -36.42 -52.60
C THR I 384 -42.88 -36.34 -54.09
N LEU I 385 -43.79 -37.19 -54.57
CA LEU I 385 -44.15 -37.17 -55.99
C LEU I 385 -44.69 -35.80 -56.35
N ILE I 386 -45.52 -35.22 -55.49
CA ILE I 386 -46.08 -33.89 -55.75
C ILE I 386 -44.97 -32.84 -55.77
N GLU I 387 -43.98 -33.01 -54.90
CA GLU I 387 -42.86 -32.06 -54.83
C GLU I 387 -42.03 -32.06 -56.11
N LYS I 388 -41.50 -33.23 -56.45
CA LYS I 388 -40.71 -33.37 -57.66
C LYS I 388 -41.48 -32.80 -58.82
N THR I 389 -42.78 -33.07 -58.89
CA THR I 389 -43.59 -32.56 -59.96
C THR I 389 -43.66 -31.03 -59.96
N MET I 390 -43.66 -30.42 -58.79
CA MET I 390 -43.73 -28.97 -58.72
C MET I 390 -42.40 -28.35 -59.09
N GLN I 391 -41.34 -29.12 -58.95
CA GLN I 391 -40.01 -28.62 -59.25
C GLN I 391 -39.72 -28.61 -60.73
N ASN I 392 -40.46 -29.41 -61.49
CA ASN I 392 -40.22 -29.46 -62.93
C ASN I 392 -41.39 -29.01 -63.81
N VAL I 393 -42.48 -28.55 -63.18
CA VAL I 393 -43.62 -28.07 -63.94
C VAL I 393 -43.67 -26.56 -63.76
N LYS I 394 -43.98 -25.82 -64.82
CA LYS I 394 -43.99 -24.37 -64.72
C LYS I 394 -45.36 -23.71 -64.69
N HIS I 395 -45.49 -22.70 -63.82
CA HIS I 395 -46.72 -21.94 -63.67
C HIS I 395 -47.11 -21.36 -65.03
N PRO I 396 -48.36 -21.60 -65.47
CA PRO I 396 -48.86 -21.09 -66.76
C PRO I 396 -48.75 -19.59 -67.00
N VAL I 397 -48.53 -18.80 -65.95
CA VAL I 397 -48.40 -17.37 -66.14
C VAL I 397 -47.04 -16.86 -65.65
N THR I 398 -46.68 -17.22 -64.43
CA THR I 398 -45.42 -16.81 -63.83
C THR I 398 -44.24 -17.37 -64.61
N GLY I 399 -44.45 -18.46 -65.35
CA GLY I 399 -43.36 -19.06 -66.08
C GLY I 399 -42.38 -19.73 -65.15
N GLN I 400 -42.44 -19.39 -63.86
CA GLN I 400 -41.56 -19.97 -62.86
C GLN I 400 -41.99 -21.38 -62.48
N PHE I 401 -41.15 -22.08 -61.75
CA PHE I 401 -41.46 -23.43 -61.30
C PHE I 401 -42.52 -23.36 -60.20
N LEU I 402 -43.33 -24.40 -60.10
CA LEU I 402 -44.36 -24.43 -59.07
C LEU I 402 -43.72 -24.48 -57.68
N TYR I 403 -42.64 -25.25 -57.54
CA TYR I 403 -41.95 -25.36 -56.27
C TYR I 403 -41.33 -24.03 -55.90
N GLN I 404 -42.01 -23.28 -55.04
CA GLN I 404 -41.53 -21.98 -54.63
C GLN I 404 -41.36 -21.88 -53.12
N ASP I 405 -42.06 -22.74 -52.40
CA ASP I 405 -41.99 -22.78 -50.95
C ASP I 405 -41.53 -24.16 -50.54
N SER I 406 -40.41 -24.23 -49.83
CA SER I 406 -39.87 -25.52 -49.42
C SER I 406 -40.55 -26.07 -48.16
N ASN I 407 -41.54 -25.34 -47.65
CA ASN I 407 -42.26 -25.80 -46.47
C ASN I 407 -43.71 -26.09 -46.83
N TRP I 408 -43.98 -26.09 -48.13
CA TRP I 408 -45.33 -26.34 -48.62
C TRP I 408 -45.98 -27.54 -47.96
N ALA I 409 -45.23 -28.63 -47.82
CA ALA I 409 -45.76 -29.85 -47.22
C ALA I 409 -46.36 -29.69 -45.83
N SER I 410 -45.80 -28.80 -45.01
CA SER I 410 -46.30 -28.60 -43.65
C SER I 410 -47.47 -27.64 -43.61
N LYS I 411 -47.94 -27.24 -44.77
CA LYS I 411 -49.07 -26.32 -44.89
C LYS I 411 -50.21 -26.99 -45.67
N VAL I 412 -50.02 -28.25 -46.03
CA VAL I 412 -51.04 -28.98 -46.77
C VAL I 412 -52.30 -29.18 -45.92
N GLU I 413 -53.43 -28.78 -46.47
CA GLU I 413 -54.72 -28.90 -45.80
C GLU I 413 -55.32 -30.24 -46.19
N LYS I 414 -55.87 -30.98 -45.22
CA LYS I 414 -56.43 -32.28 -45.58
C LYS I 414 -57.67 -32.31 -46.43
N LEU I 415 -57.89 -33.46 -47.07
CA LEU I 415 -59.05 -33.69 -47.91
C LEU I 415 -60.35 -33.54 -47.12
N THR I 416 -61.35 -32.92 -47.74
CA THR I 416 -62.64 -32.70 -47.10
C THR I 416 -63.80 -33.45 -47.78
N LEU I 417 -64.89 -33.63 -47.04
CA LEU I 417 -66.06 -34.33 -47.56
C LEU I 417 -66.53 -33.97 -48.96
N ASP I 418 -66.35 -32.71 -49.37
CA ASP I 418 -66.83 -32.31 -50.68
C ASP I 418 -65.90 -32.71 -51.79
N ASN I 419 -64.75 -33.27 -51.43
CA ASN I 419 -63.81 -33.70 -52.44
C ASN I 419 -63.94 -35.18 -52.76
N ALA I 420 -64.08 -35.48 -54.05
CA ALA I 420 -64.23 -36.86 -54.52
C ALA I 420 -63.04 -37.73 -54.11
N ALA I 421 -61.92 -37.09 -53.77
CA ALA I 421 -60.75 -37.85 -53.35
C ALA I 421 -60.91 -38.32 -51.92
N PHE I 422 -61.74 -37.62 -51.17
CA PHE I 422 -61.93 -37.97 -49.77
C PHE I 422 -62.34 -39.41 -49.55
N PRO I 423 -63.37 -39.89 -50.27
CA PRO I 423 -63.78 -41.27 -50.05
C PRO I 423 -62.65 -42.28 -50.35
N PHE I 424 -61.94 -42.06 -51.45
CA PHE I 424 -60.85 -42.97 -51.83
C PHE I 424 -59.84 -43.18 -50.70
N LEU I 425 -59.41 -42.09 -50.09
CA LEU I 425 -58.43 -42.16 -49.01
C LEU I 425 -58.99 -42.60 -47.66
N ALA I 426 -60.07 -41.96 -47.23
CA ALA I 426 -60.66 -42.23 -45.92
C ALA I 426 -61.44 -43.53 -45.78
N TYR I 427 -62.07 -43.97 -46.87
CA TYR I 427 -62.84 -45.21 -46.85
C TYR I 427 -62.09 -46.38 -47.50
N SER I 428 -61.61 -46.19 -48.72
CA SER I 428 -60.90 -47.23 -49.46
C SER I 428 -59.45 -47.52 -49.07
N GLY I 429 -58.75 -46.55 -48.51
CA GLY I 429 -57.38 -46.80 -48.13
C GLY I 429 -56.49 -46.65 -49.35
N ILE I 430 -56.95 -45.88 -50.34
CA ILE I 430 -56.21 -45.65 -51.57
C ILE I 430 -55.60 -44.25 -51.53
N PRO I 431 -54.25 -44.14 -51.48
CA PRO I 431 -53.71 -42.78 -51.45
C PRO I 431 -54.29 -41.94 -52.59
N ALA I 432 -54.83 -40.78 -52.23
CA ALA I 432 -55.43 -39.91 -53.24
C ALA I 432 -54.87 -38.51 -53.22
N VAL I 433 -55.16 -37.76 -54.28
CA VAL I 433 -54.68 -36.38 -54.39
C VAL I 433 -55.65 -35.51 -55.18
N SER I 434 -55.66 -34.22 -54.83
CA SER I 434 -56.49 -33.21 -55.48
C SER I 434 -55.64 -31.96 -55.53
N PHE I 435 -55.76 -31.17 -56.61
CA PHE I 435 -54.96 -29.96 -56.74
C PHE I 435 -55.65 -28.95 -57.63
N CYS I 436 -55.26 -27.69 -57.51
CA CYS I 436 -55.81 -26.64 -58.37
C CYS I 436 -54.94 -25.43 -58.56
N PHE I 437 -55.29 -24.68 -59.59
CA PHE I 437 -54.68 -23.41 -59.86
C PHE I 437 -55.89 -22.61 -59.40
N CYS I 438 -55.79 -22.10 -58.19
CA CYS I 438 -56.90 -21.40 -57.57
C CYS I 438 -56.51 -20.02 -57.05
N GLU I 439 -57.45 -19.35 -56.42
CA GLU I 439 -57.19 -18.03 -55.86
C GLU I 439 -57.37 -18.12 -54.34
N ASP I 440 -57.15 -17.02 -53.64
CA ASP I 440 -57.31 -17.02 -52.20
C ASP I 440 -58.80 -16.84 -51.94
N THR I 441 -59.53 -16.57 -53.00
CA THR I 441 -60.98 -16.37 -52.96
C THR I 441 -61.64 -17.61 -53.54
N ASP I 442 -62.79 -17.98 -53.02
CA ASP I 442 -63.50 -19.14 -53.56
C ASP I 442 -64.06 -18.73 -54.91
N TYR I 443 -64.08 -19.63 -55.88
CA TYR I 443 -64.63 -19.28 -57.18
C TYR I 443 -66.10 -19.02 -56.90
N PRO I 444 -66.49 -17.75 -56.88
CA PRO I 444 -67.85 -17.29 -56.61
C PRO I 444 -69.03 -18.03 -57.26
N TYR I 445 -68.92 -18.35 -58.53
CA TYR I 445 -70.02 -18.99 -59.24
C TYR I 445 -70.29 -20.48 -59.02
N LEU I 446 -69.44 -21.16 -58.28
CA LEU I 446 -69.66 -22.58 -58.01
C LEU I 446 -71.05 -22.81 -57.42
N GLY I 447 -71.77 -23.77 -57.97
CA GLY I 447 -73.09 -24.06 -57.46
C GLY I 447 -74.15 -23.05 -57.86
N THR I 448 -73.83 -22.19 -58.83
CA THR I 448 -74.76 -21.18 -59.27
C THR I 448 -75.03 -21.34 -60.76
N THR I 449 -75.85 -20.46 -61.30
CA THR I 449 -76.20 -20.49 -62.71
C THR I 449 -75.15 -19.76 -63.54
N MET I 450 -74.30 -19.00 -62.85
CA MET I 450 -73.27 -18.25 -63.54
C MET I 450 -71.97 -18.99 -63.77
N ASP I 451 -71.91 -20.26 -63.37
CA ASP I 451 -70.70 -21.05 -63.60
C ASP I 451 -70.76 -21.55 -65.02
N THR I 452 -70.50 -20.64 -65.94
CA THR I 452 -70.53 -20.93 -67.37
C THR I 452 -69.18 -20.65 -67.98
N TYR I 453 -69.02 -21.06 -69.23
CA TYR I 453 -67.77 -20.84 -69.94
C TYR I 453 -67.51 -19.35 -70.02
N LYS I 454 -68.52 -18.61 -70.48
CA LYS I 454 -68.41 -17.16 -70.61
C LYS I 454 -67.70 -16.58 -69.40
N GLU I 455 -68.21 -16.92 -68.22
CA GLU I 455 -67.63 -16.41 -66.99
C GLU I 455 -66.24 -16.95 -66.71
N LEU I 456 -66.06 -18.25 -66.92
CA LEU I 456 -64.78 -18.88 -66.66
C LEU I 456 -63.61 -18.25 -67.42
N ILE I 457 -63.74 -18.14 -68.73
CA ILE I 457 -62.67 -17.56 -69.54
C ILE I 457 -62.54 -16.05 -69.36
N GLU I 458 -63.66 -15.41 -69.08
CA GLU I 458 -63.66 -13.97 -68.88
C GLU I 458 -62.85 -13.67 -67.63
N ARG I 459 -62.95 -14.54 -66.63
CA ARG I 459 -62.24 -14.34 -65.36
C ARG I 459 -60.79 -14.78 -65.50
N ILE I 460 -60.57 -15.88 -66.21
CA ILE I 460 -59.23 -16.38 -66.43
C ILE I 460 -59.06 -16.64 -67.94
N PRO I 461 -58.71 -15.58 -68.68
CA PRO I 461 -58.50 -15.57 -70.14
C PRO I 461 -57.45 -16.55 -70.67
N GLU I 462 -56.45 -16.84 -69.87
CA GLU I 462 -55.39 -17.77 -70.28
C GLU I 462 -55.79 -19.18 -69.87
N LEU I 463 -57.10 -19.45 -69.92
CA LEU I 463 -57.65 -20.74 -69.53
C LEU I 463 -56.87 -21.90 -70.14
N ASN I 464 -56.85 -21.97 -71.46
CA ASN I 464 -56.17 -23.04 -72.17
C ASN I 464 -54.77 -23.34 -71.66
N LYS I 465 -54.04 -22.28 -71.32
CA LYS I 465 -52.68 -22.46 -70.83
C LYS I 465 -52.70 -23.03 -69.40
N VAL I 466 -53.58 -22.51 -68.56
CA VAL I 466 -53.70 -22.98 -67.19
C VAL I 466 -54.23 -24.42 -67.17
N ALA I 467 -55.19 -24.71 -68.03
CA ALA I 467 -55.74 -26.05 -68.11
C ALA I 467 -54.62 -27.03 -68.49
N ARG I 468 -53.72 -26.58 -69.35
CA ARG I 468 -52.59 -27.37 -69.80
C ARG I 468 -51.67 -27.69 -68.63
N ALA I 469 -51.42 -26.68 -67.78
CA ALA I 469 -50.57 -26.86 -66.61
C ALA I 469 -51.15 -27.93 -65.69
N ALA I 470 -52.47 -27.91 -65.55
CA ALA I 470 -53.15 -28.87 -64.70
C ALA I 470 -52.98 -30.25 -65.32
N ALA I 471 -53.26 -30.32 -66.62
CA ALA I 471 -53.13 -31.57 -67.36
C ALA I 471 -51.70 -32.11 -67.24
N GLU I 472 -50.73 -31.21 -67.21
CA GLU I 472 -49.33 -31.62 -67.11
C GLU I 472 -48.97 -32.24 -65.75
N VAL I 473 -49.51 -31.68 -64.66
CA VAL I 473 -49.21 -32.22 -63.35
C VAL I 473 -49.93 -33.57 -63.21
N ALA I 474 -51.15 -33.65 -63.70
CA ALA I 474 -51.87 -34.92 -63.62
C ALA I 474 -51.11 -35.93 -64.46
N GLY I 475 -50.74 -35.49 -65.66
CA GLY I 475 -50.00 -36.34 -66.59
C GLY I 475 -48.72 -36.89 -65.97
N GLN I 476 -47.96 -36.05 -65.30
CA GLN I 476 -46.75 -36.51 -64.67
C GLN I 476 -47.02 -37.47 -63.52
N PHE I 477 -48.07 -37.20 -62.73
CA PHE I 477 -48.38 -38.11 -61.63
C PHE I 477 -48.58 -39.48 -62.25
N VAL I 478 -49.38 -39.53 -63.30
CA VAL I 478 -49.66 -40.80 -63.96
C VAL I 478 -48.41 -41.50 -64.44
N ILE I 479 -47.54 -40.77 -65.17
CA ILE I 479 -46.29 -41.36 -65.65
C ILE I 479 -45.57 -41.94 -64.43
N LYS I 480 -45.14 -41.05 -63.53
CA LYS I 480 -44.42 -41.45 -62.33
C LYS I 480 -45.00 -42.68 -61.62
N LEU I 481 -46.31 -42.78 -61.54
CA LEU I 481 -46.96 -43.90 -60.85
C LEU I 481 -47.02 -45.21 -61.60
N THR I 482 -46.90 -45.16 -62.92
CA THR I 482 -47.00 -46.38 -63.72
C THR I 482 -45.75 -46.68 -64.53
N HIS I 483 -44.93 -45.66 -64.70
CA HIS I 483 -43.70 -45.71 -65.48
C HIS I 483 -42.70 -46.84 -65.21
N ASP I 484 -42.12 -46.92 -64.02
CA ASP I 484 -41.15 -47.99 -63.78
C ASP I 484 -41.29 -48.78 -62.49
N VAL I 485 -40.39 -49.74 -62.33
CA VAL I 485 -40.37 -50.65 -61.18
C VAL I 485 -40.75 -50.08 -59.83
N GLU I 486 -40.38 -48.85 -59.55
CA GLU I 486 -40.73 -48.29 -58.24
C GLU I 486 -41.97 -47.42 -58.25
N LEU I 487 -42.81 -47.60 -57.23
CA LEU I 487 -44.03 -46.82 -57.08
C LEU I 487 -43.59 -45.55 -56.41
N ASN I 488 -43.88 -44.39 -56.97
CA ASN I 488 -43.42 -43.19 -56.29
C ASN I 488 -44.20 -42.82 -55.03
N LEU I 489 -44.52 -43.82 -54.21
CA LEU I 489 -45.25 -43.60 -52.96
C LEU I 489 -44.24 -43.56 -51.82
N ASP I 490 -44.05 -42.38 -51.25
CA ASP I 490 -43.08 -42.19 -50.18
C ASP I 490 -43.65 -42.41 -48.78
N TYR I 491 -43.62 -43.66 -48.34
CA TYR I 491 -44.14 -44.00 -47.03
C TYR I 491 -43.35 -43.34 -45.88
N GLU I 492 -42.21 -42.72 -46.18
CA GLU I 492 -41.43 -42.12 -45.12
C GLU I 492 -42.15 -40.88 -44.61
N ARG I 493 -42.94 -40.27 -45.49
CA ARG I 493 -43.66 -39.06 -45.10
C ARG I 493 -44.57 -39.22 -43.91
N TYR I 494 -44.93 -40.47 -43.56
CA TYR I 494 -45.80 -40.68 -42.41
C TYR I 494 -45.08 -40.53 -41.07
N ASN I 495 -43.76 -40.46 -41.09
CA ASN I 495 -43.01 -40.26 -39.86
C ASN I 495 -43.28 -38.83 -39.37
N SER I 496 -43.38 -37.88 -40.29
CA SER I 496 -43.63 -36.50 -39.90
C SER I 496 -45.04 -36.33 -39.36
N GLN I 497 -45.98 -37.12 -39.88
CA GLN I 497 -47.37 -37.05 -39.43
C GLN I 497 -47.49 -37.65 -38.03
N LEU I 498 -46.79 -38.74 -37.81
CA LEU I 498 -46.80 -39.39 -36.52
C LEU I 498 -46.19 -38.44 -35.49
N LEU I 499 -45.02 -37.88 -35.79
CA LEU I 499 -44.34 -36.97 -34.86
C LEU I 499 -45.27 -35.80 -34.54
N SER I 500 -45.96 -35.30 -35.54
CA SER I 500 -46.88 -34.20 -35.34
C SER I 500 -48.05 -34.58 -34.42
N PHE I 501 -48.47 -35.84 -34.46
CA PHE I 501 -49.54 -36.28 -33.59
C PHE I 501 -48.98 -36.29 -32.16
N VAL I 502 -47.72 -36.67 -32.02
CA VAL I 502 -47.08 -36.69 -30.71
C VAL I 502 -46.97 -35.27 -30.19
N ARG I 503 -46.74 -34.31 -31.07
CA ARG I 503 -46.64 -32.93 -30.66
C ARG I 503 -48.02 -32.45 -30.21
N ASP I 504 -49.05 -32.74 -31.00
CA ASP I 504 -50.40 -32.35 -30.65
C ASP I 504 -50.83 -32.95 -29.30
N LEU I 505 -50.04 -33.91 -28.84
CA LEU I 505 -50.37 -34.62 -27.63
C LEU I 505 -49.63 -34.22 -26.35
N ASN I 506 -48.55 -33.46 -26.43
CA ASN I 506 -47.89 -33.16 -25.18
C ASN I 506 -48.64 -32.17 -24.29
N GLN I 507 -49.53 -31.39 -24.88
CA GLN I 507 -50.31 -30.46 -24.07
C GLN I 507 -51.27 -31.25 -23.15
N TYR I 508 -51.44 -32.54 -23.40
CA TYR I 508 -52.32 -33.36 -22.58
C TYR I 508 -51.53 -34.42 -21.79
N ARG I 509 -50.22 -34.22 -21.67
CA ARG I 509 -49.42 -35.19 -20.95
C ARG I 509 -49.84 -35.18 -19.48
N ALA I 510 -50.24 -34.01 -19.00
CA ALA I 510 -50.69 -33.86 -17.61
C ALA I 510 -51.92 -34.73 -17.39
N ASP I 511 -52.91 -34.56 -18.25
CA ASP I 511 -54.12 -35.36 -18.16
C ASP I 511 -53.78 -36.84 -18.21
N ILE I 512 -52.99 -37.24 -19.21
CA ILE I 512 -52.62 -38.64 -19.33
C ILE I 512 -52.00 -39.14 -18.02
N LYS I 513 -51.15 -38.31 -17.42
CA LYS I 513 -50.49 -38.68 -16.16
C LYS I 513 -51.53 -38.85 -15.05
N GLU I 514 -52.48 -37.91 -14.97
CA GLU I 514 -53.53 -37.99 -13.97
C GLU I 514 -54.30 -39.30 -14.07
N MET I 515 -54.64 -39.74 -15.29
CA MET I 515 -55.39 -40.98 -15.43
C MET I 515 -54.50 -42.19 -15.23
N GLY I 516 -53.29 -41.94 -14.74
CA GLY I 516 -52.35 -43.03 -14.48
C GLY I 516 -51.88 -43.74 -15.73
N LEU I 517 -51.94 -43.06 -16.87
CA LEU I 517 -51.53 -43.61 -18.17
C LEU I 517 -50.19 -43.07 -18.64
N SER I 518 -49.57 -43.78 -19.58
CA SER I 518 -48.29 -43.34 -20.14
C SER I 518 -48.41 -43.08 -21.63
N LEU I 519 -47.51 -42.26 -22.16
CA LEU I 519 -47.50 -41.99 -23.59
C LEU I 519 -46.28 -42.69 -24.22
N GLN I 520 -45.52 -43.39 -23.39
CA GLN I 520 -44.34 -44.11 -23.82
C GLN I 520 -44.57 -45.20 -24.87
N TRP I 521 -45.68 -45.93 -24.78
CA TRP I 521 -45.94 -46.97 -25.79
C TRP I 521 -46.30 -46.34 -27.13
N LEU I 522 -47.01 -45.23 -27.13
CA LEU I 522 -47.34 -44.56 -28.38
C LEU I 522 -46.04 -43.99 -28.94
N TYR I 523 -45.20 -43.47 -28.05
CA TYR I 523 -43.93 -42.90 -28.43
C TYR I 523 -43.06 -43.98 -29.10
N SER I 524 -42.97 -45.15 -28.48
CA SER I 524 -42.17 -46.22 -29.05
C SER I 524 -42.81 -46.76 -30.34
N ALA I 525 -44.10 -46.47 -30.53
CA ALA I 525 -44.78 -46.95 -31.72
C ALA I 525 -44.33 -46.14 -32.93
N ARG I 526 -44.33 -44.82 -32.81
CA ARG I 526 -43.88 -44.02 -33.93
C ARG I 526 -42.40 -44.29 -34.16
N GLY I 527 -41.73 -44.75 -33.11
CA GLY I 527 -40.32 -45.06 -33.22
C GLY I 527 -40.19 -46.27 -34.11
N ASP I 528 -40.93 -47.32 -33.77
CA ASP I 528 -40.91 -48.54 -34.54
C ASP I 528 -41.39 -48.33 -35.98
N PHE I 529 -42.22 -47.32 -36.22
CA PHE I 529 -42.67 -47.12 -37.56
C PHE I 529 -41.49 -46.58 -38.34
N PHE I 530 -40.81 -45.62 -37.72
CA PHE I 530 -39.64 -45.01 -38.36
C PHE I 530 -38.64 -46.10 -38.71
N ARG I 531 -38.34 -46.97 -37.75
CA ARG I 531 -37.41 -48.05 -37.99
C ARG I 531 -37.85 -48.84 -39.22
N ALA I 532 -39.15 -49.14 -39.27
CA ALA I 532 -39.70 -49.92 -40.35
C ALA I 532 -39.50 -49.24 -41.70
N THR I 533 -39.76 -47.95 -41.75
CA THR I 533 -39.59 -47.25 -43.01
C THR I 533 -38.15 -47.35 -43.45
N SER I 534 -37.24 -47.20 -42.50
CA SER I 534 -35.82 -47.30 -42.80
C SER I 534 -35.45 -48.66 -43.34
N ARG I 535 -35.96 -49.71 -42.70
CA ARG I 535 -35.68 -51.07 -43.12
C ARG I 535 -36.17 -51.30 -44.55
N LEU I 536 -37.32 -50.73 -44.88
CA LEU I 536 -37.88 -50.91 -46.21
C LEU I 536 -37.09 -50.15 -47.25
N THR I 537 -36.69 -48.92 -46.94
CA THR I 537 -35.91 -48.16 -47.89
C THR I 537 -34.57 -48.85 -48.14
N THR I 538 -34.04 -49.47 -47.08
CA THR I 538 -32.80 -50.21 -47.20
C THR I 538 -33.03 -51.39 -48.14
N ASP I 539 -34.08 -52.18 -47.89
CA ASP I 539 -34.37 -53.34 -48.73
C ASP I 539 -34.44 -52.94 -50.21
N PHE I 540 -35.02 -51.78 -50.48
CA PHE I 540 -35.11 -51.30 -51.86
C PHE I 540 -33.68 -51.06 -52.33
N GLY I 541 -32.92 -50.32 -51.53
CA GLY I 541 -31.55 -50.04 -51.86
C GLY I 541 -30.73 -51.25 -52.28
N ASN I 542 -30.77 -52.31 -51.49
CA ASN I 542 -29.99 -53.49 -51.80
C ASN I 542 -30.62 -54.36 -52.86
N ALA I 543 -31.69 -53.89 -53.49
CA ALA I 543 -32.36 -54.73 -54.48
C ALA I 543 -32.01 -54.37 -55.93
N GLU I 544 -31.98 -55.39 -56.77
CA GLU I 544 -31.68 -55.24 -58.19
C GLU I 544 -33.02 -54.84 -58.81
N LYS I 545 -33.12 -53.58 -59.16
CA LYS I 545 -34.34 -53.06 -59.74
C LYS I 545 -34.75 -53.82 -60.97
N THR I 546 -33.93 -54.79 -61.38
CA THR I 546 -34.22 -55.60 -62.56
C THR I 546 -34.95 -56.90 -62.26
N ASP I 547 -34.89 -57.38 -61.02
CA ASP I 547 -35.56 -58.61 -60.62
C ASP I 547 -37.03 -58.28 -60.32
N ARG I 548 -37.85 -58.30 -61.36
CA ARG I 548 -39.28 -57.98 -61.22
C ARG I 548 -40.03 -58.77 -60.15
N PHE I 549 -39.41 -59.82 -59.61
CA PHE I 549 -40.08 -60.62 -58.59
C PHE I 549 -39.83 -60.04 -57.21
N VAL I 550 -38.56 -59.83 -56.88
CA VAL I 550 -38.20 -59.26 -55.58
C VAL I 550 -38.75 -57.84 -55.46
N MET I 551 -38.86 -57.16 -56.59
CA MET I 551 -39.39 -55.80 -56.60
C MET I 551 -40.90 -55.82 -56.38
N LYS I 552 -41.56 -56.89 -56.81
CA LYS I 552 -43.00 -57.00 -56.64
C LYS I 552 -43.23 -57.09 -55.14
N LYS I 553 -42.50 -57.98 -54.50
CA LYS I 553 -42.61 -58.18 -53.06
C LYS I 553 -42.47 -56.90 -52.25
N LEU I 554 -41.47 -56.08 -52.56
CA LEU I 554 -41.28 -54.83 -51.82
C LEU I 554 -42.40 -53.82 -52.10
N ASN I 555 -42.84 -53.73 -53.34
CA ASN I 555 -43.90 -52.81 -53.66
C ASN I 555 -45.20 -53.23 -53.00
N ASP I 556 -45.34 -54.52 -52.71
CA ASP I 556 -46.56 -54.99 -52.06
C ASP I 556 -46.60 -54.37 -50.65
N ARG I 557 -45.45 -54.38 -49.97
CA ARG I 557 -45.36 -53.80 -48.64
C ARG I 557 -45.75 -52.31 -48.70
N VAL I 558 -45.42 -51.66 -49.80
CA VAL I 558 -45.75 -50.25 -49.96
C VAL I 558 -47.24 -50.02 -50.14
N MET I 559 -47.88 -50.84 -50.96
CA MET I 559 -49.29 -50.67 -51.20
C MET I 559 -50.13 -50.89 -49.95
N ARG I 560 -49.62 -51.69 -49.04
CA ARG I 560 -50.33 -51.96 -47.80
C ARG I 560 -50.22 -50.88 -46.73
N VAL I 561 -49.31 -49.92 -46.91
CA VAL I 561 -49.13 -48.85 -45.93
C VAL I 561 -50.38 -48.00 -45.70
N GLU I 562 -50.97 -47.47 -46.77
CA GLU I 562 -52.18 -46.65 -46.63
C GLU I 562 -53.32 -47.46 -46.01
N TYR I 563 -53.44 -48.70 -46.45
CA TYR I 563 -54.48 -49.58 -45.96
C TYR I 563 -54.39 -49.88 -44.46
N HIS I 564 -53.18 -50.05 -43.94
CA HIS I 564 -53.04 -50.38 -42.54
C HIS I 564 -53.40 -49.24 -41.58
N PHE I 565 -53.74 -48.08 -42.12
CA PHE I 565 -54.11 -46.94 -41.32
C PHE I 565 -55.64 -46.82 -41.22
N LEU I 566 -56.32 -47.76 -41.86
CA LEU I 566 -57.77 -47.79 -41.78
C LEU I 566 -57.97 -48.56 -40.47
N SER I 567 -58.85 -48.08 -39.62
CA SER I 567 -59.07 -48.76 -38.36
C SER I 567 -59.63 -50.15 -38.52
N PRO I 568 -59.00 -51.14 -37.91
CA PRO I 568 -59.56 -52.49 -38.06
C PRO I 568 -60.56 -52.77 -36.91
N TYR I 569 -60.88 -51.75 -36.15
CA TYR I 569 -61.76 -51.94 -34.99
C TYR I 569 -63.14 -51.35 -35.08
N VAL I 570 -63.47 -50.71 -36.20
CA VAL I 570 -64.78 -50.13 -36.35
C VAL I 570 -65.51 -50.72 -37.53
N SER I 571 -66.83 -50.55 -37.56
CA SER I 571 -67.63 -51.06 -38.67
C SER I 571 -67.57 -50.14 -39.88
N PRO I 572 -67.16 -50.68 -41.02
CA PRO I 572 -67.05 -49.91 -42.26
C PRO I 572 -68.42 -49.40 -42.72
N LYS I 573 -69.48 -50.07 -42.27
CA LYS I 573 -70.83 -49.64 -42.70
C LYS I 573 -71.29 -48.42 -41.91
N GLU I 574 -71.08 -48.47 -40.61
CA GLU I 574 -71.48 -47.37 -39.75
C GLU I 574 -70.44 -46.25 -39.71
N SER I 575 -69.19 -46.58 -40.00
CA SER I 575 -68.09 -45.61 -40.00
C SER I 575 -67.20 -45.87 -41.20
N PRO I 576 -67.70 -45.56 -42.40
CA PRO I 576 -66.94 -45.77 -43.63
C PRO I 576 -65.55 -45.15 -43.64
N PHE I 577 -65.43 -43.95 -43.10
CA PHE I 577 -64.16 -43.25 -43.07
C PHE I 577 -63.28 -43.66 -41.90
N ARG I 578 -62.81 -44.92 -41.98
CA ARG I 578 -61.96 -45.59 -41.01
C ARG I 578 -60.50 -45.14 -40.90
N HIS I 579 -60.02 -44.39 -41.87
CA HIS I 579 -58.64 -43.95 -41.83
C HIS I 579 -58.39 -43.17 -40.53
N VAL I 580 -57.54 -43.67 -39.65
CA VAL I 580 -57.28 -42.97 -38.39
C VAL I 580 -56.64 -41.59 -38.53
N PHE I 581 -56.12 -41.24 -39.71
CA PHE I 581 -55.53 -39.91 -39.89
C PHE I 581 -56.50 -38.99 -40.64
N TRP I 582 -57.18 -39.50 -41.65
CA TRP I 582 -58.05 -38.64 -42.44
C TRP I 582 -59.55 -38.94 -42.44
N GLY I 583 -59.97 -39.93 -41.65
CA GLY I 583 -61.38 -40.29 -41.60
C GLY I 583 -62.19 -39.42 -40.65
N SER I 584 -63.32 -39.95 -40.20
CA SER I 584 -64.21 -39.25 -39.25
C SER I 584 -64.72 -40.29 -38.28
N GLY I 585 -64.77 -39.93 -37.00
CA GLY I 585 -65.26 -40.88 -36.02
C GLY I 585 -64.31 -41.03 -34.86
N SER I 586 -64.82 -41.60 -33.78
CA SER I 586 -64.04 -41.78 -32.56
C SER I 586 -62.76 -42.58 -32.73
N HIS I 587 -62.64 -43.31 -33.83
CA HIS I 587 -61.48 -44.17 -34.10
C HIS I 587 -60.33 -43.31 -34.65
N THR I 588 -60.70 -42.11 -35.04
CA THR I 588 -59.79 -41.13 -35.58
C THR I 588 -58.77 -40.61 -34.56
N LEU I 589 -57.59 -40.23 -35.03
CA LEU I 589 -56.56 -39.68 -34.16
C LEU I 589 -57.02 -38.27 -33.68
N PRO I 590 -57.55 -37.45 -34.58
CA PRO I 590 -58.00 -36.13 -34.10
C PRO I 590 -59.09 -36.29 -33.03
N ALA I 591 -59.97 -37.26 -33.22
CA ALA I 591 -61.06 -37.52 -32.28
C ALA I 591 -60.52 -37.82 -30.91
N LEU I 592 -59.35 -38.45 -30.86
CA LEU I 592 -58.74 -38.79 -29.58
C LEU I 592 -58.35 -37.48 -28.91
N LEU I 593 -57.84 -36.53 -29.68
CA LEU I 593 -57.44 -35.25 -29.15
C LEU I 593 -58.68 -34.45 -28.77
N GLU I 594 -59.69 -34.47 -29.63
CA GLU I 594 -60.92 -33.73 -29.40
C GLU I 594 -61.53 -34.11 -28.04
N ASN I 595 -61.50 -35.39 -27.71
CA ASN I 595 -62.03 -35.88 -26.44
C ASN I 595 -61.15 -35.34 -25.31
N LEU I 596 -59.85 -35.54 -25.43
CA LEU I 596 -58.88 -35.07 -24.45
C LEU I 596 -59.03 -33.58 -24.16
N LYS I 597 -59.37 -32.79 -25.18
CA LYS I 597 -59.53 -31.35 -24.99
C LYS I 597 -60.67 -31.04 -24.02
N LEU I 598 -61.70 -31.89 -24.01
CA LEU I 598 -62.84 -31.70 -23.11
C LEU I 598 -62.44 -31.86 -21.64
N ARG I 599 -61.42 -32.65 -21.36
CA ARG I 599 -61.01 -32.86 -19.98
C ARG I 599 -60.56 -31.54 -19.31
N LYS I 600 -60.37 -30.48 -20.08
CA LYS I 600 -59.99 -29.19 -19.52
C LYS I 600 -61.11 -28.72 -18.61
N GLN I 601 -62.23 -28.30 -19.19
CA GLN I 601 -63.36 -27.87 -18.38
C GLN I 601 -64.00 -29.07 -17.71
N ASN I 602 -63.49 -29.41 -16.53
CA ASN I 602 -63.91 -30.55 -15.70
C ASN I 602 -65.41 -30.77 -15.57
N ASN I 603 -66.08 -31.01 -16.69
CA ASN I 603 -67.51 -31.23 -16.67
C ASN I 603 -67.97 -32.25 -17.72
N GLY I 604 -68.53 -33.34 -17.22
CA GLY I 604 -69.05 -34.42 -18.07
C GLY I 604 -68.35 -34.68 -19.39
N ALA I 605 -68.69 -33.88 -20.39
CA ALA I 605 -68.14 -33.99 -21.75
C ALA I 605 -67.11 -35.11 -21.93
N PHE I 606 -65.97 -34.98 -21.27
CA PHE I 606 -64.93 -35.97 -21.38
C PHE I 606 -65.40 -37.39 -21.05
N ASN I 607 -65.23 -38.33 -21.99
CA ASN I 607 -65.59 -39.72 -21.73
C ASN I 607 -64.28 -40.51 -21.52
N GLU I 608 -63.92 -40.78 -20.27
CA GLU I 608 -62.68 -41.47 -19.96
C GLU I 608 -62.55 -42.87 -20.50
N THR I 609 -63.53 -43.73 -20.27
CA THR I 609 -63.43 -45.08 -20.80
C THR I 609 -63.37 -45.02 -22.32
N LEU I 610 -64.09 -44.10 -22.94
CA LEU I 610 -64.00 -43.96 -24.39
C LEU I 610 -62.55 -43.64 -24.72
N PHE I 611 -61.96 -42.71 -23.97
CA PHE I 611 -60.59 -42.33 -24.19
C PHE I 611 -59.59 -43.46 -23.97
N ARG I 612 -59.70 -44.16 -22.84
CA ARG I 612 -58.75 -45.21 -22.56
C ARG I 612 -58.76 -46.22 -23.72
N ASN I 613 -59.92 -46.37 -24.35
CA ASN I 613 -60.03 -47.30 -25.47
C ASN I 613 -59.44 -46.66 -26.72
N GLN I 614 -59.77 -45.40 -26.95
CA GLN I 614 -59.25 -44.67 -28.07
C GLN I 614 -57.71 -44.79 -28.11
N LEU I 615 -57.09 -44.59 -26.95
CA LEU I 615 -55.65 -44.63 -26.83
C LEU I 615 -55.10 -46.02 -27.12
N ALA I 616 -55.66 -47.03 -26.46
CA ALA I 616 -55.24 -48.42 -26.67
C ALA I 616 -55.26 -48.80 -28.16
N LEU I 617 -56.33 -48.42 -28.87
CA LEU I 617 -56.45 -48.76 -30.28
C LEU I 617 -55.58 -47.95 -31.22
N ALA I 618 -55.53 -46.62 -31.05
CA ALA I 618 -54.67 -45.82 -31.92
C ALA I 618 -53.23 -46.30 -31.73
N THR I 619 -52.86 -46.60 -30.48
CA THR I 619 -51.52 -47.05 -30.22
C THR I 619 -51.25 -48.31 -30.99
N TRP I 620 -52.12 -49.29 -30.85
CA TRP I 620 -51.88 -50.54 -31.52
C TRP I 620 -52.05 -50.49 -33.04
N THR I 621 -52.90 -49.59 -33.52
CA THR I 621 -53.09 -49.50 -34.95
C THR I 621 -51.75 -49.06 -35.52
N ILE I 622 -51.04 -48.21 -34.77
CA ILE I 622 -49.75 -47.73 -35.22
C ILE I 622 -48.66 -48.78 -35.07
N GLN I 623 -48.55 -49.44 -33.93
CA GLN I 623 -47.53 -50.48 -33.80
C GLN I 623 -47.74 -51.55 -34.86
N GLY I 624 -49.00 -51.85 -35.12
CA GLY I 624 -49.33 -52.88 -36.09
C GLY I 624 -48.89 -52.44 -37.48
N ALA I 625 -49.16 -51.19 -37.85
CA ALA I 625 -48.74 -50.72 -39.16
C ALA I 625 -47.23 -50.88 -39.30
N ALA I 626 -46.54 -50.69 -38.20
CA ALA I 626 -45.09 -50.75 -38.18
C ALA I 626 -44.61 -52.17 -38.29
N ASN I 627 -45.21 -53.04 -37.51
CA ASN I 627 -44.81 -54.43 -37.53
C ASN I 627 -45.06 -55.09 -38.87
N ALA I 628 -45.97 -54.52 -39.66
CA ALA I 628 -46.30 -55.07 -40.97
C ALA I 628 -45.34 -54.52 -41.98
N LEU I 629 -45.08 -53.23 -41.85
CA LEU I 629 -44.19 -52.55 -42.77
C LEU I 629 -42.79 -53.13 -42.69
N SER I 630 -42.39 -53.59 -41.50
CA SER I 630 -41.06 -54.13 -41.31
C SER I 630 -40.87 -55.48 -41.98
N GLY I 631 -41.96 -56.13 -42.35
CA GLY I 631 -41.92 -57.43 -43.01
C GLY I 631 -41.79 -58.67 -42.16
N ASP I 632 -42.47 -59.74 -42.59
CA ASP I 632 -42.42 -61.05 -41.94
C ASP I 632 -42.53 -61.10 -40.41
N VAL I 633 -43.66 -61.60 -39.91
CA VAL I 633 -43.85 -61.69 -38.46
C VAL I 633 -42.65 -62.07 -37.65
N TRP I 634 -42.00 -63.17 -38.01
CA TRP I 634 -40.83 -63.64 -37.25
C TRP I 634 -39.66 -62.66 -37.23
N ASP I 635 -39.64 -61.69 -38.14
CA ASP I 635 -38.55 -60.71 -38.17
C ASP I 635 -38.94 -59.39 -37.51
N ILE I 636 -39.68 -59.45 -36.40
CA ILE I 636 -40.08 -58.23 -35.71
C ILE I 636 -39.22 -57.97 -34.47
#